data_6R5K
#
_entry.id   6R5K
#
_cell.length_a   1.00
_cell.length_b   1.00
_cell.length_c   1.00
_cell.angle_alpha   90.00
_cell.angle_beta   90.00
_cell.angle_gamma   90.00
#
_symmetry.space_group_name_H-M   'P 1'
#
loop_
_entity.id
_entity.type
_entity.pdbx_description
1 polymer 'PAN2-PAN3 deadenylation complex catalytic subunit PAN2'
2 polymer 'Polyadenylate-binding protein, cytoplasmic and nuclear'
3 polymer 'poly(A) RNA'
4 polymer 'PAN2-PAN3 deadenylation complex subunit PAN3'
5 polymer 'PAN2-PAN3 deadenylation complex subunit PAN3'
6 non-polymer 'MAGNESIUM ION'
#
loop_
_entity_poly.entity_id
_entity_poly.type
_entity_poly.pdbx_seq_one_letter_code
_entity_poly.pdbx_strand_id
1 'polypeptide(L)'
;MNNWQHFFNNPVDLSEHLKKPYFRFDNRDKEITAISFDEKANLIWSGDSYGCISSYDPTFQLYTRYRGHIGGNSVKDILS
HRDGILSISEDSLHFANRRGVTKLNLTSIDIAAFSELNTMCYSPHSLKNNIYCGGDNTNWGIASIDLNRGCLDSLLNYSS
KVKLMCSNNKVLSIGRQTGTVDLLDPTSNRTIKSFNAHSASISAMDLRDNTLVTVGKSKRFYNLYADPFVNVYDLRTMRQ
LPPVSFSKGTTMGSGGADFVQLHPLLPTVMIVASSSGSFDFIDLSNPTLRTQYVHPCQSIKKLCLSPNGDVLGILEADNH
LDTWRRSSNNMGMFTNTPEMLAYPDYFNDITSDGPISVDDETYPLSSVGMPYYLDKLLSAWPPVVFKSEGTIPQLTGKSP
LPSSGKLKSNLAVISSQNEKLSTQEFPLLRYDRTKYGMRNAIPDYVCLRDIRKQITSGLETSDIQTYTSINKYEVPPAYS
RLPLTSGRFGTDNFDFTPFNNTEYSGLDPDVDNHYTNAIIQLYRFIPEMFNFVVGCLKDENFETTLLTDLGYLFDMMERS
HGKICSSSNFQASLKSLTDKRQLENGEPQEHLEEYLESLCIRESIEDFNSSESIKRNMPQKFNRFLLSQLIKEEAQTVNH
NITLNQCFGLETEIRTECSCDHYDTTVKLLPSLSISGINKTVIKQLNKKSNGQNILPYIEYAMKNVTQKNSICPTCGKTE
TITQECTVKNLPSVLSLELSLLDTEFSNIRSSKNWLTSEFYGSIIKNKAVLRSTASELKGTSHIFKYELNGYVAKITDNN
NETRLVTYVKKYNPKENCFKWLMFNDYLVVEITEEEALKMTYPWKTPEIIIYCDAEELRKPFFSVDTYSINYDILFRDYF
ANGIRDTARREYKLLTHDEAPKSGTLVAIDAEFVSLQSELCEIDHQGIRSIIRPKRTALARISIIRGEEGELYGVPFVDD
YVVNTNHIEDYLTRYSGILPGDLDPEKSTKRLVRRNVVYRKVWLLMQLGCVFVGHGLNNDFKHININVPRNQIRDTAIYF
LQGKRYLSLRYLAYVLLGMNIQEGNHDSIEDAHTALILYKKYLHLKEKAIFEKVLNSVYEEGRAHNFKVPETSKG
;
A
2 'polypeptide(L)'
;GPDSMADITDKTAEQLENLNIQDDQKQAATGSESQSVENSSASLYVGDLEPSVSEAHLYDIFSPIGSVSSIRVCRDAITK
TSLGYAYVNFNDHEAGRKAIEQLNYTPIKGRLCRIMWSQRDPSLRKKGSGNIFIKNLHPDIDNKALYDTFSVFGDILSSK
IATDENGKSKGFGFVHFEEEGAAKEAIDALNGMLLNGQEIYVAPHLSRKERDSQLEETKAHYTNLYVKNINSETTDEQFQ
ELFAKFGPIVSASLEKDADGKLKGFGFVNYEKHEDAVKAVEALNDSELNGEKLYVGRAQKKNERMHVLKKQYEAYRLEKM
AKYQGVNLFVKNLDDSVDDEKLEEEFAPYGTITSAKVMRTENGKSKGFGFVCFSTPEEATKAITEKNQQIVAGKPLYVAI
AQRKDVRRSQLAQQIQARNQMRYQQATAAAAAAAAGMPGQFMPPMFYGVMPPRGVPFNGPNPQQMNPMGGMPKNGMPPQF
RNGPVYGVPPQGGFPRNANDNNQFYQQKQRQALGEQLYKKVSAKTSNEEAAGKITGMILDLPPQEVFPLLESDELFEQHY
KEASAAYESFKKEQEQQTEQA
;
D,F,H
3 'polyribonucleotide'
;AAAAAAAAAAAAAAAAAAAAAAAAAAAAAAAAAAAAAAAAAAAAAAAAAAAAAAAAAAAAAAAAAAAAAAAAAAAAAAAA
AAAAAAAAAA
;
E
4 'polypeptide(L)'
;MHSLLQYHISLYAPEQPSSLKSLLKPNERSADQLFIPNNIREDLTKKNLSILQVFPSSGKVIPSIVQDYFNLVPLNFNNN
DFLNKTTLFKVFSNYDGKAYVLKRLPNIDKSMNPNKISKIYQIWSKINCTNLIKFRDIFQTTKFGNLSICLVFDYYPNSL
SLYDYHFVNFPKFPITNNYLWIYLVQLTNVINSIHSQNLSIGNTLNWRKVLITGDPGRIKLSHCNFMDLLFNDDTDTVVS
SGGSTIEGQQQLDYKYLGELLFNLSINIENSNNNTAPKEYRLEEITPQSIDDMRQIDDKFKDVLKYLISDNGDSKKSIHD
LTSHFYDKMFMVLESSQTYTEYMESVLSRELENGRLFRLVNKLNCIFGRIESRIDINWSESGTKFPIILFYDYVFHQVDS
NGKPIMDLTHVLRCLNKLDAGIQEKLMLVTPDELNCIIISYKQLKDLIESTFRSITQA
;
N
5 'polypeptide(L)'
;MDKINPDWAKDIPCRNITIYGYCKKEKEGCPFKHSDNTTATTINDVPPPIDVGEATTPTMTSVPKFNAKVSASFTPMTVG
SDSLTTVTNTTSAATNATGNIAMAATSATASTVNPMINPIVNSSLVNNNNNNSNISISIPTTASSSNYDPFNAPIFTPSS
TSSIHTNANAHSFPFPSIANSGGININATDDNSNNMSMANNVPPPMQPPPIESSNLKYPRIYPPPHSLLQYHLYAPEQPS
SLKSLLKPNERSADQLFIPNNIREDLTKKNLSILQVFPSSGKVIPSIVQDYFNLVPLNFNNNDFLNKTTLFKVFSNYDGK
AYVLKRLPNIDKSMNPNKISKIYQIWSKINCTNLIKFRDIFQTTKFGDLSICLVFDYYPNSLSLYDYHFVNFPKFPITNN
YLWIYLVQLTNVINSIHSQNLSIGNTLNWRKVLITGDPGRIKLSHCNFMDLLFNDDTDTVVSSGGSTIEGQQQLDYKYLG
ELLFNLSINIENSNNNTAPKEYRLEEITPQSIDDMRQIDDKFKDVLKYLISDNGDSKKSIHDLTSHFYDKMFMVLESSQT
YTEYMESVLSRELENGRLFRLVNKLNCIFGRIESRIDINWSESGTKFPIILFYDYVFHQVDSNGKPIMDLTHVLRCLNKL
DAGIQEKLMLVTPDELNCIIISYKELKDLIESTFRSITQHHHHHHHHHH
;
O
#
# COMPACT_ATOMS: atom_id res chain seq x y z
N GLU A 31 -27.74 -19.17 43.55
CA GLU A 31 -27.55 -19.77 42.24
C GLU A 31 -26.08 -19.95 41.94
N ILE A 32 -25.25 -19.64 42.93
CA ILE A 32 -23.81 -19.52 42.75
C ILE A 32 -23.21 -20.89 42.48
N THR A 33 -22.53 -21.04 41.35
CA THR A 33 -22.11 -22.36 40.91
C THR A 33 -20.60 -22.56 40.76
N ALA A 34 -19.77 -21.51 40.74
CA ALA A 34 -18.33 -21.76 40.73
C ALA A 34 -17.58 -20.63 41.43
N ILE A 35 -16.55 -20.97 42.19
CA ILE A 35 -15.84 -20.01 43.04
C ILE A 35 -14.33 -20.16 42.84
N SER A 36 -13.64 -19.02 42.72
CA SER A 36 -12.19 -18.97 42.95
C SER A 36 -11.76 -17.57 43.39
N PHE A 37 -10.47 -17.43 43.62
CA PHE A 37 -9.85 -16.20 44.08
C PHE A 37 -9.16 -15.49 42.91
N ASP A 38 -8.58 -14.33 43.19
CA ASP A 38 -7.39 -13.86 42.49
C ASP A 38 -6.23 -13.69 43.48
N GLU A 39 -5.02 -13.99 43.01
CA GLU A 39 -3.84 -13.97 43.87
C GLU A 39 -3.30 -12.58 44.11
N LYS A 40 -3.79 -11.57 43.39
CA LYS A 40 -3.17 -10.26 43.41
C LYS A 40 -4.09 -9.15 43.89
N ALA A 41 -5.30 -9.48 44.32
CA ALA A 41 -6.20 -8.47 44.85
C ALA A 41 -7.14 -9.11 45.85
N ASN A 42 -7.94 -8.27 46.49
CA ASN A 42 -8.93 -8.70 47.48
C ASN A 42 -10.25 -9.08 46.83
N LEU A 43 -10.22 -9.49 45.57
CA LEU A 43 -11.42 -9.81 44.83
C LEU A 43 -11.82 -11.26 45.04
N ILE A 44 -13.10 -11.51 44.85
CA ILE A 44 -13.65 -12.85 44.79
C ILE A 44 -14.12 -13.05 43.36
N TRP A 45 -14.13 -14.30 42.89
CA TRP A 45 -14.51 -14.58 41.50
C TRP A 45 -15.59 -15.66 41.53
N SER A 46 -16.84 -15.22 41.33
CA SER A 46 -18.00 -16.08 41.49
C SER A 46 -18.75 -16.21 40.18
N GLY A 47 -19.35 -17.38 40.01
CA GLY A 47 -20.30 -17.62 38.95
C GLY A 47 -21.61 -18.14 39.48
N ASP A 48 -22.67 -17.39 39.17
CA ASP A 48 -24.04 -17.69 39.54
C ASP A 48 -24.62 -18.65 38.50
N SER A 49 -25.94 -18.83 38.49
CA SER A 49 -26.58 -19.65 37.46
C SER A 49 -27.36 -18.79 36.47
N TYR A 50 -26.79 -17.65 36.10
CA TYR A 50 -27.46 -16.70 35.21
C TYR A 50 -26.74 -16.53 33.88
N GLY A 51 -25.40 -16.66 33.87
CA GLY A 51 -24.64 -16.48 32.65
C GLY A 51 -23.28 -15.81 32.87
N CYS A 52 -23.03 -15.31 34.07
CA CYS A 52 -22.00 -14.30 34.31
C CYS A 52 -20.80 -14.86 35.07
N ILE A 53 -19.83 -13.98 35.29
CA ILE A 53 -18.65 -14.20 36.12
C ILE A 53 -18.25 -12.87 36.73
N SER A 54 -18.12 -12.82 38.06
CA SER A 54 -17.93 -11.55 38.73
C SER A 54 -16.74 -11.56 39.68
N SER A 55 -16.18 -10.36 39.86
CA SER A 55 -15.12 -10.06 40.80
C SER A 55 -15.65 -9.14 41.89
N TYR A 56 -15.13 -9.32 43.10
CA TYR A 56 -15.72 -8.73 44.28
C TYR A 56 -14.67 -8.13 45.19
N ASP A 57 -15.00 -6.97 45.71
CA ASP A 57 -14.16 -6.22 46.63
C ASP A 57 -14.21 -6.89 48.01
N PRO A 58 -13.53 -6.32 49.05
CA PRO A 58 -13.80 -6.78 50.41
C PRO A 58 -15.24 -6.60 50.89
N THR A 59 -15.46 -6.99 52.16
CA THR A 59 -16.49 -7.93 52.60
C THR A 59 -17.77 -7.91 51.78
N PHE A 60 -18.41 -6.75 51.63
CA PHE A 60 -19.65 -6.66 50.85
C PHE A 60 -19.52 -5.52 49.84
N GLN A 61 -18.88 -5.82 48.70
CA GLN A 61 -18.81 -4.93 47.54
C GLN A 61 -18.33 -5.73 46.34
N LEU A 62 -18.93 -5.46 45.19
CA LEU A 62 -18.56 -6.06 43.92
C LEU A 62 -17.58 -5.15 43.19
N TYR A 63 -16.70 -5.75 42.39
CA TYR A 63 -15.80 -5.00 41.52
C TYR A 63 -16.29 -4.99 40.08
N THR A 64 -16.39 -6.16 39.45
CA THR A 64 -16.92 -6.26 38.10
C THR A 64 -17.85 -7.45 38.02
N ARG A 65 -18.67 -7.50 36.98
CA ARG A 65 -19.38 -8.72 36.60
C ARG A 65 -19.48 -8.74 35.08
N TYR A 66 -18.69 -9.59 34.44
CA TYR A 66 -18.68 -9.68 32.99
C TYR A 66 -19.21 -11.05 32.55
N ARG A 67 -19.17 -11.30 31.24
CA ARG A 67 -19.34 -12.64 30.72
C ARG A 67 -18.25 -12.98 29.73
N GLY A 68 -17.70 -14.17 29.86
CA GLY A 68 -17.01 -14.80 28.77
C GLY A 68 -17.77 -16.04 28.35
N HIS A 69 -19.04 -16.10 28.74
CA HIS A 69 -19.84 -17.30 28.61
C HIS A 69 -20.87 -17.10 27.50
N ILE A 70 -21.11 -18.17 26.73
CA ILE A 70 -22.04 -18.10 25.62
C ILE A 70 -23.47 -17.94 26.12
N GLY A 71 -23.93 -18.87 26.94
CA GLY A 71 -25.29 -18.79 27.44
C GLY A 71 -25.63 -19.99 28.29
N GLY A 72 -26.93 -20.14 28.54
CA GLY A 72 -27.41 -21.19 29.42
C GLY A 72 -26.99 -20.88 30.84
N ASN A 73 -26.44 -21.89 31.52
CA ASN A 73 -25.80 -21.63 32.80
C ASN A 73 -24.49 -20.89 32.57
N SER A 74 -23.97 -20.34 33.66
CA SER A 74 -22.77 -19.52 33.55
C SER A 74 -21.51 -20.35 33.31
N VAL A 75 -21.11 -21.15 34.29
CA VAL A 75 -19.71 -21.52 34.42
C VAL A 75 -19.61 -22.91 35.04
N LYS A 76 -18.73 -23.75 34.47
CA LYS A 76 -18.30 -24.94 35.19
C LYS A 76 -17.39 -24.55 36.35
N ASP A 77 -16.24 -23.96 36.05
CA ASP A 77 -15.25 -23.68 37.09
C ASP A 77 -14.50 -22.39 36.79
N ILE A 78 -13.78 -21.92 37.81
CA ILE A 78 -13.02 -20.67 37.77
C ILE A 78 -11.66 -20.96 38.38
N LEU A 79 -10.60 -20.39 37.81
CA LEU A 79 -9.30 -20.39 38.47
C LEU A 79 -8.60 -19.06 38.28
N SER A 80 -7.59 -18.85 39.11
CA SER A 80 -6.69 -17.72 39.06
C SER A 80 -5.39 -18.12 38.38
N HIS A 81 -4.51 -17.15 38.18
CA HIS A 81 -3.38 -17.32 37.26
C HIS A 81 -2.40 -16.18 37.57
N ARG A 82 -1.24 -16.26 36.93
CA ARG A 82 -0.28 -15.16 36.94
C ARG A 82 -0.88 -13.86 36.43
N ASP A 83 -1.62 -13.94 35.32
CA ASP A 83 -2.02 -12.76 34.58
C ASP A 83 -3.51 -12.46 34.65
N GLY A 84 -4.37 -13.44 34.91
CA GLY A 84 -5.79 -13.18 34.95
C GLY A 84 -6.65 -14.32 35.45
N ILE A 85 -7.89 -14.39 35.00
CA ILE A 85 -8.87 -15.33 35.51
C ILE A 85 -9.34 -16.21 34.37
N LEU A 86 -9.30 -17.53 34.58
CA LEU A 86 -9.74 -18.49 33.57
C LEU A 86 -11.05 -19.09 34.03
N SER A 87 -12.11 -18.80 33.30
CA SER A 87 -13.40 -19.42 33.51
C SER A 87 -13.66 -20.48 32.46
N ILE A 88 -14.47 -21.46 32.82
CA ILE A 88 -14.81 -22.54 31.92
C ILE A 88 -16.27 -22.90 32.16
N SER A 89 -17.00 -22.99 31.07
CA SER A 89 -18.41 -23.34 31.07
C SER A 89 -18.52 -24.75 30.51
N GLU A 90 -19.75 -25.16 30.21
CA GLU A 90 -19.94 -26.43 29.52
C GLU A 90 -19.38 -26.36 28.10
N ASP A 91 -19.34 -25.18 27.50
CA ASP A 91 -18.93 -24.98 26.12
C ASP A 91 -17.81 -23.96 25.93
N SER A 92 -17.84 -22.85 26.66
CA SER A 92 -16.93 -21.74 26.41
C SER A 92 -15.82 -21.77 27.44
N LEU A 93 -14.58 -21.70 26.98
CA LEU A 93 -13.41 -21.53 27.85
C LEU A 93 -12.89 -20.11 27.64
N HIS A 94 -13.14 -19.26 28.64
CA HIS A 94 -12.77 -17.86 28.61
C HIS A 94 -11.57 -17.62 29.51
N PHE A 95 -10.71 -16.68 29.12
CA PHE A 95 -9.64 -16.20 29.97
C PHE A 95 -9.56 -14.69 29.84
N ALA A 96 -9.98 -14.00 30.90
CA ALA A 96 -9.81 -12.56 31.00
C ALA A 96 -8.55 -12.26 31.79
N ASN A 97 -8.18 -10.99 31.79
CA ASN A 97 -7.09 -10.53 32.61
C ASN A 97 -7.63 -10.01 33.94
N ARG A 98 -6.72 -9.83 34.92
CA ARG A 98 -7.12 -9.39 36.27
C ARG A 98 -7.79 -8.01 36.26
N ARG A 99 -7.50 -7.20 35.25
CA ARG A 99 -8.24 -5.99 34.97
C ARG A 99 -9.72 -6.26 34.72
N GLY A 100 -10.04 -7.44 34.17
CA GLY A 100 -11.33 -7.69 33.59
C GLY A 100 -11.32 -7.64 32.08
N VAL A 101 -10.23 -7.17 31.48
CA VAL A 101 -10.15 -7.12 30.02
C VAL A 101 -9.89 -8.52 29.48
N THR A 102 -10.36 -8.75 28.27
CA THR A 102 -10.40 -10.08 27.68
C THR A 102 -9.12 -10.34 26.91
N LYS A 103 -8.44 -11.44 27.23
CA LYS A 103 -7.39 -11.91 26.33
C LYS A 103 -7.95 -12.97 25.38
N LEU A 104 -8.42 -14.09 25.91
CA LEU A 104 -8.90 -15.17 25.05
C LEU A 104 -10.28 -15.64 25.48
N ASN A 105 -10.95 -16.28 24.54
CA ASN A 105 -12.15 -17.09 24.79
C ASN A 105 -12.39 -17.93 23.55
N LEU A 106 -12.48 -19.24 23.72
CA LEU A 106 -12.76 -20.10 22.59
C LEU A 106 -13.85 -21.10 22.95
N THR A 107 -14.42 -21.67 21.89
CA THR A 107 -15.27 -22.84 21.94
C THR A 107 -14.49 -23.99 21.30
N SER A 108 -15.18 -25.10 21.08
CA SER A 108 -14.63 -26.17 20.26
C SER A 108 -14.50 -25.60 18.85
N ILE A 109 -13.27 -25.21 18.50
CA ILE A 109 -13.06 -24.21 17.46
C ILE A 109 -13.27 -24.79 16.06
N ASP A 110 -12.44 -25.76 15.68
CA ASP A 110 -12.67 -26.58 14.50
C ASP A 110 -12.50 -28.06 14.77
N ILE A 111 -11.78 -28.42 15.83
CA ILE A 111 -11.86 -29.72 16.43
C ILE A 111 -12.76 -29.58 17.64
N ALA A 112 -13.33 -30.69 18.11
CA ALA A 112 -14.27 -30.66 19.22
C ALA A 112 -13.52 -30.61 20.56
N ALA A 113 -12.80 -29.50 20.76
CA ALA A 113 -12.01 -29.34 21.97
C ALA A 113 -12.90 -28.97 23.16
N PHE A 114 -13.58 -27.83 23.08
CA PHE A 114 -14.32 -27.30 24.21
C PHE A 114 -15.77 -27.74 24.21
N SER A 115 -16.09 -28.84 23.51
CA SER A 115 -17.45 -29.35 23.50
C SER A 115 -17.84 -29.90 24.87
N GLU A 116 -17.15 -30.93 25.33
CA GLU A 116 -17.30 -31.44 26.68
C GLU A 116 -16.16 -30.87 27.51
N LEU A 117 -16.50 -30.13 28.56
CA LEU A 117 -15.53 -29.46 29.40
C LEU A 117 -15.69 -29.92 30.84
N ASN A 118 -14.56 -30.24 31.48
CA ASN A 118 -14.58 -30.78 32.85
C ASN A 118 -13.92 -29.84 33.84
N THR A 119 -12.64 -29.52 33.64
CA THR A 119 -11.87 -28.75 34.64
C THR A 119 -10.60 -28.24 33.98
N MET A 120 -9.86 -27.46 34.76
CA MET A 120 -8.62 -26.82 34.36
C MET A 120 -7.44 -27.51 35.05
N CYS A 121 -6.25 -27.31 34.48
CA CYS A 121 -5.01 -27.74 35.10
C CYS A 121 -3.96 -26.69 34.79
N TYR A 122 -2.70 -27.07 34.95
CA TYR A 122 -1.58 -26.32 34.41
C TYR A 122 -0.60 -27.31 33.80
N SER A 123 0.30 -26.81 32.99
CA SER A 123 1.18 -27.66 32.21
C SER A 123 2.52 -27.81 32.91
N PRO A 124 3.31 -28.87 32.61
CA PRO A 124 4.54 -29.10 33.39
C PRO A 124 5.75 -28.25 33.02
N HIS A 125 5.55 -27.13 32.32
CA HIS A 125 6.65 -26.20 32.11
C HIS A 125 6.69 -25.07 33.13
N SER A 126 5.55 -24.61 33.63
CA SER A 126 5.51 -23.61 34.70
C SER A 126 4.18 -23.72 35.44
N LEU A 127 4.12 -23.08 36.61
CA LEU A 127 2.97 -23.23 37.51
C LEU A 127 1.81 -22.33 37.12
N LYS A 128 2.00 -21.01 37.21
CA LYS A 128 0.95 -20.05 36.86
C LYS A 128 1.07 -19.69 35.38
N ASN A 129 0.81 -20.68 34.55
CA ASN A 129 1.13 -20.59 33.13
C ASN A 129 0.09 -21.41 32.38
N ASN A 130 0.44 -21.89 31.20
CA ASN A 130 -0.50 -22.54 30.30
C ASN A 130 -1.11 -23.80 30.91
N ILE A 131 -2.39 -24.01 30.60
CA ILE A 131 -3.22 -25.03 31.23
C ILE A 131 -3.11 -26.36 30.51
N TYR A 132 -3.65 -27.42 31.13
CA TYR A 132 -3.84 -28.73 30.52
C TYR A 132 -5.30 -29.11 30.76
N CYS A 133 -6.18 -28.63 29.90
CA CYS A 133 -7.61 -28.64 30.19
C CYS A 133 -8.20 -30.03 30.07
N GLY A 134 -8.98 -30.41 31.08
CA GLY A 134 -9.53 -31.75 31.18
C GLY A 134 -10.72 -32.04 30.28
N GLY A 135 -10.53 -32.96 29.34
CA GLY A 135 -11.62 -33.47 28.54
C GLY A 135 -11.86 -34.94 28.83
N ASP A 136 -13.05 -35.45 28.51
CA ASP A 136 -13.36 -36.86 28.72
C ASP A 136 -13.59 -37.60 27.41
N ASN A 137 -14.51 -37.13 26.58
CA ASN A 137 -14.77 -37.76 25.29
C ASN A 137 -15.05 -36.72 24.21
N THR A 138 -14.75 -35.45 24.48
CA THR A 138 -14.90 -34.40 23.48
C THR A 138 -13.97 -34.62 22.29
N ASN A 139 -12.78 -35.16 22.55
CA ASN A 139 -12.00 -35.87 21.54
C ASN A 139 -11.41 -37.15 22.13
N TRP A 140 -11.89 -37.56 23.31
CA TRP A 140 -11.33 -38.60 24.20
C TRP A 140 -9.80 -38.56 24.25
N GLY A 141 -9.28 -37.35 24.38
CA GLY A 141 -7.87 -37.11 24.55
C GLY A 141 -7.67 -35.77 25.24
N ILE A 142 -6.92 -35.77 26.32
CA ILE A 142 -6.80 -34.57 27.13
C ILE A 142 -5.76 -33.66 26.48
N ALA A 143 -5.95 -32.35 26.62
CA ALA A 143 -5.15 -31.41 25.86
C ALA A 143 -4.61 -30.30 26.74
N SER A 144 -3.39 -29.88 26.45
CA SER A 144 -2.87 -28.60 26.90
C SER A 144 -3.05 -27.60 25.76
N ILE A 145 -3.33 -26.36 26.13
CA ILE A 145 -3.40 -25.26 25.19
C ILE A 145 -2.56 -24.12 25.74
N ASP A 146 -1.61 -23.63 24.93
CA ASP A 146 -0.80 -22.46 25.28
C ASP A 146 -1.74 -21.26 25.31
N LEU A 147 -2.09 -20.85 26.54
CA LEU A 147 -2.95 -19.69 26.75
C LEU A 147 -2.29 -18.42 26.27
N ASN A 148 -0.97 -18.33 26.40
CA ASN A 148 -0.31 -17.06 26.17
C ASN A 148 0.15 -16.86 24.72
N ARG A 149 0.02 -17.87 23.86
CA ARG A 149 0.18 -17.63 22.43
C ARG A 149 -1.15 -17.55 21.69
N GLY A 150 -2.24 -18.01 22.29
CA GLY A 150 -3.53 -18.00 21.65
C GLY A 150 -4.00 -19.34 21.10
N CYS A 151 -3.12 -20.34 21.04
CA CYS A 151 -3.48 -21.58 20.36
C CYS A 151 -2.73 -22.76 21.00
N LEU A 152 -2.65 -23.87 20.25
CA LEU A 152 -2.46 -25.21 20.78
C LEU A 152 -1.12 -25.41 21.48
N ASP A 153 -1.12 -26.30 22.47
CA ASP A 153 0.10 -26.80 23.10
C ASP A 153 0.30 -28.29 22.82
N SER A 154 -0.66 -29.14 23.21
CA SER A 154 -0.48 -30.58 23.08
C SER A 154 -1.81 -31.29 23.21
N LEU A 155 -1.86 -32.52 22.69
CA LEU A 155 -3.00 -33.42 22.83
C LEU A 155 -2.49 -34.81 23.18
N LEU A 156 -3.34 -35.60 23.81
CA LEU A 156 -2.97 -36.98 24.15
C LEU A 156 -4.22 -37.84 24.29
N ASN A 157 -4.03 -39.14 24.11
CA ASN A 157 -5.12 -40.12 24.01
C ASN A 157 -5.27 -40.89 25.33
N TYR A 158 -6.06 -40.32 26.25
CA TYR A 158 -6.54 -41.05 27.41
C TYR A 158 -8.03 -41.33 27.19
N SER A 159 -8.39 -42.60 27.24
CA SER A 159 -9.74 -43.01 26.82
C SER A 159 -10.78 -42.68 27.88
N SER A 160 -10.49 -42.92 29.15
CA SER A 160 -11.54 -43.01 30.14
C SER A 160 -12.01 -41.63 30.59
N LYS A 161 -13.16 -41.62 31.25
CA LYS A 161 -13.75 -40.40 31.76
C LYS A 161 -13.01 -39.96 33.01
N VAL A 162 -12.91 -38.64 33.20
CA VAL A 162 -12.21 -38.07 34.34
C VAL A 162 -13.20 -37.23 35.13
N LYS A 163 -13.31 -37.51 36.43
CA LYS A 163 -14.06 -36.62 37.29
C LYS A 163 -13.23 -35.40 37.69
N LEU A 164 -11.98 -35.60 38.08
CA LEU A 164 -11.24 -34.54 38.73
C LEU A 164 -9.76 -34.66 38.38
N MET A 165 -9.04 -33.54 38.44
CA MET A 165 -7.64 -33.55 38.03
C MET A 165 -6.82 -32.65 38.95
N CYS A 166 -5.59 -33.09 39.24
CA CYS A 166 -4.64 -32.30 40.00
C CYS A 166 -3.23 -32.58 39.49
N SER A 167 -2.31 -31.73 39.92
CA SER A 167 -0.88 -31.87 39.64
C SER A 167 -0.12 -30.96 40.60
N ASN A 168 1.03 -31.40 41.07
CA ASN A 168 1.88 -30.46 41.82
C ASN A 168 2.74 -29.62 40.87
N ASN A 169 3.65 -30.25 40.13
CA ASN A 169 4.45 -29.53 39.14
C ASN A 169 4.52 -30.20 37.79
N LYS A 170 4.69 -31.53 37.76
CA LYS A 170 4.92 -32.24 36.51
C LYS A 170 4.23 -33.61 36.51
N VAL A 171 3.21 -33.79 37.34
CA VAL A 171 2.54 -35.08 37.46
C VAL A 171 1.17 -34.89 36.82
N LEU A 172 0.37 -35.96 36.77
CA LEU A 172 -0.97 -35.88 36.21
C LEU A 172 -1.87 -36.81 37.00
N SER A 173 -2.90 -36.28 37.65
CA SER A 173 -3.86 -37.15 38.31
C SER A 173 -5.12 -37.28 37.46
N ILE A 174 -5.74 -38.45 37.53
CA ILE A 174 -7.03 -38.71 36.90
C ILE A 174 -7.93 -39.30 37.98
N GLY A 175 -8.78 -38.46 38.58
CA GLY A 175 -9.85 -38.92 39.42
C GLY A 175 -10.99 -39.35 38.52
N ARG A 176 -11.34 -40.62 38.60
CA ARG A 176 -12.00 -41.35 37.53
C ARG A 176 -13.42 -41.72 37.98
N GLN A 177 -14.15 -42.40 37.10
CA GLN A 177 -15.57 -42.67 37.30
C GLN A 177 -15.85 -43.56 38.50
N THR A 178 -14.92 -44.43 38.87
CA THR A 178 -15.18 -45.42 39.92
C THR A 178 -14.31 -45.16 41.14
N GLY A 179 -14.19 -43.90 41.54
CA GLY A 179 -13.45 -43.52 42.72
C GLY A 179 -11.96 -43.76 42.67
N THR A 180 -11.41 -44.07 41.51
CA THR A 180 -10.02 -44.47 41.36
C THR A 180 -9.22 -43.35 40.71
N VAL A 181 -7.89 -43.48 40.76
CA VAL A 181 -6.96 -42.46 40.30
C VAL A 181 -5.96 -43.13 39.37
N ASP A 182 -6.00 -42.78 38.09
CA ASP A 182 -4.92 -43.12 37.19
C ASP A 182 -3.93 -41.97 37.20
N LEU A 183 -2.69 -42.22 37.61
CA LEU A 183 -1.70 -41.16 37.65
C LEU A 183 -0.67 -41.37 36.56
N LEU A 184 -0.41 -40.31 35.79
CA LEU A 184 0.39 -40.38 34.58
C LEU A 184 1.42 -39.27 34.58
N ASP A 185 2.37 -39.40 33.66
CA ASP A 185 3.32 -38.33 33.40
C ASP A 185 2.86 -37.53 32.20
N PRO A 186 2.75 -36.21 32.32
CA PRO A 186 2.56 -35.37 31.13
C PRO A 186 3.77 -35.36 30.20
N THR A 187 4.94 -35.82 30.63
CA THR A 187 6.14 -35.77 29.81
C THR A 187 6.46 -37.11 29.15
N SER A 188 6.64 -38.18 29.93
CA SER A 188 7.01 -39.46 29.36
C SER A 188 5.80 -40.18 28.78
N ASN A 189 4.65 -40.00 29.42
CA ASN A 189 3.34 -40.45 28.96
C ASN A 189 3.24 -41.96 28.84
N ARG A 190 3.97 -42.67 29.69
CA ARG A 190 3.80 -44.09 29.91
C ARG A 190 2.98 -44.28 31.17
N THR A 191 2.06 -45.24 31.13
CA THR A 191 1.26 -45.55 32.31
C THR A 191 2.14 -46.18 33.38
N ILE A 192 1.99 -45.71 34.62
CA ILE A 192 2.88 -46.14 35.68
C ILE A 192 2.09 -46.66 36.88
N LYS A 193 0.86 -46.17 37.06
CA LYS A 193 0.13 -46.48 38.28
C LYS A 193 -1.36 -46.20 38.12
N SER A 194 -2.17 -47.21 38.44
CA SER A 194 -3.62 -47.10 38.53
C SER A 194 -3.98 -47.38 39.99
N PHE A 195 -3.92 -46.32 40.79
CA PHE A 195 -4.32 -46.34 42.18
C PHE A 195 -5.84 -46.35 42.27
N ASN A 196 -6.37 -46.89 43.37
CA ASN A 196 -7.81 -47.01 43.54
C ASN A 196 -8.19 -46.39 44.88
N ALA A 197 -8.60 -45.12 44.84
CA ALA A 197 -8.90 -44.40 46.07
C ALA A 197 -10.21 -44.87 46.67
N HIS A 198 -11.30 -44.72 45.92
CA HIS A 198 -12.59 -45.19 46.37
C HIS A 198 -13.18 -46.09 45.30
N SER A 199 -14.42 -46.55 45.49
CA SER A 199 -15.10 -47.34 44.48
C SER A 199 -16.17 -46.58 43.72
N ALA A 200 -16.73 -45.53 44.31
CA ALA A 200 -17.80 -44.79 43.67
C ALA A 200 -17.36 -43.40 43.21
N SER A 201 -16.87 -42.55 44.11
CA SER A 201 -16.59 -41.19 43.74
C SER A 201 -15.20 -40.74 44.18
N ILE A 202 -14.77 -39.64 43.59
CA ILE A 202 -13.61 -38.87 43.99
C ILE A 202 -13.97 -37.40 43.88
N SER A 203 -14.07 -36.72 45.02
CA SER A 203 -14.69 -35.40 45.07
C SER A 203 -13.73 -34.29 45.48
N ALA A 204 -12.94 -34.52 46.52
CA ALA A 204 -12.09 -33.49 47.10
C ALA A 204 -10.65 -33.97 47.01
N MET A 205 -9.89 -33.42 46.07
CA MET A 205 -8.53 -33.87 45.80
C MET A 205 -7.62 -32.66 45.64
N ASP A 206 -6.43 -32.75 46.22
CA ASP A 206 -5.36 -31.79 45.97
C ASP A 206 -4.03 -32.52 45.81
N LEU A 207 -3.19 -31.97 44.94
CA LEU A 207 -1.80 -32.37 44.78
C LEU A 207 -0.87 -31.22 45.09
N ARG A 208 -0.13 -31.33 46.20
CA ARG A 208 0.87 -30.36 46.59
C ARG A 208 2.05 -31.12 47.15
N ASP A 209 3.27 -30.63 46.87
CA ASP A 209 4.61 -31.12 47.25
C ASP A 209 4.73 -32.64 47.36
N ASN A 210 4.34 -33.34 46.28
CA ASN A 210 4.38 -34.80 46.14
C ASN A 210 3.52 -35.51 47.19
N THR A 211 2.42 -34.85 47.56
CA THR A 211 1.42 -35.36 48.50
C THR A 211 0.05 -35.16 47.89
N LEU A 212 -0.84 -36.13 48.11
CA LEU A 212 -2.13 -36.24 47.46
C LEU A 212 -3.19 -36.45 48.53
N VAL A 213 -4.24 -35.63 48.52
CA VAL A 213 -5.39 -35.84 49.37
C VAL A 213 -6.61 -36.06 48.50
N THR A 214 -7.44 -37.04 48.87
CA THR A 214 -8.69 -37.28 48.16
C THR A 214 -9.74 -37.88 49.09
N VAL A 215 -10.96 -37.37 48.95
CA VAL A 215 -12.17 -37.96 49.53
C VAL A 215 -13.29 -37.88 48.50
N GLY A 216 -13.76 -39.03 48.05
CA GLY A 216 -15.04 -39.14 47.40
C GLY A 216 -15.82 -40.25 48.07
N LYS A 217 -17.09 -40.39 47.67
CA LYS A 217 -17.88 -41.43 48.31
C LYS A 217 -17.49 -42.79 47.75
N SER A 218 -17.74 -43.83 48.54
CA SER A 218 -17.67 -45.19 48.03
C SER A 218 -18.81 -45.99 48.65
N LYS A 219 -19.99 -45.85 48.02
CA LYS A 219 -21.19 -46.66 48.21
C LYS A 219 -22.19 -46.17 47.18
N ARG A 220 -22.95 -47.07 46.57
CA ARG A 220 -23.57 -46.77 45.28
C ARG A 220 -24.92 -46.05 45.38
N PHE A 221 -25.92 -46.61 46.09
CA PHE A 221 -27.20 -45.93 45.93
C PHE A 221 -27.89 -45.52 47.24
N TYR A 222 -27.85 -46.35 48.28
CA TYR A 222 -28.51 -45.99 49.54
C TYR A 222 -27.53 -45.34 50.50
N ASN A 223 -26.57 -44.60 49.95
CA ASN A 223 -25.24 -44.46 50.56
C ASN A 223 -25.21 -43.50 51.75
N LEU A 224 -25.45 -42.21 51.50
CA LEU A 224 -25.11 -41.09 52.41
C LEU A 224 -23.67 -41.21 52.89
N TYR A 225 -22.79 -41.66 52.00
CA TYR A 225 -21.57 -42.31 52.41
C TYR A 225 -20.38 -41.72 51.67
N ALA A 226 -20.32 -40.39 51.65
CA ALA A 226 -19.06 -39.71 51.43
C ALA A 226 -18.09 -40.17 52.50
N ASP A 227 -16.94 -40.69 52.07
CA ASP A 227 -16.19 -41.64 52.88
C ASP A 227 -15.60 -40.99 54.13
N PRO A 228 -15.75 -41.62 55.30
CA PRO A 228 -15.33 -40.99 56.56
C PRO A 228 -13.85 -41.18 56.85
N PHE A 229 -13.02 -40.97 55.83
CA PHE A 229 -11.58 -41.05 56.00
C PHE A 229 -10.95 -40.22 54.91
N VAL A 230 -9.87 -39.54 55.24
CA VAL A 230 -9.12 -38.76 54.27
C VAL A 230 -8.11 -39.70 53.64
N ASN A 231 -8.31 -40.01 52.36
CA ASN A 231 -7.39 -40.93 51.69
C ASN A 231 -6.17 -40.16 51.25
N VAL A 232 -5.01 -40.54 51.80
CA VAL A 232 -3.78 -39.81 51.64
C VAL A 232 -2.79 -40.68 50.89
N TYR A 233 -2.24 -40.13 49.81
CA TYR A 233 -1.34 -40.86 48.92
C TYR A 233 -0.13 -39.96 48.68
N ASP A 234 0.98 -40.54 48.22
CA ASP A 234 2.11 -39.69 47.87
C ASP A 234 2.59 -39.96 46.45
N LEU A 235 3.25 -38.97 45.89
CA LEU A 235 3.86 -39.07 44.58
C LEU A 235 5.31 -39.49 44.69
N ARG A 236 5.78 -39.70 45.90
CA ARG A 236 7.19 -39.88 46.21
C ARG A 236 7.67 -41.22 45.67
N THR A 237 7.16 -42.33 46.22
CA THR A 237 7.47 -43.66 45.71
C THR A 237 6.24 -44.56 45.73
N MET A 238 5.10 -44.01 45.28
CA MET A 238 3.91 -44.78 44.88
C MET A 238 3.28 -45.52 46.08
N ARG A 239 3.06 -44.79 47.16
CA ARG A 239 2.67 -45.43 48.42
C ARG A 239 1.39 -44.86 48.99
N GLN A 240 0.58 -45.73 49.57
CA GLN A 240 -0.58 -45.31 50.35
C GLN A 240 -0.10 -44.85 51.71
N LEU A 241 -0.02 -43.54 51.90
CA LEU A 241 0.09 -42.96 53.23
C LEU A 241 -1.12 -43.37 54.06
N PRO A 242 -0.95 -43.53 55.38
CA PRO A 242 -2.04 -44.04 56.23
C PRO A 242 -3.24 -43.09 56.25
N PRO A 243 -4.41 -43.58 55.82
CA PRO A 243 -5.57 -42.69 55.65
C PRO A 243 -6.10 -42.20 56.99
N VAL A 244 -6.15 -40.87 57.13
CA VAL A 244 -6.67 -40.28 58.35
C VAL A 244 -8.19 -40.43 58.34
N SER A 245 -8.71 -41.10 59.36
CA SER A 245 -10.15 -41.26 59.48
C SER A 245 -10.81 -39.92 59.76
N PHE A 246 -11.97 -39.71 59.14
CA PHE A 246 -12.73 -38.49 59.33
C PHE A 246 -13.96 -38.80 60.17
N SER A 247 -14.11 -38.08 61.27
CA SER A 247 -15.22 -38.31 62.18
C SER A 247 -16.53 -37.82 61.56
N LYS A 248 -17.64 -38.24 62.14
CA LYS A 248 -18.94 -37.75 61.72
C LYS A 248 -19.29 -36.37 62.27
N GLY A 249 -18.34 -35.68 62.90
CA GLY A 249 -18.55 -34.32 63.34
C GLY A 249 -19.41 -34.23 64.59
N THR A 250 -20.66 -33.82 64.39
CA THR A 250 -21.61 -33.71 65.49
C THR A 250 -22.88 -34.50 65.14
N THR A 251 -23.18 -34.61 63.85
CA THR A 251 -24.36 -35.31 63.39
C THR A 251 -24.19 -36.83 63.53
N MET A 252 -25.30 -37.54 63.37
CA MET A 252 -25.33 -38.98 63.59
C MET A 252 -25.02 -39.81 62.34
N GLY A 253 -24.90 -39.17 61.18
CA GLY A 253 -24.64 -39.88 59.94
C GLY A 253 -23.21 -40.32 59.79
N SER A 254 -22.77 -40.44 58.54
CA SER A 254 -21.41 -40.84 58.24
C SER A 254 -20.46 -39.65 58.44
N GLY A 255 -19.18 -39.82 58.10
CA GLY A 255 -18.24 -38.73 58.20
C GLY A 255 -18.49 -37.66 57.17
N GLY A 256 -18.21 -37.94 55.90
CA GLY A 256 -18.53 -37.00 54.84
C GLY A 256 -17.49 -35.93 54.61
N ALA A 257 -16.25 -36.32 54.33
CA ALA A 257 -15.15 -35.35 54.17
C ALA A 257 -15.08 -34.76 52.77
N ASP A 258 -16.21 -34.28 52.25
CA ASP A 258 -16.31 -33.85 50.85
C ASP A 258 -15.53 -32.57 50.53
N PHE A 259 -14.86 -31.94 51.49
CA PHE A 259 -14.05 -30.76 51.16
C PHE A 259 -12.71 -30.87 51.88
N VAL A 260 -11.70 -31.39 51.20
CA VAL A 260 -10.36 -31.56 51.75
C VAL A 260 -9.40 -30.75 50.90
N GLN A 261 -8.68 -29.83 51.54
CA GLN A 261 -7.87 -28.88 50.79
C GLN A 261 -6.60 -28.59 51.56
N LEU A 262 -5.45 -28.85 50.93
CA LEU A 262 -4.16 -28.52 51.52
C LEU A 262 -3.97 -27.00 51.60
N HIS A 263 -3.19 -26.58 52.59
CA HIS A 263 -2.94 -25.15 52.77
C HIS A 263 -1.97 -24.65 51.69
N PRO A 264 -2.14 -23.40 51.21
CA PRO A 264 -1.21 -22.87 50.20
C PRO A 264 0.23 -22.74 50.67
N LEU A 265 0.45 -22.03 51.79
CA LEU A 265 1.82 -21.89 52.29
C LEU A 265 2.29 -23.16 52.97
N LEU A 266 1.39 -24.03 53.40
CA LEU A 266 1.72 -25.26 54.10
C LEU A 266 1.19 -26.41 53.25
N PRO A 267 1.94 -26.85 52.25
CA PRO A 267 1.39 -27.76 51.23
C PRO A 267 1.22 -29.20 51.68
N THR A 268 1.36 -29.50 52.97
CA THR A 268 0.92 -30.76 53.54
C THR A 268 -0.20 -30.61 54.56
N VAL A 269 -0.22 -29.52 55.32
CA VAL A 269 -1.28 -29.28 56.29
C VAL A 269 -2.56 -28.95 55.53
N MET A 270 -3.67 -29.58 55.94
CA MET A 270 -4.90 -29.38 55.20
C MET A 270 -6.03 -28.91 56.11
N ILE A 271 -7.14 -28.59 55.45
CA ILE A 271 -8.41 -28.27 56.07
C ILE A 271 -9.41 -29.29 55.55
N VAL A 272 -10.17 -29.90 56.44
CA VAL A 272 -11.18 -30.86 56.02
C VAL A 272 -12.53 -30.37 56.53
N ALA A 273 -13.53 -30.39 55.66
CA ALA A 273 -14.84 -29.84 55.97
C ALA A 273 -15.92 -30.70 55.36
N SER A 274 -16.99 -30.87 56.12
CA SER A 274 -18.12 -31.71 55.76
C SER A 274 -19.11 -30.92 54.91
N SER A 275 -20.30 -31.47 54.70
CA SER A 275 -21.36 -30.72 54.03
C SER A 275 -21.98 -29.70 54.97
N SER A 276 -22.07 -30.00 56.26
CA SER A 276 -22.61 -29.01 57.19
C SER A 276 -21.55 -28.05 57.66
N GLY A 277 -20.28 -28.44 57.66
CA GLY A 277 -19.22 -27.50 57.98
C GLY A 277 -18.39 -27.82 59.19
N SER A 278 -18.23 -29.09 59.55
CA SER A 278 -17.34 -29.43 60.66
C SER A 278 -15.89 -29.37 60.15
N PHE A 279 -15.36 -28.15 60.06
CA PHE A 279 -14.05 -28.01 59.45
C PHE A 279 -12.95 -28.11 60.49
N ASP A 280 -11.83 -28.68 60.09
CA ASP A 280 -10.71 -28.89 61.01
C ASP A 280 -9.40 -28.61 60.29
N PHE A 281 -8.69 -27.64 60.85
CA PHE A 281 -7.28 -27.38 60.57
C PHE A 281 -6.45 -28.55 61.11
N ILE A 282 -5.92 -29.37 60.20
CA ILE A 282 -5.42 -30.69 60.56
C ILE A 282 -4.09 -30.95 59.87
N ASP A 283 -3.16 -31.51 60.62
CA ASP A 283 -1.86 -31.92 60.11
C ASP A 283 -2.02 -33.12 59.17
N LEU A 284 -1.08 -33.24 58.24
CA LEU A 284 -0.93 -34.49 57.50
C LEU A 284 -0.22 -35.54 58.34
N SER A 285 0.88 -35.16 58.98
CA SER A 285 1.73 -36.13 59.66
C SER A 285 1.10 -36.62 60.95
N ASN A 286 0.67 -35.70 61.82
CA ASN A 286 0.09 -36.06 63.10
C ASN A 286 -1.40 -35.78 63.12
N PRO A 287 -2.24 -36.80 62.95
CA PRO A 287 -3.70 -36.57 62.95
C PRO A 287 -4.26 -36.22 64.32
N THR A 288 -3.48 -36.37 65.39
CA THR A 288 -3.94 -35.96 66.72
C THR A 288 -4.12 -34.45 66.78
N LEU A 289 -3.23 -33.70 66.12
CA LEU A 289 -3.29 -32.25 66.11
C LEU A 289 -4.39 -31.78 65.15
N ARG A 290 -5.63 -31.89 65.61
CA ARG A 290 -6.78 -31.40 64.88
C ARG A 290 -7.32 -30.14 65.55
N THR A 291 -7.81 -29.21 64.74
CA THR A 291 -8.51 -28.02 65.22
C THR A 291 -9.89 -28.10 64.59
N GLN A 292 -10.84 -28.61 65.38
CA GLN A 292 -12.19 -28.95 64.90
C GLN A 292 -13.11 -27.75 65.12
N TYR A 293 -12.96 -26.75 64.26
CA TYR A 293 -13.86 -25.62 64.20
C TYR A 293 -15.25 -26.08 63.75
N VAL A 294 -16.22 -25.98 64.65
CA VAL A 294 -17.60 -26.34 64.38
C VAL A 294 -18.24 -25.24 63.54
N HIS A 295 -19.42 -25.51 62.99
CA HIS A 295 -20.15 -24.55 62.16
C HIS A 295 -21.50 -24.29 62.79
N PRO A 296 -21.66 -23.22 63.58
CA PRO A 296 -22.95 -22.88 64.19
C PRO A 296 -23.91 -22.16 63.26
N CYS A 297 -24.09 -22.70 62.05
CA CYS A 297 -24.92 -22.08 61.02
C CYS A 297 -25.34 -23.17 60.03
N GLN A 298 -25.80 -22.74 58.85
CA GLN A 298 -26.37 -23.62 57.85
C GLN A 298 -25.28 -24.32 57.03
N SER A 299 -25.62 -25.50 56.52
CA SER A 299 -24.74 -26.28 55.63
C SER A 299 -24.40 -25.51 54.36
N ILE A 300 -23.33 -25.95 53.69
CA ILE A 300 -22.62 -25.11 52.75
C ILE A 300 -22.85 -25.59 51.33
N LYS A 301 -22.50 -24.72 50.38
CA LYS A 301 -22.18 -25.13 49.01
C LYS A 301 -20.68 -25.33 48.84
N LYS A 302 -19.90 -24.25 49.02
CA LYS A 302 -18.45 -24.32 48.86
C LYS A 302 -17.77 -23.51 49.94
N LEU A 303 -16.44 -23.61 49.95
CA LEU A 303 -15.61 -22.86 50.87
C LEU A 303 -14.26 -22.63 50.20
N CYS A 304 -13.63 -21.51 50.54
CA CYS A 304 -12.31 -21.23 50.01
C CYS A 304 -11.38 -20.68 51.08
N LEU A 305 -10.20 -20.32 50.58
CA LEU A 305 -8.92 -20.50 51.24
C LEU A 305 -8.40 -19.20 51.82
N SER A 306 -7.14 -19.23 52.19
CA SER A 306 -6.44 -18.04 52.69
C SER A 306 -4.98 -18.15 52.32
N PRO A 307 -4.56 -17.52 51.22
CA PRO A 307 -3.12 -17.32 51.02
C PRO A 307 -2.48 -16.44 52.08
N ASN A 308 -3.26 -15.60 52.76
CA ASN A 308 -2.82 -14.93 53.97
C ASN A 308 -3.11 -15.73 55.23
N GLY A 309 -3.46 -17.01 55.10
CA GLY A 309 -3.52 -17.96 56.21
C GLY A 309 -4.57 -17.71 57.27
N ASP A 310 -5.37 -16.65 57.17
CA ASP A 310 -6.25 -16.25 58.27
C ASP A 310 -7.66 -15.91 57.81
N VAL A 311 -8.10 -16.49 56.70
CA VAL A 311 -9.36 -16.11 56.07
C VAL A 311 -10.16 -17.38 55.81
N LEU A 312 -11.28 -17.52 56.49
CA LEU A 312 -12.29 -18.51 56.20
C LEU A 312 -13.27 -17.94 55.20
N GLY A 313 -13.36 -18.53 54.01
CA GLY A 313 -14.52 -18.13 53.23
C GLY A 313 -15.57 -19.20 53.04
N ILE A 314 -16.63 -19.17 53.83
CA ILE A 314 -17.76 -20.08 53.65
C ILE A 314 -18.69 -19.40 52.66
N LEU A 315 -19.09 -20.09 51.59
CA LEU A 315 -19.99 -19.43 50.66
C LEU A 315 -21.04 -20.41 50.15
N GLU A 316 -22.28 -20.07 50.43
CA GLU A 316 -23.51 -20.66 49.94
C GLU A 316 -24.06 -19.76 48.84
N ALA A 317 -25.31 -19.98 48.46
CA ALA A 317 -26.00 -19.10 47.52
C ALA A 317 -26.55 -17.83 48.18
N ASP A 318 -26.03 -17.44 49.34
CA ASP A 318 -26.57 -16.34 50.12
C ASP A 318 -25.79 -15.04 49.96
N ASN A 319 -24.56 -15.10 49.43
CA ASN A 319 -23.63 -13.97 49.30
C ASN A 319 -23.42 -13.25 50.64
N HIS A 320 -23.10 -14.02 51.66
CA HIS A 320 -22.79 -13.48 52.99
C HIS A 320 -21.63 -14.28 53.57
N LEU A 321 -20.43 -13.72 53.48
CA LEU A 321 -19.21 -14.36 53.96
C LEU A 321 -19.03 -14.13 55.45
N ASP A 322 -18.23 -15.00 56.07
CA ASP A 322 -17.66 -14.71 57.38
C ASP A 322 -16.36 -15.50 57.55
N THR A 323 -15.37 -14.82 58.10
CA THR A 323 -14.08 -15.40 58.43
C THR A 323 -14.06 -15.75 59.91
N TRP A 324 -13.60 -16.96 60.23
CA TRP A 324 -13.35 -17.32 61.62
C TRP A 324 -11.91 -17.77 61.75
N ARG A 325 -11.16 -16.97 62.50
CA ARG A 325 -9.74 -17.10 62.84
C ARG A 325 -9.55 -16.00 63.88
N ARG A 326 -8.34 -15.87 64.41
CA ARG A 326 -8.10 -14.71 65.24
C ARG A 326 -7.74 -13.51 64.36
N SER A 327 -7.87 -12.31 64.94
CA SER A 327 -7.91 -11.08 64.15
C SER A 327 -6.49 -10.53 63.96
N SER A 328 -5.73 -11.27 63.15
CA SER A 328 -4.35 -10.87 62.87
C SER A 328 -4.28 -9.61 62.03
N ASN A 329 -5.11 -9.52 61.00
CA ASN A 329 -5.13 -8.37 60.11
C ASN A 329 -6.49 -7.69 60.14
N ASN A 330 -6.50 -6.44 59.70
CA ASN A 330 -7.74 -5.77 59.31
C ASN A 330 -8.01 -5.97 57.82
N MET A 331 -7.12 -6.70 57.14
CA MET A 331 -7.20 -6.98 55.71
C MET A 331 -8.09 -8.20 55.46
N GLY A 332 -8.58 -8.30 54.23
CA GLY A 332 -9.29 -9.47 53.77
C GLY A 332 -8.32 -10.43 53.12
N MET A 333 -8.28 -10.45 51.79
CA MET A 333 -7.45 -11.36 51.02
C MET A 333 -5.98 -10.92 51.02
N PHE A 334 -5.23 -11.48 50.07
CA PHE A 334 -3.76 -11.39 50.09
C PHE A 334 -3.28 -9.99 49.70
N THR A 335 -3.52 -9.55 48.47
CA THR A 335 -2.71 -8.49 47.86
C THR A 335 -3.56 -7.27 47.52
N ASN A 336 -2.88 -6.17 47.18
CA ASN A 336 -3.48 -4.84 47.17
C ASN A 336 -3.03 -4.01 45.96
N THR A 337 -3.07 -4.59 44.77
CA THR A 337 -2.73 -3.86 43.53
C THR A 337 -3.88 -3.94 42.52
N PRO A 338 -4.83 -3.01 42.63
CA PRO A 338 -6.00 -2.98 41.75
C PRO A 338 -5.83 -1.90 40.68
N GLU A 339 -6.04 -2.28 39.41
CA GLU A 339 -5.77 -1.38 38.30
C GLU A 339 -6.81 -0.28 38.14
N MET A 340 -7.95 -0.39 38.82
CA MET A 340 -8.94 0.69 38.89
C MET A 340 -9.39 0.86 40.34
N LEU A 341 -8.42 0.98 41.25
CA LEU A 341 -8.65 0.96 42.69
C LEU A 341 -9.45 2.18 43.12
N ALA A 342 -10.74 1.95 43.38
CA ALA A 342 -11.74 2.88 43.91
C ALA A 342 -12.07 4.08 43.02
N TYR A 343 -11.41 4.21 41.86
CA TYR A 343 -11.69 5.34 40.97
C TYR A 343 -11.27 5.05 39.53
N PRO A 344 -12.19 4.58 38.70
CA PRO A 344 -12.07 4.77 37.24
C PRO A 344 -12.65 6.11 36.85
N ASP A 345 -12.86 6.32 35.53
CA ASP A 345 -13.83 7.29 35.00
C ASP A 345 -13.43 8.73 35.35
N TYR A 346 -12.37 9.18 34.67
CA TYR A 346 -11.60 10.34 35.07
C TYR A 346 -12.44 11.61 35.01
N PHE A 347 -12.15 12.55 35.92
CA PHE A 347 -12.91 13.79 36.01
C PHE A 347 -12.29 14.90 35.15
N ASN A 348 -12.22 14.64 33.84
CA ASN A 348 -12.10 15.73 32.87
C ASN A 348 -13.49 16.10 32.34
N ASP A 349 -14.42 16.27 33.27
CA ASP A 349 -15.84 16.46 32.97
C ASP A 349 -16.43 17.52 33.90
N ILE A 350 -15.71 18.63 34.06
CA ILE A 350 -16.26 19.73 34.85
C ILE A 350 -17.40 20.41 34.10
N THR A 351 -17.34 20.45 32.77
CA THR A 351 -18.44 20.99 31.97
C THR A 351 -18.39 20.42 30.55
N SER A 352 -19.55 19.98 30.07
CA SER A 352 -19.84 19.83 28.64
C SER A 352 -21.35 20.04 28.52
N ASP A 353 -21.74 21.30 28.31
CA ASP A 353 -23.11 21.69 28.66
C ASP A 353 -24.09 21.37 27.54
N GLY A 354 -23.92 22.01 26.39
CA GLY A 354 -24.94 22.02 25.38
C GLY A 354 -25.02 20.74 24.59
N PRO A 355 -26.20 20.12 24.56
CA PRO A 355 -26.42 19.02 23.61
C PRO A 355 -26.51 19.58 22.20
N ILE A 356 -25.44 19.40 21.44
CA ILE A 356 -25.25 20.12 20.19
C ILE A 356 -25.27 19.09 19.07
N SER A 357 -26.16 18.09 19.23
CA SER A 357 -26.24 16.79 18.58
C SER A 357 -25.80 16.74 17.12
N VAL A 358 -26.34 17.63 16.29
CA VAL A 358 -25.86 17.75 14.91
C VAL A 358 -26.19 19.15 14.42
N ASP A 359 -25.36 19.65 13.51
CA ASP A 359 -25.63 20.77 12.60
C ASP A 359 -25.81 22.10 13.32
N ASP A 360 -25.33 22.21 14.56
CA ASP A 360 -25.24 23.50 15.20
C ASP A 360 -24.05 24.25 14.61
N GLU A 361 -24.22 25.56 14.42
CA GLU A 361 -23.14 26.39 13.92
C GLU A 361 -22.73 27.47 14.90
N THR A 362 -23.31 27.48 16.11
CA THR A 362 -22.69 28.20 17.22
C THR A 362 -21.45 27.47 17.74
N TYR A 363 -21.29 26.21 17.37
CA TYR A 363 -20.01 25.52 17.49
C TYR A 363 -19.81 24.57 16.31
N PRO A 364 -18.81 24.84 15.46
CA PRO A 364 -18.59 23.97 14.29
C PRO A 364 -17.77 22.74 14.66
N LEU A 365 -17.41 21.96 13.64
CA LEU A 365 -16.71 20.70 13.84
C LEU A 365 -15.24 20.87 14.16
N SER A 366 -14.72 22.11 14.20
CA SER A 366 -13.39 22.39 14.70
C SER A 366 -13.26 21.94 16.16
N SER A 367 -12.41 20.94 16.38
CA SER A 367 -12.33 20.24 17.65
C SER A 367 -11.88 21.13 18.80
N VAL A 368 -12.58 21.05 19.92
CA VAL A 368 -12.14 21.63 21.18
C VAL A 368 -11.76 20.46 22.09
N GLY A 369 -11.27 19.39 21.48
CA GLY A 369 -11.16 18.11 22.15
C GLY A 369 -9.85 17.86 22.85
N MET A 370 -8.98 17.08 22.21
CA MET A 370 -7.98 16.18 22.79
C MET A 370 -7.08 16.78 23.86
N PRO A 371 -6.68 15.98 24.85
CA PRO A 371 -5.44 16.29 25.57
C PRO A 371 -4.27 16.03 24.66
N TYR A 372 -3.16 16.66 25.00
CA TYR A 372 -2.03 16.79 24.10
C TYR A 372 -1.31 15.45 24.00
N TYR A 373 -1.37 14.81 22.83
CA TYR A 373 -0.83 13.47 22.66
C TYR A 373 0.68 13.49 22.50
N LEU A 374 1.23 12.36 22.07
CA LEU A 374 2.65 12.27 21.74
C LEU A 374 2.96 11.59 20.42
N ASP A 375 2.06 10.79 19.84
CA ASP A 375 2.45 9.90 18.75
C ASP A 375 1.31 9.85 17.73
N LYS A 376 1.38 8.89 16.80
CA LYS A 376 0.48 8.84 15.66
C LYS A 376 -0.91 8.38 16.07
N LEU A 377 -1.92 9.04 15.53
CA LEU A 377 -3.32 8.79 15.85
C LEU A 377 -3.90 7.77 14.87
N LEU A 378 -5.23 7.61 14.91
CA LEU A 378 -5.88 6.50 14.20
C LEU A 378 -6.01 6.73 12.71
N SER A 379 -5.99 7.97 12.23
CA SER A 379 -6.37 8.24 10.86
C SER A 379 -5.24 8.05 9.86
N ALA A 380 -4.21 7.27 10.20
CA ALA A 380 -3.14 6.95 9.28
C ALA A 380 -3.69 6.15 8.11
N TRP A 381 -3.79 6.78 6.96
CA TRP A 381 -4.51 6.11 5.90
C TRP A 381 -3.54 5.37 4.98
N PRO A 382 -3.78 4.09 4.72
CA PRO A 382 -2.87 3.31 3.88
C PRO A 382 -3.08 3.62 2.41
N PRO A 383 -2.05 3.48 1.58
CA PRO A 383 -2.17 3.83 0.17
C PRO A 383 -3.10 2.90 -0.59
N VAL A 384 -3.92 3.49 -1.46
CA VAL A 384 -4.85 2.73 -2.29
C VAL A 384 -4.98 3.43 -3.63
N VAL A 385 -5.55 2.70 -4.61
CA VAL A 385 -5.64 3.24 -5.95
C VAL A 385 -6.81 4.20 -6.10
N PHE A 386 -7.95 3.87 -5.48
CA PHE A 386 -9.21 4.64 -5.57
C PHE A 386 -9.66 4.83 -7.02
N LYS A 387 -9.52 3.79 -7.82
CA LYS A 387 -9.70 3.89 -9.27
C LYS A 387 -11.10 3.52 -9.72
N SER A 388 -12.15 4.11 -9.12
CA SER A 388 -13.50 3.79 -9.57
C SER A 388 -14.43 5.00 -9.58
N GLU A 389 -13.88 6.20 -9.71
CA GLU A 389 -14.71 7.37 -9.92
C GLU A 389 -15.17 7.42 -11.37
N GLY A 390 -16.49 7.49 -11.58
CA GLY A 390 -17.03 7.76 -12.90
C GLY A 390 -16.84 6.66 -13.92
N THR A 391 -17.52 5.54 -13.73
CA THR A 391 -17.47 4.41 -14.65
C THR A 391 -18.85 4.08 -15.20
N ILE A 392 -19.63 5.14 -15.49
CA ILE A 392 -21.00 5.12 -16.01
C ILE A 392 -21.95 4.28 -15.17
N PRO A 393 -22.36 4.74 -13.99
CA PRO A 393 -23.32 3.98 -13.18
C PRO A 393 -24.71 4.02 -13.79
N GLN A 394 -25.50 3.01 -13.45
CA GLN A 394 -26.77 2.75 -14.12
C GLN A 394 -27.88 2.58 -13.08
N LEU A 395 -28.99 3.28 -13.30
CA LEU A 395 -30.22 3.23 -12.48
C LEU A 395 -29.98 3.48 -10.99
N LEU A 411 -42.84 -18.75 -7.90
CA LEU A 411 -42.66 -17.31 -7.75
C LEU A 411 -41.95 -17.00 -6.43
N ALA A 412 -41.44 -15.77 -6.31
CA ALA A 412 -40.73 -15.32 -5.12
C ALA A 412 -41.57 -14.27 -4.43
N VAL A 413 -42.18 -14.66 -3.31
CA VAL A 413 -42.82 -13.70 -2.42
C VAL A 413 -41.84 -13.25 -1.35
N ILE A 414 -42.16 -12.11 -0.73
CA ILE A 414 -41.30 -11.54 0.31
C ILE A 414 -41.49 -12.36 1.58
N SER A 415 -40.42 -13.01 2.02
CA SER A 415 -40.45 -13.84 3.21
C SER A 415 -40.63 -12.99 4.46
N SER A 416 -40.95 -13.65 5.57
CA SER A 416 -40.91 -12.94 6.85
C SER A 416 -39.55 -13.06 7.51
N GLN A 417 -38.51 -12.87 6.71
CA GLN A 417 -37.25 -12.33 7.19
C GLN A 417 -37.37 -10.82 7.35
N ASN A 418 -38.26 -10.23 6.57
CA ASN A 418 -38.51 -8.79 6.57
C ASN A 418 -39.98 -8.42 6.68
N GLU A 419 -40.89 -9.36 6.43
CA GLU A 419 -42.32 -9.07 6.46
C GLU A 419 -42.80 -8.82 7.89
N LYS A 420 -42.10 -9.38 8.89
CA LYS A 420 -42.50 -9.22 10.29
C LYS A 420 -42.33 -7.80 10.80
N LEU A 421 -41.63 -6.95 10.05
CA LEU A 421 -41.45 -5.54 10.36
C LEU A 421 -41.68 -4.71 9.10
N SER A 422 -42.80 -4.94 8.44
CA SER A 422 -43.14 -4.21 7.22
C SER A 422 -44.36 -3.34 7.45
N THR A 423 -44.21 -2.04 7.21
CA THR A 423 -45.27 -1.05 7.34
C THR A 423 -44.88 0.14 6.49
N GLN A 424 -45.83 0.65 5.69
CA GLN A 424 -45.56 1.50 4.52
C GLN A 424 -44.50 0.84 3.65
N GLU A 425 -44.87 -0.32 3.10
CA GLU A 425 -43.89 -1.39 2.98
C GLU A 425 -43.00 -1.23 1.75
N PHE A 426 -43.56 -1.40 0.54
CA PHE A 426 -42.91 -1.59 -0.76
C PHE A 426 -41.65 -2.45 -0.66
N PRO A 427 -41.76 -3.77 -0.45
CA PRO A 427 -40.64 -4.63 -0.86
C PRO A 427 -40.93 -5.23 -2.21
N LEU A 428 -39.96 -5.95 -2.76
CA LEU A 428 -40.21 -6.80 -3.91
C LEU A 428 -39.17 -7.91 -3.92
N LEU A 429 -39.62 -9.15 -3.75
CA LEU A 429 -38.74 -10.30 -3.80
C LEU A 429 -38.50 -10.60 -5.27
N ARG A 430 -37.50 -9.94 -5.85
CA ARG A 430 -37.23 -10.15 -7.26
C ARG A 430 -35.74 -10.19 -7.58
N TYR A 431 -34.86 -10.19 -6.58
CA TYR A 431 -33.44 -10.12 -6.88
C TYR A 431 -32.95 -11.50 -7.29
N ASP A 432 -32.22 -11.57 -8.39
CA ASP A 432 -31.62 -12.80 -8.85
C ASP A 432 -30.12 -12.58 -9.02
N ARG A 433 -29.35 -13.64 -8.81
CA ARG A 433 -27.90 -13.46 -8.68
C ARG A 433 -27.26 -13.34 -10.05
N THR A 434 -27.70 -14.13 -11.02
CA THR A 434 -27.22 -13.99 -12.38
C THR A 434 -27.75 -12.72 -13.03
N LYS A 435 -28.90 -12.24 -12.57
CA LYS A 435 -29.58 -11.11 -13.20
C LYS A 435 -28.83 -9.81 -12.96
N TYR A 436 -28.66 -9.42 -11.70
CA TYR A 436 -28.02 -8.16 -11.36
C TYR A 436 -26.76 -8.35 -10.54
N GLY A 437 -26.12 -9.51 -10.69
CA GLY A 437 -24.75 -9.69 -10.26
C GLY A 437 -24.52 -9.83 -8.76
N MET A 438 -23.29 -9.53 -8.38
CA MET A 438 -22.82 -9.70 -7.02
C MET A 438 -23.38 -8.61 -6.12
N ARG A 439 -23.70 -8.99 -4.89
CA ARG A 439 -24.24 -8.04 -3.93
C ARG A 439 -23.15 -7.09 -3.47
N ASN A 440 -23.47 -5.78 -3.51
CA ASN A 440 -22.62 -4.68 -3.05
C ASN A 440 -21.31 -4.56 -3.82
N ALA A 441 -21.27 -5.05 -5.05
CA ALA A 441 -20.04 -5.06 -5.81
C ALA A 441 -19.79 -3.71 -6.47
N ILE A 442 -18.54 -3.47 -6.82
CA ILE A 442 -18.12 -2.23 -7.45
C ILE A 442 -17.57 -2.58 -8.82
N PRO A 443 -18.08 -1.99 -9.90
CA PRO A 443 -17.65 -2.38 -11.24
C PRO A 443 -16.25 -1.91 -11.56
N ASP A 444 -15.63 -2.60 -12.50
CA ASP A 444 -14.29 -2.26 -12.94
C ASP A 444 -14.35 -1.08 -13.91
N TYR A 445 -13.20 -0.44 -14.11
CA TYR A 445 -13.13 0.80 -14.87
C TYR A 445 -12.60 0.52 -16.27
N VAL A 446 -13.36 0.94 -17.28
CA VAL A 446 -12.90 0.83 -18.67
C VAL A 446 -13.54 1.99 -19.44
N CYS A 447 -12.81 3.08 -19.57
CA CYS A 447 -13.32 4.25 -20.29
C CYS A 447 -12.91 4.16 -21.76
N LEU A 448 -13.15 5.24 -22.49
CA LEU A 448 -12.85 5.27 -23.91
C LEU A 448 -11.38 5.52 -24.22
N ARG A 449 -10.49 5.54 -23.22
CA ARG A 449 -9.08 5.37 -23.55
C ARG A 449 -8.82 3.95 -24.05
N ASP A 450 -9.63 3.00 -23.62
CA ASP A 450 -9.60 1.68 -24.23
C ASP A 450 -10.13 1.74 -25.66
N ILE A 451 -11.08 2.63 -25.92
CA ILE A 451 -11.48 2.86 -27.30
C ILE A 451 -10.36 3.53 -28.09
N ARG A 452 -9.55 4.35 -27.42
CA ARG A 452 -8.36 4.88 -28.08
C ARG A 452 -7.36 3.78 -28.38
N LYS A 453 -7.29 2.77 -27.52
CA LYS A 453 -6.48 1.59 -27.83
C LYS A 453 -7.07 0.83 -29.01
N GLN A 454 -8.40 0.78 -29.12
CA GLN A 454 -9.02 0.22 -30.31
C GLN A 454 -8.71 1.04 -31.55
N ILE A 455 -8.50 2.35 -31.39
CA ILE A 455 -7.99 3.17 -32.49
C ILE A 455 -6.54 2.80 -32.80
N THR A 456 -5.76 2.43 -31.78
CA THR A 456 -4.40 1.97 -32.07
C THR A 456 -4.43 0.61 -32.75
N SER A 457 -3.31 0.29 -33.42
CA SER A 457 -3.17 -0.96 -34.13
C SER A 457 -3.01 -2.12 -33.15
N GLY A 458 -3.30 -3.32 -33.64
CA GLY A 458 -3.13 -4.51 -32.83
C GLY A 458 -1.70 -5.00 -32.86
N LEU A 459 -1.18 -5.28 -34.04
CA LEU A 459 0.13 -5.89 -34.17
C LEU A 459 0.75 -5.49 -35.50
N GLU A 460 2.07 -5.37 -35.51
CA GLU A 460 2.78 -5.01 -36.73
C GLU A 460 4.17 -5.64 -36.75
N THR A 461 4.42 -6.47 -37.76
CA THR A 461 5.72 -7.03 -38.13
C THR A 461 6.34 -7.83 -36.96
N SER A 462 5.56 -8.78 -36.46
CA SER A 462 5.97 -9.79 -35.47
C SER A 462 4.88 -10.85 -35.45
N ASP A 463 4.91 -11.72 -34.44
CA ASP A 463 3.86 -12.70 -34.22
C ASP A 463 3.06 -12.31 -32.98
N ILE A 464 1.74 -12.20 -33.12
CA ILE A 464 0.87 -11.95 -31.98
C ILE A 464 0.59 -13.23 -31.19
N GLN A 465 0.92 -14.38 -31.74
CA GLN A 465 0.52 -15.69 -31.23
C GLN A 465 1.24 -16.10 -29.96
N THR A 466 1.94 -15.20 -29.27
CA THR A 466 2.52 -15.50 -27.97
C THR A 466 1.40 -15.72 -26.98
N TYR A 467 1.18 -16.98 -26.62
CA TYR A 467 0.18 -17.38 -25.64
C TYR A 467 0.80 -17.64 -24.27
N THR A 468 1.97 -17.08 -24.01
CA THR A 468 2.74 -17.41 -22.81
C THR A 468 3.32 -16.13 -22.24
N SER A 469 2.82 -15.73 -21.08
CA SER A 469 3.41 -14.65 -20.30
C SER A 469 4.27 -15.24 -19.19
N ILE A 470 5.36 -14.52 -18.88
CA ILE A 470 6.18 -14.94 -17.76
C ILE A 470 5.45 -14.71 -16.44
N ASN A 471 4.80 -13.57 -16.30
CA ASN A 471 3.98 -13.33 -15.13
C ASN A 471 2.60 -13.95 -15.33
N LYS A 472 2.07 -14.49 -14.23
CA LYS A 472 0.70 -15.02 -14.24
C LYS A 472 -0.34 -13.93 -14.37
N TYR A 473 -0.03 -12.68 -13.98
CA TYR A 473 -1.02 -11.62 -14.05
C TYR A 473 -1.13 -11.04 -15.45
N GLU A 474 -0.03 -11.01 -16.20
CA GLU A 474 -0.01 -10.39 -17.51
C GLU A 474 -0.70 -11.27 -18.54
N VAL A 475 -1.53 -10.64 -19.37
CA VAL A 475 -2.17 -11.32 -20.50
C VAL A 475 -1.19 -11.44 -21.66
N PRO A 476 -0.94 -12.65 -22.14
CA PRO A 476 -0.06 -12.83 -23.30
C PRO A 476 -0.69 -12.25 -24.55
N PRO A 477 0.13 -11.94 -25.56
CA PRO A 477 -0.40 -11.27 -26.77
C PRO A 477 -1.42 -12.08 -27.57
N ALA A 478 -1.39 -13.41 -27.49
CA ALA A 478 -2.36 -14.20 -28.24
C ALA A 478 -3.77 -14.09 -27.67
N TYR A 479 -3.91 -13.75 -26.39
CA TYR A 479 -5.22 -13.63 -25.77
C TYR A 479 -5.81 -12.22 -25.88
N SER A 480 -5.31 -11.41 -26.79
CA SER A 480 -5.72 -10.02 -26.85
C SER A 480 -6.80 -9.84 -27.92
N ARG A 481 -7.26 -8.60 -28.09
CA ARG A 481 -8.20 -8.32 -29.15
C ARG A 481 -7.49 -8.34 -30.49
N LEU A 482 -8.12 -8.96 -31.47
CA LEU A 482 -7.54 -8.77 -32.79
C LEU A 482 -8.20 -7.58 -33.49
N PRO A 483 -7.45 -6.82 -34.29
CA PRO A 483 -7.98 -5.57 -34.83
C PRO A 483 -9.08 -5.78 -35.87
N LEU A 484 -9.76 -4.68 -36.17
CA LEU A 484 -10.93 -4.69 -37.03
C LEU A 484 -10.57 -5.02 -38.47
N THR A 485 -11.55 -5.57 -39.19
CA THR A 485 -11.38 -6.01 -40.57
C THR A 485 -11.88 -4.88 -41.46
N SER A 486 -10.97 -3.96 -41.79
CA SER A 486 -11.28 -2.87 -42.71
C SER A 486 -11.57 -3.42 -44.10
N GLY A 487 -12.77 -3.15 -44.59
CA GLY A 487 -13.19 -3.57 -45.92
C GLY A 487 -12.65 -2.66 -47.01
N ARG A 488 -13.53 -2.20 -47.89
CA ARG A 488 -13.13 -1.37 -49.02
C ARG A 488 -12.77 0.03 -48.53
N PHE A 489 -11.59 0.14 -47.93
CA PHE A 489 -10.98 1.41 -47.60
C PHE A 489 -10.12 1.79 -48.81
N GLY A 490 -9.64 3.04 -48.83
CA GLY A 490 -9.03 3.61 -50.02
C GLY A 490 -7.85 2.85 -50.57
N THR A 491 -8.13 2.13 -51.68
CA THR A 491 -7.27 1.08 -52.25
C THR A 491 -6.85 0.05 -51.19
N ASP A 492 -7.71 -0.24 -50.22
CA ASP A 492 -7.30 -1.00 -49.06
C ASP A 492 -8.31 -2.10 -48.71
N ASN A 493 -7.85 -3.00 -47.84
CA ASN A 493 -8.57 -4.16 -47.31
C ASN A 493 -7.72 -4.71 -46.17
N PHE A 494 -8.34 -5.50 -45.31
CA PHE A 494 -7.63 -6.11 -44.18
C PHE A 494 -7.28 -7.56 -44.51
N ASP A 495 -6.15 -8.01 -43.96
CA ASP A 495 -5.60 -9.33 -44.28
C ASP A 495 -5.39 -10.11 -43.00
N PHE A 496 -5.24 -11.44 -43.15
CA PHE A 496 -5.31 -12.36 -42.04
C PHE A 496 -4.21 -13.41 -42.03
N THR A 497 -3.43 -13.54 -43.09
CA THR A 497 -2.45 -14.61 -43.27
C THR A 497 -1.36 -14.77 -42.21
N PRO A 498 -0.95 -13.72 -41.42
CA PRO A 498 -0.12 -14.05 -40.26
C PRO A 498 -0.89 -14.65 -39.09
N PHE A 499 -2.19 -14.37 -39.00
CA PHE A 499 -2.96 -14.81 -37.85
C PHE A 499 -3.20 -16.31 -37.86
N ASN A 500 -3.29 -16.92 -39.04
CA ASN A 500 -3.37 -18.37 -39.14
C ASN A 500 -2.40 -18.87 -40.19
N ASN A 501 -1.76 -19.99 -39.87
CA ASN A 501 -0.93 -20.71 -40.83
C ASN A 501 -1.43 -22.12 -41.07
N THR A 502 -2.52 -22.51 -40.43
CA THR A 502 -3.09 -23.84 -40.56
C THR A 502 -4.11 -23.85 -41.69
N GLU A 503 -4.94 -24.88 -41.75
CA GLU A 503 -5.97 -25.02 -42.76
C GLU A 503 -7.38 -24.94 -42.16
N TYR A 504 -7.55 -24.16 -41.11
CA TYR A 504 -8.81 -24.08 -40.39
C TYR A 504 -9.45 -22.71 -40.58
N SER A 505 -10.76 -22.72 -40.83
CA SER A 505 -11.46 -21.50 -41.18
C SER A 505 -11.68 -20.62 -39.96
N GLY A 506 -11.74 -19.31 -40.20
CA GLY A 506 -11.88 -18.33 -39.15
C GLY A 506 -13.22 -17.61 -39.23
N LEU A 507 -13.52 -16.89 -38.16
CA LEU A 507 -14.75 -16.14 -38.03
C LEU A 507 -14.48 -14.65 -38.10
N ASP A 508 -15.51 -13.87 -37.83
CA ASP A 508 -15.45 -12.42 -37.87
C ASP A 508 -16.41 -11.90 -36.81
N PRO A 509 -15.93 -11.16 -35.82
CA PRO A 509 -16.78 -10.79 -34.68
C PRO A 509 -17.76 -9.64 -34.94
N ASP A 510 -17.96 -9.25 -36.20
CA ASP A 510 -18.84 -8.13 -36.56
C ASP A 510 -20.31 -8.54 -36.58
N VAL A 511 -20.77 -9.18 -35.51
CA VAL A 511 -22.09 -9.77 -35.41
C VAL A 511 -22.59 -9.53 -33.99
N ASP A 512 -23.91 -9.49 -33.85
CA ASP A 512 -24.50 -9.02 -32.60
C ASP A 512 -24.56 -10.06 -31.51
N ASN A 513 -24.01 -11.26 -31.71
CA ASN A 513 -23.95 -12.20 -30.61
C ASN A 513 -22.92 -11.77 -29.59
N HIS A 514 -21.68 -11.52 -30.06
CA HIS A 514 -20.40 -11.33 -29.36
C HIS A 514 -19.97 -12.59 -28.61
N TYR A 515 -20.80 -13.62 -28.64
CA TYR A 515 -20.74 -14.76 -27.72
C TYR A 515 -20.59 -16.07 -28.47
N THR A 516 -21.48 -16.35 -29.40
CA THR A 516 -21.68 -17.70 -29.92
C THR A 516 -20.67 -18.06 -30.99
N ASN A 517 -19.75 -17.15 -31.32
CA ASN A 517 -18.66 -17.47 -32.22
C ASN A 517 -17.80 -18.60 -31.65
N ALA A 518 -17.57 -18.55 -30.34
CA ALA A 518 -16.95 -19.69 -29.67
C ALA A 518 -17.87 -20.90 -29.66
N ILE A 519 -19.19 -20.68 -29.59
CA ILE A 519 -20.11 -21.81 -29.66
C ILE A 519 -20.14 -22.39 -31.08
N ILE A 520 -19.90 -21.55 -32.09
CA ILE A 520 -19.70 -22.03 -33.46
C ILE A 520 -18.47 -22.94 -33.53
N GLN A 521 -17.32 -22.47 -33.03
CA GLN A 521 -16.11 -23.28 -33.07
C GLN A 521 -16.23 -24.52 -32.19
N LEU A 522 -17.06 -24.44 -31.16
CA LEU A 522 -17.31 -25.57 -30.27
C LEU A 522 -18.12 -26.64 -30.98
N TYR A 523 -19.33 -26.30 -31.40
CA TYR A 523 -20.26 -27.30 -31.92
C TYR A 523 -19.97 -27.68 -33.35
N ARG A 524 -18.99 -27.04 -34.00
CA ARG A 524 -18.44 -27.62 -35.21
C ARG A 524 -17.65 -28.89 -34.93
N PHE A 525 -17.14 -29.05 -33.71
CA PHE A 525 -16.23 -30.13 -33.38
C PHE A 525 -16.88 -31.25 -32.57
N ILE A 526 -18.12 -31.58 -32.88
CA ILE A 526 -18.77 -32.76 -32.29
C ILE A 526 -19.27 -33.61 -33.45
N PRO A 527 -18.63 -34.76 -33.73
CA PRO A 527 -18.94 -35.52 -34.95
C PRO A 527 -20.33 -36.10 -34.96
N GLU A 528 -20.90 -36.38 -33.78
CA GLU A 528 -22.32 -36.70 -33.67
C GLU A 528 -23.16 -35.54 -34.19
N MET A 529 -22.97 -34.35 -33.59
CA MET A 529 -23.66 -33.13 -33.99
C MET A 529 -23.35 -32.78 -35.44
N PHE A 530 -22.07 -32.87 -35.83
CA PHE A 530 -21.63 -32.45 -37.16
C PHE A 530 -22.22 -33.34 -38.24
N ASN A 531 -22.05 -34.66 -38.09
CA ASN A 531 -22.54 -35.59 -39.09
C ASN A 531 -24.07 -35.64 -39.10
N PHE A 532 -24.71 -35.38 -37.95
CA PHE A 532 -26.16 -35.27 -37.89
C PHE A 532 -26.65 -34.10 -38.75
N VAL A 533 -26.11 -32.91 -38.52
CA VAL A 533 -26.66 -31.75 -39.21
C VAL A 533 -26.26 -31.75 -40.68
N VAL A 534 -25.09 -32.28 -41.01
CA VAL A 534 -24.74 -32.40 -42.43
C VAL A 534 -25.52 -33.53 -43.10
N GLY A 535 -26.10 -34.45 -42.32
CA GLY A 535 -27.11 -35.33 -42.87
C GLY A 535 -28.44 -34.63 -43.05
N CYS A 536 -28.78 -33.71 -42.15
CA CYS A 536 -30.01 -32.94 -42.27
C CYS A 536 -29.98 -31.98 -43.46
N LEU A 537 -28.79 -31.60 -43.91
CA LEU A 537 -28.67 -30.59 -44.97
C LEU A 537 -29.11 -31.10 -46.33
N LYS A 538 -29.02 -32.41 -46.58
CA LYS A 538 -29.22 -32.91 -47.93
C LYS A 538 -30.68 -32.89 -48.36
N ASP A 539 -31.61 -32.85 -47.42
CA ASP A 539 -33.00 -32.59 -47.73
C ASP A 539 -33.24 -31.09 -47.74
N GLU A 540 -34.42 -30.68 -48.22
CA GLU A 540 -34.70 -29.25 -48.32
C GLU A 540 -34.89 -28.62 -46.95
N ASN A 541 -35.89 -29.10 -46.20
CA ASN A 541 -36.15 -28.72 -44.80
C ASN A 541 -36.36 -27.22 -44.65
N PHE A 542 -37.30 -26.68 -45.44
CA PHE A 542 -37.52 -25.23 -45.53
C PHE A 542 -37.98 -24.63 -44.22
N GLU A 543 -38.55 -25.43 -43.33
CA GLU A 543 -39.02 -24.96 -42.03
C GLU A 543 -37.89 -24.87 -40.99
N THR A 544 -36.83 -25.66 -41.15
CA THR A 544 -35.79 -25.76 -40.12
C THR A 544 -34.75 -24.69 -40.41
N THR A 545 -34.97 -23.50 -39.87
CA THR A 545 -34.14 -22.34 -40.15
C THR A 545 -32.72 -22.48 -39.60
N LEU A 546 -32.62 -22.53 -38.27
CA LEU A 546 -31.32 -22.55 -37.63
C LEU A 546 -30.55 -23.83 -37.90
N LEU A 547 -31.25 -24.96 -38.02
CA LEU A 547 -30.60 -26.24 -38.32
C LEU A 547 -29.90 -26.18 -39.67
N THR A 548 -30.62 -25.78 -40.71
CA THR A 548 -30.05 -25.68 -42.05
C THR A 548 -28.95 -24.63 -42.10
N ASP A 549 -29.19 -23.44 -41.53
CA ASP A 549 -28.25 -22.35 -41.73
C ASP A 549 -26.96 -22.56 -40.93
N LEU A 550 -27.09 -23.13 -39.73
CA LEU A 550 -25.94 -23.62 -38.98
C LEU A 550 -25.19 -24.68 -39.78
N GLY A 551 -25.92 -25.56 -40.46
CA GLY A 551 -25.27 -26.58 -41.26
C GLY A 551 -24.52 -26.00 -42.45
N TYR A 552 -25.11 -25.00 -43.10
CA TYR A 552 -24.42 -24.32 -44.21
C TYR A 552 -23.17 -23.63 -43.70
N LEU A 553 -23.26 -23.04 -42.51
CA LEU A 553 -22.11 -22.35 -41.93
C LEU A 553 -20.99 -23.34 -41.60
N PHE A 554 -21.34 -24.48 -41.02
CA PHE A 554 -20.31 -25.46 -40.70
C PHE A 554 -19.75 -26.13 -41.94
N ASP A 555 -20.57 -26.32 -42.98
CA ASP A 555 -20.04 -26.89 -44.21
C ASP A 555 -19.17 -25.90 -44.97
N MET A 556 -19.48 -24.61 -44.86
CA MET A 556 -18.63 -23.59 -45.45
C MET A 556 -17.29 -23.52 -44.76
N MET A 557 -17.31 -23.54 -43.41
CA MET A 557 -16.07 -23.62 -42.65
C MET A 557 -15.32 -24.92 -42.92
N GLU A 558 -16.05 -25.98 -43.27
CA GLU A 558 -15.42 -27.25 -43.61
C GLU A 558 -14.67 -27.14 -44.94
N ARG A 559 -15.38 -26.82 -46.02
CA ARG A 559 -14.76 -26.79 -47.34
C ARG A 559 -14.03 -25.49 -47.63
N SER A 560 -13.87 -24.60 -46.65
CA SER A 560 -13.12 -23.37 -46.90
C SER A 560 -11.61 -23.60 -46.78
N HIS A 561 -11.22 -24.48 -45.85
CA HIS A 561 -9.84 -24.95 -45.66
C HIS A 561 -8.88 -23.81 -45.33
N GLY A 562 -9.18 -23.12 -44.23
CA GLY A 562 -8.40 -21.98 -43.82
C GLY A 562 -8.92 -20.65 -44.31
N LYS A 563 -9.84 -20.65 -45.26
CA LYS A 563 -10.41 -19.40 -45.75
C LYS A 563 -11.28 -18.76 -44.67
N ILE A 564 -11.24 -17.43 -44.61
CA ILE A 564 -11.98 -16.70 -43.59
C ILE A 564 -13.48 -16.81 -43.85
N CYS A 565 -14.26 -16.78 -42.78
CA CYS A 565 -15.70 -16.86 -42.87
C CYS A 565 -16.30 -15.83 -41.93
N SER A 566 -17.59 -15.61 -42.10
CA SER A 566 -18.40 -14.81 -41.18
C SER A 566 -19.66 -15.58 -40.87
N SER A 567 -20.48 -15.04 -39.97
CA SER A 567 -21.68 -15.73 -39.52
C SER A 567 -22.95 -14.95 -39.82
N SER A 568 -22.88 -13.97 -40.73
CA SER A 568 -23.96 -13.01 -40.90
C SER A 568 -25.23 -13.65 -41.44
N ASN A 569 -25.12 -14.70 -42.25
CA ASN A 569 -26.28 -15.53 -42.57
C ASN A 569 -26.92 -16.08 -41.32
N PHE A 570 -26.14 -16.76 -40.49
CA PHE A 570 -26.73 -17.40 -39.32
C PHE A 570 -26.99 -16.39 -38.21
N GLN A 571 -26.19 -15.32 -38.13
CA GLN A 571 -26.49 -14.21 -37.22
C GLN A 571 -27.84 -13.59 -37.54
N ALA A 572 -28.05 -13.24 -38.82
CA ALA A 572 -29.31 -12.66 -39.23
C ALA A 572 -30.46 -13.65 -39.14
N SER A 573 -30.19 -14.94 -39.32
CA SER A 573 -31.25 -15.93 -39.25
C SER A 573 -31.70 -16.13 -37.80
N LEU A 574 -30.74 -16.33 -36.89
CA LEU A 574 -30.99 -16.38 -35.46
C LEU A 574 -31.67 -15.11 -34.99
N LYS A 575 -31.20 -13.96 -35.47
CA LYS A 575 -31.74 -12.69 -35.02
C LYS A 575 -33.18 -12.52 -35.49
N SER A 576 -33.41 -12.72 -36.79
CA SER A 576 -34.75 -12.56 -37.37
C SER A 576 -35.74 -13.57 -36.82
N LEU A 577 -35.27 -14.76 -36.42
CA LEU A 577 -36.14 -15.65 -35.67
C LEU A 577 -36.46 -15.05 -34.30
N THR A 578 -35.42 -14.67 -33.55
CA THR A 578 -35.64 -13.99 -32.28
C THR A 578 -36.18 -12.58 -32.44
N ASP A 579 -36.19 -12.03 -33.65
CA ASP A 579 -37.00 -10.85 -33.90
C ASP A 579 -38.47 -11.22 -34.08
N LYS A 580 -38.75 -12.41 -34.61
CA LYS A 580 -40.13 -12.86 -34.86
C LYS A 580 -40.74 -13.42 -33.57
N ARG A 581 -40.91 -12.53 -32.60
CA ARG A 581 -41.38 -12.89 -31.27
C ARG A 581 -42.54 -11.97 -30.89
N GLN A 582 -43.08 -12.19 -29.70
CA GLN A 582 -44.18 -11.38 -29.19
C GLN A 582 -43.71 -10.52 -28.02
N GLU A 593 -45.14 -20.27 -23.44
CA GLU A 593 -44.60 -21.63 -23.38
C GLU A 593 -43.29 -21.66 -22.61
N GLU A 594 -42.74 -22.87 -22.44
CA GLU A 594 -41.42 -23.01 -21.84
C GLU A 594 -40.34 -22.43 -22.76
N TYR A 595 -40.58 -22.46 -24.07
CA TYR A 595 -39.80 -21.66 -25.00
C TYR A 595 -39.91 -20.19 -24.64
N LEU A 596 -41.14 -19.69 -24.52
CA LEU A 596 -41.35 -18.29 -24.16
C LEU A 596 -40.95 -18.01 -22.72
N GLU A 597 -40.95 -19.02 -21.85
CA GLU A 597 -40.44 -18.80 -20.50
C GLU A 597 -38.93 -18.67 -20.51
N SER A 598 -38.25 -19.37 -21.42
CA SER A 598 -36.84 -19.08 -21.65
C SER A 598 -36.65 -17.71 -22.26
N LEU A 599 -37.60 -17.29 -23.10
CA LEU A 599 -37.50 -16.04 -23.83
C LEU A 599 -37.89 -14.81 -23.03
N CYS A 600 -38.49 -14.96 -21.84
CA CYS A 600 -39.01 -13.81 -21.11
C CYS A 600 -37.92 -12.87 -20.61
N ILE A 601 -36.68 -13.33 -20.48
CA ILE A 601 -35.56 -12.49 -20.08
C ILE A 601 -34.56 -12.34 -21.24
N ARG A 602 -34.90 -12.89 -22.41
CA ARG A 602 -33.95 -13.12 -23.48
C ARG A 602 -33.50 -11.83 -24.15
N GLU A 603 -34.46 -11.09 -24.72
CA GLU A 603 -34.24 -10.05 -25.72
C GLU A 603 -33.73 -8.72 -25.15
N SER A 604 -33.20 -8.69 -23.93
CA SER A 604 -32.70 -7.46 -23.32
C SER A 604 -31.27 -7.12 -23.75
N ILE A 605 -30.88 -7.56 -24.96
CA ILE A 605 -29.53 -7.39 -25.47
C ILE A 605 -29.31 -6.09 -26.25
N GLU A 606 -30.39 -5.40 -26.62
CA GLU A 606 -30.32 -4.26 -27.52
C GLU A 606 -29.68 -3.04 -26.87
N ASP A 607 -29.29 -2.09 -27.73
CA ASP A 607 -28.67 -0.81 -27.39
C ASP A 607 -27.34 -1.00 -26.63
N PHE A 608 -26.36 -1.53 -27.38
CA PHE A 608 -25.27 -2.39 -26.90
C PHE A 608 -24.48 -1.83 -25.71
N ASN A 609 -24.45 -0.50 -25.55
CA ASN A 609 -24.09 0.19 -24.32
C ASN A 609 -24.70 -0.44 -23.07
N SER A 610 -23.81 -0.91 -22.18
CA SER A 610 -24.09 -1.86 -21.11
C SER A 610 -22.82 -1.95 -20.28
N SER A 611 -23.00 -2.14 -18.96
CA SER A 611 -21.85 -2.44 -18.11
C SER A 611 -21.25 -3.81 -18.40
N GLU A 612 -22.06 -4.79 -18.79
CA GLU A 612 -21.60 -6.10 -19.22
C GLU A 612 -21.73 -6.26 -20.72
N SER A 613 -20.59 -6.29 -21.42
CA SER A 613 -20.62 -6.77 -22.81
C SER A 613 -20.66 -8.29 -22.83
N ILE A 614 -19.62 -8.93 -22.31
CA ILE A 614 -19.74 -10.31 -21.85
C ILE A 614 -20.52 -10.28 -20.55
N LYS A 615 -21.73 -10.84 -20.56
CA LYS A 615 -22.60 -10.80 -19.40
C LYS A 615 -22.68 -12.16 -18.73
N ARG A 616 -22.94 -12.10 -17.41
CA ARG A 616 -23.05 -13.24 -16.50
C ARG A 616 -23.81 -14.43 -17.04
N ASN A 617 -25.01 -14.19 -17.53
CA ASN A 617 -25.96 -15.26 -17.77
C ASN A 617 -26.41 -15.34 -19.22
N MET A 618 -25.89 -14.48 -20.09
CA MET A 618 -26.41 -14.42 -21.46
C MET A 618 -25.95 -15.60 -22.32
N PRO A 619 -24.64 -15.92 -22.48
CA PRO A 619 -24.29 -17.02 -23.40
C PRO A 619 -24.70 -18.38 -22.89
N GLN A 620 -24.89 -18.50 -21.57
CA GLN A 620 -25.43 -19.72 -20.98
C GLN A 620 -26.86 -19.98 -21.44
N LYS A 621 -27.74 -18.99 -21.27
CA LYS A 621 -29.10 -19.14 -21.79
C LYS A 621 -29.13 -19.21 -23.31
N PHE A 622 -28.15 -18.59 -23.98
CA PHE A 622 -28.13 -18.66 -25.43
C PHE A 622 -27.82 -20.06 -25.90
N ASN A 623 -26.85 -20.72 -25.26
CA ASN A 623 -26.56 -22.11 -25.59
C ASN A 623 -27.69 -23.03 -25.17
N ARG A 624 -28.32 -22.74 -24.02
CA ARG A 624 -29.49 -23.44 -23.50
C ARG A 624 -30.64 -23.47 -24.50
N PHE A 625 -31.20 -22.31 -24.81
CA PHE A 625 -32.32 -22.30 -25.73
C PHE A 625 -31.87 -22.45 -27.18
N LEU A 626 -30.58 -22.30 -27.45
CA LEU A 626 -30.05 -22.63 -28.77
C LEU A 626 -30.16 -24.12 -29.04
N LEU A 627 -29.69 -24.94 -28.09
CA LEU A 627 -29.85 -26.38 -28.23
C LEU A 627 -31.31 -26.79 -28.13
N SER A 628 -32.12 -26.04 -27.37
CA SER A 628 -33.57 -26.30 -27.32
C SER A 628 -34.21 -26.11 -28.69
N GLN A 629 -33.90 -25.00 -29.35
CA GLN A 629 -34.45 -24.75 -30.68
C GLN A 629 -33.83 -25.68 -31.73
N LEU A 630 -32.59 -26.12 -31.50
CA LEU A 630 -31.99 -27.15 -32.35
C LEU A 630 -32.76 -28.45 -32.26
N ILE A 631 -33.19 -28.84 -31.05
CA ILE A 631 -33.97 -30.06 -30.92
C ILE A 631 -35.42 -29.86 -31.37
N LYS A 632 -35.94 -28.63 -31.33
CA LYS A 632 -37.26 -28.36 -31.92
C LYS A 632 -37.24 -28.52 -33.43
N GLU A 633 -36.28 -27.87 -34.10
CA GLU A 633 -36.15 -28.00 -35.55
C GLU A 633 -35.70 -29.41 -35.94
N GLU A 634 -34.98 -30.09 -35.06
CA GLU A 634 -34.70 -31.51 -35.22
C GLU A 634 -35.99 -32.33 -35.19
N ALA A 635 -36.91 -31.96 -34.30
CA ALA A 635 -38.18 -32.65 -34.17
C ALA A 635 -39.15 -32.29 -35.28
N GLN A 636 -38.86 -31.23 -36.04
CA GLN A 636 -39.70 -30.84 -37.16
C GLN A 636 -38.91 -30.86 -38.47
N THR A 637 -38.12 -31.91 -38.69
CA THR A 637 -37.49 -32.14 -40.00
C THR A 637 -38.47 -32.85 -40.92
N VAL A 638 -37.94 -33.42 -42.01
CA VAL A 638 -38.72 -34.34 -42.82
C VAL A 638 -38.54 -35.79 -42.37
N ASN A 639 -37.77 -36.03 -41.32
CA ASN A 639 -37.51 -37.38 -40.85
C ASN A 639 -37.74 -37.51 -39.36
N HIS A 640 -37.61 -36.39 -38.64
CA HIS A 640 -38.08 -36.20 -37.25
C HIS A 640 -37.33 -37.13 -36.29
N ASN A 641 -36.00 -37.13 -36.40
CA ASN A 641 -35.20 -37.89 -35.45
C ASN A 641 -35.10 -37.15 -34.12
N ILE A 642 -34.68 -37.88 -33.09
CA ILE A 642 -34.38 -37.30 -31.79
C ILE A 642 -32.98 -37.74 -31.38
N THR A 643 -32.14 -37.98 -32.39
CA THR A 643 -30.81 -38.54 -32.17
C THR A 643 -29.94 -37.59 -31.35
N LEU A 644 -30.03 -36.29 -31.62
CA LEU A 644 -29.35 -35.32 -30.75
C LEU A 644 -30.02 -35.22 -29.40
N ASN A 645 -31.35 -35.40 -29.35
CA ASN A 645 -32.07 -35.26 -28.09
C ASN A 645 -31.70 -36.38 -27.13
N GLN A 646 -31.75 -37.62 -27.60
CA GLN A 646 -31.30 -38.74 -26.79
C GLN A 646 -29.79 -38.70 -26.58
N CYS A 647 -29.05 -38.31 -27.61
CA CYS A 647 -27.60 -38.36 -27.59
C CYS A 647 -26.99 -37.36 -26.63
N PHE A 648 -27.64 -36.20 -26.46
CA PHE A 648 -27.11 -35.14 -25.64
C PHE A 648 -27.89 -34.97 -24.34
N GLY A 649 -29.12 -35.47 -24.29
CA GLY A 649 -30.03 -35.12 -23.21
C GLY A 649 -29.73 -35.85 -21.92
N LEU A 650 -29.66 -35.09 -20.84
CA LEU A 650 -29.62 -35.64 -19.49
C LEU A 650 -31.05 -35.99 -19.08
N GLU A 651 -31.28 -37.25 -18.71
CA GLU A 651 -32.60 -37.70 -18.28
C GLU A 651 -32.91 -37.20 -16.88
N THR A 652 -33.14 -35.90 -16.74
CA THR A 652 -33.41 -35.31 -15.44
C THR A 652 -34.83 -35.65 -15.05
N GLU A 653 -35.00 -36.72 -14.28
CA GLU A 653 -36.23 -36.83 -13.51
C GLU A 653 -36.12 -35.80 -12.41
N ILE A 654 -36.85 -34.71 -12.59
CA ILE A 654 -36.90 -33.63 -11.62
C ILE A 654 -38.26 -33.72 -10.94
N ARG A 655 -38.22 -33.69 -9.62
CA ARG A 655 -39.36 -34.07 -8.78
C ARG A 655 -39.62 -32.84 -7.94
N THR A 656 -40.50 -31.99 -8.45
CA THR A 656 -40.89 -30.77 -7.77
C THR A 656 -41.94 -31.16 -6.76
N GLU A 657 -41.48 -31.54 -5.57
CA GLU A 657 -42.34 -32.06 -4.52
C GLU A 657 -42.94 -30.87 -3.77
N CYS A 658 -43.91 -30.24 -4.44
CA CYS A 658 -44.66 -29.13 -3.89
C CYS A 658 -45.47 -29.55 -2.67
N SER A 659 -46.47 -30.39 -2.90
CA SER A 659 -47.25 -31.00 -1.85
C SER A 659 -46.92 -32.48 -1.77
N CYS A 660 -47.55 -33.16 -0.82
CA CYS A 660 -47.50 -34.62 -0.81
C CYS A 660 -48.29 -35.20 -1.97
N ASP A 661 -49.34 -34.51 -2.40
CA ASP A 661 -50.18 -34.93 -3.52
C ASP A 661 -50.09 -33.98 -4.70
N HIS A 662 -50.22 -32.68 -4.46
CA HIS A 662 -50.23 -31.67 -5.53
C HIS A 662 -48.79 -31.27 -5.81
N TYR A 663 -48.11 -32.14 -6.56
CA TYR A 663 -46.71 -31.92 -6.87
C TYR A 663 -46.46 -32.46 -8.27
N ASP A 664 -45.19 -32.48 -8.69
CA ASP A 664 -44.88 -32.96 -10.03
C ASP A 664 -43.64 -33.84 -9.98
N THR A 665 -43.63 -34.84 -10.86
CA THR A 665 -42.42 -35.55 -11.27
C THR A 665 -42.38 -35.51 -12.80
N THR A 666 -41.23 -35.12 -13.35
CA THR A 666 -41.14 -34.98 -14.81
C THR A 666 -39.75 -35.39 -15.24
N VAL A 667 -39.67 -36.30 -16.20
CA VAL A 667 -38.40 -36.64 -16.84
C VAL A 667 -38.24 -35.72 -18.03
N LYS A 668 -37.32 -34.77 -17.93
CA LYS A 668 -36.98 -33.90 -19.04
C LYS A 668 -35.61 -34.28 -19.56
N LEU A 669 -35.47 -34.31 -20.89
CA LEU A 669 -34.25 -34.76 -21.52
C LEU A 669 -33.38 -33.52 -21.81
N LEU A 670 -32.94 -32.91 -20.71
CA LEU A 670 -32.26 -31.61 -20.73
C LEU A 670 -30.81 -31.75 -21.14
N PRO A 671 -30.41 -31.25 -22.31
CA PRO A 671 -29.10 -31.61 -22.87
C PRO A 671 -27.92 -30.96 -22.18
N SER A 672 -28.12 -29.86 -21.46
CA SER A 672 -27.02 -29.16 -20.81
C SER A 672 -27.10 -29.35 -19.31
N LEU A 673 -26.06 -28.89 -18.62
CA LEU A 673 -26.01 -28.91 -17.16
C LEU A 673 -25.51 -27.56 -16.69
N SER A 674 -26.44 -26.69 -16.32
CA SER A 674 -26.07 -25.47 -15.62
C SER A 674 -25.57 -25.81 -14.23
N ILE A 675 -24.47 -25.20 -13.82
CA ILE A 675 -23.86 -25.47 -12.52
C ILE A 675 -24.29 -24.31 -11.63
N SER A 676 -25.39 -24.53 -10.91
CA SER A 676 -25.80 -23.59 -9.86
C SER A 676 -24.75 -23.50 -8.76
N GLY A 677 -24.18 -24.63 -8.36
CA GLY A 677 -23.06 -24.59 -7.43
C GLY A 677 -23.45 -24.51 -5.98
N ILE A 678 -24.58 -25.11 -5.61
CA ILE A 678 -25.08 -25.05 -4.24
C ILE A 678 -24.13 -25.84 -3.34
N ASN A 679 -23.34 -25.10 -2.56
CA ASN A 679 -22.35 -25.54 -1.57
C ASN A 679 -21.12 -26.21 -2.20
N LYS A 680 -21.10 -26.41 -3.53
CA LYS A 680 -20.07 -27.14 -4.27
C LYS A 680 -19.83 -28.51 -3.66
N THR A 681 -20.85 -29.34 -3.69
CA THR A 681 -20.79 -30.60 -2.98
C THR A 681 -20.38 -31.72 -3.90
N GLY A 692 -12.70 -33.89 -3.75
CA GLY A 692 -13.25 -32.88 -2.86
C GLY A 692 -13.29 -31.50 -3.48
N GLN A 693 -12.11 -30.93 -3.71
CA GLN A 693 -12.05 -29.60 -4.31
C GLN A 693 -12.35 -29.63 -5.81
N ASN A 694 -12.22 -30.79 -6.44
CA ASN A 694 -12.25 -30.85 -7.90
C ASN A 694 -13.68 -30.91 -8.42
N ILE A 695 -13.80 -31.18 -9.71
CA ILE A 695 -15.04 -30.92 -10.44
C ILE A 695 -16.02 -32.09 -10.33
N LEU A 696 -15.51 -33.32 -10.30
CA LEU A 696 -16.37 -34.50 -10.34
C LEU A 696 -17.35 -34.64 -9.17
N PRO A 697 -17.00 -34.39 -7.90
CA PRO A 697 -18.06 -34.35 -6.88
C PRO A 697 -19.03 -33.21 -7.06
N TYR A 698 -18.63 -32.13 -7.73
CA TYR A 698 -19.56 -31.03 -7.92
C TYR A 698 -20.59 -31.42 -8.96
N ILE A 699 -20.16 -32.15 -9.99
CA ILE A 699 -21.09 -32.68 -10.98
C ILE A 699 -21.96 -33.75 -10.35
N GLU A 700 -21.39 -34.57 -9.46
CA GLU A 700 -22.17 -35.58 -8.76
C GLU A 700 -23.21 -34.96 -7.83
N TYR A 701 -22.93 -33.77 -7.28
CA TYR A 701 -23.97 -33.01 -6.62
C TYR A 701 -25.03 -32.57 -7.61
N ALA A 702 -24.60 -32.03 -8.75
CA ALA A 702 -25.54 -31.45 -9.71
C ALA A 702 -26.45 -32.49 -10.34
N MET A 703 -26.02 -33.75 -10.39
CA MET A 703 -26.90 -34.82 -10.86
C MET A 703 -28.02 -35.07 -9.87
N LYS A 704 -27.67 -35.47 -8.65
CA LYS A 704 -28.62 -35.82 -7.61
C LYS A 704 -28.53 -34.77 -6.51
N ASN A 705 -29.60 -33.98 -6.37
CA ASN A 705 -29.65 -33.00 -5.29
C ASN A 705 -31.08 -32.63 -4.94
N VAL A 706 -31.35 -32.54 -3.64
CA VAL A 706 -32.63 -32.09 -3.12
C VAL A 706 -32.41 -30.78 -2.38
N THR A 707 -33.44 -29.95 -2.39
CA THR A 707 -33.44 -28.69 -1.65
C THR A 707 -34.89 -28.34 -1.36
N GLN A 708 -35.11 -27.15 -0.82
CA GLN A 708 -36.46 -26.63 -0.64
C GLN A 708 -36.59 -25.31 -1.39
N LYS A 709 -37.79 -24.73 -1.32
CA LYS A 709 -38.15 -23.57 -2.09
C LYS A 709 -39.42 -23.01 -1.47
N ASN A 710 -39.66 -21.71 -1.66
CA ASN A 710 -40.82 -21.05 -1.10
C ASN A 710 -41.80 -20.61 -2.20
N SER A 711 -41.76 -21.26 -3.35
CA SER A 711 -42.70 -20.94 -4.42
C SER A 711 -44.10 -21.41 -4.04
N ILE A 712 -45.09 -20.58 -4.36
CA ILE A 712 -46.45 -20.80 -3.88
C ILE A 712 -47.13 -21.85 -4.75
N CYS A 713 -47.47 -22.98 -4.14
CA CYS A 713 -48.37 -23.91 -4.81
C CYS A 713 -49.78 -23.73 -4.26
N PRO A 714 -50.81 -23.84 -5.11
CA PRO A 714 -52.16 -23.41 -4.71
C PRO A 714 -52.81 -24.28 -3.65
N THR A 715 -52.33 -25.51 -3.42
CA THR A 715 -52.90 -26.36 -2.39
C THR A 715 -52.53 -25.93 -0.98
N CYS A 716 -51.56 -25.02 -0.81
CA CYS A 716 -51.19 -24.52 0.49
C CYS A 716 -51.74 -23.14 0.79
N GLY A 717 -51.99 -22.32 -0.23
CA GLY A 717 -52.51 -20.98 -0.03
C GLY A 717 -51.49 -19.97 0.46
N LYS A 718 -50.89 -20.25 1.61
CA LYS A 718 -49.86 -19.39 2.18
C LYS A 718 -48.51 -19.68 1.54
N THR A 719 -47.43 -19.20 2.16
CA THR A 719 -46.07 -19.41 1.67
C THR A 719 -45.70 -20.88 1.71
N GLU A 720 -45.67 -21.51 0.54
CA GLU A 720 -45.58 -22.96 0.42
C GLU A 720 -44.13 -23.40 0.55
N THR A 721 -43.80 -24.04 1.67
CA THR A 721 -42.44 -24.53 1.93
C THR A 721 -42.25 -25.87 1.22
N ILE A 722 -42.08 -25.77 -0.09
CA ILE A 722 -42.04 -26.94 -0.95
C ILE A 722 -40.61 -27.47 -1.00
N THR A 723 -40.45 -28.71 -1.44
CA THR A 723 -39.11 -29.22 -1.67
C THR A 723 -39.01 -29.71 -3.10
N GLN A 724 -37.79 -30.09 -3.50
CA GLN A 724 -37.57 -30.46 -4.89
C GLN A 724 -36.26 -31.23 -4.98
N GLU A 725 -36.32 -32.41 -5.61
CA GLU A 725 -35.14 -33.23 -5.84
C GLU A 725 -34.92 -33.43 -7.32
N CYS A 726 -33.68 -33.66 -7.70
CA CYS A 726 -33.30 -33.76 -9.10
C CYS A 726 -32.38 -34.96 -9.24
N THR A 727 -32.64 -35.77 -10.26
CA THR A 727 -31.84 -36.97 -10.50
C THR A 727 -31.75 -37.19 -12.01
N VAL A 728 -30.54 -37.09 -12.56
CA VAL A 728 -30.34 -37.45 -13.96
C VAL A 728 -30.27 -38.97 -14.06
N LYS A 729 -31.09 -39.55 -14.93
CA LYS A 729 -31.20 -40.99 -15.01
C LYS A 729 -30.33 -41.63 -16.08
N ASN A 730 -29.76 -40.86 -17.00
CA ASN A 730 -28.90 -41.44 -18.01
C ASN A 730 -27.47 -40.93 -17.86
N LEU A 731 -26.63 -41.36 -18.80
CA LEU A 731 -25.32 -40.76 -19.03
C LEU A 731 -25.15 -40.61 -20.53
N PRO A 732 -25.61 -39.50 -21.10
CA PRO A 732 -25.43 -39.27 -22.54
C PRO A 732 -23.96 -39.02 -22.85
N SER A 733 -23.60 -39.31 -24.11
CA SER A 733 -22.19 -39.38 -24.49
C SER A 733 -21.51 -38.02 -24.51
N VAL A 734 -22.28 -36.93 -24.49
CA VAL A 734 -21.76 -35.57 -24.43
C VAL A 734 -22.39 -34.87 -23.24
N LEU A 735 -21.55 -34.24 -22.42
CA LEU A 735 -21.97 -33.59 -21.18
C LEU A 735 -21.56 -32.12 -21.21
N SER A 736 -22.54 -31.24 -21.15
CA SER A 736 -22.27 -29.81 -21.05
C SER A 736 -22.13 -29.39 -19.60
N LEU A 737 -21.43 -28.27 -19.40
CA LEU A 737 -21.22 -27.70 -18.07
C LEU A 737 -21.21 -26.18 -18.22
N GLU A 738 -22.33 -25.55 -17.87
CA GLU A 738 -22.41 -24.10 -17.82
C GLU A 738 -22.28 -23.65 -16.37
N LEU A 739 -21.41 -22.68 -16.12
CA LEU A 739 -21.03 -22.29 -14.78
C LEU A 739 -21.77 -21.05 -14.33
N SER A 740 -22.20 -21.04 -13.07
CA SER A 740 -22.78 -19.85 -12.44
C SER A 740 -22.50 -19.95 -10.95
N LEU A 741 -21.42 -19.31 -10.49
CA LEU A 741 -20.98 -19.44 -9.11
C LEU A 741 -20.24 -18.17 -8.71
N LEU A 742 -19.92 -18.06 -7.42
CA LEU A 742 -19.21 -16.92 -6.90
C LEU A 742 -17.71 -17.03 -7.17
N ASP A 743 -17.05 -15.88 -7.18
CA ASP A 743 -15.65 -15.76 -7.57
C ASP A 743 -14.69 -16.38 -6.57
N THR A 744 -15.16 -16.69 -5.36
CA THR A 744 -14.36 -17.42 -4.39
C THR A 744 -13.93 -18.77 -4.93
N GLU A 745 -14.88 -19.55 -5.46
CA GLU A 745 -14.53 -20.86 -5.97
C GLU A 745 -13.78 -20.75 -7.29
N PHE A 746 -13.99 -19.68 -8.04
CA PHE A 746 -13.17 -19.42 -9.22
C PHE A 746 -11.71 -19.17 -8.85
N SER A 747 -11.49 -18.41 -7.79
CA SER A 747 -10.12 -18.21 -7.30
C SER A 747 -9.57 -19.50 -6.68
N ASN A 748 -10.45 -20.37 -6.18
CA ASN A 748 -9.98 -21.66 -5.69
C ASN A 748 -9.55 -22.56 -6.85
N ILE A 749 -10.25 -22.48 -7.99
CA ILE A 749 -9.81 -23.18 -9.19
C ILE A 749 -8.50 -22.58 -9.70
N ARG A 750 -8.36 -21.26 -9.56
CA ARG A 750 -7.07 -20.61 -9.77
C ARG A 750 -6.00 -21.08 -8.80
N SER A 751 -6.39 -21.59 -7.63
CA SER A 751 -5.42 -22.20 -6.73
C SER A 751 -5.27 -23.69 -6.96
N SER A 752 -6.37 -24.40 -7.21
CA SER A 752 -6.33 -25.85 -7.42
C SER A 752 -5.73 -26.14 -8.79
N LYS A 753 -4.48 -26.60 -8.81
CA LYS A 753 -3.84 -26.97 -10.06
C LYS A 753 -4.38 -28.29 -10.55
N ASN A 754 -4.75 -28.34 -11.83
CA ASN A 754 -5.49 -29.44 -12.46
C ASN A 754 -6.77 -29.72 -11.68
N TRP A 755 -7.50 -28.64 -11.40
CA TRP A 755 -8.80 -28.72 -10.76
C TRP A 755 -9.79 -29.54 -11.59
N LEU A 756 -9.95 -29.17 -12.85
CA LEU A 756 -10.83 -29.87 -13.74
C LEU A 756 -10.26 -31.24 -14.10
N THR A 757 -11.15 -32.12 -14.55
CA THR A 757 -10.80 -33.49 -14.87
C THR A 757 -10.70 -33.64 -16.39
N SER A 758 -9.62 -34.26 -16.85
CA SER A 758 -9.42 -34.45 -18.28
C SER A 758 -10.32 -35.54 -18.84
N GLU A 759 -10.37 -36.69 -18.18
CA GLU A 759 -11.20 -37.79 -18.64
C GLU A 759 -11.65 -38.61 -17.45
N PHE A 760 -12.96 -38.63 -17.20
CA PHE A 760 -13.53 -39.33 -16.06
C PHE A 760 -14.46 -40.44 -16.53
N TYR A 761 -14.68 -41.40 -15.64
CA TYR A 761 -15.54 -42.55 -15.92
C TYR A 761 -16.73 -42.51 -14.97
N GLY A 762 -17.93 -42.58 -15.54
CA GLY A 762 -19.14 -42.46 -14.76
C GLY A 762 -20.08 -43.63 -14.87
N SER A 763 -20.92 -43.81 -13.86
CA SER A 763 -21.85 -44.93 -13.82
C SER A 763 -23.01 -44.60 -12.91
N ILE A 764 -24.19 -45.14 -13.25
CA ILE A 764 -25.38 -44.95 -12.43
C ILE A 764 -25.27 -45.90 -11.24
N ILE A 765 -24.86 -45.37 -10.08
CA ILE A 765 -25.14 -46.05 -8.83
C ILE A 765 -26.56 -45.64 -8.49
N LYS A 766 -27.17 -46.28 -7.47
CA LYS A 766 -28.60 -46.45 -7.23
C LYS A 766 -29.47 -45.23 -7.48
N ASN A 767 -29.02 -44.05 -7.04
CA ASN A 767 -29.79 -42.83 -7.25
C ASN A 767 -28.94 -41.70 -7.82
N LYS A 768 -27.75 -42.00 -8.34
CA LYS A 768 -26.84 -40.93 -8.72
C LYS A 768 -25.82 -41.46 -9.71
N ALA A 769 -25.46 -40.65 -10.69
CA ALA A 769 -24.30 -40.98 -11.50
C ALA A 769 -23.06 -40.69 -10.67
N VAL A 770 -22.44 -41.73 -10.12
CA VAL A 770 -21.13 -41.58 -9.54
C VAL A 770 -20.12 -41.36 -10.66
N LEU A 771 -19.29 -40.33 -10.51
CA LEU A 771 -18.40 -39.87 -11.56
C LEU A 771 -16.99 -39.94 -11.01
N ARG A 772 -16.37 -41.11 -11.11
CA ARG A 772 -15.04 -41.27 -10.59
C ARG A 772 -14.03 -41.02 -11.72
N SER A 773 -12.75 -41.07 -11.39
CA SER A 773 -11.75 -40.97 -12.45
C SER A 773 -11.72 -42.25 -13.27
N THR A 774 -11.40 -43.36 -12.63
CA THR A 774 -11.51 -44.69 -13.23
C THR A 774 -12.59 -45.48 -12.53
N ALA A 775 -12.87 -46.67 -13.06
CA ALA A 775 -13.85 -47.55 -12.43
C ALA A 775 -13.33 -48.17 -11.16
N SER A 776 -12.01 -48.24 -10.99
CA SER A 776 -11.42 -48.87 -9.82
C SER A 776 -11.70 -48.09 -8.54
N GLU A 777 -11.98 -46.79 -8.65
CA GLU A 777 -12.44 -46.03 -7.50
C GLU A 777 -13.84 -46.49 -7.08
N LEU A 778 -14.79 -46.45 -8.01
CA LEU A 778 -16.13 -46.99 -7.77
C LEU A 778 -16.78 -47.26 -9.12
N LYS A 779 -17.13 -48.52 -9.39
CA LYS A 779 -17.68 -48.92 -10.69
C LYS A 779 -19.15 -48.55 -10.89
N GLY A 780 -19.81 -48.00 -9.88
CA GLY A 780 -21.23 -47.75 -10.00
C GLY A 780 -22.04 -49.04 -9.98
N THR A 781 -23.30 -48.91 -10.38
CA THR A 781 -24.13 -50.08 -10.63
C THR A 781 -24.54 -50.22 -12.09
N SER A 782 -24.09 -49.34 -12.99
CA SER A 782 -24.57 -49.42 -14.37
C SER A 782 -23.53 -48.86 -15.34
N HIS A 783 -22.79 -49.76 -15.99
CA HIS A 783 -22.19 -49.56 -17.32
C HIS A 783 -21.21 -48.37 -17.35
N ILE A 784 -20.04 -48.59 -16.76
CA ILE A 784 -18.89 -47.68 -16.86
C ILE A 784 -18.63 -47.23 -18.29
N PHE A 785 -18.65 -45.92 -18.51
CA PHE A 785 -18.40 -45.32 -19.81
C PHE A 785 -17.00 -44.74 -19.84
N LYS A 786 -16.69 -44.00 -20.91
CA LYS A 786 -15.34 -43.49 -21.15
C LYS A 786 -15.49 -42.06 -21.69
N TYR A 787 -15.52 -41.09 -20.79
CA TYR A 787 -15.89 -39.71 -21.11
C TYR A 787 -14.66 -38.81 -21.09
N GLU A 788 -14.22 -38.40 -22.27
CA GLU A 788 -13.03 -37.56 -22.44
C GLU A 788 -13.45 -36.14 -22.83
N LEU A 789 -12.79 -35.17 -22.21
CA LEU A 789 -13.08 -33.77 -22.50
C LEU A 789 -12.62 -33.40 -23.91
N ASN A 790 -13.46 -32.65 -24.63
CA ASN A 790 -13.01 -32.09 -25.89
C ASN A 790 -12.50 -30.67 -25.70
N GLY A 791 -13.32 -29.79 -25.14
CA GLY A 791 -12.88 -28.42 -25.00
C GLY A 791 -13.84 -27.60 -24.17
N TYR A 792 -13.60 -26.30 -24.18
CA TYR A 792 -14.43 -25.35 -23.45
C TYR A 792 -14.27 -23.96 -24.05
N VAL A 793 -14.99 -23.02 -23.44
CA VAL A 793 -14.96 -21.62 -23.81
C VAL A 793 -14.33 -20.85 -22.67
N ALA A 794 -13.26 -20.13 -22.97
CA ALA A 794 -12.52 -19.35 -21.98
C ALA A 794 -12.88 -17.89 -22.11
N LYS A 795 -13.44 -17.33 -21.04
CA LYS A 795 -13.59 -15.88 -20.93
C LYS A 795 -12.27 -15.27 -20.49
N ILE A 796 -11.79 -14.30 -21.27
CA ILE A 796 -10.60 -13.54 -20.92
C ILE A 796 -11.03 -12.12 -20.60
N THR A 797 -10.85 -11.74 -19.36
CA THR A 797 -11.07 -10.37 -18.88
C THR A 797 -9.67 -9.81 -18.62
N ASP A 798 -9.12 -9.09 -19.58
CA ASP A 798 -7.69 -8.87 -19.64
C ASP A 798 -7.25 -7.78 -18.67
N ASN A 799 -5.98 -7.38 -18.78
CA ASN A 799 -5.48 -6.28 -17.96
C ASN A 799 -6.06 -4.95 -18.43
N ASN A 800 -6.46 -4.86 -19.69
CA ASN A 800 -7.07 -3.67 -20.26
C ASN A 800 -8.57 -3.64 -20.05
N ASN A 801 -9.09 -4.55 -19.21
CA ASN A 801 -10.51 -4.66 -18.85
C ASN A 801 -11.37 -4.94 -20.09
N GLU A 802 -10.85 -5.75 -21.00
CA GLU A 802 -11.57 -6.19 -22.19
C GLU A 802 -11.97 -7.64 -21.99
N THR A 803 -13.24 -7.93 -22.15
CA THR A 803 -13.79 -9.26 -21.95
C THR A 803 -14.10 -9.87 -23.31
N ARG A 804 -13.43 -10.96 -23.64
CA ARG A 804 -13.70 -11.67 -24.89
C ARG A 804 -13.68 -13.17 -24.63
N LEU A 805 -13.89 -13.95 -25.68
CA LEU A 805 -14.03 -15.39 -25.59
C LEU A 805 -13.02 -16.07 -26.51
N VAL A 806 -12.56 -17.24 -26.08
CA VAL A 806 -11.61 -18.06 -26.83
C VAL A 806 -12.01 -19.52 -26.72
N THR A 807 -12.12 -20.20 -27.85
CA THR A 807 -12.33 -21.63 -27.86
C THR A 807 -11.04 -22.35 -27.51
N TYR A 808 -11.10 -23.27 -26.55
CA TYR A 808 -10.13 -24.34 -26.44
C TYR A 808 -10.80 -25.63 -26.91
N VAL A 809 -10.13 -26.38 -27.77
CA VAL A 809 -10.66 -27.66 -28.20
C VAL A 809 -9.48 -28.61 -28.35
N LYS A 810 -9.77 -29.90 -28.38
CA LYS A 810 -8.77 -30.94 -28.57
C LYS A 810 -9.22 -31.78 -29.76
N LYS A 811 -8.78 -31.37 -30.94
CA LYS A 811 -9.07 -32.12 -32.15
C LYS A 811 -8.33 -33.46 -32.14
N TYR A 812 -9.10 -34.52 -32.35
CA TYR A 812 -8.55 -35.85 -32.53
C TYR A 812 -8.04 -36.04 -33.95
N ASN A 813 -6.94 -36.77 -34.08
CA ASN A 813 -6.44 -37.20 -35.36
C ASN A 813 -6.55 -38.71 -35.46
N PRO A 814 -7.35 -39.25 -36.39
CA PRO A 814 -7.33 -40.69 -36.63
C PRO A 814 -6.21 -41.13 -37.55
N LYS A 815 -5.64 -40.22 -38.33
CA LYS A 815 -4.50 -40.57 -39.18
C LYS A 815 -3.29 -40.91 -38.34
N GLU A 816 -3.13 -40.23 -37.21
CA GLU A 816 -2.05 -40.52 -36.29
C GLU A 816 -2.55 -40.96 -34.92
N ASN A 817 -3.88 -41.01 -34.74
CA ASN A 817 -4.55 -41.43 -33.49
C ASN A 817 -4.13 -40.56 -32.32
N CYS A 818 -3.88 -39.29 -32.57
CA CYS A 818 -3.33 -38.39 -31.59
C CYS A 818 -4.32 -37.27 -31.32
N PHE A 819 -3.87 -36.24 -30.61
CA PHE A 819 -4.74 -35.13 -30.26
C PHE A 819 -3.98 -33.83 -30.40
N LYS A 820 -4.73 -32.73 -30.39
CA LYS A 820 -4.14 -31.41 -30.34
C LYS A 820 -5.11 -30.45 -29.68
N TRP A 821 -4.55 -29.46 -28.99
CA TRP A 821 -5.36 -28.44 -28.32
C TRP A 821 -5.33 -27.16 -29.14
N LEU A 822 -6.32 -27.02 -30.02
CA LEU A 822 -6.46 -25.82 -30.81
C LEU A 822 -7.05 -24.70 -29.96
N MET A 823 -6.29 -23.62 -29.85
CA MET A 823 -6.79 -22.35 -29.35
C MET A 823 -7.34 -21.58 -30.54
N PHE A 824 -8.61 -21.19 -30.44
CA PHE A 824 -9.27 -20.32 -31.41
C PHE A 824 -9.64 -19.00 -30.74
N ASN A 825 -8.91 -17.94 -31.06
CA ASN A 825 -9.51 -16.62 -30.97
C ASN A 825 -10.21 -16.40 -32.30
N ASP A 826 -10.95 -15.28 -32.42
CA ASP A 826 -11.94 -14.93 -33.45
C ASP A 826 -11.57 -15.38 -34.86
N TYR A 827 -10.31 -15.16 -35.23
CA TYR A 827 -9.73 -15.85 -36.37
C TYR A 827 -8.31 -16.32 -36.10
N LEU A 828 -7.83 -16.21 -34.86
CA LEU A 828 -6.50 -16.70 -34.52
C LEU A 828 -6.57 -18.19 -34.23
N VAL A 829 -5.71 -18.97 -34.89
CA VAL A 829 -5.72 -20.42 -34.78
C VAL A 829 -4.31 -20.88 -34.43
N VAL A 830 -4.13 -21.41 -33.21
CA VAL A 830 -2.86 -22.01 -32.82
C VAL A 830 -3.14 -23.33 -32.10
N GLU A 831 -2.07 -24.04 -31.75
CA GLU A 831 -2.13 -25.18 -30.85
C GLU A 831 -1.32 -24.87 -29.60
N ILE A 832 -1.92 -25.09 -28.44
CA ILE A 832 -1.24 -24.98 -27.17
C ILE A 832 -1.14 -26.37 -26.54
N THR A 833 -0.42 -26.46 -25.44
CA THR A 833 -0.32 -27.74 -24.75
C THR A 833 -1.60 -28.01 -23.96
N GLU A 834 -1.71 -29.24 -23.49
CA GLU A 834 -2.90 -29.63 -22.73
C GLU A 834 -2.92 -28.98 -21.35
N GLU A 835 -1.79 -28.99 -20.65
CA GLU A 835 -1.78 -28.48 -19.29
C GLU A 835 -1.93 -26.97 -19.26
N GLU A 836 -1.41 -26.27 -20.27
CA GLU A 836 -1.74 -24.86 -20.43
C GLU A 836 -3.23 -24.67 -20.70
N ALA A 837 -3.80 -25.54 -21.53
CA ALA A 837 -5.26 -25.55 -21.68
C ALA A 837 -5.94 -26.00 -20.40
N LEU A 838 -5.29 -26.83 -19.60
CA LEU A 838 -5.82 -27.15 -18.29
C LEU A 838 -5.45 -26.12 -17.23
N LYS A 839 -4.56 -25.17 -17.54
CA LYS A 839 -4.11 -24.22 -16.54
C LYS A 839 -5.20 -23.19 -16.28
N MET A 840 -5.69 -23.16 -15.05
CA MET A 840 -6.74 -22.24 -14.66
C MET A 840 -6.25 -21.20 -13.67
N THR A 841 -4.94 -21.18 -13.41
CA THR A 841 -4.37 -20.38 -12.33
C THR A 841 -4.28 -18.90 -12.66
N TYR A 842 -4.55 -18.51 -13.90
CA TYR A 842 -4.45 -17.09 -14.24
C TYR A 842 -5.63 -16.33 -13.66
N PRO A 843 -5.41 -15.10 -13.19
CA PRO A 843 -6.54 -14.25 -12.79
C PRO A 843 -7.36 -13.76 -13.98
N TRP A 844 -6.77 -13.71 -15.17
CA TRP A 844 -7.45 -13.20 -16.35
C TRP A 844 -8.22 -14.26 -17.12
N LYS A 845 -8.21 -15.51 -16.66
CA LYS A 845 -8.70 -16.63 -17.44
C LYS A 845 -9.81 -17.33 -16.66
N THR A 846 -10.96 -17.54 -17.32
CA THR A 846 -12.07 -18.19 -16.62
C THR A 846 -12.88 -19.11 -17.53
N PRO A 847 -12.95 -20.41 -17.22
CA PRO A 847 -13.82 -21.30 -18.00
C PRO A 847 -15.27 -21.10 -17.63
N GLU A 848 -16.14 -21.18 -18.63
CA GLU A 848 -17.57 -21.12 -18.33
C GLU A 848 -18.39 -22.23 -18.98
N ILE A 849 -18.05 -22.61 -20.21
CA ILE A 849 -18.89 -23.51 -20.99
C ILE A 849 -18.02 -24.68 -21.42
N ILE A 850 -18.26 -25.85 -20.83
CA ILE A 850 -17.34 -26.98 -20.86
C ILE A 850 -18.05 -28.16 -21.49
N ILE A 851 -17.44 -28.78 -22.50
CA ILE A 851 -18.07 -29.88 -23.22
C ILE A 851 -17.19 -31.12 -23.05
N TYR A 852 -17.55 -31.97 -22.10
CA TYR A 852 -17.08 -33.35 -22.11
C TYR A 852 -17.75 -34.11 -23.24
N CYS A 853 -16.98 -34.94 -23.93
CA CYS A 853 -17.55 -35.87 -24.88
C CYS A 853 -17.28 -37.28 -24.39
N ASP A 854 -17.78 -38.26 -25.13
CA ASP A 854 -17.30 -39.62 -24.96
C ASP A 854 -16.00 -39.77 -25.73
N ALA A 855 -15.06 -40.54 -25.17
CA ALA A 855 -13.73 -40.67 -25.76
C ALA A 855 -13.80 -41.32 -27.14
N GLU A 856 -14.61 -42.36 -27.27
CA GLU A 856 -14.83 -42.97 -28.58
C GLU A 856 -15.61 -42.02 -29.48
N GLU A 857 -16.54 -41.25 -28.92
CA GLU A 857 -17.25 -40.26 -29.70
C GLU A 857 -16.41 -39.01 -29.94
N LEU A 858 -15.39 -38.78 -29.12
CA LEU A 858 -14.35 -37.83 -29.51
C LEU A 858 -13.51 -38.39 -30.65
N ARG A 859 -13.39 -39.71 -30.75
CA ARG A 859 -12.64 -40.33 -31.82
C ARG A 859 -13.49 -40.68 -33.03
N LYS A 860 -14.63 -40.02 -33.22
CA LYS A 860 -15.33 -40.29 -34.47
C LYS A 860 -14.90 -39.30 -35.55
N PRO A 861 -14.94 -39.69 -36.82
CA PRO A 861 -14.60 -38.76 -37.89
C PRO A 861 -15.79 -37.90 -38.34
N PHE A 862 -15.45 -36.79 -38.96
CA PHE A 862 -16.43 -35.94 -39.62
C PHE A 862 -16.79 -36.51 -40.99
N PHE A 863 -17.93 -36.07 -41.51
CA PHE A 863 -18.36 -36.47 -42.85
C PHE A 863 -19.03 -35.28 -43.52
N SER A 864 -19.00 -35.28 -44.85
CA SER A 864 -19.57 -34.18 -45.62
C SER A 864 -20.91 -34.58 -46.21
N VAL A 865 -21.58 -33.59 -46.81
CA VAL A 865 -22.78 -33.87 -47.59
C VAL A 865 -22.43 -34.17 -49.04
N ASP A 866 -21.19 -33.91 -49.46
CA ASP A 866 -20.71 -34.39 -50.75
C ASP A 866 -20.63 -35.91 -50.78
N THR A 867 -20.45 -36.54 -49.61
CA THR A 867 -20.60 -37.98 -49.48
C THR A 867 -22.05 -38.44 -49.49
N TYR A 868 -23.01 -37.51 -49.45
CA TYR A 868 -24.41 -37.83 -49.27
C TYR A 868 -25.16 -37.62 -50.59
N SER A 869 -26.48 -37.79 -50.52
CA SER A 869 -27.36 -37.61 -51.67
C SER A 869 -28.32 -36.47 -51.37
N ILE A 870 -28.26 -35.41 -52.19
CA ILE A 870 -28.91 -34.15 -51.88
C ILE A 870 -30.08 -33.96 -52.83
N ASN A 871 -31.14 -33.34 -52.33
CA ASN A 871 -32.22 -32.92 -53.21
C ASN A 871 -31.75 -31.77 -54.10
N TYR A 872 -32.31 -31.70 -55.29
CA TYR A 872 -31.97 -30.65 -56.24
C TYR A 872 -33.19 -30.01 -56.89
N ASP A 873 -34.40 -30.50 -56.63
CA ASP A 873 -35.56 -30.14 -57.44
C ASP A 873 -36.02 -28.70 -57.21
N ILE A 874 -35.64 -28.09 -56.08
CA ILE A 874 -35.94 -26.68 -55.84
C ILE A 874 -35.25 -25.78 -56.86
N LEU A 875 -34.11 -26.22 -57.42
CA LEU A 875 -33.55 -25.57 -58.58
C LEU A 875 -34.45 -25.71 -59.80
N PHE A 876 -35.17 -26.81 -59.91
CA PHE A 876 -35.93 -27.13 -61.12
C PHE A 876 -37.37 -26.68 -61.02
N ARG A 877 -37.69 -25.81 -60.07
CA ARG A 877 -39.04 -25.30 -59.89
C ARG A 877 -38.95 -23.95 -59.20
N ASP A 878 -40.09 -23.28 -59.11
CA ASP A 878 -40.20 -22.10 -58.28
C ASP A 878 -40.96 -22.42 -57.00
N TYR A 879 -40.74 -21.58 -55.99
CA TYR A 879 -41.48 -21.68 -54.73
C TYR A 879 -41.42 -20.30 -54.07
N PHE A 880 -42.51 -19.55 -54.17
CA PHE A 880 -42.52 -18.19 -53.63
C PHE A 880 -43.91 -17.87 -53.11
N ALA A 881 -43.94 -17.20 -51.96
CA ALA A 881 -45.18 -16.87 -51.28
C ALA A 881 -45.68 -15.47 -51.63
N ASN A 882 -45.09 -14.83 -52.64
CA ASN A 882 -45.67 -13.61 -53.19
C ASN A 882 -46.88 -13.94 -54.05
N GLY A 883 -46.67 -14.76 -55.09
CA GLY A 883 -47.71 -15.18 -56.00
C GLY A 883 -48.23 -14.12 -56.95
N ILE A 884 -47.79 -12.87 -56.85
CA ILE A 884 -48.16 -11.87 -57.84
C ILE A 884 -47.48 -12.17 -59.18
N ARG A 885 -46.15 -12.36 -59.15
CA ARG A 885 -45.32 -12.79 -60.29
C ARG A 885 -45.42 -11.84 -61.48
N ASP A 886 -45.66 -10.56 -61.21
CA ASP A 886 -45.75 -9.57 -62.28
C ASP A 886 -44.34 -9.13 -62.68
N THR A 887 -44.27 -8.10 -63.53
CA THR A 887 -43.12 -7.82 -64.40
C THR A 887 -42.68 -9.09 -65.12
N ALA A 888 -43.64 -9.73 -65.79
CA ALA A 888 -43.40 -10.97 -66.51
C ALA A 888 -42.64 -10.66 -67.79
N ARG A 889 -41.33 -10.46 -67.64
CA ARG A 889 -40.40 -10.18 -68.72
C ARG A 889 -39.97 -11.50 -69.36
N ARG A 890 -38.85 -11.48 -70.10
CA ARG A 890 -38.17 -12.74 -70.36
C ARG A 890 -37.75 -13.28 -69.01
N GLU A 891 -38.52 -14.22 -68.50
CA GLU A 891 -38.73 -14.36 -67.07
C GLU A 891 -37.60 -15.15 -66.41
N TYR A 892 -37.75 -15.30 -65.11
CA TYR A 892 -36.94 -16.22 -64.31
C TYR A 892 -37.38 -17.65 -64.65
N LYS A 893 -36.88 -18.12 -65.79
CA LYS A 893 -37.42 -19.34 -66.39
C LYS A 893 -36.88 -20.56 -65.68
N LEU A 894 -37.75 -21.54 -65.47
CA LEU A 894 -37.51 -22.60 -64.52
C LEU A 894 -36.59 -23.65 -65.12
N LEU A 895 -35.74 -24.24 -64.28
CA LEU A 895 -34.85 -25.28 -64.75
C LEU A 895 -35.61 -26.58 -65.00
N THR A 896 -35.16 -27.31 -66.01
CA THR A 896 -35.50 -28.70 -66.19
C THR A 896 -34.21 -29.50 -66.30
N HIS A 897 -34.35 -30.82 -66.33
CA HIS A 897 -33.17 -31.67 -66.22
C HIS A 897 -32.47 -31.88 -67.56
N ASP A 898 -33.01 -31.36 -68.66
CA ASP A 898 -32.21 -31.23 -69.87
C ASP A 898 -31.15 -30.14 -69.69
N GLU A 899 -31.51 -29.07 -69.00
CA GLU A 899 -30.58 -28.02 -68.59
C GLU A 899 -30.16 -28.18 -67.14
N ALA A 900 -29.96 -29.43 -66.72
CA ALA A 900 -29.52 -29.73 -65.37
C ALA A 900 -28.09 -29.21 -65.15
N PRO A 901 -27.77 -28.73 -63.95
CA PRO A 901 -26.45 -28.13 -63.71
C PRO A 901 -25.33 -29.17 -63.72
N LYS A 902 -24.14 -28.70 -64.09
CA LYS A 902 -22.99 -29.58 -64.31
C LYS A 902 -21.80 -29.14 -63.49
N SER A 903 -20.64 -29.78 -63.72
CA SER A 903 -19.39 -29.37 -63.12
C SER A 903 -18.57 -28.58 -64.14
N GLY A 904 -17.91 -27.53 -63.67
CA GLY A 904 -17.11 -26.68 -64.53
C GLY A 904 -17.89 -25.66 -65.35
N THR A 905 -19.22 -25.77 -65.38
CA THR A 905 -20.06 -24.88 -66.16
C THR A 905 -20.13 -23.48 -65.53
N LEU A 906 -20.70 -22.53 -66.28
CA LEU A 906 -20.72 -21.14 -65.87
C LEU A 906 -22.13 -20.58 -65.92
N VAL A 907 -22.49 -19.81 -64.90
CA VAL A 907 -23.70 -19.00 -64.87
C VAL A 907 -23.30 -17.61 -64.40
N ALA A 908 -24.11 -16.61 -64.75
CA ALA A 908 -23.82 -15.27 -64.28
C ALA A 908 -24.76 -14.88 -63.16
N ILE A 909 -24.36 -13.88 -62.40
CA ILE A 909 -25.06 -13.61 -61.15
C ILE A 909 -24.83 -12.15 -60.76
N ASP A 910 -25.88 -11.51 -60.25
CA ASP A 910 -25.80 -10.12 -59.80
C ASP A 910 -26.81 -9.90 -58.69
N ALA A 911 -26.34 -9.46 -57.53
CA ALA A 911 -27.21 -9.10 -56.42
C ALA A 911 -27.13 -7.60 -56.17
N GLU A 912 -28.26 -7.01 -55.79
CA GLU A 912 -28.32 -5.63 -55.35
C GLU A 912 -28.62 -5.60 -53.86
N PHE A 913 -28.01 -4.66 -53.16
CA PHE A 913 -28.01 -4.64 -51.70
C PHE A 913 -28.67 -3.38 -51.18
N VAL A 914 -29.01 -3.40 -49.89
CA VAL A 914 -29.43 -2.22 -49.15
C VAL A 914 -28.73 -2.23 -47.80
N SER A 915 -28.37 -1.05 -47.31
CA SER A 915 -27.74 -0.96 -46.00
C SER A 915 -28.79 -0.70 -44.93
N LEU A 916 -28.53 -1.23 -43.72
CA LEU A 916 -29.53 -1.22 -42.67
C LEU A 916 -28.95 -0.87 -41.29
N GLN A 917 -27.95 0.01 -41.23
CA GLN A 917 -27.25 0.17 -39.97
C GLN A 917 -26.78 1.61 -39.75
N SER A 918 -27.01 2.11 -38.54
CA SER A 918 -26.58 3.46 -38.16
C SER A 918 -25.32 3.36 -37.31
N GLU A 919 -24.46 4.38 -37.45
CA GLU A 919 -23.08 4.28 -36.97
C GLU A 919 -22.69 5.57 -36.27
N LEU A 920 -21.39 5.70 -36.01
CA LEU A 920 -20.83 6.88 -35.36
C LEU A 920 -19.70 7.45 -36.22
N CYS A 921 -18.95 8.41 -35.66
CA CYS A 921 -17.92 9.09 -36.44
C CYS A 921 -16.74 8.16 -36.75
N GLU A 922 -16.24 7.46 -35.72
CA GLU A 922 -15.44 6.23 -35.82
C GLU A 922 -14.02 6.46 -36.31
N ILE A 923 -13.70 7.68 -36.76
CA ILE A 923 -12.37 8.00 -37.27
C ILE A 923 -11.79 9.25 -36.61
N ASP A 924 -12.54 9.87 -35.71
CA ASP A 924 -12.23 11.19 -35.16
C ASP A 924 -11.03 11.11 -34.21
N HIS A 925 -9.89 11.62 -34.66
CA HIS A 925 -8.71 11.72 -33.81
C HIS A 925 -8.89 12.81 -32.76
N ILE A 932 -25.23 2.84 -34.03
CA ILE A 932 -24.04 3.42 -33.40
C ILE A 932 -22.83 2.57 -33.71
N ARG A 933 -23.06 1.49 -34.43
CA ARG A 933 -22.07 0.51 -34.84
C ARG A 933 -21.83 0.64 -36.35
N PRO A 934 -20.61 0.37 -36.84
CA PRO A 934 -20.27 0.73 -38.23
C PRO A 934 -21.06 -0.05 -39.27
N LYS A 935 -21.59 0.71 -40.24
CA LYS A 935 -22.68 0.28 -41.11
C LYS A 935 -22.36 -0.94 -41.94
N ARG A 936 -23.32 -1.86 -42.01
CA ARG A 936 -23.23 -3.01 -42.90
C ARG A 936 -24.57 -3.21 -43.59
N THR A 937 -24.51 -3.89 -44.73
CA THR A 937 -25.61 -4.01 -45.67
C THR A 937 -26.40 -5.29 -45.45
N ALA A 938 -27.47 -5.43 -46.22
CA ALA A 938 -28.14 -6.70 -46.42
C ALA A 938 -28.61 -6.75 -47.86
N LEU A 939 -29.11 -7.91 -48.26
CA LEU A 939 -29.42 -8.15 -49.67
C LEU A 939 -30.81 -7.62 -49.99
N ALA A 940 -30.96 -7.09 -51.20
CA ALA A 940 -32.22 -6.50 -51.63
C ALA A 940 -32.81 -7.17 -52.86
N ARG A 941 -31.97 -7.72 -53.73
CA ARG A 941 -32.39 -8.18 -55.04
C ARG A 941 -31.36 -9.19 -55.52
N ILE A 942 -31.82 -10.21 -56.25
CA ILE A 942 -30.88 -11.17 -56.82
C ILE A 942 -31.37 -11.60 -58.20
N SER A 943 -30.45 -11.64 -59.16
CA SER A 943 -30.75 -12.04 -60.53
C SER A 943 -29.61 -12.96 -60.97
N ILE A 944 -29.93 -14.24 -61.15
CA ILE A 944 -28.97 -15.25 -61.53
C ILE A 944 -29.44 -15.84 -62.84
N ILE A 945 -28.60 -15.73 -63.87
CA ILE A 945 -28.96 -16.00 -65.25
C ILE A 945 -28.05 -17.10 -65.79
N ARG A 946 -28.56 -17.81 -66.80
CA ARG A 946 -27.80 -18.88 -67.44
C ARG A 946 -26.77 -18.26 -68.35
N GLY A 947 -25.51 -18.28 -67.92
CA GLY A 947 -24.44 -17.74 -68.74
C GLY A 947 -24.00 -18.63 -69.88
N GLU A 948 -24.42 -19.89 -69.86
CA GLU A 948 -24.05 -20.81 -70.94
C GLU A 948 -24.76 -20.45 -72.24
N GLU A 949 -24.06 -20.67 -73.34
CA GLU A 949 -24.65 -20.49 -74.67
C GLU A 949 -25.79 -21.50 -74.87
N GLY A 950 -26.94 -20.99 -75.28
CA GLY A 950 -28.07 -21.85 -75.53
C GLY A 950 -29.30 -21.03 -75.84
N GLU A 951 -30.45 -21.70 -75.78
CA GLU A 951 -31.72 -21.00 -75.98
C GLU A 951 -32.06 -20.09 -74.82
N LEU A 952 -31.50 -20.36 -73.64
CA LEU A 952 -31.70 -19.51 -72.47
C LEU A 952 -30.40 -18.83 -72.06
N TYR A 953 -29.54 -18.58 -73.03
CA TYR A 953 -28.31 -17.82 -72.86
C TYR A 953 -28.61 -16.43 -72.31
N GLY A 954 -28.20 -16.17 -71.07
CA GLY A 954 -28.51 -14.92 -70.41
C GLY A 954 -29.92 -14.80 -69.89
N VAL A 955 -30.78 -15.77 -70.17
CA VAL A 955 -32.15 -15.74 -69.62
C VAL A 955 -32.09 -16.05 -68.13
N PRO A 956 -32.71 -15.24 -67.27
CA PRO A 956 -32.67 -15.52 -65.85
C PRO A 956 -33.46 -16.76 -65.48
N PHE A 957 -33.02 -17.36 -64.38
CA PHE A 957 -33.82 -18.27 -63.60
C PHE A 957 -34.06 -17.76 -62.21
N VAL A 958 -33.26 -16.81 -61.74
CA VAL A 958 -33.56 -16.08 -60.52
C VAL A 958 -33.70 -14.62 -60.88
N ASP A 959 -34.87 -14.06 -60.63
CA ASP A 959 -35.01 -12.62 -60.39
C ASP A 959 -35.94 -12.52 -59.18
N ASP A 960 -35.35 -12.50 -58.00
CA ASP A 960 -36.09 -12.59 -56.76
C ASP A 960 -35.78 -11.40 -55.89
N TYR A 961 -36.82 -10.79 -55.34
CA TYR A 961 -36.65 -9.69 -54.42
C TYR A 961 -36.83 -10.23 -53.01
N VAL A 962 -36.39 -9.47 -52.03
CA VAL A 962 -36.19 -9.98 -50.69
C VAL A 962 -37.46 -9.83 -49.87
N VAL A 963 -37.90 -10.92 -49.26
CA VAL A 963 -38.88 -10.86 -48.18
C VAL A 963 -38.11 -10.38 -46.96
N ASN A 964 -38.17 -9.08 -46.70
CA ASN A 964 -37.44 -8.44 -45.61
C ASN A 964 -38.42 -8.05 -44.53
N THR A 965 -38.15 -8.47 -43.30
CA THR A 965 -39.10 -8.29 -42.22
C THR A 965 -39.01 -6.90 -41.62
N ASN A 966 -37.85 -6.53 -41.09
CA ASN A 966 -37.71 -5.31 -40.30
C ASN A 966 -37.56 -4.09 -41.21
N HIS A 967 -37.26 -2.95 -40.60
CA HIS A 967 -37.08 -1.70 -41.33
C HIS A 967 -35.74 -1.70 -42.06
N ILE A 968 -35.73 -1.11 -43.25
CA ILE A 968 -34.52 -0.98 -44.06
C ILE A 968 -34.18 0.50 -44.13
N GLU A 969 -32.94 0.83 -43.74
CA GLU A 969 -32.45 2.19 -43.69
C GLU A 969 -32.39 2.87 -45.06
N ASP A 970 -31.53 2.37 -45.93
CA ASP A 970 -31.29 2.98 -47.24
C ASP A 970 -31.99 2.18 -48.32
N TYR A 971 -32.60 2.89 -49.26
CA TYR A 971 -33.05 2.24 -50.47
C TYR A 971 -31.92 2.07 -51.47
N LEU A 972 -30.96 3.01 -51.44
CA LEU A 972 -29.74 2.96 -52.26
C LEU A 972 -30.08 2.89 -53.74
N THR A 973 -31.04 3.73 -54.15
CA THR A 973 -31.52 3.72 -55.53
C THR A 973 -30.43 4.19 -56.49
N ARG A 974 -29.50 5.03 -56.01
CA ARG A 974 -28.31 5.34 -56.78
C ARG A 974 -27.37 4.15 -56.91
N TYR A 975 -27.46 3.16 -56.01
CA TYR A 975 -26.62 1.96 -56.11
C TYR A 975 -27.39 0.73 -56.55
N SER A 976 -28.71 0.70 -56.34
CA SER A 976 -29.51 -0.50 -56.55
C SER A 976 -30.68 -0.29 -57.49
N GLY A 977 -31.29 0.90 -57.48
CA GLY A 977 -32.44 1.16 -58.32
C GLY A 977 -33.66 0.34 -58.00
N ILE A 978 -33.85 -0.03 -56.72
CA ILE A 978 -35.09 -0.70 -56.35
C ILE A 978 -36.24 0.29 -56.41
N LEU A 979 -37.45 -0.26 -56.50
CA LEU A 979 -38.63 0.59 -56.63
C LEU A 979 -38.95 1.39 -55.37
N PRO A 980 -38.98 0.82 -54.14
CA PRO A 980 -38.70 -0.49 -53.52
C PRO A 980 -39.63 -1.63 -53.93
N GLY A 981 -39.06 -2.68 -54.49
CA GLY A 981 -39.83 -3.85 -54.89
C GLY A 981 -40.01 -4.89 -53.81
N ASP A 982 -39.63 -4.57 -52.57
CA ASP A 982 -39.80 -5.49 -51.45
C ASP A 982 -41.11 -5.21 -50.71
N LEU A 983 -42.20 -5.23 -51.47
CA LEU A 983 -43.54 -5.24 -50.91
C LEU A 983 -44.16 -6.61 -51.13
N ASP A 984 -44.92 -7.09 -50.16
CA ASP A 984 -45.51 -8.42 -50.29
C ASP A 984 -46.77 -8.39 -51.16
N PRO A 985 -47.78 -7.46 -50.96
CA PRO A 985 -48.89 -7.46 -51.93
C PRO A 985 -48.50 -6.78 -53.24
N GLU A 986 -47.62 -5.79 -53.17
CA GLU A 986 -47.10 -5.14 -54.36
C GLU A 986 -45.74 -5.72 -54.73
N LYS A 987 -45.75 -7.01 -55.07
CA LYS A 987 -44.51 -7.70 -55.39
C LYS A 987 -43.94 -7.24 -56.72
N SER A 988 -44.70 -7.43 -57.80
CA SER A 988 -44.25 -7.27 -59.20
C SER A 988 -43.00 -8.10 -59.48
N THR A 989 -42.90 -9.25 -58.82
CA THR A 989 -41.71 -10.10 -58.79
C THR A 989 -42.08 -11.38 -58.08
N LYS A 990 -41.14 -12.33 -58.09
CA LYS A 990 -41.18 -13.46 -57.17
C LYS A 990 -40.46 -13.03 -55.90
N ARG A 991 -41.19 -12.32 -55.04
CA ARG A 991 -40.61 -11.85 -53.78
C ARG A 991 -40.41 -13.06 -52.88
N LEU A 992 -39.17 -13.54 -52.85
CA LEU A 992 -38.85 -14.86 -52.33
C LEU A 992 -37.81 -14.70 -51.22
N VAL A 993 -37.78 -15.63 -50.29
CA VAL A 993 -36.93 -15.48 -49.11
C VAL A 993 -35.82 -16.52 -49.17
N ARG A 994 -34.73 -16.23 -48.47
CA ARG A 994 -33.50 -17.01 -48.57
C ARG A 994 -33.52 -18.24 -47.71
N ARG A 995 -34.50 -18.34 -46.79
CA ARG A 995 -34.31 -18.97 -45.48
C ARG A 995 -33.89 -20.42 -45.59
N ASN A 996 -34.45 -21.14 -46.57
CA ASN A 996 -33.79 -22.34 -47.07
C ASN A 996 -33.98 -22.54 -48.57
N VAL A 997 -34.46 -21.53 -49.29
CA VAL A 997 -34.82 -21.76 -50.70
C VAL A 997 -33.69 -21.35 -51.64
N VAL A 998 -33.45 -20.06 -51.75
CA VAL A 998 -32.50 -19.60 -52.77
C VAL A 998 -31.09 -19.63 -52.23
N TYR A 999 -30.93 -19.59 -50.92
CA TYR A 999 -29.60 -19.80 -50.36
C TYR A 999 -29.16 -21.22 -50.64
N ARG A 1000 -30.09 -22.17 -50.51
CA ARG A 1000 -29.84 -23.54 -50.94
C ARG A 1000 -29.56 -23.60 -52.44
N LYS A 1001 -30.23 -22.76 -53.22
CA LYS A 1001 -30.01 -22.76 -54.68
C LYS A 1001 -28.59 -22.36 -55.02
N VAL A 1002 -28.15 -21.21 -54.50
CA VAL A 1002 -26.81 -20.72 -54.78
C VAL A 1002 -25.77 -21.64 -54.15
N TRP A 1003 -26.09 -22.20 -52.99
CA TRP A 1003 -25.20 -23.13 -52.30
C TRP A 1003 -25.02 -24.41 -53.10
N LEU A 1004 -26.10 -24.92 -53.71
CA LEU A 1004 -25.98 -26.10 -54.54
C LEU A 1004 -25.26 -25.81 -55.84
N LEU A 1005 -25.44 -24.60 -56.39
CA LEU A 1005 -24.72 -24.27 -57.61
C LEU A 1005 -23.24 -24.09 -57.34
N MET A 1006 -22.90 -23.58 -56.16
CA MET A 1006 -21.54 -23.67 -55.65
C MET A 1006 -21.10 -25.13 -55.53
N GLN A 1007 -21.98 -26.00 -55.05
CA GLN A 1007 -21.60 -27.36 -54.72
C GLN A 1007 -21.38 -28.21 -55.96
N LEU A 1008 -22.06 -27.92 -57.06
CA LEU A 1008 -22.09 -28.83 -58.19
C LEU A 1008 -21.03 -28.55 -59.25
N GLY A 1009 -20.30 -27.45 -59.13
CA GLY A 1009 -19.34 -27.08 -60.14
C GLY A 1009 -19.85 -26.07 -61.15
N CYS A 1010 -20.72 -25.17 -60.74
CA CYS A 1010 -21.27 -24.13 -61.61
C CYS A 1010 -20.61 -22.82 -61.23
N VAL A 1011 -19.62 -22.38 -62.02
CA VAL A 1011 -18.86 -21.21 -61.62
C VAL A 1011 -19.70 -19.96 -61.85
N PHE A 1012 -19.36 -18.90 -61.12
CA PHE A 1012 -20.20 -17.72 -60.98
C PHE A 1012 -19.50 -16.54 -61.62
N VAL A 1013 -19.84 -16.23 -62.87
CA VAL A 1013 -19.29 -15.03 -63.47
C VAL A 1013 -20.14 -13.81 -63.13
N GLY A 1014 -19.49 -12.65 -63.20
CA GLY A 1014 -20.08 -11.37 -62.91
C GLY A 1014 -18.99 -10.39 -62.48
N HIS A 1015 -19.42 -9.29 -61.87
CA HIS A 1015 -18.55 -8.15 -61.62
C HIS A 1015 -18.50 -7.84 -60.13
N GLY A 1016 -17.28 -7.75 -59.60
CA GLY A 1016 -17.09 -7.34 -58.22
C GLY A 1016 -17.60 -8.33 -57.20
N LEU A 1017 -17.60 -9.61 -57.55
CA LEU A 1017 -18.33 -10.65 -56.84
C LEU A 1017 -17.79 -10.95 -55.45
N ASN A 1018 -16.60 -10.45 -55.12
CA ASN A 1018 -15.90 -10.88 -53.92
C ASN A 1018 -16.59 -10.34 -52.66
N ASN A 1019 -16.68 -9.02 -52.56
CA ASN A 1019 -17.40 -8.40 -51.45
C ASN A 1019 -18.89 -8.68 -51.52
N ASP A 1020 -19.42 -8.95 -52.71
CA ASP A 1020 -20.80 -9.41 -52.85
C ASP A 1020 -21.00 -10.72 -52.11
N PHE A 1021 -20.14 -11.72 -52.37
CA PHE A 1021 -20.18 -12.99 -51.67
C PHE A 1021 -19.93 -12.82 -50.18
N LYS A 1022 -19.11 -11.82 -49.81
CA LYS A 1022 -18.89 -11.51 -48.40
C LYS A 1022 -20.18 -11.06 -47.73
N HIS A 1023 -20.87 -10.11 -48.33
CA HIS A 1023 -22.12 -9.60 -47.77
C HIS A 1023 -23.24 -10.63 -47.86
N ILE A 1024 -23.14 -11.57 -48.80
CA ILE A 1024 -23.98 -12.76 -48.79
C ILE A 1024 -23.68 -13.62 -47.58
N ASN A 1025 -22.41 -13.63 -47.14
CA ASN A 1025 -21.79 -14.70 -46.36
C ASN A 1025 -21.94 -16.03 -47.09
N ILE A 1026 -21.36 -16.08 -48.27
CA ILE A 1026 -20.97 -17.32 -48.90
C ILE A 1026 -19.48 -17.21 -49.17
N ASN A 1027 -18.77 -18.33 -49.06
CA ASN A 1027 -17.34 -18.34 -49.30
C ASN A 1027 -17.11 -19.22 -50.51
N VAL A 1028 -17.32 -18.65 -51.68
CA VAL A 1028 -17.09 -19.34 -52.94
C VAL A 1028 -15.58 -19.55 -53.11
N PRO A 1029 -15.13 -20.75 -53.46
CA PRO A 1029 -13.68 -20.98 -53.57
C PRO A 1029 -13.05 -20.33 -54.80
N ARG A 1030 -11.77 -20.65 -55.00
CA ARG A 1030 -10.92 -19.93 -55.95
C ARG A 1030 -11.42 -20.05 -57.39
N ASN A 1031 -11.63 -21.28 -57.85
CA ASN A 1031 -11.90 -21.52 -59.26
C ASN A 1031 -13.32 -21.12 -59.66
N GLN A 1032 -14.17 -20.75 -58.72
CA GLN A 1032 -15.56 -20.40 -58.99
C GLN A 1032 -15.95 -18.94 -58.75
N ILE A 1033 -15.11 -18.14 -58.06
CA ILE A 1033 -15.45 -16.73 -57.82
C ILE A 1033 -15.60 -15.95 -59.12
N ARG A 1034 -14.65 -16.12 -60.06
CA ARG A 1034 -14.75 -15.76 -61.47
C ARG A 1034 -15.17 -14.31 -61.70
N ASP A 1035 -14.32 -13.39 -61.23
CA ASP A 1035 -14.73 -12.00 -61.05
C ASP A 1035 -14.13 -11.15 -62.18
N THR A 1036 -15.00 -10.61 -63.03
CA THR A 1036 -14.57 -9.79 -64.15
C THR A 1036 -13.98 -8.45 -63.72
N ALA A 1037 -14.29 -8.00 -62.50
CA ALA A 1037 -13.57 -6.88 -61.92
C ALA A 1037 -12.11 -7.25 -61.68
N ILE A 1038 -11.83 -8.51 -61.33
CA ILE A 1038 -10.49 -8.91 -60.99
C ILE A 1038 -9.62 -9.28 -62.20
N TYR A 1039 -10.23 -9.68 -63.31
CA TYR A 1039 -9.44 -9.98 -64.51
C TYR A 1039 -8.86 -8.71 -65.11
N PHE A 1040 -9.53 -7.58 -64.89
CA PHE A 1040 -9.19 -6.29 -65.48
C PHE A 1040 -8.87 -5.25 -64.42
N LEU A 1041 -8.58 -5.72 -63.21
CA LEU A 1041 -8.30 -4.84 -62.08
C LEU A 1041 -6.99 -4.09 -62.30
N GLN A 1042 -6.88 -2.91 -61.70
CA GLN A 1042 -5.66 -2.13 -61.80
C GLN A 1042 -5.47 -1.31 -60.53
N GLY A 1043 -4.28 -1.44 -59.94
CA GLY A 1043 -3.82 -0.52 -58.91
C GLY A 1043 -4.64 -0.50 -57.64
N LYS A 1044 -5.26 -1.64 -57.29
CA LYS A 1044 -6.22 -1.76 -56.18
C LYS A 1044 -7.36 -0.75 -56.31
N ARG A 1045 -7.86 -0.58 -57.53
CA ARG A 1045 -8.98 0.30 -57.80
C ARG A 1045 -10.13 -0.56 -58.32
N TYR A 1046 -11.07 -0.88 -57.45
CA TYR A 1046 -12.02 -1.95 -57.71
C TYR A 1046 -13.11 -1.39 -58.61
N LEU A 1047 -13.01 -1.70 -59.91
CA LEU A 1047 -13.49 -0.84 -60.98
C LEU A 1047 -15.01 -0.73 -61.00
N SER A 1048 -15.49 0.42 -61.47
CA SER A 1048 -16.92 0.64 -61.67
C SER A 1048 -17.24 0.27 -63.12
N LEU A 1049 -18.02 -0.80 -63.29
CA LEU A 1049 -18.19 -1.42 -64.60
C LEU A 1049 -19.04 -0.61 -65.58
N ARG A 1050 -19.55 0.56 -65.16
CA ARG A 1050 -20.29 1.44 -66.06
C ARG A 1050 -19.39 1.94 -67.18
N TYR A 1051 -18.20 2.43 -66.82
CA TYR A 1051 -17.27 2.90 -67.84
C TYR A 1051 -16.62 1.75 -68.59
N LEU A 1052 -16.51 0.58 -67.95
CA LEU A 1052 -16.01 -0.60 -68.64
C LEU A 1052 -16.95 -1.05 -69.74
N ALA A 1053 -18.25 -1.00 -69.48
CA ALA A 1053 -19.22 -1.32 -70.53
C ALA A 1053 -19.36 -0.19 -71.53
N TYR A 1054 -19.10 1.05 -71.11
CA TYR A 1054 -19.10 2.16 -72.05
C TYR A 1054 -17.94 2.08 -73.02
N VAL A 1055 -16.79 1.56 -72.57
CA VAL A 1055 -15.62 1.48 -73.43
C VAL A 1055 -15.63 0.20 -74.24
N LEU A 1056 -15.68 -0.95 -73.55
CA LEU A 1056 -15.41 -2.22 -74.20
C LEU A 1056 -16.60 -2.72 -75.00
N LEU A 1057 -17.76 -2.10 -74.86
CA LEU A 1057 -18.94 -2.47 -75.60
C LEU A 1057 -19.71 -1.19 -75.90
N GLY A 1058 -20.96 -1.33 -76.33
CA GLY A 1058 -21.81 -0.17 -76.50
C GLY A 1058 -22.17 0.43 -75.17
N MET A 1059 -22.19 1.77 -75.13
CA MET A 1059 -22.47 2.50 -73.89
C MET A 1059 -23.98 2.58 -73.61
N ASN A 1060 -24.60 1.42 -73.52
CA ASN A 1060 -25.98 1.31 -73.09
C ASN A 1060 -26.10 1.12 -71.58
N ILE A 1061 -24.99 0.79 -70.93
CA ILE A 1061 -24.91 0.69 -69.48
C ILE A 1061 -24.48 2.02 -68.88
N GLN A 1062 -24.58 3.09 -69.66
CA GLN A 1062 -24.37 4.44 -69.14
C GLN A 1062 -25.66 5.21 -68.92
N GLU A 1063 -26.82 4.58 -69.14
CA GLU A 1063 -28.10 5.29 -69.04
C GLU A 1063 -28.53 5.51 -67.58
N GLY A 1064 -28.82 4.42 -66.88
CA GLY A 1064 -29.41 4.51 -65.55
C GLY A 1064 -30.29 3.30 -65.29
N ASN A 1065 -31.15 3.47 -64.28
CA ASN A 1065 -32.22 2.56 -63.84
C ASN A 1065 -31.78 1.23 -63.23
N HIS A 1066 -30.48 0.92 -63.25
CA HIS A 1066 -29.85 -0.08 -62.37
C HIS A 1066 -30.40 -1.49 -62.56
N ASP A 1067 -30.63 -1.90 -63.81
CA ASP A 1067 -31.20 -3.21 -64.08
C ASP A 1067 -30.18 -4.31 -63.78
N SER A 1068 -30.50 -5.16 -62.79
CA SER A 1068 -29.60 -6.23 -62.39
C SER A 1068 -29.43 -7.29 -63.48
N ILE A 1069 -30.48 -7.54 -64.26
CA ILE A 1069 -30.38 -8.50 -65.35
C ILE A 1069 -29.47 -7.95 -66.44
N GLU A 1070 -29.59 -6.65 -66.72
CA GLU A 1070 -28.63 -5.96 -67.58
C GLU A 1070 -27.22 -6.04 -67.02
N ASP A 1071 -27.08 -5.95 -65.69
CA ASP A 1071 -25.75 -5.99 -65.07
C ASP A 1071 -25.10 -7.34 -65.27
N ALA A 1072 -25.83 -8.41 -64.98
CA ALA A 1072 -25.28 -9.74 -65.18
C ALA A 1072 -25.09 -10.07 -66.66
N HIS A 1073 -25.94 -9.54 -67.54
CA HIS A 1073 -25.79 -9.82 -68.96
C HIS A 1073 -24.58 -9.09 -69.55
N THR A 1074 -24.37 -7.85 -69.14
CA THR A 1074 -23.17 -7.14 -69.56
C THR A 1074 -21.92 -7.71 -68.93
N ALA A 1075 -22.00 -8.21 -67.70
CA ALA A 1075 -20.87 -8.89 -67.10
C ALA A 1075 -20.56 -10.19 -67.83
N LEU A 1076 -21.59 -10.87 -68.32
CA LEU A 1076 -21.43 -12.03 -69.19
C LEU A 1076 -20.71 -11.65 -70.47
N ILE A 1077 -21.12 -10.53 -71.08
CA ILE A 1077 -20.50 -10.08 -72.33
C ILE A 1077 -19.04 -9.68 -72.10
N LEU A 1078 -18.75 -8.99 -70.98
CA LEU A 1078 -17.38 -8.62 -70.66
C LEU A 1078 -16.53 -9.82 -70.28
N TYR A 1079 -17.13 -10.86 -69.70
CA TYR A 1079 -16.39 -12.08 -69.45
C TYR A 1079 -16.07 -12.79 -70.74
N LYS A 1080 -17.02 -12.79 -71.69
CA LYS A 1080 -16.75 -13.30 -73.03
C LYS A 1080 -15.64 -12.51 -73.71
N LYS A 1081 -15.62 -11.19 -73.51
CA LYS A 1081 -14.58 -10.36 -74.08
C LYS A 1081 -13.23 -10.68 -73.48
N TYR A 1082 -13.20 -10.96 -72.17
CA TYR A 1082 -12.00 -11.47 -71.52
C TYR A 1082 -11.57 -12.81 -72.11
N LEU A 1083 -12.53 -13.70 -72.39
CA LEU A 1083 -12.21 -14.99 -72.97
C LEU A 1083 -11.63 -14.86 -74.36
N HIS A 1084 -12.23 -13.99 -75.18
CA HIS A 1084 -11.76 -13.78 -76.54
C HIS A 1084 -10.38 -13.15 -76.56
N LEU A 1085 -10.18 -12.07 -75.82
CA LEU A 1085 -8.89 -11.41 -75.87
C LEU A 1085 -7.84 -12.06 -74.97
N LYS A 1086 -8.22 -13.05 -74.16
CA LYS A 1086 -7.25 -13.90 -73.49
C LYS A 1086 -6.88 -15.09 -74.35
N GLU A 1087 -7.78 -15.52 -75.23
CA GLU A 1087 -7.38 -16.37 -76.34
C GLU A 1087 -6.45 -15.61 -77.28
N LYS A 1088 -6.64 -14.30 -77.41
CA LYS A 1088 -5.67 -13.46 -78.10
C LYS A 1088 -4.47 -13.16 -77.21
N ALA A 1089 -4.69 -13.17 -75.89
CA ALA A 1089 -3.66 -13.05 -74.84
C ALA A 1089 -2.85 -11.75 -74.92
N ILE A 1090 -3.39 -10.71 -75.55
CA ILE A 1090 -2.72 -9.43 -75.67
C ILE A 1090 -3.56 -8.30 -75.08
N PHE A 1091 -4.52 -8.66 -74.21
CA PHE A 1091 -5.48 -7.67 -73.73
C PHE A 1091 -4.88 -6.68 -72.76
N GLU A 1092 -3.73 -6.98 -72.15
CA GLU A 1092 -3.08 -6.00 -71.28
C GLU A 1092 -2.53 -4.80 -72.04
N LYS A 1093 -2.14 -4.98 -73.30
CA LYS A 1093 -1.52 -3.89 -74.05
C LYS A 1093 -2.53 -2.79 -74.35
N VAL A 1094 -3.59 -3.16 -75.08
CA VAL A 1094 -4.67 -2.22 -75.37
C VAL A 1094 -5.44 -1.88 -74.09
N LEU A 1095 -5.43 -2.78 -73.10
CA LEU A 1095 -6.06 -2.50 -71.82
C LEU A 1095 -5.37 -1.36 -71.10
N ASN A 1096 -4.04 -1.40 -71.00
CA ASN A 1096 -3.32 -0.34 -70.34
C ASN A 1096 -3.32 0.95 -71.16
N SER A 1097 -3.41 0.82 -72.50
CA SER A 1097 -3.55 2.02 -73.33
C SER A 1097 -4.86 2.73 -73.05
N VAL A 1098 -5.97 1.98 -73.00
CA VAL A 1098 -7.24 2.62 -72.69
C VAL A 1098 -7.35 2.95 -71.20
N TYR A 1099 -6.56 2.30 -70.35
CA TYR A 1099 -6.46 2.71 -68.95
C TYR A 1099 -5.88 4.10 -68.83
N GLU A 1100 -4.74 4.35 -69.49
CA GLU A 1100 -4.14 5.68 -69.50
C GLU A 1100 -5.06 6.69 -70.19
N GLU A 1101 -5.73 6.26 -71.26
CA GLU A 1101 -6.64 7.13 -72.00
C GLU A 1101 -7.84 7.53 -71.16
N GLY A 1102 -8.40 6.60 -70.41
CA GLY A 1102 -9.49 6.92 -69.51
C GLY A 1102 -9.07 7.56 -68.22
N ARG A 1103 -7.78 7.52 -67.89
CA ARG A 1103 -7.30 8.33 -66.78
C ARG A 1103 -6.99 9.75 -67.21
N ALA A 1104 -6.79 9.97 -68.51
CA ALA A 1104 -6.95 11.33 -69.03
C ALA A 1104 -8.41 11.78 -68.89
N HIS A 1105 -9.34 10.85 -69.09
CA HIS A 1105 -10.75 11.04 -68.76
C HIS A 1105 -11.00 10.94 -67.25
N ASN A 1106 -10.01 10.45 -66.50
CA ASN A 1106 -10.04 10.23 -65.04
C ASN A 1106 -11.09 9.20 -64.65
N PHE A 1107 -11.38 8.28 -65.59
CA PHE A 1107 -12.30 7.15 -65.40
C PHE A 1107 -13.70 7.59 -64.95
N LYS A 1108 -14.14 8.74 -65.45
CA LYS A 1108 -15.45 9.28 -65.11
C LYS A 1108 -16.52 8.68 -66.02
N VAL A 1109 -17.75 9.16 -65.87
CA VAL A 1109 -18.87 8.72 -66.69
C VAL A 1109 -18.95 9.62 -67.92
N PRO A 1110 -18.80 9.09 -69.13
CA PRO A 1110 -18.95 9.93 -70.34
C PRO A 1110 -20.41 10.30 -70.56
N GLU A 1111 -20.68 11.60 -70.58
CA GLU A 1111 -22.04 12.08 -70.78
C GLU A 1111 -22.04 13.44 -71.48
N ALA B 42 7.53 8.02 -69.55
CA ALA B 42 6.08 7.94 -69.72
C ALA B 42 5.38 8.22 -68.40
N SER B 43 6.12 8.11 -67.31
CA SER B 43 5.70 8.53 -65.98
C SER B 43 6.92 8.59 -65.08
N LEU B 44 6.68 9.01 -63.84
CA LEU B 44 7.70 9.10 -62.81
C LEU B 44 6.98 9.04 -61.46
N TYR B 45 7.56 8.30 -60.53
CA TYR B 45 7.28 8.51 -59.11
C TYR B 45 8.26 9.54 -58.58
N VAL B 46 7.77 10.44 -57.72
CA VAL B 46 8.62 11.42 -57.05
C VAL B 46 8.30 11.33 -55.56
N GLY B 47 9.26 10.83 -54.77
CA GLY B 47 9.12 10.72 -53.34
C GLY B 47 9.93 11.76 -52.59
N ASP B 48 9.82 11.67 -51.26
CA ASP B 48 10.49 12.54 -50.30
C ASP B 48 10.08 14.00 -50.53
N LEU B 49 8.79 14.25 -50.32
CA LEU B 49 8.20 15.56 -50.57
C LEU B 49 7.45 16.00 -49.32
N GLU B 50 7.28 17.29 -49.20
CA GLU B 50 6.52 17.94 -48.15
C GLU B 50 5.08 18.14 -48.60
N PRO B 51 4.10 18.04 -47.68
CA PRO B 51 2.71 18.32 -48.05
C PRO B 51 2.44 19.78 -48.46
N SER B 52 3.34 20.70 -48.17
CA SER B 52 3.22 22.07 -48.68
C SER B 52 3.82 22.23 -50.06
N VAL B 53 4.54 21.22 -50.56
CA VAL B 53 5.03 21.24 -51.93
C VAL B 53 3.85 20.96 -52.86
N SER B 54 3.44 21.97 -53.62
CA SER B 54 2.37 21.82 -54.59
C SER B 54 2.92 21.21 -55.87
N GLU B 55 2.04 21.05 -56.87
CA GLU B 55 2.46 20.51 -58.16
C GLU B 55 3.33 21.50 -58.93
N ALA B 56 3.26 22.79 -58.61
CA ALA B 56 4.01 23.80 -59.36
C ALA B 56 5.51 23.71 -59.09
N HIS B 57 5.90 23.26 -57.89
CA HIS B 57 7.32 23.06 -57.60
C HIS B 57 7.89 21.94 -58.45
N LEU B 58 7.17 20.82 -58.52
CA LEU B 58 7.57 19.70 -59.36
C LEU B 58 7.49 20.07 -60.84
N TYR B 59 6.59 20.98 -61.20
CA TYR B 59 6.54 21.46 -62.57
C TYR B 59 7.76 22.32 -62.89
N ASP B 60 8.17 23.17 -61.95
CA ASP B 60 9.35 23.99 -62.16
C ASP B 60 10.64 23.17 -62.14
N ILE B 61 10.62 21.99 -61.52
CA ILE B 61 11.78 21.11 -61.59
C ILE B 61 11.78 20.28 -62.87
N PHE B 62 10.66 19.65 -63.21
CA PHE B 62 10.66 18.56 -64.18
C PHE B 62 10.21 18.97 -65.58
N SER B 63 9.56 20.12 -65.75
CA SER B 63 9.39 20.66 -67.10
C SER B 63 10.66 21.18 -67.76
N PRO B 64 11.67 21.70 -67.02
CA PRO B 64 13.00 21.83 -67.65
C PRO B 64 13.63 20.53 -68.12
N ILE B 65 13.26 19.39 -67.53
CA ILE B 65 13.74 18.11 -68.04
C ILE B 65 13.10 17.80 -69.38
N GLY B 66 11.78 17.79 -69.44
CA GLY B 66 11.10 17.50 -70.67
C GLY B 66 9.65 17.90 -70.64
N SER B 67 8.86 17.25 -71.50
CA SER B 67 7.43 17.54 -71.63
C SER B 67 6.68 16.85 -70.50
N VAL B 68 6.28 17.61 -69.50
CA VAL B 68 5.41 17.10 -68.45
C VAL B 68 4.01 16.91 -69.01
N SER B 69 3.53 15.67 -69.04
CA SER B 69 2.14 15.43 -69.41
C SER B 69 1.20 15.81 -68.27
N SER B 70 1.43 15.27 -67.07
CA SER B 70 0.59 15.63 -65.93
C SER B 70 1.35 15.42 -64.63
N ILE B 71 0.85 16.03 -63.55
CA ILE B 71 1.37 15.86 -62.20
C ILE B 71 0.19 15.62 -61.26
N ARG B 72 0.35 14.70 -60.32
CA ARG B 72 -0.62 14.50 -59.25
C ARG B 72 0.11 14.21 -57.95
N VAL B 73 -0.20 14.98 -56.90
CA VAL B 73 0.33 14.78 -55.56
C VAL B 73 -0.68 13.98 -54.76
N CYS B 74 -0.23 12.90 -54.15
CA CYS B 74 -1.13 11.99 -53.46
C CYS B 74 -1.52 12.53 -52.09
N ARG B 75 -2.81 12.36 -51.78
CA ARG B 75 -3.37 12.75 -50.50
C ARG B 75 -4.09 11.55 -49.89
N ASP B 76 -4.57 11.73 -48.67
CA ASP B 76 -5.46 10.75 -48.05
C ASP B 76 -6.90 11.10 -48.38
N ALA B 77 -7.72 10.05 -48.54
CA ALA B 77 -9.11 10.24 -48.97
C ALA B 77 -9.98 10.83 -47.89
N ILE B 78 -9.52 10.87 -46.64
CA ILE B 78 -10.32 11.32 -45.51
C ILE B 78 -9.77 12.63 -44.92
N THR B 79 -8.47 12.67 -44.62
CA THR B 79 -7.89 13.85 -43.99
C THR B 79 -7.74 15.02 -44.95
N LYS B 80 -7.73 14.74 -46.26
CA LYS B 80 -7.38 15.69 -47.32
C LYS B 80 -6.01 16.32 -47.05
N THR B 81 -5.09 15.49 -46.57
CA THR B 81 -3.72 15.86 -46.26
C THR B 81 -2.81 15.03 -47.13
N SER B 82 -1.79 15.66 -47.70
CA SER B 82 -0.91 14.97 -48.64
C SER B 82 -0.08 13.90 -47.95
N LEU B 83 0.37 12.92 -48.73
CA LEU B 83 1.05 11.75 -48.21
C LEU B 83 2.56 11.80 -48.41
N GLY B 84 3.10 12.94 -48.84
CA GLY B 84 4.54 13.11 -48.91
C GLY B 84 5.19 12.66 -50.19
N TYR B 85 4.42 12.36 -51.23
CA TYR B 85 4.98 11.91 -52.50
C TYR B 85 4.01 12.29 -53.61
N ALA B 86 4.40 12.00 -54.84
CA ALA B 86 3.64 12.42 -56.00
C ALA B 86 4.06 11.60 -57.23
N TYR B 87 3.50 12.00 -58.37
CA TYR B 87 3.66 11.28 -59.62
C TYR B 87 3.60 12.30 -60.74
N VAL B 88 4.51 12.18 -61.69
CA VAL B 88 4.57 13.07 -62.83
C VAL B 88 4.53 12.16 -64.05
N ASN B 89 3.37 12.05 -64.67
CA ASN B 89 3.26 11.35 -65.94
C ASN B 89 3.95 12.14 -67.04
N PHE B 90 4.83 11.47 -67.78
CA PHE B 90 5.45 11.94 -69.00
C PHE B 90 4.77 11.28 -70.21
N ASN B 91 5.39 11.42 -71.37
CA ASN B 91 4.97 10.72 -72.57
C ASN B 91 6.11 10.07 -73.34
N ASP B 92 7.34 10.55 -73.20
CA ASP B 92 8.50 10.03 -73.90
C ASP B 92 9.42 9.32 -72.91
N HIS B 93 10.20 8.37 -73.42
CA HIS B 93 11.17 7.67 -72.59
C HIS B 93 12.43 8.50 -72.33
N GLU B 94 12.80 9.37 -73.27
CA GLU B 94 14.03 10.15 -73.14
C GLU B 94 13.94 11.15 -71.98
N ALA B 95 12.81 11.83 -71.85
CA ALA B 95 12.62 12.76 -70.73
C ALA B 95 12.51 12.01 -69.41
N GLY B 96 11.94 10.80 -69.42
CA GLY B 96 11.91 10.00 -68.21
C GLY B 96 13.29 9.57 -67.74
N ARG B 97 14.12 9.09 -68.66
CA ARG B 97 15.49 8.72 -68.33
C ARG B 97 16.31 9.93 -67.92
N LYS B 98 16.06 11.09 -68.54
CA LYS B 98 16.74 12.32 -68.16
C LYS B 98 16.35 12.77 -66.76
N ALA B 99 15.07 12.64 -66.39
CA ALA B 99 14.65 13.00 -65.05
C ALA B 99 15.15 12.00 -64.01
N ILE B 100 15.31 10.73 -64.40
CA ILE B 100 15.89 9.75 -63.49
C ILE B 100 17.37 10.03 -63.25
N GLU B 101 18.13 10.35 -64.30
CA GLU B 101 19.57 10.39 -64.18
C GLU B 101 20.15 11.78 -63.90
N GLN B 102 19.47 12.86 -64.28
CA GLN B 102 20.05 14.19 -64.26
C GLN B 102 19.73 14.97 -62.98
N LEU B 103 18.43 15.24 -62.73
CA LEU B 103 18.02 15.98 -61.54
C LEU B 103 17.59 15.05 -60.42
N ASN B 104 18.29 13.91 -60.29
CA ASN B 104 17.96 12.96 -59.25
C ASN B 104 18.38 13.52 -57.89
N TYR B 105 17.43 13.49 -56.95
CA TYR B 105 17.60 13.97 -55.57
C TYR B 105 18.02 15.44 -55.52
N THR B 106 17.14 16.29 -56.04
CA THR B 106 17.31 17.72 -55.87
C THR B 106 16.52 18.19 -54.64
N PRO B 107 17.07 19.11 -53.85
CA PRO B 107 16.35 19.56 -52.65
C PRO B 107 15.13 20.42 -52.95
N ILE B 108 13.96 19.90 -52.63
CA ILE B 108 12.70 20.62 -52.81
C ILE B 108 12.06 20.70 -51.42
N LYS B 109 12.38 21.78 -50.70
CA LYS B 109 11.81 22.12 -49.40
C LYS B 109 12.03 21.02 -48.35
N GLY B 110 13.30 20.73 -48.10
CA GLY B 110 13.67 19.87 -46.99
C GLY B 110 14.27 18.51 -47.34
N ARG B 111 13.73 17.83 -48.34
CA ARG B 111 14.17 16.49 -48.66
C ARG B 111 14.70 16.43 -50.09
N LEU B 112 15.35 15.32 -50.39
CA LEU B 112 15.86 15.03 -51.73
C LEU B 112 14.93 14.04 -52.40
N CYS B 113 14.31 14.45 -53.51
CA CYS B 113 13.20 13.70 -54.09
C CYS B 113 13.67 12.42 -54.77
N ARG B 114 12.88 11.35 -54.60
CA ARG B 114 13.24 10.04 -55.12
C ARG B 114 12.46 9.77 -56.41
N ILE B 115 13.17 9.70 -57.53
CA ILE B 115 12.58 9.71 -58.86
C ILE B 115 12.67 8.30 -59.44
N MET B 116 11.55 7.77 -59.93
CA MET B 116 11.53 6.42 -60.44
C MET B 116 10.81 6.24 -61.78
N TRP B 117 10.55 4.98 -62.12
CA TRP B 117 10.30 4.52 -63.48
C TRP B 117 8.92 4.96 -63.98
N SER B 118 8.68 4.68 -65.26
CA SER B 118 7.42 5.01 -65.92
C SER B 118 6.39 3.90 -65.67
N GLN B 119 6.10 3.67 -64.39
CA GLN B 119 5.22 2.61 -63.94
C GLN B 119 4.25 3.16 -62.91
N ARG B 120 2.97 2.89 -63.08
CA ARG B 120 1.95 3.30 -62.12
C ARG B 120 1.42 2.13 -61.30
N ASP B 121 2.00 0.94 -61.44
CA ASP B 121 1.59 -0.25 -60.71
C ASP B 121 2.63 -0.55 -59.65
N PRO B 122 2.27 -0.55 -58.36
CA PRO B 122 3.27 -0.80 -57.30
C PRO B 122 3.72 -2.25 -57.21
N SER B 123 4.69 -2.64 -58.04
CA SER B 123 5.19 -4.00 -58.04
C SER B 123 6.71 -4.06 -58.18
N LEU B 124 7.42 -3.01 -57.74
CA LEU B 124 8.87 -3.01 -57.85
C LEU B 124 9.54 -3.66 -56.64
N ARG B 125 8.88 -3.63 -55.48
CA ARG B 125 9.43 -4.23 -54.27
C ARG B 125 9.41 -5.75 -54.29
N LYS B 126 8.68 -6.37 -55.23
CA LYS B 126 8.40 -7.79 -55.16
C LYS B 126 9.09 -8.62 -56.22
N LYS B 127 9.47 -8.03 -57.36
CA LYS B 127 10.04 -8.80 -58.46
C LYS B 127 11.56 -8.84 -58.44
N GLY B 128 12.20 -8.06 -57.59
CA GLY B 128 13.64 -8.13 -57.45
C GLY B 128 14.05 -8.86 -56.18
N SER B 129 14.59 -10.08 -56.34
CA SER B 129 14.97 -10.89 -55.20
C SER B 129 16.41 -10.67 -54.77
N GLY B 130 16.96 -9.48 -55.03
CA GLY B 130 18.22 -9.07 -54.44
C GLY B 130 18.06 -8.95 -52.94
N ASN B 131 17.18 -8.02 -52.53
CA ASN B 131 16.52 -8.03 -51.22
C ASN B 131 17.50 -7.87 -50.06
N ILE B 132 18.62 -7.19 -50.31
CA ILE B 132 19.65 -7.02 -49.29
C ILE B 132 19.31 -5.87 -48.34
N PHE B 133 19.06 -6.21 -47.08
CA PHE B 133 19.02 -5.15 -46.08
C PHE B 133 20.48 -4.81 -45.80
N ILE B 134 20.90 -3.60 -46.15
CA ILE B 134 22.30 -3.24 -45.99
C ILE B 134 22.40 -2.68 -44.56
N LYS B 135 22.69 -3.59 -43.63
CA LYS B 135 22.73 -3.20 -42.23
C LYS B 135 24.00 -2.40 -42.01
N ASN B 136 23.93 -1.44 -41.09
CA ASN B 136 24.93 -0.37 -40.91
C ASN B 136 25.18 0.37 -42.22
N LEU B 137 24.13 0.99 -42.74
CA LEU B 137 24.32 1.97 -43.80
C LEU B 137 25.10 3.16 -43.24
N HIS B 138 25.91 3.76 -44.10
CA HIS B 138 26.48 5.06 -43.77
C HIS B 138 25.40 6.09 -44.03
N PRO B 139 24.78 6.64 -42.99
CA PRO B 139 23.55 7.41 -43.18
C PRO B 139 23.78 8.83 -43.68
N ASP B 140 25.03 9.22 -43.91
CA ASP B 140 25.39 10.61 -44.13
C ASP B 140 25.79 10.87 -45.57
N ILE B 141 25.44 9.96 -46.47
CA ILE B 141 25.73 10.10 -47.89
C ILE B 141 24.39 10.36 -48.57
N ASP B 142 24.30 11.48 -49.29
CA ASP B 142 23.10 11.77 -50.05
C ASP B 142 22.90 10.76 -51.17
N ASN B 143 21.63 10.51 -51.49
CA ASN B 143 21.30 9.43 -52.40
C ASN B 143 21.63 9.74 -53.85
N LYS B 144 22.01 10.98 -54.19
CA LYS B 144 22.43 11.25 -55.56
C LYS B 144 23.90 10.91 -55.77
N ALA B 145 24.77 11.22 -54.80
CA ALA B 145 26.16 10.77 -54.91
C ALA B 145 26.27 9.27 -54.67
N LEU B 146 25.48 8.76 -53.72
CA LEU B 146 25.42 7.33 -53.50
C LEU B 146 24.74 6.63 -54.68
N TYR B 147 23.83 7.33 -55.36
CA TYR B 147 23.23 6.81 -56.60
C TYR B 147 24.25 6.75 -57.73
N ASP B 148 25.11 7.77 -57.84
CA ASP B 148 26.17 7.74 -58.84
C ASP B 148 27.23 6.69 -58.52
N THR B 149 27.41 6.39 -57.22
CA THR B 149 28.31 5.30 -56.85
C THR B 149 27.69 3.95 -57.19
N PHE B 150 26.40 3.77 -56.89
CA PHE B 150 25.72 2.50 -57.12
C PHE B 150 25.56 2.22 -58.61
N SER B 151 25.00 3.18 -59.35
CA SER B 151 24.39 2.96 -60.66
C SER B 151 25.35 3.20 -61.81
N VAL B 152 26.63 2.83 -61.64
CA VAL B 152 27.54 2.86 -62.79
C VAL B 152 27.21 1.72 -63.74
N PHE B 153 26.97 0.54 -63.20
CA PHE B 153 26.77 -0.70 -63.95
C PHE B 153 25.35 -0.87 -64.47
N GLY B 154 24.50 0.12 -64.27
CA GLY B 154 23.07 -0.01 -64.56
C GLY B 154 22.31 1.06 -63.79
N ASP B 155 21.07 0.73 -63.42
CA ASP B 155 20.26 1.65 -62.62
C ASP B 155 19.94 0.97 -61.29
N ILE B 156 20.85 1.06 -60.34
CA ILE B 156 20.52 0.78 -58.95
C ILE B 156 19.76 1.99 -58.42
N LEU B 157 18.48 1.79 -58.10
CA LEU B 157 17.55 2.90 -57.97
C LEU B 157 17.80 3.75 -56.74
N SER B 158 17.62 3.19 -55.54
CA SER B 158 17.62 4.06 -54.37
C SER B 158 17.89 3.30 -53.09
N SER B 159 18.84 3.80 -52.32
CA SER B 159 18.75 3.79 -50.86
C SER B 159 17.90 4.98 -50.45
N LYS B 160 17.72 5.17 -49.15
CA LYS B 160 16.93 6.29 -48.66
C LYS B 160 17.75 7.17 -47.73
N ILE B 161 17.58 8.48 -47.87
CA ILE B 161 17.90 9.44 -46.82
C ILE B 161 16.59 10.13 -46.48
N ALA B 162 15.86 9.57 -45.54
CA ALA B 162 14.64 10.16 -44.99
C ALA B 162 14.78 9.99 -43.48
N THR B 163 15.17 11.06 -42.80
CA THR B 163 15.72 10.95 -41.46
C THR B 163 14.76 11.55 -40.43
N ASP B 164 14.68 10.89 -39.27
CA ASP B 164 13.81 11.31 -38.19
C ASP B 164 14.43 12.47 -37.42
N GLU B 165 13.63 13.00 -36.48
CA GLU B 165 14.00 14.14 -35.61
C GLU B 165 14.37 15.39 -36.40
N ASN B 166 13.73 15.54 -37.57
CA ASN B 166 13.92 16.67 -38.49
C ASN B 166 15.37 16.79 -38.95
N GLY B 167 16.03 15.65 -39.14
CA GLY B 167 17.38 15.66 -39.66
C GLY B 167 18.39 14.72 -39.03
N LYS B 168 17.99 13.94 -38.03
CA LYS B 168 18.93 13.06 -37.34
C LYS B 168 19.24 11.89 -38.26
N SER B 169 20.40 11.95 -38.91
CA SER B 169 20.80 10.97 -39.92
C SER B 169 21.55 9.82 -39.25
N LYS B 170 20.79 8.78 -38.88
CA LYS B 170 21.37 7.52 -38.41
C LYS B 170 20.55 6.37 -38.97
N GLY B 171 21.14 5.18 -38.95
CA GLY B 171 20.35 4.00 -39.23
C GLY B 171 20.99 2.88 -40.02
N PHE B 172 20.62 1.66 -39.65
CA PHE B 172 20.69 0.49 -40.52
C PHE B 172 19.37 0.39 -41.27
N GLY B 173 19.43 -0.10 -42.51
CA GLY B 173 18.21 -0.13 -43.29
C GLY B 173 18.30 -0.99 -44.54
N PHE B 174 17.13 -1.35 -45.03
CA PHE B 174 16.99 -2.16 -46.23
C PHE B 174 17.21 -1.32 -47.48
N VAL B 175 17.88 -1.89 -48.49
CA VAL B 175 18.07 -1.19 -49.76
C VAL B 175 17.63 -2.13 -50.87
N HIS B 176 16.70 -1.69 -51.70
CA HIS B 176 16.10 -2.55 -52.71
C HIS B 176 16.67 -2.18 -54.07
N PHE B 177 16.99 -3.21 -54.85
CA PHE B 177 17.30 -3.08 -56.27
C PHE B 177 16.19 -3.74 -57.09
N GLU B 178 15.89 -3.14 -58.25
CA GLU B 178 14.73 -3.56 -59.04
C GLU B 178 14.94 -4.92 -59.68
N GLU B 179 16.09 -5.14 -60.28
CA GLU B 179 16.43 -6.43 -60.87
C GLU B 179 17.12 -7.29 -59.80
N GLU B 180 17.80 -8.35 -60.22
CA GLU B 180 18.63 -9.14 -59.32
C GLU B 180 20.12 -8.90 -59.51
N GLY B 181 20.54 -8.40 -60.67
CA GLY B 181 21.91 -8.53 -61.12
C GLY B 181 22.92 -7.60 -60.47
N ALA B 182 22.61 -6.31 -60.38
CA ALA B 182 23.50 -5.42 -59.66
C ALA B 182 23.29 -5.40 -58.15
N ALA B 183 22.18 -5.95 -57.65
CA ALA B 183 22.14 -6.31 -56.23
C ALA B 183 23.09 -7.46 -55.94
N LYS B 184 23.18 -8.42 -56.87
CA LYS B 184 24.19 -9.47 -56.74
C LYS B 184 25.59 -8.94 -56.98
N GLU B 185 25.74 -7.85 -57.74
CA GLU B 185 27.04 -7.21 -57.87
C GLU B 185 27.42 -6.46 -56.60
N ALA B 186 26.44 -5.84 -55.93
CA ALA B 186 26.70 -5.24 -54.63
C ALA B 186 26.95 -6.30 -53.56
N ILE B 187 26.48 -7.52 -53.77
CA ILE B 187 26.87 -8.64 -52.90
C ILE B 187 28.32 -9.04 -53.19
N ASP B 188 28.66 -9.23 -54.47
CA ASP B 188 29.92 -9.86 -54.84
C ASP B 188 31.09 -8.86 -54.88
N ALA B 189 31.03 -7.91 -55.81
CA ALA B 189 32.17 -7.02 -56.03
C ALA B 189 32.24 -5.89 -55.02
N LEU B 190 31.13 -5.55 -54.37
CA LEU B 190 31.12 -4.50 -53.36
C LEU B 190 31.15 -5.08 -51.95
N ASN B 191 31.83 -6.21 -51.77
CA ASN B 191 31.98 -6.86 -50.47
C ASN B 191 33.36 -6.52 -49.93
N GLY B 192 33.39 -5.75 -48.84
CA GLY B 192 34.65 -5.33 -48.26
C GLY B 192 35.37 -4.23 -49.01
N MET B 193 34.72 -3.59 -49.97
CA MET B 193 35.31 -2.44 -50.67
C MET B 193 34.72 -1.16 -50.09
N LEU B 194 35.57 -0.15 -49.95
CA LEU B 194 35.10 1.13 -49.40
C LEU B 194 34.23 1.84 -50.42
N LEU B 195 33.12 2.40 -49.94
CA LEU B 195 32.08 2.91 -50.82
C LEU B 195 31.56 4.22 -50.23
N ASN B 196 32.13 5.33 -50.71
CA ASN B 196 31.91 6.69 -50.19
C ASN B 196 32.21 6.78 -48.70
N GLY B 197 33.29 6.11 -48.26
CA GLY B 197 33.78 6.22 -46.91
C GLY B 197 33.47 5.05 -46.00
N GLN B 198 32.35 4.36 -46.22
CA GLN B 198 32.03 3.19 -45.43
C GLN B 198 31.57 2.07 -46.35
N GLU B 199 32.09 0.86 -46.10
CA GLU B 199 31.75 -0.31 -46.90
C GLU B 199 30.27 -0.66 -46.71
N ILE B 200 29.62 -1.05 -47.79
CA ILE B 200 28.25 -1.55 -47.65
C ILE B 200 28.33 -2.96 -47.09
N TYR B 201 27.33 -3.33 -46.31
CA TYR B 201 27.32 -4.60 -45.61
C TYR B 201 26.09 -5.38 -46.08
N VAL B 202 26.29 -6.34 -46.99
CA VAL B 202 25.18 -7.12 -47.55
C VAL B 202 25.57 -8.59 -47.63
N ALA B 203 25.21 -9.36 -46.60
CA ALA B 203 25.31 -10.82 -46.62
C ALA B 203 23.95 -11.49 -46.58
N PRO B 204 23.10 -11.11 -45.63
CA PRO B 204 21.78 -11.70 -45.49
C PRO B 204 20.79 -10.87 -46.30
N HIS B 205 20.00 -11.55 -47.14
CA HIS B 205 19.08 -10.90 -48.06
C HIS B 205 17.64 -11.14 -47.59
N LEU B 206 17.11 -10.19 -46.84
CA LEU B 206 15.78 -10.31 -46.23
C LEU B 206 15.35 -8.93 -45.75
N SER B 207 14.26 -8.90 -44.99
CA SER B 207 13.96 -7.82 -44.05
C SER B 207 13.16 -8.46 -42.92
N ARG B 208 13.87 -8.90 -41.90
CA ARG B 208 13.30 -9.80 -40.90
C ARG B 208 13.36 -9.16 -39.52
N LYS B 209 13.02 -9.96 -38.50
CA LYS B 209 13.15 -9.54 -37.12
C LYS B 209 14.62 -9.35 -36.77
N GLU B 210 14.87 -8.45 -35.82
CA GLU B 210 16.25 -8.11 -35.46
C GLU B 210 16.91 -9.25 -34.71
N ARG B 211 16.26 -9.74 -33.65
CA ARG B 211 16.79 -10.75 -32.72
C ARG B 211 18.16 -10.35 -32.19
N ASP B 212 18.25 -9.10 -31.73
CA ASP B 212 19.49 -8.53 -31.24
C ASP B 212 19.16 -7.67 -30.03
N SER B 213 20.12 -6.82 -29.62
CA SER B 213 19.90 -5.92 -28.50
C SER B 213 18.89 -4.84 -28.88
N GLN B 214 17.72 -4.91 -28.28
CA GLN B 214 16.70 -3.89 -28.47
C GLN B 214 16.97 -2.75 -27.49
N LEU B 215 15.98 -1.86 -27.33
CA LEU B 215 16.04 -0.82 -26.32
C LEU B 215 15.66 -1.39 -24.95
N GLU B 216 15.36 -0.52 -23.99
CA GLU B 216 15.26 -0.90 -22.58
C GLU B 216 14.09 -1.84 -22.33
N GLU B 217 14.40 -3.01 -21.79
CA GLU B 217 13.45 -4.04 -21.41
C GLU B 217 13.00 -3.78 -19.97
N THR B 218 12.43 -4.81 -19.30
CA THR B 218 12.00 -4.70 -17.91
C THR B 218 13.12 -4.27 -16.97
N LYS B 219 14.34 -4.70 -17.25
CA LYS B 219 15.54 -4.07 -16.69
C LYS B 219 16.39 -3.70 -17.89
N ALA B 220 17.67 -3.39 -17.68
CA ALA B 220 18.52 -3.04 -18.81
C ALA B 220 18.68 -4.22 -19.76
N HIS B 221 18.07 -4.12 -20.95
CA HIS B 221 18.42 -5.01 -22.04
C HIS B 221 19.81 -4.70 -22.57
N TYR B 222 20.29 -3.49 -22.31
CA TYR B 222 21.69 -3.13 -22.43
C TYR B 222 22.47 -3.38 -21.15
N THR B 223 22.04 -4.34 -20.33
CA THR B 223 22.94 -5.09 -19.45
C THR B 223 23.45 -6.34 -20.12
N ASN B 224 23.50 -6.32 -21.45
CA ASN B 224 24.05 -7.35 -22.32
C ASN B 224 25.51 -7.62 -22.01
N LEU B 225 25.80 -8.77 -21.40
CA LEU B 225 27.18 -9.17 -21.25
C LEU B 225 27.82 -9.51 -22.58
N TYR B 226 28.43 -8.51 -23.19
CA TYR B 226 29.29 -8.67 -24.36
C TYR B 226 30.69 -9.12 -23.93
N VAL B 227 31.14 -10.23 -24.51
CA VAL B 227 32.39 -10.89 -24.12
C VAL B 227 33.48 -10.57 -25.13
N LYS B 228 34.70 -10.34 -24.63
CA LYS B 228 35.92 -10.18 -25.40
C LYS B 228 36.72 -11.47 -25.37
N ASN B 229 37.70 -11.55 -26.29
CA ASN B 229 38.68 -12.63 -26.39
C ASN B 229 38.01 -14.00 -26.58
N ILE B 230 37.32 -14.13 -27.71
CA ILE B 230 36.54 -15.33 -28.01
C ILE B 230 37.29 -16.10 -29.09
N ASN B 231 37.43 -17.41 -28.87
CA ASN B 231 38.20 -18.27 -29.75
C ASN B 231 37.45 -18.57 -31.03
N SER B 232 38.12 -19.33 -31.91
CA SER B 232 37.53 -19.69 -33.20
C SER B 232 36.44 -20.73 -33.01
N GLU B 233 36.74 -21.81 -32.28
CA GLU B 233 35.75 -22.85 -31.99
C GLU B 233 35.04 -22.55 -30.68
N THR B 234 34.45 -21.36 -30.63
CA THR B 234 33.68 -20.89 -29.48
C THR B 234 32.54 -20.05 -30.06
N THR B 235 31.36 -20.64 -30.16
CA THR B 235 30.24 -20.01 -30.84
C THR B 235 29.25 -19.43 -29.83
N ASP B 236 28.13 -18.94 -30.35
CA ASP B 236 27.13 -18.24 -29.54
C ASP B 236 26.35 -19.16 -28.61
N GLU B 237 26.24 -20.45 -28.95
CA GLU B 237 25.55 -21.38 -28.05
C GLU B 237 26.30 -21.64 -26.76
N GLN B 238 27.62 -21.44 -26.72
CA GLN B 238 28.31 -21.60 -25.45
C GLN B 238 28.03 -20.42 -24.53
N PHE B 239 27.93 -19.23 -25.10
CA PHE B 239 27.55 -18.07 -24.31
C PHE B 239 26.06 -18.08 -23.95
N GLN B 240 25.20 -18.66 -24.79
CA GLN B 240 23.80 -18.86 -24.37
C GLN B 240 23.74 -19.82 -23.19
N GLU B 241 24.60 -20.85 -23.17
CA GLU B 241 24.48 -21.85 -22.12
C GLU B 241 25.12 -21.35 -20.82
N LEU B 242 26.23 -20.62 -20.91
CA LEU B 242 26.92 -20.17 -19.71
C LEU B 242 26.23 -18.97 -19.07
N PHE B 243 25.47 -18.21 -19.84
CA PHE B 243 24.70 -17.09 -19.33
C PHE B 243 23.21 -17.41 -19.19
N ALA B 244 22.87 -18.69 -19.14
CA ALA B 244 21.55 -19.14 -18.72
C ALA B 244 21.62 -19.80 -17.35
N LYS B 245 22.80 -19.82 -16.76
CA LYS B 245 23.00 -20.21 -15.37
C LYS B 245 22.83 -19.02 -14.45
N PHE B 246 23.01 -17.81 -14.97
CA PHE B 246 22.79 -16.57 -14.26
C PHE B 246 21.65 -15.76 -14.82
N GLY B 247 21.59 -15.58 -16.14
CA GLY B 247 20.70 -14.59 -16.71
C GLY B 247 19.77 -15.03 -17.81
N PRO B 248 18.97 -14.07 -18.29
CA PRO B 248 17.99 -14.36 -19.35
C PRO B 248 18.67 -14.41 -20.71
N ILE B 249 17.87 -14.71 -21.73
CA ILE B 249 18.28 -14.56 -23.12
C ILE B 249 17.16 -13.78 -23.81
N VAL B 250 17.35 -12.46 -23.94
CA VAL B 250 16.54 -11.70 -24.89
C VAL B 250 16.99 -12.02 -26.31
N SER B 251 18.31 -12.04 -26.53
CA SER B 251 18.90 -12.61 -27.73
C SER B 251 20.35 -12.98 -27.41
N ALA B 252 20.76 -14.17 -27.82
CA ALA B 252 22.14 -14.63 -27.68
C ALA B 252 22.70 -14.76 -29.09
N SER B 253 23.30 -13.67 -29.58
CA SER B 253 23.67 -13.58 -30.98
C SER B 253 25.04 -12.94 -31.09
N LEU B 254 25.49 -12.74 -32.33
CA LEU B 254 26.82 -12.23 -32.60
C LEU B 254 26.66 -10.90 -33.33
N GLU B 255 26.96 -9.80 -32.62
CA GLU B 255 26.69 -8.46 -33.14
C GLU B 255 27.80 -8.16 -34.16
N LYS B 256 27.57 -8.63 -35.39
CA LYS B 256 28.56 -8.65 -36.45
C LYS B 256 28.08 -7.77 -37.61
N ASP B 257 28.94 -7.59 -38.60
CA ASP B 257 28.62 -6.92 -39.86
C ASP B 257 28.71 -7.97 -40.97
N ALA B 258 28.62 -7.52 -42.22
CA ALA B 258 28.53 -8.42 -43.37
C ALA B 258 29.77 -8.38 -44.27
N ASP B 259 30.95 -8.20 -43.69
CA ASP B 259 32.16 -8.17 -44.50
C ASP B 259 32.63 -9.58 -44.85
N GLY B 260 32.68 -10.48 -43.87
CA GLY B 260 33.12 -11.84 -44.12
C GLY B 260 34.07 -12.38 -43.07
N LYS B 261 34.85 -11.48 -42.47
CA LYS B 261 35.79 -11.83 -41.41
C LYS B 261 35.12 -11.72 -40.04
N LEU B 262 35.84 -12.23 -39.02
CA LEU B 262 35.31 -12.33 -37.67
C LEU B 262 36.02 -11.33 -36.77
N LYS B 263 35.25 -10.45 -36.14
CA LYS B 263 35.76 -9.41 -35.27
C LYS B 263 35.91 -9.88 -33.81
N GLY B 264 35.00 -10.72 -33.34
CA GLY B 264 34.99 -11.18 -31.96
C GLY B 264 34.14 -10.33 -31.03
N PHE B 265 32.88 -10.07 -31.39
CA PHE B 265 31.99 -9.23 -30.59
C PHE B 265 30.58 -9.80 -30.63
N GLY B 266 30.13 -10.36 -29.50
CA GLY B 266 28.81 -10.92 -29.45
C GLY B 266 27.95 -10.32 -28.36
N PHE B 267 26.63 -10.37 -28.52
CA PHE B 267 25.68 -9.99 -27.49
C PHE B 267 25.07 -11.20 -26.81
N VAL B 268 24.96 -11.13 -25.49
CA VAL B 268 24.07 -11.99 -24.72
C VAL B 268 23.20 -11.02 -23.94
N ASN B 269 21.99 -10.80 -24.44
CA ASN B 269 21.09 -9.76 -23.97
C ASN B 269 20.34 -10.27 -22.75
N TYR B 270 20.66 -9.72 -21.59
CA TYR B 270 19.88 -10.03 -20.39
C TYR B 270 18.66 -9.13 -20.29
N GLU B 271 17.53 -9.74 -19.95
CA GLU B 271 16.35 -9.01 -19.55
C GLU B 271 16.52 -8.34 -18.19
N LYS B 272 17.48 -8.81 -17.39
CA LYS B 272 17.66 -8.39 -16.01
C LYS B 272 19.06 -7.82 -15.79
N HIS B 273 19.11 -6.70 -15.08
CA HIS B 273 20.39 -6.13 -14.62
C HIS B 273 20.85 -6.79 -13.32
N GLU B 274 19.90 -7.29 -12.51
CA GLU B 274 20.25 -8.11 -11.35
C GLU B 274 20.99 -9.37 -11.76
N ASP B 275 20.58 -9.97 -12.88
CA ASP B 275 21.28 -11.14 -13.40
C ASP B 275 22.65 -10.77 -13.95
N ALA B 276 22.83 -9.54 -14.44
CA ALA B 276 24.14 -9.09 -14.88
C ALA B 276 25.10 -8.93 -13.71
N VAL B 277 24.63 -8.26 -12.64
CA VAL B 277 25.42 -8.11 -11.42
C VAL B 277 25.67 -9.47 -10.78
N LYS B 278 24.72 -10.40 -10.87
CA LYS B 278 24.92 -11.74 -10.33
C LYS B 278 25.95 -12.53 -11.13
N ALA B 279 25.94 -12.37 -12.45
CA ALA B 279 26.90 -13.09 -13.29
C ALA B 279 28.30 -12.54 -13.13
N VAL B 280 28.42 -11.25 -12.84
CA VAL B 280 29.74 -10.71 -12.49
C VAL B 280 30.09 -11.01 -11.03
N GLU B 281 29.09 -11.30 -10.21
CA GLU B 281 29.35 -11.58 -8.80
C GLU B 281 29.92 -12.99 -8.60
N ALA B 282 29.19 -14.01 -9.02
CA ALA B 282 29.60 -15.37 -8.66
C ALA B 282 30.73 -15.88 -9.56
N LEU B 283 30.47 -16.08 -10.85
CA LEU B 283 31.52 -16.41 -11.82
C LEU B 283 32.00 -15.14 -12.50
N ASN B 284 32.91 -14.43 -11.82
CA ASN B 284 33.31 -13.07 -12.17
C ASN B 284 34.00 -13.01 -13.53
N ASP B 285 33.32 -12.38 -14.49
CA ASP B 285 33.70 -12.31 -15.91
C ASP B 285 33.84 -13.73 -16.47
N SER B 286 32.66 -14.37 -16.56
CA SER B 286 32.51 -15.83 -16.64
C SER B 286 33.19 -16.49 -17.83
N GLU B 287 34.26 -17.22 -17.53
CA GLU B 287 35.00 -18.04 -18.48
C GLU B 287 34.28 -19.38 -18.69
N LEU B 288 34.87 -20.24 -19.53
CA LEU B 288 34.30 -21.55 -19.80
C LEU B 288 35.10 -22.68 -19.19
N ASN B 289 36.35 -22.88 -19.61
CA ASN B 289 37.11 -23.99 -19.06
C ASN B 289 38.45 -23.57 -18.45
N GLY B 290 39.32 -22.98 -19.27
CA GLY B 290 40.63 -22.58 -18.79
C GLY B 290 41.18 -21.27 -19.32
N GLU B 291 40.47 -20.67 -20.27
CA GLU B 291 40.96 -19.48 -20.95
C GLU B 291 40.05 -18.29 -20.67
N LYS B 292 40.54 -17.10 -21.05
CA LYS B 292 39.87 -15.85 -20.73
C LYS B 292 38.78 -15.53 -21.77
N LEU B 293 37.52 -15.80 -21.39
CA LEU B 293 36.38 -15.16 -22.04
C LEU B 293 36.10 -13.90 -21.23
N TYR B 294 36.71 -12.80 -21.64
CA TYR B 294 36.68 -11.58 -20.84
C TYR B 294 35.30 -10.93 -20.96
N VAL B 295 34.43 -11.24 -20.00
CA VAL B 295 33.05 -10.77 -20.06
C VAL B 295 33.01 -9.32 -19.59
N GLY B 296 32.87 -8.38 -20.53
CA GLY B 296 32.80 -6.98 -20.17
C GLY B 296 31.36 -6.64 -19.80
N ARG B 297 31.14 -6.40 -18.52
CA ARG B 297 29.80 -6.16 -17.99
C ARG B 297 29.31 -4.77 -18.40
N ALA B 298 28.00 -4.63 -18.50
CA ALA B 298 27.37 -3.33 -18.72
C ALA B 298 26.52 -2.93 -17.52
N GLN B 299 26.73 -1.71 -17.02
CA GLN B 299 25.88 -1.19 -15.96
C GLN B 299 24.51 -0.81 -16.52
N LYS B 300 23.54 -0.66 -15.63
CA LYS B 300 22.15 -0.46 -16.04
C LYS B 300 21.96 0.95 -16.59
N LYS B 301 22.16 1.11 -17.90
CA LYS B 301 21.90 2.37 -18.57
C LYS B 301 20.58 2.37 -19.33
N ASN B 302 20.14 1.20 -19.79
CA ASN B 302 18.85 1.08 -20.46
C ASN B 302 17.74 1.08 -19.42
N GLU B 303 16.89 2.11 -19.46
CA GLU B 303 15.78 2.22 -18.52
C GLU B 303 14.55 2.77 -19.23
N ARG B 304 13.49 1.97 -19.25
CA ARG B 304 12.11 2.37 -19.54
C ARG B 304 11.96 2.92 -20.97
N MET B 305 12.14 2.03 -21.94
CA MET B 305 11.80 2.30 -23.33
C MET B 305 10.62 1.47 -23.81
N HIS B 306 10.68 0.14 -23.67
CA HIS B 306 9.57 -0.71 -24.04
C HIS B 306 8.51 -0.70 -22.95
N VAL B 307 7.43 -1.46 -23.19
CA VAL B 307 6.36 -1.61 -22.21
C VAL B 307 6.78 -2.52 -21.06
N LEU B 308 7.94 -3.18 -21.16
CA LEU B 308 8.30 -4.21 -20.20
C LEU B 308 8.77 -3.61 -18.89
N LYS B 309 9.48 -2.48 -18.93
CA LYS B 309 9.76 -1.79 -17.67
C LYS B 309 8.58 -0.99 -17.18
N LYS B 310 7.67 -0.57 -18.06
CA LYS B 310 6.50 0.18 -17.61
C LYS B 310 5.54 -0.72 -16.84
N GLN B 311 5.19 -1.86 -17.43
CA GLN B 311 4.36 -2.81 -16.70
C GLN B 311 5.15 -3.55 -15.61
N TYR B 312 6.45 -3.74 -15.78
CA TYR B 312 7.24 -4.40 -14.74
C TYR B 312 7.44 -3.51 -13.53
N GLU B 313 7.62 -2.22 -13.73
CA GLU B 313 7.65 -1.29 -12.62
C GLU B 313 6.26 -1.00 -12.08
N ALA B 314 5.20 -1.23 -12.87
CA ALA B 314 3.87 -1.27 -12.28
C ALA B 314 3.72 -2.44 -11.31
N TYR B 315 4.29 -3.60 -11.67
CA TYR B 315 4.33 -4.71 -10.71
C TYR B 315 5.26 -4.41 -9.54
N ARG B 316 6.36 -3.70 -9.77
CA ARG B 316 7.24 -3.28 -8.69
C ARG B 316 6.54 -2.31 -7.75
N LEU B 317 5.74 -1.40 -8.30
CA LEU B 317 4.95 -0.48 -7.47
C LEU B 317 3.85 -1.23 -6.74
N GLU B 318 3.35 -2.31 -7.35
CA GLU B 318 2.39 -3.17 -6.67
C GLU B 318 3.05 -3.97 -5.55
N LYS B 319 4.33 -4.30 -5.72
CA LYS B 319 5.13 -4.86 -4.62
C LYS B 319 5.36 -3.82 -3.52
N MET B 320 5.66 -2.57 -3.92
CA MET B 320 5.93 -1.51 -2.96
C MET B 320 4.67 -1.06 -2.23
N ALA B 321 3.50 -1.35 -2.79
CA ALA B 321 2.27 -1.25 -2.03
C ALA B 321 2.12 -2.37 -1.01
N LYS B 322 2.95 -3.41 -1.08
CA LYS B 322 2.85 -4.58 -0.21
C LYS B 322 4.10 -4.87 0.59
N TYR B 323 5.19 -4.11 0.42
CA TYR B 323 6.33 -4.27 1.32
C TYR B 323 6.01 -3.73 2.72
N GLN B 324 5.75 -2.43 2.81
CA GLN B 324 5.48 -1.69 4.06
C GLN B 324 6.64 -1.85 5.05
N GLY B 325 7.76 -1.22 4.68
CA GLY B 325 8.99 -1.15 5.49
C GLY B 325 9.59 -2.54 5.70
N VAL B 326 9.99 -3.16 4.58
CA VAL B 326 10.71 -4.42 4.63
C VAL B 326 12.19 -4.14 4.81
N ASN B 327 12.81 -3.44 3.85
CA ASN B 327 14.24 -3.15 3.92
C ASN B 327 14.42 -2.02 4.93
N LEU B 328 14.89 -2.35 6.12
CA LEU B 328 15.05 -1.38 7.19
C LEU B 328 16.49 -0.91 7.29
N PHE B 329 16.65 0.38 7.54
CA PHE B 329 17.93 0.96 7.92
C PHE B 329 18.41 0.41 9.24
N VAL B 330 19.54 -0.28 9.21
CA VAL B 330 20.24 -0.71 10.41
C VAL B 330 21.01 0.50 10.92
N LYS B 331 20.68 0.96 12.13
CA LYS B 331 21.43 2.01 12.79
C LYS B 331 22.17 1.42 13.98
N ASN B 332 23.34 2.01 14.27
CA ASN B 332 24.30 1.56 15.28
C ASN B 332 24.73 0.11 15.04
N LEU B 333 25.49 -0.08 13.96
CA LEU B 333 26.34 -1.27 13.91
C LEU B 333 27.37 -1.11 15.01
N ASP B 334 27.18 -1.84 16.10
CA ASP B 334 28.00 -1.64 17.28
C ASP B 334 29.36 -2.31 17.07
N ASP B 335 30.26 -2.14 18.04
CA ASP B 335 31.60 -2.70 17.93
C ASP B 335 31.57 -4.22 18.02
N SER B 336 30.78 -4.78 18.93
CA SER B 336 30.75 -6.21 19.18
C SER B 336 29.82 -6.94 18.23
N VAL B 337 29.21 -6.25 17.27
CA VAL B 337 28.33 -6.85 16.29
C VAL B 337 28.88 -6.51 14.92
N ASP B 338 29.21 -7.54 14.13
CA ASP B 338 29.85 -7.34 12.84
C ASP B 338 28.76 -7.28 11.77
N ASP B 339 29.19 -7.15 10.51
CA ASP B 339 28.26 -7.09 9.38
C ASP B 339 27.56 -8.43 9.17
N GLU B 340 28.34 -9.50 9.01
CA GLU B 340 27.77 -10.83 8.86
C GLU B 340 27.17 -11.34 10.16
N LYS B 341 27.73 -10.91 11.30
CA LYS B 341 27.13 -11.18 12.61
C LYS B 341 25.71 -10.63 12.70
N LEU B 342 25.51 -9.38 12.26
CA LEU B 342 24.17 -8.82 12.11
C LEU B 342 23.33 -9.61 11.10
N GLU B 343 23.94 -9.93 9.95
CA GLU B 343 23.22 -10.49 8.82
C GLU B 343 22.72 -11.90 9.09
N GLU B 344 23.34 -12.61 10.03
CA GLU B 344 22.83 -13.89 10.50
C GLU B 344 22.25 -13.86 11.92
N GLU B 345 22.31 -12.73 12.62
CA GLU B 345 21.41 -12.56 13.76
C GLU B 345 19.99 -12.27 13.30
N PHE B 346 19.84 -11.60 12.15
CA PHE B 346 18.52 -11.27 11.65
C PHE B 346 18.13 -12.05 10.40
N ALA B 347 19.01 -12.93 9.90
CA ALA B 347 18.59 -13.98 8.97
C ALA B 347 17.45 -14.86 9.50
N PRO B 348 17.31 -15.15 10.80
CA PRO B 348 16.03 -15.75 11.26
C PRO B 348 14.84 -14.79 11.23
N TYR B 349 15.03 -13.52 10.94
CA TYR B 349 13.95 -12.55 11.09
C TYR B 349 13.82 -11.67 9.86
N GLY B 350 14.03 -12.23 8.69
CA GLY B 350 13.81 -11.52 7.45
C GLY B 350 14.70 -12.04 6.35
N THR B 351 14.29 -11.79 5.11
CA THR B 351 15.01 -12.23 3.92
C THR B 351 15.58 -11.00 3.23
N ILE B 352 16.89 -10.81 3.35
CA ILE B 352 17.55 -9.61 2.84
C ILE B 352 17.84 -9.82 1.36
N THR B 353 16.97 -9.32 0.48
CA THR B 353 17.20 -9.46 -0.95
C THR B 353 18.23 -8.47 -1.48
N SER B 354 18.56 -7.45 -0.70
CA SER B 354 19.57 -6.47 -1.08
C SER B 354 20.35 -6.11 0.18
N ALA B 355 21.58 -6.64 0.29
CA ALA B 355 22.36 -6.57 1.52
C ALA B 355 23.60 -5.70 1.32
N LYS B 356 23.45 -4.40 1.50
CA LYS B 356 24.62 -3.52 1.58
C LYS B 356 25.03 -3.25 3.03
N VAL B 357 25.20 -4.32 3.80
CA VAL B 357 25.65 -4.21 5.19
C VAL B 357 27.17 -4.29 5.17
N MET B 358 27.83 -3.15 5.39
CA MET B 358 29.29 -3.12 5.42
C MET B 358 29.74 -2.25 6.58
N ARG B 359 31.04 -2.21 6.77
CA ARG B 359 31.74 -1.15 7.47
C ARG B 359 32.50 -0.35 6.42
N THR B 360 33.33 0.60 6.85
CA THR B 360 34.01 1.50 5.91
C THR B 360 35.10 0.69 5.20
N GLU B 361 34.65 -0.07 4.18
CA GLU B 361 35.41 -1.17 3.56
C GLU B 361 35.99 -2.13 4.60
N ASN B 362 35.21 -2.37 5.67
CA ASN B 362 35.62 -3.12 6.86
C ASN B 362 36.91 -2.58 7.47
N GLY B 363 37.09 -1.26 7.39
CA GLY B 363 38.18 -0.57 8.05
C GLY B 363 37.66 0.08 9.29
N LYS B 364 37.33 1.37 9.21
CA LYS B 364 36.52 1.99 10.24
C LYS B 364 35.09 1.45 10.17
N SER B 365 34.29 1.78 11.17
CA SER B 365 32.90 1.38 11.17
C SER B 365 32.08 2.28 10.26
N LYS B 366 31.15 1.67 9.53
CA LYS B 366 30.01 2.44 9.05
C LYS B 366 29.12 2.84 10.22
N GLY B 367 28.68 1.88 11.01
CA GLY B 367 27.61 2.09 11.95
C GLY B 367 26.23 1.88 11.38
N PHE B 368 26.13 1.46 10.11
CA PHE B 368 24.84 1.44 9.44
C PHE B 368 24.81 0.38 8.35
N GLY B 369 23.60 -0.06 8.04
CA GLY B 369 23.40 -0.96 6.92
C GLY B 369 21.94 -1.07 6.55
N PHE B 370 21.61 -2.14 5.82
CA PHE B 370 20.23 -2.43 5.45
C PHE B 370 19.91 -3.91 5.60
N VAL B 371 18.85 -4.19 6.36
CA VAL B 371 18.42 -5.56 6.62
C VAL B 371 16.93 -5.64 6.37
N CYS B 372 16.51 -6.57 5.53
CA CYS B 372 15.10 -6.67 5.19
C CYS B 372 14.37 -7.55 6.20
N PHE B 373 13.05 -7.36 6.27
CA PHE B 373 12.17 -8.10 7.17
C PHE B 373 11.14 -8.86 6.35
N SER B 374 10.11 -9.35 7.02
CA SER B 374 9.01 -10.06 6.38
C SER B 374 7.78 -9.18 6.20
N THR B 375 7.22 -8.69 7.29
CA THR B 375 5.93 -8.01 7.30
C THR B 375 5.94 -7.05 8.47
N PRO B 376 5.05 -6.03 8.48
CA PRO B 376 5.02 -5.09 9.63
C PRO B 376 4.79 -5.72 10.99
N GLU B 377 4.08 -6.84 11.07
CA GLU B 377 3.92 -7.45 12.37
C GLU B 377 5.15 -8.28 12.74
N GLU B 378 5.86 -8.81 11.75
CA GLU B 378 7.18 -9.36 11.99
C GLU B 378 8.17 -8.26 12.36
N ALA B 379 7.97 -7.06 11.82
CA ALA B 379 8.72 -5.90 12.30
C ALA B 379 8.37 -5.60 13.75
N THR B 380 7.09 -5.76 14.13
CA THR B 380 6.68 -5.52 15.50
C THR B 380 7.29 -6.54 16.47
N LYS B 381 7.34 -7.81 16.07
CA LYS B 381 7.98 -8.80 16.94
C LYS B 381 9.49 -8.60 17.00
N ALA B 382 10.11 -8.15 15.89
CA ALA B 382 11.53 -7.81 15.91
C ALA B 382 11.81 -6.61 16.81
N ILE B 383 10.84 -5.68 16.90
CA ILE B 383 10.92 -4.61 17.88
C ILE B 383 10.85 -5.16 19.29
N THR B 384 9.88 -6.05 19.54
CA THR B 384 9.60 -6.48 20.91
C THR B 384 10.66 -7.46 21.43
N GLU B 385 11.41 -8.14 20.55
CA GLU B 385 12.37 -9.11 21.03
C GLU B 385 13.77 -8.52 21.24
N LYS B 386 14.22 -7.63 20.34
CA LYS B 386 15.59 -7.12 20.36
C LYS B 386 15.69 -5.74 20.99
N ASN B 387 14.86 -5.45 21.98
CA ASN B 387 14.77 -4.10 22.53
C ASN B 387 15.47 -3.98 23.88
N GLN B 388 16.01 -2.78 24.12
CA GLN B 388 16.64 -2.37 25.38
C GLN B 388 17.79 -3.29 25.76
N GLN B 389 18.62 -3.61 24.77
CA GLN B 389 19.85 -4.38 24.98
C GLN B 389 21.03 -3.52 24.55
N ILE B 390 21.79 -3.05 25.53
CA ILE B 390 23.08 -2.46 25.22
C ILE B 390 24.03 -3.60 24.87
N VAL B 391 24.61 -3.54 23.68
CA VAL B 391 25.64 -4.52 23.34
C VAL B 391 26.96 -4.13 23.97
N ALA B 392 27.51 -2.97 23.58
CA ALA B 392 28.56 -2.32 24.36
C ALA B 392 28.16 -0.92 24.79
N GLY B 393 27.82 -0.04 23.85
CA GLY B 393 27.40 1.30 24.19
C GLY B 393 26.23 1.85 23.39
N LYS B 394 25.88 1.16 22.29
CA LYS B 394 24.86 1.64 21.36
C LYS B 394 23.91 0.53 20.94
N PRO B 395 22.60 0.75 21.00
CA PRO B 395 21.65 -0.32 20.70
C PRO B 395 21.50 -0.54 19.20
N LEU B 396 21.39 -1.82 18.82
CA LEU B 396 21.34 -2.22 17.42
C LEU B 396 20.00 -1.85 16.82
N TYR B 397 19.79 -0.58 16.54
CA TYR B 397 18.43 -0.08 16.28
C TYR B 397 18.13 -0.14 14.79
N VAL B 398 17.62 -1.28 14.35
CA VAL B 398 17.26 -1.49 12.96
C VAL B 398 15.81 -1.07 12.81
N ALA B 399 15.56 -0.01 12.06
CA ALA B 399 14.18 0.47 11.93
C ALA B 399 14.02 1.20 10.61
N ILE B 400 12.95 1.98 10.51
CA ILE B 400 12.59 2.75 9.33
C ILE B 400 13.56 3.90 9.07
N ALA B 401 13.44 4.53 7.91
CA ALA B 401 14.29 5.63 7.49
C ALA B 401 13.51 6.94 7.47
N GLN B 402 14.06 7.97 8.09
CA GLN B 402 13.38 9.25 8.25
C GLN B 402 14.46 10.34 8.29
N ARG B 403 14.10 11.54 8.80
CA ARG B 403 15.03 12.63 9.13
C ARG B 403 15.66 13.25 7.90
N LYS B 404 14.97 13.17 6.76
CA LYS B 404 15.49 13.77 5.54
C LYS B 404 15.56 15.28 5.65
N ASP B 405 14.76 15.88 6.51
CA ASP B 405 15.00 17.18 7.10
C ASP B 405 14.88 17.10 8.62
N VAL B 406 13.97 16.24 9.06
CA VAL B 406 13.09 16.54 10.19
C VAL B 406 13.85 16.58 11.52
N ARG B 407 15.07 16.02 11.56
CA ARG B 407 16.02 16.38 12.62
C ARG B 407 16.25 17.88 12.69
N ARG B 408 16.42 18.53 11.54
CA ARG B 408 16.71 19.95 11.59
C ARG B 408 15.45 20.78 11.78
N SER B 409 14.28 20.25 11.42
CA SER B 409 13.02 20.89 11.78
C SER B 409 12.78 20.84 13.28
N GLN B 410 13.05 19.68 13.90
CA GLN B 410 13.01 19.57 15.35
C GLN B 410 14.01 20.51 16.01
N LEU B 411 15.25 20.53 15.54
CA LEU B 411 16.24 21.41 16.15
C LEU B 411 15.87 22.88 15.99
N ALA B 412 15.21 23.21 14.88
CA ALA B 412 14.70 24.56 14.69
C ALA B 412 13.59 24.92 15.67
N GLN B 413 12.60 24.05 15.83
CA GLN B 413 11.53 24.34 16.77
C GLN B 413 11.98 24.27 18.22
N GLN B 414 12.99 23.45 18.52
CA GLN B 414 13.53 23.46 19.88
C GLN B 414 14.29 24.75 20.18
N ILE B 415 15.05 25.27 19.20
CA ILE B 415 15.69 26.58 19.40
C ILE B 415 14.65 27.67 19.59
N GLN B 416 13.57 27.63 18.80
CA GLN B 416 12.46 28.57 18.96
C GLN B 416 11.83 28.48 20.35
N ALA B 417 11.60 27.25 20.83
CA ALA B 417 11.02 27.05 22.16
C ALA B 417 11.97 27.55 23.25
N ARG B 418 13.27 27.32 23.07
CA ARG B 418 14.26 27.82 24.02
C ARG B 418 14.32 29.33 24.02
N ASN B 419 14.10 29.96 22.87
CA ASN B 419 14.11 31.41 22.81
C ASN B 419 12.92 31.99 23.56
N GLN B 420 11.74 31.41 23.32
CA GLN B 420 10.53 31.90 23.96
C GLN B 420 10.57 31.67 25.47
N MET B 421 11.02 30.48 25.87
CA MET B 421 11.17 30.18 27.28
C MET B 421 12.35 30.89 27.90
N ARG B 422 13.33 31.29 27.11
CA ARG B 422 14.49 31.97 27.66
C ARG B 422 14.21 33.44 27.90
N TYR B 423 13.45 34.09 27.02
CA TYR B 423 12.96 35.43 27.36
C TYR B 423 11.98 35.37 28.51
N GLN B 424 11.13 34.34 28.57
CA GLN B 424 10.16 34.24 29.65
C GLN B 424 10.86 34.06 31.00
N GLN B 425 11.86 33.18 31.05
CA GLN B 425 12.59 32.96 32.29
C GLN B 425 13.54 34.10 32.61
N ALA B 426 14.06 34.81 31.60
CA ALA B 426 14.83 36.01 31.84
C ALA B 426 13.96 37.14 32.39
N THR B 427 12.73 37.23 31.90
CA THR B 427 11.78 38.22 32.42
C THR B 427 11.43 37.92 33.86
N ALA B 428 11.15 36.64 34.16
CA ALA B 428 10.77 36.27 35.52
C ALA B 428 11.95 36.38 36.48
N ALA B 429 13.15 36.04 36.01
CA ALA B 429 14.36 36.20 36.82
C ALA B 429 14.73 37.66 37.02
N ALA B 430 14.45 38.52 36.04
CA ALA B 430 14.70 39.95 36.16
C ALA B 430 13.67 40.69 37.02
N ALA B 431 12.70 39.99 37.61
CA ALA B 431 11.81 40.63 38.56
C ALA B 431 12.50 40.81 39.91
N GLU D 38 25.80 -13.88 45.41
CA GLU D 38 24.39 -14.02 45.13
C GLU D 38 23.54 -13.88 46.39
N ASN D 39 22.25 -14.21 46.24
CA ASN D 39 21.28 -14.33 47.33
C ASN D 39 21.12 -13.01 48.10
N SER D 40 20.60 -12.01 47.39
CA SER D 40 20.26 -10.75 48.03
C SER D 40 19.00 -10.84 48.88
N SER D 41 18.13 -11.81 48.59
CA SER D 41 16.91 -12.03 49.37
C SER D 41 17.19 -12.85 50.61
N ALA D 42 16.13 -13.38 51.24
CA ALA D 42 16.22 -14.10 52.51
C ALA D 42 17.10 -15.34 52.43
N SER D 43 16.62 -16.35 51.68
CA SER D 43 17.32 -17.62 51.43
C SER D 43 17.73 -18.33 52.72
N LEU D 44 16.91 -18.18 53.77
CA LEU D 44 17.29 -18.55 55.13
C LEU D 44 17.36 -20.07 55.24
N TYR D 45 18.58 -20.55 55.45
CA TYR D 45 18.97 -21.95 55.23
C TYR D 45 19.14 -22.68 56.55
N VAL D 46 18.13 -23.47 56.90
CA VAL D 46 18.26 -24.42 58.01
C VAL D 46 18.82 -25.73 57.48
N GLY D 47 19.91 -26.19 58.08
CA GLY D 47 20.44 -27.52 57.85
C GLY D 47 20.35 -28.36 59.11
N ASP D 48 20.98 -29.54 59.03
CA ASP D 48 21.00 -30.55 60.10
C ASP D 48 19.57 -30.91 60.53
N LEU D 49 18.86 -31.56 59.60
CA LEU D 49 17.42 -31.68 59.67
C LEU D 49 17.01 -32.99 60.31
N GLU D 50 15.69 -33.16 60.47
CA GLU D 50 14.93 -34.26 61.03
C GLU D 50 14.32 -35.10 59.92
N PRO D 51 14.22 -36.42 60.11
CA PRO D 51 13.37 -37.24 59.23
C PRO D 51 11.90 -36.85 59.23
N SER D 52 11.26 -36.91 60.39
CA SER D 52 9.79 -36.95 60.47
C SER D 52 9.23 -35.90 61.42
N VAL D 53 9.72 -34.67 61.36
CA VAL D 53 9.05 -33.53 61.96
C VAL D 53 8.83 -32.50 60.86
N SER D 54 7.58 -32.08 60.69
CA SER D 54 7.19 -31.25 59.55
C SER D 54 7.45 -29.79 59.87
N GLU D 55 6.97 -28.91 58.98
CA GLU D 55 7.10 -27.47 59.15
C GLU D 55 5.89 -26.86 59.84
N ALA D 56 5.11 -27.67 60.56
CA ALA D 56 3.86 -27.22 61.14
C ALA D 56 4.09 -26.35 62.37
N HIS D 57 4.72 -26.92 63.41
CA HIS D 57 5.03 -26.15 64.61
C HIS D 57 6.03 -25.04 64.31
N LEU D 58 6.92 -25.32 63.36
CA LEU D 58 7.80 -24.32 62.74
C LEU D 58 7.02 -23.07 62.35
N TYR D 59 6.02 -23.22 61.48
CA TYR D 59 5.20 -22.08 61.08
C TYR D 59 4.31 -21.58 62.21
N ASP D 60 4.02 -22.43 63.20
CA ASP D 60 3.25 -21.97 64.37
C ASP D 60 4.02 -20.94 65.18
N ILE D 61 5.34 -21.10 65.28
CA ILE D 61 6.11 -20.26 66.21
C ILE D 61 6.30 -18.86 65.65
N PHE D 62 6.90 -18.73 64.46
CA PHE D 62 7.12 -17.40 63.90
C PHE D 62 5.95 -16.92 63.04
N SER D 63 4.74 -17.36 63.36
CA SER D 63 3.54 -16.74 62.80
C SER D 63 3.42 -15.22 63.03
N PRO D 64 3.56 -14.65 64.24
CA PRO D 64 3.24 -13.23 64.40
C PRO D 64 4.27 -12.26 63.85
N ILE D 65 5.26 -12.70 63.06
CA ILE D 65 6.31 -11.80 62.60
C ILE D 65 5.92 -11.01 61.36
N GLY D 66 4.84 -11.38 60.68
CA GLY D 66 4.56 -10.77 59.41
C GLY D 66 5.10 -11.57 58.24
N SER D 67 6.29 -11.20 57.77
CA SER D 67 6.85 -11.73 56.52
C SER D 67 7.27 -13.17 56.70
N VAL D 68 6.40 -14.09 56.30
CA VAL D 68 6.73 -15.49 56.13
C VAL D 68 6.35 -15.83 54.68
N SER D 69 7.33 -15.84 53.78
CA SER D 69 6.97 -15.97 52.37
C SER D 69 6.68 -17.43 52.01
N SER D 70 7.68 -18.30 52.12
CA SER D 70 7.53 -19.67 51.60
C SER D 70 8.48 -20.58 52.36
N ILE D 71 7.98 -21.68 52.88
CA ILE D 71 8.80 -22.63 53.62
C ILE D 71 8.69 -23.98 52.92
N ARG D 72 9.83 -24.56 52.56
CA ARG D 72 9.82 -25.81 51.83
C ARG D 72 11.14 -26.56 52.01
N VAL D 73 11.04 -27.87 52.18
CA VAL D 73 12.18 -28.76 52.05
C VAL D 73 11.95 -29.58 50.79
N CYS D 74 12.68 -29.26 49.72
CA CYS D 74 12.66 -30.10 48.53
C CYS D 74 13.35 -31.44 48.82
N ARG D 75 12.95 -32.47 48.07
CA ARG D 75 13.25 -33.83 48.49
C ARG D 75 13.67 -34.70 47.31
N ASP D 76 14.25 -35.83 47.67
CA ASP D 76 14.60 -37.00 46.87
C ASP D 76 13.37 -37.91 46.79
N ALA D 77 13.46 -39.03 46.07
CA ALA D 77 12.28 -39.85 45.87
C ALA D 77 12.15 -41.03 46.83
N ILE D 78 13.23 -41.60 47.38
CA ILE D 78 13.03 -42.78 48.22
C ILE D 78 13.65 -42.47 49.58
N THR D 79 12.99 -41.65 50.42
CA THR D 79 13.82 -40.86 51.33
C THR D 79 13.17 -40.40 52.63
N LYS D 80 12.43 -41.26 53.35
CA LYS D 80 11.75 -40.64 54.49
C LYS D 80 12.71 -40.76 55.69
N THR D 81 13.82 -40.02 55.54
CA THR D 81 14.81 -39.78 56.57
C THR D 81 15.36 -38.37 56.28
N SER D 82 16.13 -37.83 57.21
CA SER D 82 16.76 -36.52 57.07
C SER D 82 17.81 -36.50 55.96
N LEU D 83 17.78 -35.45 55.15
CA LEU D 83 18.71 -35.31 54.03
C LEU D 83 19.64 -34.12 54.18
N GLY D 84 19.13 -32.97 54.65
CA GLY D 84 20.01 -31.89 55.04
C GLY D 84 19.99 -30.58 54.27
N TYR D 85 18.83 -30.14 53.78
CA TYR D 85 18.69 -28.77 53.31
C TYR D 85 17.23 -28.33 53.46
N ALA D 86 17.02 -27.16 54.03
CA ALA D 86 15.68 -26.60 54.13
C ALA D 86 15.65 -25.24 53.44
N TYR D 87 14.44 -24.67 53.36
CA TYR D 87 14.25 -23.32 52.85
C TYR D 87 13.18 -22.60 53.66
N VAL D 88 13.57 -21.95 54.74
CA VAL D 88 12.61 -21.12 55.47
C VAL D 88 12.74 -19.73 54.86
N ASN D 89 12.12 -19.57 53.70
CA ASN D 89 12.31 -18.37 52.89
C ASN D 89 11.34 -17.28 53.30
N PHE D 90 11.87 -16.08 53.46
CA PHE D 90 11.10 -14.88 53.67
C PHE D 90 11.28 -14.04 52.42
N ASN D 91 10.81 -12.80 52.45
CA ASN D 91 10.83 -11.97 51.26
C ASN D 91 12.24 -11.51 50.92
N ASP D 92 12.85 -10.71 51.79
CA ASP D 92 14.21 -10.22 51.57
C ASP D 92 15.12 -10.69 52.69
N HIS D 93 16.40 -10.35 52.56
CA HIS D 93 17.38 -10.65 53.59
C HIS D 93 17.06 -9.91 54.88
N GLU D 94 16.51 -8.70 54.76
CA GLU D 94 16.21 -7.86 55.90
C GLU D 94 15.10 -8.45 56.75
N ALA D 95 14.17 -9.20 56.15
CA ALA D 95 13.22 -9.95 56.96
C ALA D 95 13.88 -11.08 57.74
N GLY D 96 14.91 -11.71 57.18
CA GLY D 96 15.70 -12.66 57.96
C GLY D 96 16.43 -12.02 59.13
N ARG D 97 17.01 -10.84 58.91
CA ARG D 97 17.70 -10.17 60.00
C ARG D 97 16.71 -9.60 61.00
N LYS D 98 15.51 -9.28 60.54
CA LYS D 98 14.46 -8.81 61.43
C LYS D 98 13.94 -9.96 62.29
N ALA D 99 13.85 -11.16 61.70
CA ALA D 99 13.52 -12.35 62.46
C ALA D 99 14.59 -12.69 63.48
N ILE D 100 15.86 -12.41 63.16
CA ILE D 100 16.91 -12.54 64.16
C ILE D 100 16.72 -11.50 65.27
N GLU D 101 16.48 -10.25 64.89
CA GLU D 101 16.49 -9.14 65.84
C GLU D 101 15.26 -9.07 66.72
N GLN D 102 14.18 -9.78 66.40
CA GLN D 102 13.08 -9.83 67.37
C GLN D 102 13.39 -10.84 68.47
N LEU D 103 13.47 -12.12 68.11
CA LEU D 103 13.92 -13.15 69.02
C LEU D 103 14.39 -14.33 68.18
N ASN D 104 15.61 -14.79 68.42
CA ASN D 104 16.11 -15.94 67.69
C ASN D 104 16.97 -16.77 68.63
N TYR D 105 17.06 -18.06 68.32
CA TYR D 105 17.88 -19.06 69.03
C TYR D 105 17.47 -19.19 70.50
N THR D 106 16.21 -19.56 70.68
CA THR D 106 15.65 -19.97 71.95
C THR D 106 15.19 -21.42 71.86
N PRO D 107 15.39 -22.23 72.89
CA PRO D 107 15.25 -23.69 72.72
C PRO D 107 13.80 -24.14 72.71
N ILE D 108 13.38 -24.73 71.59
CA ILE D 108 12.15 -25.49 71.50
C ILE D 108 12.39 -26.65 70.53
N LYS D 109 11.98 -27.87 70.95
CA LYS D 109 12.14 -29.13 70.21
C LYS D 109 13.59 -29.41 69.82
N GLY D 110 14.55 -28.91 70.60
CA GLY D 110 15.96 -29.12 70.37
C GLY D 110 16.56 -28.46 69.14
N ARG D 111 15.75 -27.88 68.27
CA ARG D 111 16.21 -27.36 66.99
C ARG D 111 16.34 -25.84 67.06
N LEU D 112 17.36 -25.32 66.38
CA LEU D 112 17.59 -23.89 66.26
C LEU D 112 17.77 -23.57 64.80
N CYS D 113 17.10 -22.52 64.32
CA CYS D 113 17.01 -22.27 62.89
C CYS D 113 18.31 -21.67 62.38
N ARG D 114 18.91 -22.36 61.42
CA ARG D 114 20.20 -22.02 60.88
C ARG D 114 20.03 -20.94 59.82
N ILE D 115 21.13 -20.29 59.46
CA ILE D 115 21.05 -19.05 58.70
C ILE D 115 21.54 -19.34 57.27
N MET D 116 21.21 -18.42 56.36
CA MET D 116 21.44 -18.55 54.92
C MET D 116 22.91 -18.82 54.61
N TRP D 117 23.16 -19.93 53.91
CA TRP D 117 24.51 -20.29 53.46
C TRP D 117 24.63 -20.30 51.95
N SER D 118 23.87 -21.16 51.24
CA SER D 118 23.61 -21.02 49.81
C SER D 118 24.88 -21.04 48.98
N GLN D 119 25.58 -22.16 49.00
CA GLN D 119 27.01 -22.14 48.75
C GLN D 119 27.46 -23.47 48.23
N ARG D 120 27.69 -23.47 46.93
CA ARG D 120 27.68 -24.61 46.05
C ARG D 120 29.09 -24.81 45.51
N ASP D 121 29.20 -25.36 44.32
CA ASP D 121 30.49 -25.89 43.84
C ASP D 121 31.62 -24.90 43.52
N PRO D 122 31.42 -23.58 43.55
CA PRO D 122 32.60 -22.74 43.83
C PRO D 122 32.92 -22.57 45.31
N SER D 123 32.00 -22.94 46.19
CA SER D 123 32.29 -22.97 47.62
C SER D 123 32.64 -24.42 47.94
N LEU D 124 33.89 -24.78 47.64
CA LEU D 124 34.44 -25.99 48.22
C LEU D 124 34.89 -25.78 49.65
N ARG D 125 35.19 -24.53 50.04
CA ARG D 125 35.71 -24.25 51.36
C ARG D 125 35.18 -22.94 51.94
N LYS D 126 33.95 -22.53 51.60
CA LYS D 126 33.40 -21.30 52.20
C LYS D 126 33.17 -21.48 53.69
N LYS D 127 32.18 -22.32 54.02
CA LYS D 127 32.02 -22.84 55.36
C LYS D 127 32.66 -24.21 55.52
N GLY D 128 33.56 -24.58 54.62
CA GLY D 128 34.36 -25.78 54.80
C GLY D 128 35.84 -25.51 55.05
N SER D 129 36.30 -24.26 54.89
CA SER D 129 37.56 -23.87 55.52
C SER D 129 37.38 -24.00 57.01
N GLY D 130 38.23 -24.80 57.64
CA GLY D 130 37.83 -25.53 58.85
C GLY D 130 37.83 -24.64 60.09
N ASN D 131 37.69 -25.32 61.23
CA ASN D 131 37.23 -24.75 62.49
C ASN D 131 38.15 -25.17 63.62
N ILE D 132 38.14 -24.43 64.71
CA ILE D 132 38.83 -24.97 65.88
C ILE D 132 37.95 -26.06 66.48
N PHE D 133 38.54 -27.24 66.68
CA PHE D 133 37.87 -28.35 67.34
C PHE D 133 38.40 -28.41 68.76
N ILE D 134 37.51 -28.38 69.73
CA ILE D 134 37.89 -28.10 71.09
C ILE D 134 37.62 -29.34 71.93
N LYS D 135 38.60 -29.72 72.74
CA LYS D 135 38.36 -30.55 73.91
C LYS D 135 38.44 -29.64 75.12
N ASN D 136 37.52 -29.88 76.07
CA ASN D 136 37.37 -29.11 77.31
C ASN D 136 37.13 -27.62 77.02
N LEU D 137 35.99 -27.35 76.39
CA LEU D 137 35.33 -26.06 76.50
C LEU D 137 34.84 -25.83 77.93
N HIS D 138 34.61 -24.57 78.26
CA HIS D 138 33.96 -24.26 79.53
C HIS D 138 32.52 -24.76 79.52
N PRO D 139 32.04 -25.37 80.63
CA PRO D 139 30.73 -26.02 80.60
C PRO D 139 29.54 -25.08 80.68
N ASP D 140 29.75 -23.79 80.47
CA ASP D 140 28.66 -22.83 80.39
C ASP D 140 28.66 -22.10 79.06
N ILE D 141 29.40 -22.59 78.08
CA ILE D 141 29.54 -21.89 76.81
C ILE D 141 28.30 -22.19 75.95
N ASP D 142 27.51 -21.15 75.70
CA ASP D 142 26.37 -21.19 74.80
C ASP D 142 26.86 -20.83 73.40
N ASN D 143 25.94 -20.47 72.50
CA ASN D 143 26.34 -19.89 71.23
C ASN D 143 26.12 -18.38 71.19
N LYS D 144 25.07 -17.89 71.87
CA LYS D 144 24.70 -16.48 71.73
C LYS D 144 25.67 -15.56 72.48
N ALA D 145 25.98 -15.87 73.75
CA ALA D 145 26.95 -15.05 74.47
C ALA D 145 28.36 -15.31 73.97
N LEU D 146 28.60 -16.51 73.44
CA LEU D 146 29.85 -16.86 72.79
C LEU D 146 30.17 -15.89 71.64
N TYR D 147 29.25 -15.76 70.68
CA TYR D 147 29.48 -14.81 69.61
C TYR D 147 29.31 -13.36 70.07
N ASP D 148 28.52 -13.11 71.12
CA ASP D 148 28.34 -11.76 71.64
C ASP D 148 29.64 -11.18 72.18
N THR D 149 30.30 -11.91 73.07
CA THR D 149 31.62 -11.48 73.54
C THR D 149 32.67 -11.63 72.44
N PHE D 150 32.51 -12.61 71.55
CA PHE D 150 33.54 -12.95 70.59
C PHE D 150 33.21 -12.46 69.18
N SER D 151 32.41 -11.40 69.07
CA SER D 151 32.31 -10.66 67.83
C SER D 151 33.44 -9.66 67.64
N VAL D 152 34.32 -9.51 68.63
CA VAL D 152 35.37 -8.51 68.55
C VAL D 152 36.47 -8.98 67.60
N PHE D 153 37.05 -10.15 67.87
CA PHE D 153 38.18 -10.62 67.07
C PHE D 153 37.69 -11.31 65.80
N GLY D 154 37.02 -12.44 65.95
CA GLY D 154 36.68 -13.28 64.82
C GLY D 154 35.21 -13.63 64.67
N ASP D 155 34.69 -13.48 63.46
CA ASP D 155 33.28 -13.73 63.19
C ASP D 155 33.03 -15.23 63.13
N ILE D 156 32.21 -15.73 64.03
CA ILE D 156 31.95 -17.17 64.11
C ILE D 156 30.81 -17.49 63.16
N LEU D 157 31.06 -18.41 62.23
CA LEU D 157 30.00 -18.86 61.32
C LEU D 157 29.14 -19.93 61.96
N SER D 158 29.70 -21.11 62.24
CA SER D 158 28.92 -22.15 62.91
C SER D 158 29.70 -22.55 64.16
N SER D 159 29.26 -22.03 65.30
CA SER D 159 29.66 -22.56 66.60
C SER D 159 28.91 -23.87 66.83
N LYS D 160 29.40 -24.92 66.19
CA LYS D 160 28.84 -26.27 66.29
C LYS D 160 29.26 -26.81 67.66
N ILE D 161 28.58 -26.32 68.69
CA ILE D 161 28.98 -26.54 70.08
C ILE D 161 28.05 -27.56 70.71
N ALA D 162 28.64 -28.58 71.33
CA ALA D 162 27.89 -29.65 72.00
C ALA D 162 27.37 -29.15 73.34
N THR D 163 26.15 -28.62 73.34
CA THR D 163 25.49 -28.17 74.56
C THR D 163 24.26 -29.03 74.80
N ASP D 164 24.22 -29.69 75.96
CA ASP D 164 23.13 -30.62 76.25
C ASP D 164 23.00 -30.73 77.77
N GLU D 165 21.84 -31.24 78.19
CA GLU D 165 21.50 -31.61 79.58
C GLU D 165 21.57 -30.38 80.51
N ASN D 166 20.64 -29.46 80.24
CA ASN D 166 20.32 -28.32 81.10
C ASN D 166 21.52 -27.38 81.26
N GLY D 167 21.94 -26.81 80.13
CA GLY D 167 22.96 -25.78 80.11
C GLY D 167 24.35 -26.29 80.44
N LYS D 168 24.91 -27.10 79.55
CA LYS D 168 26.27 -27.61 79.75
C LYS D 168 26.90 -27.84 78.39
N SER D 169 27.91 -27.03 78.07
CA SER D 169 28.78 -27.35 76.95
C SER D 169 29.62 -28.57 77.28
N LYS D 170 29.66 -29.53 76.35
CA LYS D 170 30.18 -30.87 76.62
C LYS D 170 31.70 -30.97 76.47
N GLY D 171 32.41 -29.87 76.58
CA GLY D 171 33.86 -29.89 76.45
C GLY D 171 34.39 -29.87 75.05
N PHE D 172 33.89 -30.76 74.20
CA PHE D 172 34.25 -30.76 72.80
C PHE D 172 33.28 -29.85 72.05
N GLY D 173 33.83 -29.04 71.14
CA GLY D 173 33.00 -28.17 70.33
C GLY D 173 33.70 -27.88 69.02
N PHE D 174 33.03 -27.12 68.16
CA PHE D 174 33.57 -26.81 66.84
C PHE D 174 33.26 -25.35 66.54
N VAL D 175 34.14 -24.44 66.93
CA VAL D 175 33.89 -23.03 66.66
C VAL D 175 34.38 -22.74 65.24
N HIS D 176 33.45 -22.30 64.38
CA HIS D 176 33.66 -22.31 62.94
C HIS D 176 33.42 -20.94 62.33
N PHE D 177 34.22 -20.65 61.31
CA PHE D 177 34.47 -19.32 60.80
C PHE D 177 34.23 -19.30 59.30
N GLU D 178 34.53 -18.15 58.69
CA GLU D 178 34.53 -18.03 57.24
C GLU D 178 35.87 -18.41 56.64
N GLU D 179 36.91 -18.52 57.46
CA GLU D 179 38.27 -18.80 57.01
C GLU D 179 38.95 -19.61 58.12
N GLU D 180 40.28 -19.67 58.06
CA GLU D 180 41.08 -20.11 59.18
C GLU D 180 42.02 -18.99 59.66
N GLY D 181 41.61 -17.75 59.42
CA GLY D 181 42.37 -16.58 59.85
C GLY D 181 41.80 -15.87 61.05
N ALA D 182 40.47 -15.69 61.07
CA ALA D 182 39.79 -15.22 62.28
C ALA D 182 39.88 -16.25 63.41
N ALA D 183 39.97 -17.54 63.05
CA ALA D 183 40.29 -18.60 64.00
C ALA D 183 41.61 -18.30 64.71
N LYS D 184 42.68 -18.11 63.94
CA LYS D 184 44.00 -17.83 64.50
C LYS D 184 44.02 -16.49 65.21
N GLU D 185 43.18 -15.55 64.79
CA GLU D 185 43.03 -14.28 65.49
C GLU D 185 42.46 -14.48 66.90
N ALA D 186 41.39 -15.27 67.01
CA ALA D 186 40.80 -15.53 68.30
C ALA D 186 41.69 -16.41 69.18
N ILE D 187 42.46 -17.32 68.58
CA ILE D 187 43.40 -18.12 69.36
C ILE D 187 44.53 -17.26 69.91
N ASP D 188 45.20 -16.50 69.04
CA ASP D 188 46.32 -15.67 69.44
C ASP D 188 45.90 -14.48 70.29
N ALA D 189 44.62 -14.10 70.26
CA ALA D 189 44.16 -13.15 71.26
C ALA D 189 44.04 -13.85 72.61
N LEU D 190 43.08 -14.77 72.71
CA LEU D 190 42.91 -15.61 73.89
C LEU D 190 42.22 -16.87 73.42
N ASN D 191 42.95 -17.99 73.34
CA ASN D 191 42.37 -19.26 72.91
C ASN D 191 41.54 -19.85 74.05
N GLY D 192 40.42 -19.20 74.33
CA GLY D 192 39.79 -19.32 75.63
C GLY D 192 40.47 -18.40 76.63
N MET D 193 39.83 -18.24 77.78
CA MET D 193 40.41 -17.46 78.86
C MET D 193 39.85 -17.98 80.17
N LEU D 194 40.34 -17.41 81.26
CA LEU D 194 39.95 -17.87 82.59
C LEU D 194 38.74 -17.08 83.07
N LEU D 195 37.57 -17.68 82.88
CA LEU D 195 36.39 -17.44 83.70
C LEU D 195 35.98 -18.84 84.13
N ASN D 196 36.25 -19.16 85.40
CA ASN D 196 36.37 -20.53 85.93
C ASN D 196 37.41 -21.34 85.14
N GLY D 197 38.44 -20.68 84.63
CA GLY D 197 39.74 -21.28 84.42
C GLY D 197 39.96 -22.08 83.16
N GLN D 198 38.92 -22.34 82.36
CA GLN D 198 39.04 -23.35 81.31
C GLN D 198 39.38 -22.71 79.97
N GLU D 199 40.67 -22.76 79.64
CA GLU D 199 41.19 -22.37 78.34
C GLU D 199 40.71 -23.39 77.31
N ILE D 200 40.56 -22.97 76.06
CA ILE D 200 40.02 -23.90 75.07
C ILE D 200 41.09 -24.29 74.05
N TYR D 201 40.72 -25.16 73.10
CA TYR D 201 41.64 -26.06 72.41
C TYR D 201 41.56 -25.81 70.90
N VAL D 202 42.62 -26.24 70.19
CA VAL D 202 42.76 -26.01 68.76
C VAL D 202 42.18 -27.17 67.96
N ASN E 39 21.73 23.75 17.39
CA ASN E 39 22.57 24.58 18.24
C ASN E 39 22.23 24.37 19.71
N SER E 40 22.82 23.34 20.32
CA SER E 40 22.62 23.09 21.74
C SER E 40 23.34 24.14 22.57
N SER E 41 22.72 24.55 23.68
CA SER E 41 23.34 25.51 24.59
C SER E 41 24.59 24.91 25.20
N ALA E 42 24.44 23.91 26.07
CA ALA E 42 25.59 23.08 26.39
C ALA E 42 25.12 21.66 26.68
N SER E 43 25.83 20.70 26.10
CA SER E 43 25.61 19.28 26.36
C SER E 43 27.00 18.66 26.29
N LEU E 44 27.60 18.39 27.45
CA LEU E 44 29.04 18.31 27.56
C LEU E 44 29.48 16.94 28.05
N TYR E 45 30.57 16.45 27.46
CA TYR E 45 31.21 15.20 27.82
C TYR E 45 31.94 15.30 29.15
N VAL E 46 31.72 14.32 30.03
CA VAL E 46 32.46 14.18 31.28
C VAL E 46 32.96 12.73 31.31
N GLY E 47 34.24 12.51 30.98
CA GLY E 47 34.78 11.17 30.89
C GLY E 47 35.90 10.90 31.88
N ASP E 48 36.30 9.63 31.91
CA ASP E 48 37.17 9.03 32.94
C ASP E 48 36.62 9.31 34.34
N LEU E 49 35.46 8.71 34.60
CA LEU E 49 34.77 8.86 35.86
C LEU E 49 35.15 7.75 36.84
N GLU E 50 34.56 7.80 38.03
CA GLU E 50 34.60 6.76 39.03
C GLU E 50 33.22 6.71 39.66
N PRO E 51 32.78 5.54 40.18
CA PRO E 51 31.37 5.40 40.59
C PRO E 51 30.97 6.23 41.81
N SER E 52 31.90 6.90 42.48
CA SER E 52 31.51 7.75 43.60
C SER E 52 30.81 9.03 43.14
N VAL E 53 31.10 9.49 41.93
CA VAL E 53 30.59 10.78 41.44
C VAL E 53 29.17 10.57 40.96
N SER E 54 28.19 10.95 41.78
CA SER E 54 26.80 10.96 41.36
C SER E 54 26.46 12.34 40.76
N GLU E 55 25.21 12.47 40.31
CA GLU E 55 24.76 13.78 39.82
C GLU E 55 24.49 14.76 40.97
N ALA E 56 24.34 14.27 42.19
CA ALA E 56 24.39 15.15 43.35
C ALA E 56 25.76 15.79 43.49
N HIS E 57 26.82 15.02 43.29
CA HIS E 57 28.16 15.55 43.41
C HIS E 57 28.52 16.43 42.22
N LEU E 58 28.05 16.07 41.04
CA LEU E 58 28.20 16.96 39.88
C LEU E 58 27.43 18.25 40.06
N TYR E 59 26.26 18.20 40.69
CA TYR E 59 25.52 19.42 40.97
C TYR E 59 26.25 20.27 42.02
N ASP E 60 26.88 19.61 42.99
CA ASP E 60 27.66 20.36 43.99
C ASP E 60 28.92 20.96 43.37
N ILE E 61 29.47 20.34 42.34
CA ILE E 61 30.57 20.95 41.61
C ILE E 61 30.10 22.14 40.79
N PHE E 62 29.10 21.94 39.94
CA PHE E 62 28.75 22.89 38.89
C PHE E 62 27.58 23.80 39.25
N SER E 63 27.13 23.81 40.50
CA SER E 63 26.09 24.76 40.91
C SER E 63 26.54 26.23 41.06
N PRO E 64 27.76 26.57 41.47
CA PRO E 64 28.20 27.96 41.30
C PRO E 64 28.67 28.33 39.90
N ILE E 65 28.54 27.46 38.90
CA ILE E 65 28.79 27.89 37.53
C ILE E 65 27.67 28.80 37.05
N GLY E 66 26.42 28.43 37.31
CA GLY E 66 25.33 29.38 37.19
C GLY E 66 24.02 28.94 36.55
N SER E 67 24.08 28.07 35.54
CA SER E 67 22.86 27.63 34.83
C SER E 67 22.85 26.11 34.76
N VAL E 68 22.36 25.47 35.82
CA VAL E 68 22.28 24.02 35.87
C VAL E 68 20.97 23.60 35.21
N SER E 69 21.08 22.95 34.05
CA SER E 69 19.88 22.44 33.39
C SER E 69 19.62 20.98 33.79
N SER E 70 20.54 20.08 33.46
CA SER E 70 20.35 18.67 33.79
C SER E 70 21.71 17.98 33.77
N ILE E 71 21.74 16.77 34.32
CA ILE E 71 22.94 15.94 34.35
C ILE E 71 22.54 14.55 33.86
N ARG E 72 22.98 14.21 32.65
CA ARG E 72 22.77 12.87 32.09
C ARG E 72 23.93 12.00 32.55
N VAL E 73 23.81 11.41 33.73
CA VAL E 73 24.81 10.44 34.15
C VAL E 73 24.61 9.17 33.33
N CYS E 74 25.65 8.77 32.60
CA CYS E 74 25.54 7.65 31.68
C CYS E 74 25.71 6.31 32.40
N ARG E 75 24.80 6.06 33.34
CA ARG E 75 24.67 4.72 33.90
C ARG E 75 24.04 3.85 32.83
N ASP E 76 24.89 3.19 32.05
CA ASP E 76 24.46 2.35 30.94
C ASP E 76 23.62 1.19 31.46
N ALA E 77 22.64 0.78 30.67
CA ALA E 77 21.51 0.00 31.16
C ALA E 77 21.81 -1.49 31.26
N ILE E 78 23.07 -1.90 31.37
CA ILE E 78 23.35 -3.29 31.69
C ILE E 78 23.11 -3.51 33.17
N THR E 79 23.95 -2.92 34.02
CA THR E 79 23.81 -2.95 35.48
C THR E 79 24.17 -1.59 36.08
N LYS E 80 23.63 -0.52 35.49
CA LYS E 80 23.84 0.88 35.87
C LYS E 80 25.31 1.32 35.75
N THR E 81 26.08 0.64 34.93
CA THR E 81 27.50 0.93 34.82
C THR E 81 27.74 2.19 33.97
N SER E 82 28.81 2.91 34.28
CA SER E 82 29.22 3.98 33.41
C SER E 82 29.81 3.42 32.13
N LEU E 83 29.67 4.18 31.03
CA LEU E 83 30.35 3.87 29.77
C LEU E 83 31.78 4.37 29.75
N GLY E 84 32.35 4.70 30.90
CA GLY E 84 33.54 5.50 30.98
C GLY E 84 33.29 6.99 31.05
N TYR E 85 32.03 7.41 31.03
CA TYR E 85 31.70 8.83 30.94
C TYR E 85 30.25 9.08 31.36
N ALA E 86 29.83 10.32 31.15
CA ALA E 86 28.51 10.88 31.40
C ALA E 86 28.46 12.22 30.67
N TYR E 87 27.37 12.95 30.87
CA TYR E 87 27.18 14.25 30.22
C TYR E 87 26.49 15.19 31.17
N VAL E 88 26.79 16.48 31.05
CA VAL E 88 26.09 17.52 31.79
C VAL E 88 25.54 18.53 30.80
N ASN E 89 24.25 18.82 30.92
CA ASN E 89 23.55 19.77 30.06
C ASN E 89 23.33 21.07 30.81
N PHE E 90 23.60 22.19 30.12
CA PHE E 90 23.50 23.52 30.68
C PHE E 90 22.62 24.37 29.78
N ASN E 91 21.74 25.17 30.42
CA ASN E 91 20.93 26.16 29.72
C ASN E 91 21.77 27.26 29.09
N ASP E 92 22.96 27.52 29.62
CA ASP E 92 23.82 28.60 29.14
C ASP E 92 24.96 27.99 28.34
N HIS E 93 25.18 28.50 27.13
CA HIS E 93 26.34 28.08 26.36
C HIS E 93 27.63 28.62 26.97
N GLU E 94 27.57 29.85 27.50
CA GLU E 94 28.75 30.49 28.04
C GLU E 94 29.16 29.86 29.36
N ALA E 95 28.20 29.54 30.22
CA ALA E 95 28.52 28.85 31.47
C ALA E 95 29.00 27.42 31.20
N GLY E 96 28.56 26.81 30.10
CA GLY E 96 29.09 25.50 29.73
C GLY E 96 30.54 25.57 29.27
N ARG E 97 30.85 26.55 28.40
CA ARG E 97 32.23 26.81 27.99
C ARG E 97 33.11 27.16 29.19
N LYS E 98 32.56 27.93 30.13
CA LYS E 98 33.18 28.22 31.42
C LYS E 98 33.52 26.95 32.19
N ALA E 99 32.53 26.08 32.39
CA ALA E 99 32.75 24.87 33.18
C ALA E 99 33.70 23.90 32.49
N ILE E 100 33.79 23.94 31.16
CA ILE E 100 34.83 23.18 30.47
C ILE E 100 36.20 23.76 30.77
N GLU E 101 36.39 25.04 30.43
CA GLU E 101 37.72 25.64 30.44
C GLU E 101 38.25 25.85 31.85
N GLN E 102 37.38 25.88 32.86
CA GLN E 102 37.86 25.84 34.24
C GLN E 102 38.16 24.41 34.68
N LEU E 103 37.29 23.47 34.33
CA LEU E 103 37.35 22.12 34.88
C LEU E 103 37.55 21.13 33.73
N ASN E 104 38.81 20.91 33.36
CA ASN E 104 39.22 19.88 32.42
C ASN E 104 40.41 19.18 33.06
N TYR E 105 40.25 17.91 33.41
CA TYR E 105 41.09 17.19 34.37
C TYR E 105 41.33 18.00 35.64
N THR E 106 40.25 18.23 36.34
CA THR E 106 40.24 18.63 37.73
C THR E 106 39.59 17.52 38.54
N PRO E 107 40.10 17.20 39.73
CA PRO E 107 39.57 16.03 40.44
C PRO E 107 38.21 16.28 41.07
N ILE E 108 37.17 15.75 40.43
CA ILE E 108 35.85 15.69 41.03
C ILE E 108 35.80 14.38 41.81
N LYS E 109 35.80 14.50 43.15
CA LYS E 109 35.87 13.40 44.10
C LYS E 109 37.10 12.51 43.90
N GLY E 110 38.22 13.11 43.49
CA GLY E 110 39.50 12.43 43.47
C GLY E 110 39.93 11.87 42.14
N ARG E 111 39.16 12.08 41.07
CA ARG E 111 39.55 11.62 39.75
C ARG E 111 39.34 12.75 38.76
N LEU E 112 40.33 12.95 37.89
CA LEU E 112 40.41 14.11 37.02
C LEU E 112 39.33 14.07 35.94
N CYS E 113 38.65 15.21 35.75
CA CYS E 113 37.42 15.28 34.94
C CYS E 113 37.74 15.52 33.46
N ARG E 114 37.42 14.54 32.61
CA ARG E 114 37.73 14.64 31.19
C ARG E 114 36.51 15.25 30.47
N ILE E 115 36.33 16.55 30.71
CA ILE E 115 35.16 17.27 30.23
C ILE E 115 35.52 17.92 28.90
N MET E 116 34.88 17.45 27.83
CA MET E 116 35.14 17.96 26.49
C MET E 116 33.83 18.07 25.72
N TRP E 117 33.97 18.31 24.42
CA TRP E 117 32.85 18.39 23.49
C TRP E 117 32.58 16.99 22.96
N SER E 118 31.32 16.69 22.70
CA SER E 118 30.98 15.41 22.07
C SER E 118 29.88 15.55 21.04
N GLN E 119 29.79 16.68 20.36
CA GLN E 119 28.80 16.86 19.31
C GLN E 119 29.06 15.94 18.13
N ARG E 120 30.32 15.83 17.71
CA ARG E 120 30.70 14.96 16.59
C ARG E 120 31.06 13.56 17.05
N ASP E 121 30.94 13.28 18.33
CA ASP E 121 31.32 11.99 18.90
C ASP E 121 30.37 10.82 18.62
N PRO E 122 29.04 10.98 18.50
CA PRO E 122 28.28 9.90 17.86
C PRO E 122 28.60 9.76 16.38
N SER E 123 28.99 10.84 15.71
CA SER E 123 29.50 10.72 14.35
C SER E 123 30.88 10.07 14.34
N LEU E 124 31.68 10.29 15.37
CA LEU E 124 32.94 9.56 15.50
C LEU E 124 32.69 8.10 15.85
N ARG E 125 31.57 7.81 16.51
CA ARG E 125 31.17 6.43 16.77
C ARG E 125 30.78 5.73 15.47
N LYS E 126 29.75 6.27 14.79
CA LYS E 126 29.35 5.73 13.50
C LYS E 126 30.06 6.44 12.35
N LYS E 127 31.37 6.62 12.54
CA LYS E 127 32.32 6.89 11.47
C LYS E 127 33.61 6.13 11.65
N GLY E 128 33.87 5.56 12.83
CA GLY E 128 35.12 4.95 13.16
C GLY E 128 36.21 5.90 13.57
N SER E 129 36.07 7.20 13.28
CA SER E 129 37.08 8.19 13.58
C SER E 129 36.96 8.61 15.04
N GLY E 130 37.66 9.69 15.41
CA GLY E 130 37.60 10.14 16.77
C GLY E 130 38.92 10.23 17.48
N ASN E 131 39.16 9.33 18.43
CA ASN E 131 40.37 9.31 19.24
C ASN E 131 41.62 8.91 18.48
N ILE E 132 42.33 9.86 17.86
CA ILE E 132 43.52 9.47 17.12
C ILE E 132 44.71 9.33 18.06
N PHE E 133 45.76 8.72 17.53
CA PHE E 133 46.88 8.18 18.32
C PHE E 133 48.05 9.14 18.36
N ILE E 134 47.83 10.29 18.97
CA ILE E 134 48.97 11.12 19.36
C ILE E 134 49.60 10.39 20.53
N LYS E 135 50.69 9.68 20.28
CA LYS E 135 51.26 8.72 21.21
C LYS E 135 52.61 9.23 21.72
N ASN E 136 53.28 8.38 22.51
CA ASN E 136 54.47 8.71 23.29
C ASN E 136 54.24 9.99 24.10
N LEU E 137 53.15 10.01 24.84
CA LEU E 137 52.82 11.19 25.62
C LEU E 137 53.64 11.20 26.91
N HIS E 138 53.37 12.17 27.78
CA HIS E 138 54.22 12.14 28.95
C HIS E 138 53.55 11.41 30.10
N PRO E 139 54.26 10.54 30.81
CA PRO E 139 53.66 9.79 31.92
C PRO E 139 53.45 10.60 33.19
N ASP E 140 53.81 11.87 33.21
CA ASP E 140 53.61 12.74 34.36
C ASP E 140 52.80 13.98 34.02
N ILE E 141 52.23 14.03 32.81
CA ILE E 141 51.44 15.16 32.35
C ILE E 141 50.08 14.65 31.92
N ASP E 142 49.02 15.22 32.49
CA ASP E 142 47.66 14.77 32.29
C ASP E 142 46.99 15.58 31.18
N ASN E 143 45.68 15.42 31.04
CA ASN E 143 44.95 16.16 30.02
C ASN E 143 44.89 17.65 30.33
N LYS E 144 45.01 18.04 31.60
CA LYS E 144 44.87 19.46 31.93
C LYS E 144 46.10 20.25 31.53
N ALA E 145 47.29 19.72 31.85
CA ALA E 145 48.52 20.45 31.56
C ALA E 145 48.83 20.40 30.07
N LEU E 146 48.63 19.25 29.43
CA LEU E 146 48.86 19.17 28.00
C LEU E 146 47.73 19.83 27.22
N TYR E 147 46.52 19.89 27.79
CA TYR E 147 45.43 20.67 27.21
C TYR E 147 45.76 22.14 27.18
N ASP E 148 46.19 22.70 28.33
CA ASP E 148 46.55 24.10 28.38
C ASP E 148 47.86 24.38 27.66
N THR E 149 48.68 23.34 27.43
CA THR E 149 49.89 23.48 26.64
C THR E 149 49.57 23.57 25.15
N PHE E 150 48.88 22.56 24.62
CA PHE E 150 48.61 22.47 23.19
C PHE E 150 47.22 22.98 22.83
N SER E 151 46.64 23.84 23.67
CA SER E 151 45.50 24.63 23.24
C SER E 151 45.91 25.72 22.25
N VAL E 152 47.21 26.02 22.16
CA VAL E 152 47.73 26.77 21.03
C VAL E 152 47.68 25.95 19.75
N PHE E 153 47.64 24.63 19.86
CA PHE E 153 47.34 23.78 18.72
C PHE E 153 45.85 23.49 18.59
N GLY E 154 45.10 23.62 19.67
CA GLY E 154 43.66 23.69 19.60
C GLY E 154 43.00 23.13 20.85
N ASP E 155 41.73 23.49 21.02
CA ASP E 155 40.83 22.87 21.98
C ASP E 155 40.69 21.39 21.62
N ILE E 156 41.24 20.51 22.45
CA ILE E 156 41.33 19.09 22.10
C ILE E 156 39.96 18.48 22.39
N LEU E 157 39.16 18.26 21.35
CA LEU E 157 37.82 17.73 21.54
C LEU E 157 37.78 16.29 21.99
N SER E 158 38.82 15.49 21.73
CA SER E 158 38.89 14.14 22.27
C SER E 158 40.30 13.93 22.81
N SER E 159 40.53 14.35 24.04
CA SER E 159 41.84 14.27 24.68
C SER E 159 41.82 13.14 25.70
N LYS E 160 42.65 12.12 25.49
CA LYS E 160 43.01 11.28 26.61
C LYS E 160 44.46 10.83 26.48
N ILE E 161 45.09 10.72 27.64
CA ILE E 161 46.42 10.18 27.83
C ILE E 161 46.13 8.87 28.55
N ALA E 162 47.15 8.07 28.89
CA ALA E 162 46.87 6.82 29.58
C ALA E 162 46.68 7.02 31.09
N THR E 163 45.85 7.99 31.47
CA THR E 163 45.72 8.47 32.84
C THR E 163 44.66 7.64 33.58
N ASP E 164 44.98 6.37 33.76
CA ASP E 164 44.24 5.53 34.68
C ASP E 164 44.87 5.63 36.06
N GLU E 165 44.42 4.77 36.98
CA GLU E 165 45.10 4.47 38.25
C GLU E 165 45.21 5.70 39.16
N ASN E 166 44.21 6.57 39.06
CA ASN E 166 44.12 7.84 39.80
C ASN E 166 45.33 8.74 39.56
N GLY E 167 45.63 8.97 38.29
CA GLY E 167 46.61 9.98 37.89
C GLY E 167 47.77 9.47 37.08
N LYS E 168 48.08 8.18 37.14
CA LYS E 168 49.27 7.67 36.46
C LYS E 168 49.01 7.48 34.98
N SER E 169 49.75 8.19 34.15
CA SER E 169 49.82 7.89 32.73
C SER E 169 50.93 6.90 32.44
N LYS E 170 50.69 6.02 31.46
CA LYS E 170 51.70 5.09 30.99
C LYS E 170 52.61 5.67 29.94
N GLY E 171 52.43 6.93 29.57
CA GLY E 171 53.29 7.57 28.61
C GLY E 171 52.77 7.62 27.19
N PHE E 172 51.46 7.48 26.98
CA PHE E 172 50.84 7.57 25.66
C PHE E 172 49.35 7.85 25.84
N GLY E 173 48.61 7.76 24.75
CA GLY E 173 47.17 7.97 24.80
C GLY E 173 46.62 8.32 23.44
N PHE E 174 45.31 8.58 23.43
CA PHE E 174 44.59 8.94 22.22
C PHE E 174 44.17 10.41 22.35
N VAL E 175 45.04 11.28 21.86
CA VAL E 175 44.75 12.70 21.77
C VAL E 175 44.30 13.01 20.34
N HIS E 176 43.19 13.73 20.20
CA HIS E 176 42.78 14.27 18.91
C HIS E 176 42.01 15.57 19.06
N PHE E 177 42.38 16.53 18.22
CA PHE E 177 41.89 17.91 18.29
C PHE E 177 40.48 18.06 17.74
N GLU E 178 40.14 19.30 17.43
CA GLU E 178 38.91 19.66 16.72
C GLU E 178 38.67 18.76 15.52
N GLU E 179 39.59 18.77 14.56
CA GLU E 179 39.35 18.16 13.27
C GLU E 179 40.70 17.90 12.59
N GLU E 180 40.63 17.54 11.30
CA GLU E 180 41.81 17.13 10.54
C GLU E 180 42.80 18.28 10.33
N GLY E 181 42.30 19.51 10.22
CA GLY E 181 43.18 20.64 9.97
C GLY E 181 44.04 21.01 11.17
N ALA E 182 43.41 21.12 12.34
CA ALA E 182 44.16 21.43 13.56
C ALA E 182 45.08 20.29 13.96
N ALA E 183 44.61 19.05 13.81
CA ALA E 183 45.46 17.89 14.09
C ALA E 183 46.63 17.81 13.12
N LYS E 184 46.39 18.13 11.84
CA LYS E 184 47.47 18.10 10.86
C LYS E 184 48.44 19.26 11.05
N GLU E 185 47.93 20.39 11.56
CA GLU E 185 48.78 21.50 11.97
C GLU E 185 49.69 21.09 13.13
N ALA E 186 49.14 20.34 14.08
CA ALA E 186 49.96 19.83 15.18
C ALA E 186 50.96 18.79 14.70
N ILE E 187 50.59 17.99 13.69
CA ILE E 187 51.50 17.01 13.11
C ILE E 187 52.67 17.70 12.42
N ASP E 188 52.34 18.58 11.47
CA ASP E 188 53.36 19.19 10.63
C ASP E 188 54.14 20.26 11.38
N ALA E 189 53.60 20.77 12.48
CA ALA E 189 54.28 21.72 13.34
C ALA E 189 55.13 21.02 14.39
N LEU E 190 54.58 19.99 15.05
CA LEU E 190 55.26 19.31 16.14
C LEU E 190 55.21 17.79 15.89
N ASN E 191 56.24 17.26 15.21
CA ASN E 191 56.43 15.82 15.10
C ASN E 191 57.88 15.48 15.48
N GLY E 192 58.11 15.07 16.71
CA GLY E 192 59.47 14.87 17.20
C GLY E 192 60.09 15.99 18.00
N MET E 193 59.31 16.87 18.63
CA MET E 193 59.88 17.97 19.37
C MET E 193 60.19 17.45 20.79
N LEU E 194 60.64 18.34 21.67
CA LEU E 194 61.03 17.96 23.03
C LEU E 194 59.98 18.44 24.01
N LEU E 195 59.66 17.56 24.96
CA LEU E 195 58.69 17.86 26.01
C LEU E 195 59.11 16.99 27.18
N ASN E 196 59.84 17.62 28.12
CA ASN E 196 60.43 16.97 29.29
C ASN E 196 61.29 15.77 28.91
N GLY E 197 62.01 15.91 27.79
CA GLY E 197 62.86 14.85 27.30
C GLY E 197 62.08 13.70 26.72
N GLN E 198 61.10 14.00 25.88
CA GLN E 198 60.31 12.96 25.23
C GLN E 198 59.62 13.53 23.99
N GLU E 199 59.75 12.83 22.87
CA GLU E 199 59.04 13.11 21.63
C GLU E 199 57.63 12.51 21.67
N ILE E 200 56.85 12.81 20.63
CA ILE E 200 55.55 12.18 20.41
C ILE E 200 55.59 11.44 19.08
N TYR E 201 54.61 10.55 18.89
CA TYR E 201 54.51 9.77 17.65
C TYR E 201 53.05 9.57 17.27
N VAL E 202 52.59 10.37 16.30
CA VAL E 202 51.27 10.21 15.69
C VAL E 202 51.38 9.68 14.27
N ALA E 203 52.59 9.56 13.73
CA ALA E 203 52.81 9.03 12.39
C ALA E 203 52.34 7.59 12.26
N PRO E 204 52.75 6.72 13.18
CA PRO E 204 52.28 5.34 13.20
C PRO E 204 51.35 5.11 14.38
N HIS E 205 50.38 4.21 14.18
CA HIS E 205 49.40 3.86 15.21
C HIS E 205 50.08 2.98 16.23
N LEU E 206 50.81 3.62 17.14
CA LEU E 206 51.70 2.93 18.04
C LEU E 206 50.94 2.30 19.20
N SER E 207 51.04 0.97 19.32
CA SER E 207 50.37 0.20 20.36
C SER E 207 50.97 0.52 21.73
N ARG E 208 50.43 -0.12 22.76
CA ARG E 208 50.72 0.23 24.15
C ARG E 208 52.17 -0.09 24.54
N LYS E 209 52.50 0.24 25.81
CA LYS E 209 53.83 0.14 26.41
C LYS E 209 54.84 0.97 25.62
N GLU E 210 54.68 2.29 25.72
CA GLU E 210 55.52 3.21 24.98
C GLU E 210 56.51 3.98 25.83
N ARG E 211 56.23 4.19 27.12
CA ARG E 211 57.31 4.63 28.00
C ARG E 211 58.36 3.54 28.13
N ASP E 212 57.94 2.30 28.27
CA ASP E 212 58.83 1.16 28.34
C ASP E 212 59.13 0.57 26.97
N SER E 213 58.92 1.36 25.90
CA SER E 213 59.26 0.91 24.55
C SER E 213 60.76 0.69 24.40
N GLN E 214 61.57 1.63 24.87
CA GLN E 214 63.02 1.44 24.80
C GLN E 214 63.49 0.40 25.82
N LEU E 215 62.75 0.21 26.90
CA LEU E 215 63.04 -0.91 27.79
C LEU E 215 62.80 -2.25 27.10
N GLU E 216 61.78 -2.32 26.24
CA GLU E 216 61.64 -3.47 25.36
C GLU E 216 62.74 -3.54 24.32
N GLU E 217 63.20 -2.38 23.84
CA GLU E 217 64.19 -2.29 22.78
C GLU E 217 65.63 -2.34 23.29
N THR E 218 65.81 -2.61 24.58
CA THR E 218 67.12 -2.74 25.19
C THR E 218 67.94 -3.84 24.53
N LYS E 219 69.24 -3.59 24.36
CA LYS E 219 70.14 -4.34 23.49
C LYS E 219 70.66 -5.63 24.11
N ALA E 220 70.07 -6.13 25.20
CA ALA E 220 70.52 -7.38 25.80
C ALA E 220 69.44 -8.45 25.75
N HIS E 221 68.25 -8.17 26.26
CA HIS E 221 67.19 -9.16 26.29
C HIS E 221 66.46 -9.17 24.95
N TYR E 222 66.06 -10.36 24.53
CA TYR E 222 65.21 -10.59 23.36
C TYR E 222 64.74 -12.04 23.37
N THR E 223 63.44 -12.21 23.07
CA THR E 223 62.85 -13.54 22.91
C THR E 223 63.49 -14.26 21.75
N ASN E 224 64.32 -15.26 22.04
CA ASN E 224 64.93 -16.00 20.96
C ASN E 224 63.94 -16.96 20.34
N LEU E 225 64.45 -17.74 19.40
CA LEU E 225 63.64 -18.69 18.67
C LEU E 225 64.28 -20.06 18.82
N TYR E 226 63.69 -20.93 19.64
CA TYR E 226 64.22 -22.28 19.73
C TYR E 226 63.78 -23.08 18.52
N VAL E 227 64.76 -23.47 17.72
CA VAL E 227 64.57 -24.43 16.64
C VAL E 227 64.84 -25.83 17.16
N LYS E 228 63.84 -26.70 17.07
CA LYS E 228 63.93 -28.00 17.71
C LYS E 228 64.46 -29.04 16.73
N ASN E 229 65.22 -30.00 17.28
CA ASN E 229 65.74 -31.18 16.56
C ASN E 229 66.70 -30.80 15.43
N ILE E 230 67.66 -29.94 15.74
CA ILE E 230 68.63 -29.50 14.73
C ILE E 230 69.70 -30.58 14.56
N ASN E 231 70.05 -30.85 13.30
CA ASN E 231 71.23 -31.64 12.99
C ASN E 231 72.51 -30.86 13.33
N SER E 232 73.60 -31.58 13.59
CA SER E 232 74.85 -30.98 14.03
C SER E 232 75.55 -30.16 12.96
N GLU E 233 75.11 -30.25 11.70
CA GLU E 233 75.71 -29.50 10.59
C GLU E 233 75.50 -28.00 10.71
N THR E 234 74.47 -27.56 11.42
CA THR E 234 74.19 -26.13 11.58
C THR E 234 75.15 -25.53 12.60
N THR E 235 75.88 -24.51 12.18
CA THR E 235 76.87 -23.84 13.00
C THR E 235 76.40 -22.42 13.31
N ASP E 236 77.25 -21.67 14.01
CA ASP E 236 76.98 -20.26 14.27
C ASP E 236 76.96 -19.45 12.96
N GLU E 237 77.76 -19.88 11.98
CA GLU E 237 77.66 -19.33 10.64
C GLU E 237 76.29 -19.64 10.02
N GLN E 238 75.81 -20.87 10.22
CA GLN E 238 74.60 -21.32 9.54
C GLN E 238 73.34 -20.71 10.14
N PHE E 239 73.36 -20.32 11.41
CA PHE E 239 72.24 -19.59 12.00
C PHE E 239 72.13 -18.14 11.54
N GLN E 240 73.05 -17.65 10.73
CA GLN E 240 72.99 -16.29 10.23
C GLN E 240 72.77 -16.22 8.72
N GLU E 241 72.90 -17.34 8.00
CA GLU E 241 72.84 -17.35 6.55
C GLU E 241 71.46 -17.03 5.97
N LEU E 242 70.48 -17.88 6.20
CA LEU E 242 69.14 -17.65 5.68
C LEU E 242 68.24 -16.95 6.67
N PHE E 243 68.75 -16.66 7.86
CA PHE E 243 67.94 -16.10 8.93
C PHE E 243 68.08 -14.58 9.06
N ALA E 244 69.22 -14.01 8.66
CA ALA E 244 69.42 -12.57 8.75
C ALA E 244 68.50 -11.77 7.82
N LYS E 245 67.94 -12.40 6.78
CA LYS E 245 66.96 -11.73 5.96
C LYS E 245 65.61 -11.65 6.66
N PHE E 246 65.27 -12.64 7.49
CA PHE E 246 64.00 -12.73 8.18
C PHE E 246 64.04 -12.04 9.54
N GLY E 247 64.95 -11.09 9.69
CA GLY E 247 65.30 -10.48 10.95
C GLY E 247 66.81 -10.56 11.08
N PRO E 248 67.48 -9.41 11.11
CA PRO E 248 68.95 -9.40 11.06
C PRO E 248 69.59 -10.01 12.29
N ILE E 249 70.64 -10.78 12.05
CA ILE E 249 71.36 -11.50 13.10
C ILE E 249 72.82 -11.08 13.10
N VAL E 250 73.28 -10.59 14.24
CA VAL E 250 74.68 -10.66 14.61
C VAL E 250 74.94 -11.81 15.57
N SER E 251 74.11 -11.91 16.60
CA SER E 251 74.27 -12.95 17.62
C SER E 251 73.65 -14.25 17.08
N ALA E 252 74.49 -15.24 16.80
CA ALA E 252 74.03 -16.55 16.34
C ALA E 252 74.73 -17.61 17.18
N SER E 253 73.99 -18.28 18.05
CA SER E 253 74.55 -19.17 19.05
C SER E 253 74.03 -20.59 18.81
N LEU E 254 74.92 -21.49 18.44
CA LEU E 254 74.62 -22.92 18.42
C LEU E 254 74.48 -23.38 19.86
N GLU E 255 73.24 -23.49 20.33
CA GLU E 255 73.00 -23.77 21.74
C GLU E 255 73.35 -25.21 22.06
N LYS E 256 74.54 -25.39 22.62
CA LYS E 256 74.83 -26.58 23.40
C LYS E 256 74.35 -26.36 24.83
N ASP E 257 74.06 -27.45 25.51
CA ASP E 257 73.46 -27.38 26.82
C ASP E 257 74.53 -27.54 27.90
N ALA E 258 74.10 -27.74 29.13
CA ALA E 258 75.02 -28.06 30.23
C ALA E 258 75.35 -29.55 30.28
N ASP E 259 75.00 -30.30 29.23
CA ASP E 259 75.29 -31.72 29.13
C ASP E 259 76.37 -32.02 28.09
N GLY E 260 76.94 -31.00 27.48
CA GLY E 260 77.96 -31.15 26.46
C GLY E 260 77.47 -31.30 25.03
N LYS E 261 76.37 -32.01 24.84
CA LYS E 261 75.85 -32.27 23.50
C LYS E 261 75.01 -31.10 23.02
N LEU E 262 74.28 -31.33 21.94
CA LEU E 262 73.18 -30.48 21.54
C LEU E 262 71.88 -31.08 22.07
N LYS E 263 70.99 -30.22 22.55
CA LYS E 263 69.61 -30.63 22.74
C LYS E 263 68.85 -30.78 21.43
N GLY E 264 69.43 -30.31 20.33
CA GLY E 264 68.70 -30.15 19.10
C GLY E 264 67.93 -28.86 19.03
N PHE E 265 68.04 -28.01 20.04
CA PHE E 265 67.26 -26.78 20.12
C PHE E 265 68.28 -25.65 20.05
N GLY E 266 68.15 -24.80 19.06
CA GLY E 266 69.08 -23.68 18.88
C GLY E 266 68.36 -22.36 18.92
N PHE E 267 68.95 -21.38 19.60
CA PHE E 267 68.31 -20.09 19.84
C PHE E 267 68.69 -19.13 18.71
N VAL E 268 67.72 -18.84 17.85
CA VAL E 268 67.88 -17.86 16.79
C VAL E 268 67.59 -16.49 17.36
N ASN E 269 68.52 -15.56 17.18
CA ASN E 269 68.44 -14.24 17.83
C ASN E 269 68.23 -13.21 16.73
N TYR E 270 66.98 -13.01 16.34
CA TYR E 270 66.63 -11.98 15.37
C TYR E 270 66.69 -10.58 15.98
N GLU E 271 66.20 -9.62 15.22
CA GLU E 271 66.22 -8.21 15.55
C GLU E 271 65.05 -7.79 16.43
N LYS E 272 63.84 -8.28 16.15
CA LYS E 272 62.67 -7.85 16.90
C LYS E 272 61.73 -9.04 17.08
N HIS E 273 60.93 -8.95 18.15
CA HIS E 273 59.98 -10.00 18.54
C HIS E 273 58.90 -10.20 17.48
N GLU E 274 58.63 -9.19 16.64
CA GLU E 274 57.81 -9.40 15.46
C GLU E 274 58.48 -10.32 14.44
N ASP E 275 59.80 -10.44 14.44
CA ASP E 275 60.43 -11.38 13.52
C ASP E 275 60.56 -12.74 14.18
N ALA E 276 60.54 -12.77 15.52
CA ALA E 276 60.19 -13.98 16.24
C ALA E 276 58.80 -14.47 15.84
N VAL E 277 57.83 -13.53 15.69
CA VAL E 277 56.52 -13.89 15.14
C VAL E 277 56.66 -14.40 13.70
N LYS E 278 57.48 -13.72 12.90
CA LYS E 278 57.62 -14.06 11.48
C LYS E 278 58.25 -15.43 11.28
N ALA E 279 59.09 -15.89 12.20
CA ALA E 279 59.67 -17.21 12.02
C ALA E 279 59.07 -18.27 12.93
N VAL E 280 58.13 -17.91 13.82
CA VAL E 280 57.32 -18.95 14.45
C VAL E 280 56.10 -19.28 13.58
N GLU E 281 55.60 -18.31 12.80
CA GLU E 281 54.48 -18.59 11.91
C GLU E 281 54.83 -18.36 10.44
N ALA E 282 56.11 -18.34 10.09
CA ALA E 282 56.50 -18.47 8.69
C ALA E 282 57.60 -19.51 8.48
N LEU E 283 58.58 -19.58 9.37
CA LEU E 283 59.56 -20.67 9.34
C LEU E 283 59.19 -21.79 10.28
N ASN E 284 57.97 -22.31 10.23
CA ASN E 284 57.55 -23.38 11.12
C ASN E 284 57.73 -24.69 10.35
N ASP E 285 58.61 -25.56 10.88
CA ASP E 285 59.07 -26.80 10.23
C ASP E 285 59.68 -26.53 8.85
N SER E 286 60.35 -25.39 8.72
CA SER E 286 60.99 -25.01 7.46
C SER E 286 62.34 -25.70 7.34
N GLU E 287 62.96 -25.56 6.18
CA GLU E 287 64.30 -26.09 5.95
C GLU E 287 65.32 -24.95 5.98
N LEU E 288 66.22 -25.00 6.96
CA LEU E 288 67.41 -24.17 6.89
C LEU E 288 68.36 -24.69 5.83
N ASN E 289 68.80 -25.94 5.96
CA ASN E 289 69.50 -26.62 4.89
C ASN E 289 68.73 -27.83 4.39
N GLY E 290 68.46 -28.79 5.27
CA GLY E 290 67.71 -29.98 4.91
C GLY E 290 66.84 -30.48 6.04
N GLU E 291 66.88 -29.80 7.18
CA GLU E 291 66.30 -30.30 8.41
C GLU E 291 65.20 -29.35 8.91
N LYS E 292 64.54 -29.76 9.98
CA LYS E 292 63.34 -29.08 10.47
C LYS E 292 63.66 -27.73 11.10
N LEU E 293 62.72 -26.81 11.00
CA LEU E 293 62.76 -25.61 11.84
C LEU E 293 61.45 -25.58 12.62
N TYR E 294 61.36 -26.38 13.68
CA TYR E 294 60.23 -26.22 14.59
C TYR E 294 60.62 -25.08 15.49
N VAL E 295 60.21 -23.89 15.11
CA VAL E 295 60.55 -22.67 15.81
C VAL E 295 59.46 -22.36 16.83
N GLY E 296 59.81 -22.54 18.11
CA GLY E 296 59.03 -22.00 19.19
C GLY E 296 59.70 -20.74 19.74
N ARG E 297 58.96 -20.06 20.62
CA ARG E 297 59.38 -18.75 21.10
C ARG E 297 60.20 -18.98 22.36
N ALA E 298 61.52 -19.02 22.22
CA ALA E 298 62.40 -19.08 23.38
C ALA E 298 62.27 -17.84 24.27
N GLN E 299 61.61 -18.01 25.42
CA GLN E 299 61.45 -17.00 26.47
C GLN E 299 60.74 -15.74 25.95
N LYS E 300 59.43 -15.89 25.72
CA LYS E 300 58.56 -14.78 25.34
C LYS E 300 58.68 -13.58 26.27
N LYS E 301 59.03 -12.45 25.69
CA LYS E 301 58.83 -11.16 26.34
C LYS E 301 57.49 -10.62 25.87
N ASN E 302 56.62 -10.29 26.83
CA ASN E 302 55.19 -10.10 26.57
C ASN E 302 54.97 -8.76 25.87
N GLU E 303 55.24 -8.74 24.57
CA GLU E 303 54.71 -7.72 23.69
C GLU E 303 53.97 -8.29 22.49
N ARG E 304 54.22 -9.54 22.13
CA ARG E 304 53.26 -10.36 21.40
C ARG E 304 52.93 -11.57 22.26
N MET E 305 51.68 -12.01 22.15
CA MET E 305 50.90 -12.57 23.30
C MET E 305 49.89 -13.57 22.75
N HIS E 306 48.86 -13.87 23.56
CA HIS E 306 47.64 -14.64 23.25
C HIS E 306 47.91 -16.01 22.61
N VAL E 307 49.12 -16.56 22.73
CA VAL E 307 49.33 -17.95 22.34
C VAL E 307 48.60 -18.85 23.32
N LEU E 308 47.83 -19.80 22.78
CA LEU E 308 47.03 -20.80 23.50
C LEU E 308 45.91 -20.19 24.34
N LYS E 309 45.58 -18.91 24.12
CA LYS E 309 44.38 -18.33 24.73
C LYS E 309 43.12 -18.95 24.13
N LYS E 310 43.22 -19.44 22.89
CA LYS E 310 42.17 -20.26 22.30
C LYS E 310 41.98 -21.56 23.07
N GLN E 311 43.05 -22.03 23.71
CA GLN E 311 42.97 -23.11 24.70
C GLN E 311 41.91 -22.79 25.75
N TYR E 312 41.93 -21.56 26.26
CA TYR E 312 40.84 -20.97 27.04
C TYR E 312 39.48 -21.24 26.41
N GLU E 313 39.33 -20.88 25.13
CA GLU E 313 38.04 -21.09 24.49
C GLU E 313 37.82 -22.57 24.20
N ALA E 314 38.90 -23.35 24.09
CA ALA E 314 38.77 -24.79 24.06
C ALA E 314 38.25 -25.29 25.40
N TYR E 315 38.67 -24.63 26.47
CA TYR E 315 38.10 -24.90 27.78
C TYR E 315 36.67 -24.41 27.87
N ARG E 316 36.29 -23.42 27.05
CA ARG E 316 34.90 -23.02 26.92
C ARG E 316 34.05 -24.06 26.20
N LEU E 317 34.67 -25.06 25.56
CA LEU E 317 33.90 -26.23 25.17
C LEU E 317 33.46 -27.05 26.38
N GLU E 318 34.15 -26.90 27.53
CA GLU E 318 33.89 -27.80 28.64
C GLU E 318 33.93 -27.10 30.01
N LYS E 319 33.94 -25.77 30.10
CA LYS E 319 34.01 -25.09 31.41
C LYS E 319 32.65 -24.73 31.98
N MET E 320 31.92 -23.84 31.32
CA MET E 320 30.62 -23.41 31.79
C MET E 320 29.49 -24.12 31.06
N ALA E 321 29.58 -24.26 29.74
CA ALA E 321 28.89 -25.33 29.05
C ALA E 321 29.68 -26.60 29.33
N LYS E 322 29.40 -27.21 30.50
CA LYS E 322 30.33 -28.15 31.10
C LYS E 322 30.32 -29.49 30.39
N TYR E 323 29.14 -30.00 30.10
CA TYR E 323 29.01 -31.44 29.88
C TYR E 323 29.41 -31.83 28.47
N GLN E 324 28.93 -31.06 27.47
CA GLN E 324 28.70 -31.54 26.10
C GLN E 324 27.90 -32.84 26.13
N GLY E 325 26.88 -32.87 27.00
CA GLY E 325 26.05 -34.03 27.35
C GLY E 325 26.88 -35.24 27.76
N VAL E 326 28.03 -35.03 28.41
CA VAL E 326 28.95 -36.11 28.76
C VAL E 326 29.27 -36.12 30.25
N ASN E 327 29.71 -34.99 30.78
CA ASN E 327 30.13 -34.90 32.17
C ASN E 327 28.91 -34.93 33.10
N LEU E 328 29.17 -35.14 34.38
CA LEU E 328 28.12 -35.09 35.40
C LEU E 328 28.65 -34.37 36.63
N PHE E 329 28.20 -33.12 36.79
CA PHE E 329 28.30 -32.38 38.05
C PHE E 329 27.34 -33.03 39.03
N VAL E 330 27.85 -33.96 39.82
CA VAL E 330 27.05 -34.65 40.81
C VAL E 330 27.40 -34.05 42.16
N LYS E 331 26.54 -33.19 42.66
CA LYS E 331 26.80 -32.58 43.94
C LYS E 331 26.06 -33.42 44.99
N ASN E 332 26.46 -33.22 46.25
CA ASN E 332 25.77 -33.68 47.45
C ASN E 332 25.81 -35.21 47.53
N LEU E 333 27.04 -35.71 47.53
CA LEU E 333 27.43 -37.08 47.83
C LEU E 333 27.41 -37.30 49.34
N ASP E 334 28.04 -38.37 49.81
CA ASP E 334 28.50 -38.44 51.18
C ASP E 334 29.99 -38.08 51.20
N ASP E 335 30.51 -37.79 52.41
CA ASP E 335 31.96 -37.66 52.55
C ASP E 335 32.67 -38.99 52.37
N SER E 336 32.02 -40.09 52.76
CA SER E 336 32.52 -41.42 52.43
C SER E 336 32.44 -41.71 50.95
N VAL E 337 31.54 -41.05 50.23
CA VAL E 337 31.55 -41.12 48.78
C VAL E 337 32.71 -40.27 48.27
N ASP E 338 33.82 -40.94 47.99
CA ASP E 338 34.98 -40.32 47.38
C ASP E 338 34.82 -40.44 45.87
N ASP E 339 35.91 -40.24 45.11
CA ASP E 339 35.96 -40.75 43.75
C ASP E 339 35.86 -42.27 43.70
N GLU E 340 36.24 -42.95 44.78
CA GLU E 340 35.91 -44.34 45.08
C GLU E 340 34.45 -44.68 44.81
N LYS E 341 33.54 -44.09 45.59
CA LYS E 341 32.15 -44.50 45.50
C LYS E 341 31.42 -43.82 44.36
N LEU E 342 31.91 -42.65 43.92
CA LEU E 342 31.37 -42.01 42.72
C LEU E 342 31.67 -42.85 41.48
N GLU E 343 32.92 -43.26 41.32
CA GLU E 343 33.31 -44.16 40.24
C GLU E 343 32.64 -45.53 40.37
N GLU E 344 32.40 -45.97 41.61
CA GLU E 344 31.68 -47.21 41.86
C GLU E 344 30.23 -47.12 41.39
N GLU E 345 29.56 -46.01 41.67
CA GLU E 345 28.19 -45.83 41.20
C GLU E 345 28.12 -45.64 39.70
N PHE E 346 29.12 -45.01 39.10
CA PHE E 346 29.05 -44.68 37.69
C PHE E 346 29.74 -45.68 36.79
N ALA E 347 30.28 -46.77 37.35
CA ALA E 347 30.79 -47.85 36.53
C ALA E 347 29.76 -48.50 35.60
N PRO E 348 28.47 -48.68 35.96
CA PRO E 348 27.51 -49.08 34.92
C PRO E 348 27.15 -47.98 33.94
N TYR E 349 27.59 -46.75 34.17
CA TYR E 349 27.16 -45.59 33.40
C TYR E 349 28.22 -45.15 32.41
N GLY E 350 28.90 -46.09 31.79
CA GLY E 350 29.73 -45.81 30.63
C GLY E 350 31.21 -45.78 30.97
N THR E 351 31.99 -45.36 29.98
CA THR E 351 33.44 -45.28 30.12
C THR E 351 33.78 -44.07 30.97
N ILE E 352 34.20 -44.32 32.22
CA ILE E 352 34.56 -43.25 33.14
C ILE E 352 35.92 -42.69 32.74
N THR E 353 35.97 -41.39 32.49
CA THR E 353 37.20 -40.75 32.07
C THR E 353 37.76 -39.81 33.13
N SER E 354 36.92 -39.07 33.86
CA SER E 354 37.44 -38.18 34.91
C SER E 354 36.50 -38.20 36.11
N ALA E 355 36.91 -38.89 37.18
CA ALA E 355 36.24 -38.85 38.46
C ALA E 355 37.02 -37.93 39.38
N LYS E 356 36.36 -36.91 39.93
CA LYS E 356 37.10 -35.82 40.55
C LYS E 356 36.21 -35.04 41.52
N VAL E 357 36.63 -34.96 42.79
CA VAL E 357 35.91 -34.23 43.82
C VAL E 357 36.86 -33.22 44.44
N MET E 358 36.54 -31.94 44.31
CA MET E 358 37.31 -30.88 44.94
C MET E 358 36.95 -30.76 46.42
N ARG E 359 37.97 -30.63 47.26
CA ARG E 359 37.82 -30.67 48.70
C ARG E 359 38.49 -29.43 49.29
N THR E 360 38.42 -29.29 50.62
CA THR E 360 39.15 -28.22 51.31
C THR E 360 40.61 -28.63 51.37
N GLU E 361 41.31 -28.37 50.25
CA GLU E 361 42.72 -28.70 50.03
C GLU E 361 42.95 -30.21 50.22
N ASN E 362 42.18 -30.99 49.45
CA ASN E 362 42.06 -32.45 49.59
C ASN E 362 41.60 -32.85 50.99
N GLY E 363 40.81 -32.00 51.62
CA GLY E 363 40.19 -32.28 52.90
C GLY E 363 38.68 -32.38 52.79
N LYS E 364 37.98 -31.30 53.12
CA LYS E 364 36.53 -31.31 53.20
C LYS E 364 35.96 -30.91 51.86
N SER E 365 35.24 -31.81 51.20
CA SER E 365 34.44 -31.39 50.08
C SER E 365 33.18 -30.74 50.63
N LYS E 366 32.73 -29.70 49.96
CA LYS E 366 31.50 -29.05 50.37
C LYS E 366 30.35 -29.40 49.43
N GLY E 367 30.43 -30.56 48.79
CA GLY E 367 29.26 -31.19 48.21
C GLY E 367 29.46 -31.87 46.88
N PHE E 368 30.39 -31.38 46.08
CA PHE E 368 30.34 -31.57 44.63
C PHE E 368 31.47 -32.44 44.10
N GLY E 369 31.12 -33.34 43.19
CA GLY E 369 32.08 -34.03 42.36
C GLY E 369 31.67 -33.95 40.90
N PHE E 370 32.46 -34.63 40.08
CA PHE E 370 32.31 -34.65 38.64
C PHE E 370 32.78 -36.00 38.16
N VAL E 371 32.04 -36.59 37.23
CA VAL E 371 32.59 -37.65 36.36
C VAL E 371 32.34 -37.27 34.92
N CYS E 372 33.37 -36.75 34.26
CA CYS E 372 33.41 -36.74 32.80
C CYS E 372 33.34 -38.16 32.27
N PHE E 373 32.25 -38.49 31.56
CA PHE E 373 32.06 -39.79 30.94
C PHE E 373 32.84 -39.89 29.64
N SER E 374 32.53 -40.94 28.88
CA SER E 374 32.70 -40.96 27.44
C SER E 374 31.41 -41.34 26.73
N THR E 375 30.28 -41.41 27.47
CA THR E 375 29.01 -41.91 26.96
C THR E 375 27.92 -40.89 27.28
N PRO E 376 27.19 -40.38 26.26
CA PRO E 376 26.09 -39.45 26.54
C PRO E 376 24.78 -40.12 26.91
N GLU E 377 24.54 -41.32 26.39
CA GLU E 377 23.26 -41.97 26.63
C GLU E 377 23.23 -42.62 28.01
N GLU E 378 24.38 -43.07 28.51
CA GLU E 378 24.46 -43.47 29.91
C GLU E 378 24.33 -42.28 30.84
N ALA E 379 24.75 -41.09 30.39
CA ALA E 379 24.47 -39.88 31.15
C ALA E 379 22.98 -39.54 31.13
N THR E 380 22.28 -39.86 30.04
CA THR E 380 20.82 -39.70 30.03
C THR E 380 20.16 -40.73 30.93
N LYS E 381 20.72 -41.95 30.97
CA LYS E 381 20.31 -42.96 31.94
C LYS E 381 20.56 -42.51 33.37
N ALA E 382 21.59 -41.69 33.60
CA ALA E 382 21.79 -41.10 34.91
C ALA E 382 20.85 -39.94 35.20
N ILE E 383 20.46 -39.19 34.16
CA ILE E 383 19.41 -38.18 34.31
C ILE E 383 18.11 -38.83 34.78
N THR E 384 17.80 -39.99 34.22
CA THR E 384 16.76 -40.85 34.78
C THR E 384 17.08 -41.27 36.20
N GLU E 385 18.20 -41.96 36.39
CA GLU E 385 18.48 -42.74 37.60
C GLU E 385 19.28 -41.95 38.64
N LYS E 386 20.45 -41.45 38.25
CA LYS E 386 21.36 -40.88 39.24
C LYS E 386 21.02 -39.44 39.57
N ASN E 387 20.14 -38.80 38.81
CA ASN E 387 19.38 -37.68 39.34
C ASN E 387 18.26 -38.25 40.18
N GLN E 388 18.03 -37.61 41.33
CA GLN E 388 17.16 -38.10 42.40
C GLN E 388 17.60 -39.49 42.85
N GLN E 389 18.79 -39.52 43.45
CA GLN E 389 19.49 -40.76 43.79
C GLN E 389 20.15 -40.65 45.16
N ILE E 390 19.77 -41.52 46.08
CA ILE E 390 20.59 -41.78 47.25
C ILE E 390 21.72 -42.74 46.89
N VAL E 391 22.96 -42.30 47.10
CA VAL E 391 24.09 -43.21 47.02
C VAL E 391 24.39 -43.80 48.38
N ALA E 392 24.61 -42.96 49.39
CA ALA E 392 24.82 -43.44 50.75
C ALA E 392 23.68 -43.05 51.69
N GLY E 393 23.46 -41.77 51.92
CA GLY E 393 22.26 -41.36 52.63
C GLY E 393 21.69 -40.01 52.23
N LYS E 394 22.35 -39.31 51.31
CA LYS E 394 22.02 -37.92 51.02
C LYS E 394 22.03 -37.72 49.51
N PRO E 395 21.03 -37.03 48.97
CA PRO E 395 20.68 -37.19 47.56
C PRO E 395 21.61 -36.49 46.59
N LEU E 396 21.79 -37.14 45.43
CA LEU E 396 22.60 -36.59 44.36
C LEU E 396 21.89 -35.43 43.68
N TYR E 397 22.67 -34.46 43.21
CA TYR E 397 22.11 -33.26 42.60
C TYR E 397 22.82 -33.00 41.29
N VAL E 398 22.07 -33.01 40.19
CA VAL E 398 22.62 -33.06 38.84
C VAL E 398 22.16 -31.82 38.07
N ALA E 399 23.14 -31.04 37.58
CA ALA E 399 22.90 -29.90 36.70
C ALA E 399 24.19 -29.63 35.96
N ILE E 400 24.10 -28.94 34.81
CA ILE E 400 25.31 -28.63 34.06
C ILE E 400 26.08 -27.52 34.79
N ALA E 401 27.40 -27.63 34.80
CA ALA E 401 28.24 -26.86 35.71
C ALA E 401 28.73 -25.56 35.08
N GLN E 402 28.25 -24.43 35.59
CA GLN E 402 28.67 -23.12 35.09
C GLN E 402 28.84 -22.10 36.22
N ARG E 403 29.90 -21.31 36.12
CA ARG E 403 30.00 -20.04 36.81
C ARG E 403 29.42 -18.89 36.01
N LYS E 404 28.94 -19.17 34.79
CA LYS E 404 28.37 -18.15 33.91
C LYS E 404 27.13 -17.50 34.49
N ASP E 405 26.06 -18.29 34.66
CA ASP E 405 24.75 -17.76 34.97
C ASP E 405 24.47 -17.70 36.46
N VAL E 406 25.50 -17.74 37.30
CA VAL E 406 25.37 -17.23 38.66
C VAL E 406 24.90 -15.79 38.62
N ARG E 407 25.48 -15.01 37.70
CA ARG E 407 25.11 -13.63 37.50
C ARG E 407 23.70 -13.49 36.93
N ARG E 408 23.29 -14.41 36.06
CA ARG E 408 21.91 -14.41 35.58
C ARG E 408 20.94 -14.79 36.70
N SER E 409 21.37 -15.66 37.62
CA SER E 409 20.55 -15.96 38.77
C SER E 409 20.42 -14.76 39.68
N GLN E 410 21.50 -13.98 39.79
CA GLN E 410 21.45 -12.71 40.52
C GLN E 410 20.57 -11.69 39.82
N LEU E 411 20.55 -11.71 38.49
CA LEU E 411 19.57 -10.93 37.74
C LEU E 411 18.14 -11.31 38.10
N ALA E 412 17.87 -12.62 38.19
CA ALA E 412 16.55 -13.07 38.63
C ALA E 412 16.27 -12.68 40.08
N GLN E 413 17.32 -12.58 40.90
CA GLN E 413 17.17 -12.10 42.27
C GLN E 413 16.79 -10.63 42.29
N GLN E 414 17.39 -9.84 41.39
CA GLN E 414 16.99 -8.45 41.22
C GLN E 414 15.55 -8.33 40.77
N ILE E 415 15.14 -9.21 39.84
CA ILE E 415 13.76 -9.23 39.35
C ILE E 415 12.79 -9.51 40.49
N GLN E 416 13.04 -10.55 41.28
CA GLN E 416 12.13 -10.90 42.36
C GLN E 416 12.20 -9.89 43.49
N ALA E 417 13.34 -9.23 43.68
CA ALA E 417 13.47 -8.19 44.69
C ALA E 417 12.64 -6.96 44.33
N ARG E 418 12.75 -6.51 43.08
CA ARG E 418 11.92 -5.40 42.64
C ARG E 418 10.44 -5.79 42.58
N ASN E 419 10.14 -7.07 42.36
CA ASN E 419 8.75 -7.53 42.37
C ASN E 419 8.16 -7.47 43.77
N GLN E 420 8.89 -7.99 44.77
CA GLN E 420 8.37 -7.94 46.14
C GLN E 420 8.36 -6.51 46.67
N MET E 421 9.30 -5.67 46.21
CA MET E 421 9.23 -4.24 46.52
C MET E 421 7.98 -3.61 45.94
N ARG E 422 7.61 -4.00 44.72
CA ARG E 422 6.43 -3.45 44.08
C ARG E 422 5.14 -3.89 44.77
N TYR E 423 5.04 -5.19 45.10
CA TYR E 423 3.86 -5.68 45.79
C TYR E 423 3.78 -5.12 47.21
N GLN E 424 4.91 -4.88 47.86
CA GLN E 424 4.87 -4.25 49.17
C GLN E 424 4.48 -2.78 49.07
N GLN E 425 4.89 -2.10 47.98
CA GLN E 425 4.50 -0.71 47.77
C GLN E 425 2.99 -0.60 47.53
N ALA E 426 2.44 -1.52 46.73
CA ALA E 426 0.99 -1.55 46.52
C ALA E 426 0.25 -1.93 47.79
N THR E 427 0.81 -2.84 48.59
CA THR E 427 0.18 -3.26 49.83
C THR E 427 0.14 -2.13 50.85
N ALA E 428 1.26 -1.42 51.02
CA ALA E 428 1.28 -0.28 51.92
C ALA E 428 0.48 0.90 51.37
N ALA E 429 0.29 0.99 50.05
CA ALA E 429 -0.52 2.06 49.50
C ALA E 429 -2.00 1.82 49.76
N ALA E 430 -2.50 0.64 49.38
CA ALA E 430 -3.93 0.34 49.47
C ALA E 430 -4.33 -0.28 50.81
N ALA E 431 -3.38 -0.46 51.74
CA ALA E 431 -3.69 -1.11 53.01
C ALA E 431 -4.49 -0.22 53.96
N ALA E 432 -4.57 1.07 53.69
CA ALA E 432 -5.32 1.99 54.56
C ALA E 432 -6.82 1.82 54.34
N MET F 1 -8.12 18.99 27.06
CA MET F 1 -7.08 19.64 27.84
C MET F 1 -6.26 20.64 27.04
N HIS F 2 -5.94 20.31 25.78
CA HIS F 2 -4.92 21.07 25.08
C HIS F 2 -5.44 22.39 24.53
N SER F 3 -6.73 22.68 24.65
CA SER F 3 -7.27 23.91 24.09
C SER F 3 -8.49 24.37 24.87
N LEU F 4 -8.79 25.65 24.72
CA LEU F 4 -9.94 26.35 25.28
C LEU F 4 -10.77 26.92 24.14
N LEU F 5 -11.71 27.81 24.48
CA LEU F 5 -12.44 28.57 23.47
C LEU F 5 -11.46 29.36 22.61
N GLN F 6 -11.53 29.15 21.31
CA GLN F 6 -10.41 29.48 20.42
C GLN F 6 -10.94 29.97 19.08
N TYR F 7 -10.08 30.72 18.39
CA TYR F 7 -10.32 31.28 17.05
C TYR F 7 -11.62 32.06 16.91
N ARG F 29 -21.23 48.99 -1.52
CA ARG F 29 -21.27 49.11 -0.07
C ARG F 29 -19.86 49.20 0.51
N SER F 30 -19.02 48.23 0.17
CA SER F 30 -17.65 48.20 0.66
C SER F 30 -16.77 49.17 -0.13
N ALA F 31 -15.50 49.22 0.23
CA ALA F 31 -14.57 50.18 -0.36
C ALA F 31 -13.45 49.51 -1.15
N ASP F 32 -12.67 48.62 -0.52
CA ASP F 32 -11.51 48.04 -1.19
C ASP F 32 -11.52 46.53 -1.08
N GLN F 33 -12.11 46.00 0.00
CA GLN F 33 -12.31 44.56 0.11
C GLN F 33 -13.30 44.08 -0.94
N LEU F 34 -14.52 44.64 -0.91
CA LEU F 34 -15.50 44.65 -2.00
C LEU F 34 -16.10 43.29 -2.32
N PHE F 35 -15.60 42.22 -1.72
CA PHE F 35 -16.04 40.86 -2.00
C PHE F 35 -16.48 40.30 -0.66
N ILE F 36 -17.72 40.60 -0.27
CA ILE F 36 -18.18 40.21 1.06
C ILE F 36 -19.55 39.54 0.98
N PRO F 37 -19.62 38.26 0.63
CA PRO F 37 -20.88 37.54 0.81
C PRO F 37 -21.20 37.39 2.29
N ASN F 38 -22.48 37.49 2.62
CA ASN F 38 -22.87 37.60 4.02
C ASN F 38 -23.08 36.25 4.68
N ASN F 39 -23.52 35.24 3.94
CA ASN F 39 -23.51 33.86 4.38
C ASN F 39 -22.72 33.09 3.34
N ILE F 40 -21.40 33.13 3.46
CA ILE F 40 -20.54 32.84 2.32
C ILE F 40 -20.35 31.34 2.12
N ARG F 41 -20.18 30.58 3.21
CA ARG F 41 -20.07 29.13 3.08
C ARG F 41 -21.39 28.53 2.63
N GLU F 42 -22.50 29.14 3.04
CA GLU F 42 -23.81 28.78 2.52
C GLU F 42 -23.89 29.02 1.02
N ASP F 43 -23.30 30.12 0.54
CA ASP F 43 -23.29 30.40 -0.89
C ASP F 43 -22.45 29.37 -1.63
N LEU F 44 -21.32 28.97 -1.05
CA LEU F 44 -20.43 28.02 -1.72
C LEU F 44 -21.03 26.63 -1.75
N THR F 45 -21.73 26.23 -0.67
CA THR F 45 -22.38 24.94 -0.73
C THR F 45 -23.62 24.97 -1.60
N LYS F 46 -24.23 26.14 -1.82
CA LYS F 46 -25.27 26.23 -2.84
C LYS F 46 -24.69 26.11 -4.23
N LYS F 47 -23.50 26.67 -4.45
CA LYS F 47 -22.81 26.49 -5.73
C LYS F 47 -22.48 25.03 -5.98
N ASN F 48 -22.00 24.34 -4.95
CA ASN F 48 -21.71 22.92 -5.11
C ASN F 48 -22.99 22.10 -5.21
N LEU F 49 -24.09 22.60 -4.62
CA LEU F 49 -25.39 21.98 -4.82
C LEU F 49 -25.82 22.11 -6.28
N SER F 50 -25.51 23.23 -6.91
CA SER F 50 -25.72 23.36 -8.35
C SER F 50 -24.82 22.39 -9.12
N ILE F 51 -23.61 22.13 -8.61
CA ILE F 51 -22.74 21.13 -9.21
C ILE F 51 -23.31 19.72 -9.02
N LEU F 52 -24.18 19.49 -8.04
CA LEU F 52 -24.58 18.13 -7.69
C LEU F 52 -25.43 17.39 -8.71
N GLN F 53 -26.65 17.84 -8.95
CA GLN F 53 -27.62 16.90 -9.50
C GLN F 53 -27.59 16.87 -11.02
N VAL F 54 -28.18 15.80 -11.56
CA VAL F 54 -28.27 15.58 -13.00
C VAL F 54 -29.57 14.84 -13.29
N PHE F 55 -30.47 15.49 -14.02
CA PHE F 55 -31.80 14.94 -14.30
C PHE F 55 -31.74 13.79 -15.31
N PRO F 56 -31.97 12.55 -14.89
CA PRO F 56 -31.67 11.41 -15.77
C PRO F 56 -32.67 11.18 -16.88
N SER F 57 -33.86 11.77 -16.79
CA SER F 57 -34.97 11.49 -17.71
C SER F 57 -35.05 12.55 -18.80
N SER F 58 -33.88 12.99 -19.30
CA SER F 58 -33.80 14.05 -20.29
C SER F 58 -34.51 13.71 -21.60
N GLY F 59 -34.62 12.42 -21.92
CA GLY F 59 -35.30 12.01 -23.14
C GLY F 59 -34.55 12.33 -24.42
N LYS F 60 -33.27 12.67 -24.31
CA LYS F 60 -32.50 13.08 -25.47
C LYS F 60 -32.18 11.88 -26.35
N VAL F 61 -32.26 12.08 -27.67
CA VAL F 61 -31.91 11.04 -28.63
C VAL F 61 -30.43 10.70 -28.54
N ILE F 62 -29.60 11.66 -28.13
CA ILE F 62 -28.26 11.32 -27.69
C ILE F 62 -28.35 10.67 -26.32
N PRO F 63 -27.76 9.50 -26.12
CA PRO F 63 -27.78 8.85 -24.82
C PRO F 63 -26.78 9.51 -23.86
N SER F 64 -26.67 8.91 -22.67
CA SER F 64 -25.64 9.32 -21.74
C SER F 64 -24.25 9.03 -22.31
N ILE F 65 -23.93 7.75 -22.51
CA ILE F 65 -22.59 7.35 -22.88
C ILE F 65 -22.26 7.70 -24.32
N VAL F 66 -21.79 8.91 -24.55
CA VAL F 66 -21.32 9.34 -25.87
C VAL F 66 -19.93 9.94 -25.73
N GLN F 67 -18.94 9.26 -26.34
CA GLN F 67 -17.59 9.76 -26.61
C GLN F 67 -16.88 10.18 -25.32
N ASP F 68 -16.65 9.19 -24.47
CA ASP F 68 -15.93 9.29 -23.19
C ASP F 68 -16.63 10.22 -22.20
N TYR F 69 -17.94 10.42 -22.36
CA TYR F 69 -18.71 11.25 -21.44
C TYR F 69 -20.11 10.69 -21.30
N PHE F 70 -20.74 11.01 -20.18
CA PHE F 70 -21.99 10.39 -19.80
C PHE F 70 -22.78 11.35 -18.93
N ASN F 71 -24.05 10.97 -18.67
CA ASN F 71 -24.97 11.70 -17.81
C ASN F 71 -25.20 13.12 -18.32
N LEU F 72 -25.42 13.23 -19.63
CA LEU F 72 -25.57 14.51 -20.30
C LEU F 72 -26.88 15.17 -19.89
N VAL F 73 -26.79 16.18 -19.03
CA VAL F 73 -27.98 16.95 -18.66
C VAL F 73 -27.77 18.38 -19.15
N PRO F 74 -28.81 19.04 -19.63
CA PRO F 74 -28.60 20.32 -20.31
C PRO F 74 -28.60 21.51 -19.39
N LEU F 75 -28.49 22.69 -20.00
CA LEU F 75 -28.67 23.97 -19.32
C LEU F 75 -29.74 24.72 -20.11
N ASN F 76 -29.82 26.03 -19.87
CA ASN F 76 -30.80 26.90 -20.52
C ASN F 76 -30.68 26.87 -22.05
N PHE F 77 -31.77 27.29 -22.70
CA PHE F 77 -31.96 27.09 -24.13
C PHE F 77 -30.99 27.94 -24.95
N ASN F 78 -30.62 27.40 -26.12
CA ASN F 78 -29.70 28.01 -27.09
C ASN F 78 -28.36 28.36 -26.44
N ASN F 79 -27.65 27.30 -26.02
CA ASN F 79 -26.35 27.36 -25.35
C ASN F 79 -26.36 28.24 -24.10
N LYS F 85 -32.85 24.00 -27.84
CA LYS F 85 -32.87 24.23 -26.40
C LYS F 85 -31.69 23.55 -25.73
N THR F 86 -30.54 23.62 -26.37
CA THR F 86 -29.38 22.83 -25.96
C THR F 86 -28.12 23.60 -26.36
N THR F 87 -27.01 22.84 -26.50
CA THR F 87 -25.62 23.30 -26.68
C THR F 87 -25.09 23.96 -25.41
N LEU F 88 -25.63 23.53 -24.27
CA LEU F 88 -25.08 23.87 -22.96
C LEU F 88 -25.39 22.66 -22.07
N PHE F 89 -24.44 21.74 -21.99
CA PHE F 89 -24.64 20.45 -21.32
C PHE F 89 -23.75 20.35 -20.10
N LYS F 90 -24.37 20.12 -18.95
CA LYS F 90 -23.65 19.74 -17.74
C LYS F 90 -23.35 18.25 -17.83
N VAL F 91 -22.08 17.87 -17.72
CA VAL F 91 -21.69 16.48 -17.96
C VAL F 91 -20.67 16.07 -16.90
N PHE F 92 -20.96 14.98 -16.20
CA PHE F 92 -19.95 14.35 -15.36
C PHE F 92 -19.08 13.47 -16.24
N SER F 93 -17.78 13.51 -16.00
CA SER F 93 -16.82 12.96 -16.93
C SER F 93 -16.51 11.50 -16.62
N ASN F 94 -16.16 10.76 -17.66
CA ASN F 94 -15.72 9.37 -17.55
C ASN F 94 -14.22 9.30 -17.32
N TYR F 95 -13.44 9.96 -18.18
CA TYR F 95 -11.99 9.87 -18.07
C TYR F 95 -11.45 10.70 -16.90
N ASP F 96 -12.06 11.84 -16.64
CA ASP F 96 -11.61 12.69 -15.54
C ASP F 96 -12.44 12.52 -14.28
N GLY F 97 -13.77 12.48 -14.42
CA GLY F 97 -14.63 12.54 -13.26
C GLY F 97 -14.83 13.96 -12.79
N LYS F 98 -15.24 14.84 -13.69
CA LYS F 98 -15.29 16.26 -13.40
C LYS F 98 -16.42 16.91 -14.18
N ALA F 99 -17.12 17.83 -13.54
CA ALA F 99 -18.23 18.54 -14.16
C ALA F 99 -17.73 19.44 -15.29
N TYR F 100 -18.24 19.21 -16.50
CA TYR F 100 -17.83 19.93 -17.70
C TYR F 100 -19.07 20.52 -18.35
N VAL F 101 -18.85 21.53 -19.19
CA VAL F 101 -19.86 22.04 -20.09
C VAL F 101 -19.56 21.57 -21.51
N LEU F 102 -20.62 21.29 -22.25
CA LEU F 102 -20.50 20.89 -23.65
C LEU F 102 -21.37 21.81 -24.49
N LYS F 103 -20.89 22.12 -25.70
CA LYS F 103 -21.67 22.82 -26.70
C LYS F 103 -21.71 22.01 -27.98
N ARG F 104 -22.88 21.99 -28.61
CA ARG F 104 -23.16 21.05 -29.69
C ARG F 104 -22.53 21.46 -31.01
N LEU F 105 -22.71 22.74 -31.38
CA LEU F 105 -22.69 23.23 -32.76
C LEU F 105 -23.55 22.32 -33.62
N PRO F 106 -24.88 22.30 -33.41
CA PRO F 106 -25.70 21.27 -34.06
C PRO F 106 -26.16 21.66 -35.44
N ASN F 107 -25.34 22.33 -36.20
CA ASN F 107 -25.80 22.86 -37.46
C ASN F 107 -24.81 22.59 -38.59
N ILE F 108 -23.52 22.68 -38.32
CA ILE F 108 -22.53 22.33 -39.32
C ILE F 108 -22.42 20.82 -39.39
N ASP F 109 -21.96 20.34 -40.55
CA ASP F 109 -21.82 18.92 -40.76
C ASP F 109 -20.56 18.53 -41.53
N LYS F 110 -19.70 19.48 -41.87
CA LYS F 110 -18.56 19.21 -42.75
C LYS F 110 -17.30 19.72 -42.07
N SER F 111 -16.37 18.80 -41.79
CA SER F 111 -15.07 19.11 -41.21
C SER F 111 -13.99 18.33 -41.94
N MET F 112 -13.96 18.48 -43.28
CA MET F 112 -13.26 17.59 -44.20
C MET F 112 -11.77 17.44 -43.92
N ASN F 113 -11.14 18.40 -43.27
CA ASN F 113 -9.73 18.28 -42.96
C ASN F 113 -9.52 18.14 -41.45
N PRO F 114 -9.15 16.95 -40.96
CA PRO F 114 -8.58 16.85 -39.61
C PRO F 114 -7.25 17.55 -39.44
N ASN F 115 -6.59 17.98 -40.53
CA ASN F 115 -5.44 18.86 -40.43
C ASN F 115 -5.81 20.16 -39.71
N LYS F 116 -6.87 20.83 -40.15
CA LYS F 116 -7.27 22.06 -39.47
C LYS F 116 -7.88 21.79 -38.11
N ILE F 117 -8.44 20.60 -37.90
CA ILE F 117 -8.96 20.23 -36.60
C ILE F 117 -7.81 20.07 -35.62
N SER F 118 -6.72 19.43 -36.06
CA SER F 118 -5.52 19.35 -35.25
C SER F 118 -4.88 20.72 -35.07
N LYS F 119 -4.98 21.59 -36.07
CA LYS F 119 -4.45 22.94 -35.95
C LYS F 119 -5.20 23.74 -34.90
N ILE F 120 -6.53 23.56 -34.84
CA ILE F 120 -7.31 24.19 -33.78
C ILE F 120 -6.98 23.56 -32.43
N TYR F 121 -6.68 22.26 -32.42
CA TYR F 121 -6.26 21.61 -31.19
C TYR F 121 -4.95 22.20 -30.69
N GLN F 122 -4.07 22.56 -31.60
CA GLN F 122 -2.85 23.30 -31.23
C GLN F 122 -3.19 24.70 -30.75
N ILE F 123 -4.04 25.42 -31.49
CA ILE F 123 -4.27 26.83 -31.22
C ILE F 123 -5.04 27.08 -29.93
N TRP F 124 -5.75 26.08 -29.42
CA TRP F 124 -6.46 26.26 -28.16
C TRP F 124 -6.03 25.32 -27.05
N SER F 125 -5.37 24.22 -27.37
CA SER F 125 -4.76 23.42 -26.32
C SER F 125 -3.56 24.15 -25.70
N LYS F 126 -2.93 25.05 -26.47
CA LYS F 126 -1.91 25.92 -25.93
C LYS F 126 -2.47 27.23 -25.38
N ILE F 127 -3.73 27.54 -25.66
CA ILE F 127 -4.35 28.77 -25.16
C ILE F 127 -4.57 28.61 -23.66
N ASN F 128 -3.85 29.40 -22.87
CA ASN F 128 -3.78 29.19 -21.43
C ASN F 128 -3.89 30.52 -20.72
N CYS F 129 -4.91 30.64 -19.87
CA CYS F 129 -5.20 31.88 -19.17
C CYS F 129 -6.01 31.53 -17.93
N THR F 130 -6.66 32.53 -17.34
CA THR F 130 -7.61 32.32 -16.28
C THR F 130 -9.04 32.61 -16.75
N ASN F 131 -9.29 33.81 -17.27
CA ASN F 131 -10.63 34.14 -17.71
C ASN F 131 -10.96 33.51 -19.06
N LEU F 132 -9.96 33.15 -19.84
CA LEU F 132 -10.17 32.20 -20.92
C LEU F 132 -10.25 30.82 -20.28
N ILE F 133 -11.47 30.27 -20.22
CA ILE F 133 -11.68 28.93 -19.69
C ILE F 133 -11.06 27.93 -20.66
N LYS F 134 -10.40 26.92 -20.11
CA LYS F 134 -9.50 26.09 -20.91
C LYS F 134 -10.26 25.17 -21.85
N PHE F 135 -9.91 25.25 -23.14
CA PHE F 135 -10.25 24.25 -24.14
C PHE F 135 -9.86 22.86 -23.68
N ARG F 136 -10.84 21.96 -23.60
CA ARG F 136 -10.54 20.59 -23.22
C ARG F 136 -10.33 19.72 -24.45
N ASP F 137 -11.37 19.54 -25.25
CA ASP F 137 -11.28 18.81 -26.52
C ASP F 137 -12.56 19.09 -27.31
N ILE F 138 -12.52 18.65 -28.57
CA ILE F 138 -13.62 18.78 -29.51
C ILE F 138 -13.78 17.41 -30.16
N PHE F 139 -14.95 17.20 -30.76
CA PHE F 139 -15.27 15.97 -31.51
C PHE F 139 -16.52 16.18 -32.34
N GLN F 140 -16.52 15.77 -33.61
CA GLN F 140 -17.74 15.80 -34.40
C GLN F 140 -18.42 14.45 -34.27
N THR F 141 -19.49 14.41 -33.48
CA THR F 141 -20.28 13.21 -33.27
C THR F 141 -21.40 13.10 -34.30
N THR F 142 -21.96 11.90 -34.38
CA THR F 142 -23.29 11.63 -34.95
C THR F 142 -24.07 10.95 -33.83
N LYS F 143 -24.63 11.75 -32.93
CA LYS F 143 -25.40 11.22 -31.81
C LYS F 143 -26.72 11.95 -31.57
N PHE F 144 -26.88 13.16 -32.08
CA PHE F 144 -28.12 13.90 -31.92
C PHE F 144 -29.13 13.56 -33.00
N GLY F 145 -28.84 12.55 -33.81
CA GLY F 145 -29.40 12.44 -35.14
C GLY F 145 -28.49 13.04 -36.20
N ASN F 146 -28.06 14.28 -36.00
CA ASN F 146 -27.24 14.95 -36.99
C ASN F 146 -25.76 14.81 -36.67
N LEU F 147 -24.92 15.38 -37.53
CA LEU F 147 -23.51 15.57 -37.21
C LEU F 147 -23.36 16.88 -36.46
N SER F 148 -22.42 16.91 -35.52
CA SER F 148 -22.30 18.07 -34.65
C SER F 148 -20.90 18.10 -34.05
N ILE F 149 -20.23 19.24 -34.20
CA ILE F 149 -18.85 19.37 -33.72
C ILE F 149 -18.95 19.88 -32.29
N CYS F 150 -19.14 18.95 -31.37
CA CYS F 150 -19.32 19.26 -29.96
C CYS F 150 -17.96 19.50 -29.30
N LEU F 151 -17.84 20.62 -28.60
CA LEU F 151 -16.64 20.89 -27.83
C LEU F 151 -16.99 20.90 -26.35
N VAL F 152 -15.99 20.65 -25.50
CA VAL F 152 -16.18 20.74 -24.06
C VAL F 152 -15.22 21.76 -23.43
N PHE F 153 -15.71 22.39 -22.36
CA PHE F 153 -14.93 23.21 -21.45
C PHE F 153 -15.29 22.83 -20.03
N ASP F 154 -14.85 23.64 -19.07
CA ASP F 154 -15.02 23.37 -17.66
C ASP F 154 -16.31 23.99 -17.17
N TYR F 155 -17.15 23.18 -16.54
CA TYR F 155 -18.36 23.70 -15.93
C TYR F 155 -18.03 24.58 -14.74
N TYR F 156 -18.58 25.74 -14.73
CA TYR F 156 -18.54 26.52 -13.50
C TYR F 156 -19.96 26.64 -12.98
N PRO F 157 -20.17 26.56 -11.66
CA PRO F 157 -21.54 26.68 -11.14
C PRO F 157 -22.06 28.09 -11.28
N ASN F 158 -23.35 28.17 -11.67
CA ASN F 158 -24.16 29.39 -11.63
C ASN F 158 -23.63 30.48 -12.56
N SER F 159 -23.59 30.15 -13.85
CA SER F 159 -23.04 31.05 -14.86
C SER F 159 -24.00 32.19 -15.16
N LEU F 160 -23.52 33.42 -15.04
CA LEU F 160 -24.32 34.61 -15.27
C LEU F 160 -23.50 35.65 -16.02
N SER F 161 -24.18 36.63 -16.59
CA SER F 161 -23.51 37.85 -17.02
C SER F 161 -23.61 38.88 -15.91
N LEU F 162 -22.91 40.01 -16.10
CA LEU F 162 -23.12 41.15 -15.21
C LEU F 162 -24.51 41.72 -15.39
N TYR F 163 -25.00 41.76 -16.64
CA TYR F 163 -26.37 42.14 -16.90
C TYR F 163 -27.36 41.14 -16.31
N ASP F 164 -26.96 39.88 -16.21
CA ASP F 164 -27.75 38.94 -15.43
C ASP F 164 -27.65 39.27 -13.95
N TYR F 165 -26.42 39.48 -13.47
CA TYR F 165 -26.16 39.68 -12.04
C TYR F 165 -26.86 40.91 -11.48
N HIS F 166 -27.16 41.89 -12.33
CA HIS F 166 -27.94 43.03 -11.91
C HIS F 166 -29.31 43.07 -12.59
N PHE F 167 -29.34 43.11 -13.91
CA PHE F 167 -30.53 43.64 -14.58
C PHE F 167 -31.45 42.55 -15.09
N VAL F 168 -30.90 41.51 -15.72
CA VAL F 168 -31.74 40.43 -16.22
C VAL F 168 -32.30 39.61 -15.07
N ASN F 169 -31.44 39.23 -14.12
CA ASN F 169 -31.89 38.41 -13.01
C ASN F 169 -31.90 39.22 -11.72
N PHE F 170 -32.80 38.81 -10.82
CA PHE F 170 -32.84 39.38 -9.49
C PHE F 170 -31.61 38.94 -8.71
N PRO F 171 -31.02 39.82 -7.88
CA PRO F 171 -31.33 41.25 -7.70
C PRO F 171 -30.50 42.16 -8.57
N LYS F 172 -30.65 43.46 -8.35
CA LYS F 172 -29.88 44.49 -9.05
C LYS F 172 -29.00 45.19 -8.02
N PHE F 173 -27.76 44.75 -7.90
CA PHE F 173 -26.83 45.41 -7.00
C PHE F 173 -26.44 46.76 -7.59
N PRO F 174 -26.46 47.83 -6.80
CA PRO F 174 -26.11 49.17 -7.32
C PRO F 174 -24.62 49.25 -7.64
N ILE F 175 -24.31 49.47 -8.90
CA ILE F 175 -22.95 49.34 -9.41
C ILE F 175 -22.17 50.60 -9.09
N THR F 176 -20.96 50.44 -8.58
CA THR F 176 -20.03 51.55 -8.45
C THR F 176 -19.03 51.51 -9.60
N ASN F 177 -18.22 52.57 -9.68
CA ASN F 177 -17.15 52.61 -10.65
C ASN F 177 -16.05 51.61 -10.33
N ASN F 178 -15.97 51.17 -9.07
CA ASN F 178 -14.95 50.23 -8.63
C ASN F 178 -15.09 48.90 -9.37
N TYR F 179 -16.32 48.41 -9.47
CA TYR F 179 -16.56 47.16 -10.18
C TYR F 179 -16.26 47.32 -11.67
N LEU F 180 -16.51 48.51 -12.21
CA LEU F 180 -16.17 48.78 -13.60
C LEU F 180 -14.68 48.71 -13.82
N TRP F 181 -13.90 49.25 -12.87
CA TRP F 181 -12.45 49.08 -12.90
C TRP F 181 -12.05 47.61 -12.80
N ILE F 182 -12.76 46.84 -11.98
CA ILE F 182 -12.43 45.42 -11.80
C ILE F 182 -12.65 44.67 -13.10
N TYR F 183 -13.78 44.91 -13.74
CA TYR F 183 -14.12 44.20 -14.96
C TYR F 183 -13.21 44.66 -16.09
N LEU F 184 -12.83 45.93 -16.04
CA LEU F 184 -11.81 46.48 -16.90
C LEU F 184 -10.49 45.75 -16.76
N VAL F 185 -10.09 45.44 -15.52
CA VAL F 185 -8.88 44.68 -15.29
C VAL F 185 -9.01 43.27 -15.85
N GLN F 186 -10.20 42.68 -15.70
CA GLN F 186 -10.46 41.33 -16.23
C GLN F 186 -10.31 41.29 -17.74
N LEU F 187 -10.93 42.24 -18.43
CA LEU F 187 -10.86 42.22 -19.89
C LEU F 187 -9.48 42.58 -20.39
N THR F 188 -8.75 43.46 -19.68
CA THR F 188 -7.38 43.73 -20.10
C THR F 188 -6.48 42.53 -19.86
N ASN F 189 -6.80 41.72 -18.85
CA ASN F 189 -6.12 40.44 -18.67
C ASN F 189 -6.38 39.53 -19.86
N VAL F 190 -7.63 39.50 -20.34
CA VAL F 190 -7.97 38.68 -21.51
C VAL F 190 -7.23 39.19 -22.74
N ILE F 191 -7.15 40.52 -22.88
CA ILE F 191 -6.43 41.13 -24.00
C ILE F 191 -4.96 40.77 -23.95
N ASN F 192 -4.35 40.89 -22.78
CA ASN F 192 -2.96 40.51 -22.59
C ASN F 192 -2.75 39.04 -22.88
N SER F 193 -3.72 38.21 -22.52
CA SER F 193 -3.62 36.77 -22.72
C SER F 193 -3.63 36.41 -24.20
N ILE F 194 -4.69 36.81 -24.90
CA ILE F 194 -4.86 36.40 -26.28
C ILE F 194 -3.89 37.13 -27.20
N HIS F 195 -3.40 38.29 -26.78
CA HIS F 195 -2.44 38.98 -27.60
C HIS F 195 -1.01 38.63 -27.27
N SER F 196 -0.76 38.06 -26.09
CA SER F 196 0.45 37.26 -25.93
C SER F 196 0.42 36.05 -26.84
N GLN F 197 -0.77 35.49 -27.05
CA GLN F 197 -0.98 34.41 -28.00
C GLN F 197 -1.16 34.89 -29.42
N ASN F 198 -0.75 36.14 -29.69
CA ASN F 198 -0.77 36.87 -30.98
C ASN F 198 -2.00 36.56 -31.84
N LEU F 199 -3.16 36.59 -31.20
CA LEU F 199 -4.43 36.35 -31.87
C LEU F 199 -5.47 37.30 -31.29
N SER F 200 -6.73 37.03 -31.60
CA SER F 200 -7.83 37.91 -31.24
C SER F 200 -9.04 37.05 -30.89
N ILE F 201 -10.22 37.66 -30.81
CA ILE F 201 -11.41 36.98 -30.33
C ILE F 201 -12.48 36.92 -31.40
N GLY F 202 -12.98 38.06 -31.81
CA GLY F 202 -14.21 38.13 -32.54
C GLY F 202 -15.39 38.50 -31.65
N ASN F 203 -16.58 38.22 -32.14
CA ASN F 203 -17.80 38.63 -31.45
C ASN F 203 -18.04 37.69 -30.28
N THR F 204 -17.59 38.10 -29.10
CA THR F 204 -17.97 37.48 -27.85
C THR F 204 -18.26 38.55 -26.82
N LEU F 205 -17.93 39.80 -27.10
CA LEU F 205 -17.93 40.86 -26.12
C LEU F 205 -19.29 41.51 -25.95
N ASN F 206 -20.34 40.89 -26.49
CA ASN F 206 -21.67 41.13 -25.95
C ASN F 206 -21.71 40.63 -24.53
N TRP F 207 -22.58 41.24 -23.72
CA TRP F 207 -22.70 40.85 -22.31
C TRP F 207 -23.14 39.41 -22.15
N ARG F 208 -23.91 38.89 -23.11
CA ARG F 208 -24.47 37.55 -22.98
C ARG F 208 -23.40 36.48 -23.12
N LYS F 209 -22.45 36.69 -24.02
CA LYS F 209 -21.47 35.65 -24.31
C LYS F 209 -20.29 35.63 -23.33
N VAL F 210 -20.39 36.32 -22.20
CA VAL F 210 -19.38 36.22 -21.16
C VAL F 210 -20.05 35.61 -19.93
N LEU F 211 -19.23 35.11 -19.00
CA LEU F 211 -19.74 34.40 -17.84
C LEU F 211 -19.01 34.87 -16.58
N ILE F 212 -19.75 35.47 -15.64
CA ILE F 212 -19.17 35.87 -14.35
C ILE F 212 -18.95 34.63 -13.50
N THR F 213 -18.18 34.76 -12.42
CA THR F 213 -17.86 33.63 -11.56
C THR F 213 -18.17 33.94 -10.09
N GLY F 214 -19.37 34.45 -9.82
CA GLY F 214 -19.89 34.45 -8.46
C GLY F 214 -20.10 35.86 -7.92
N ASP F 215 -20.00 35.98 -6.60
CA ASP F 215 -20.08 37.28 -5.94
C ASP F 215 -18.97 38.26 -6.31
N PRO F 216 -17.69 37.88 -6.46
CA PRO F 216 -16.77 38.77 -7.15
C PRO F 216 -17.04 38.74 -8.64
N GLY F 217 -16.39 39.65 -9.37
CA GLY F 217 -16.52 39.57 -10.81
C GLY F 217 -15.78 38.38 -11.34
N ARG F 218 -14.44 38.50 -11.40
CA ARG F 218 -13.49 37.45 -11.81
C ARG F 218 -13.95 36.73 -13.08
N ILE F 219 -14.42 37.53 -14.04
CA ILE F 219 -15.37 37.07 -15.04
C ILE F 219 -14.64 36.27 -16.11
N LYS F 220 -15.07 35.04 -16.31
CA LYS F 220 -14.37 34.11 -17.18
C LYS F 220 -15.18 33.92 -18.46
N LEU F 221 -14.66 34.44 -19.57
CA LEU F 221 -15.30 34.27 -20.85
C LEU F 221 -15.19 32.82 -21.32
N SER F 222 -16.11 32.41 -22.17
CA SER F 222 -16.15 31.03 -22.66
C SER F 222 -16.03 30.92 -24.18
N HIS F 223 -16.81 31.69 -24.93
CA HIS F 223 -17.12 31.32 -26.31
C HIS F 223 -15.97 31.64 -27.26
N CYS F 224 -15.42 32.85 -27.15
CA CYS F 224 -14.22 33.34 -27.84
C CYS F 224 -14.36 33.40 -29.37
N ASN F 225 -15.56 33.15 -29.91
CA ASN F 225 -15.96 33.43 -31.30
C ASN F 225 -15.08 32.73 -32.34
N PHE F 226 -14.55 31.57 -32.04
CA PHE F 226 -13.73 30.85 -33.00
C PHE F 226 -14.53 29.83 -33.81
N MET F 227 -15.85 29.89 -33.78
CA MET F 227 -16.65 29.01 -34.62
C MET F 227 -16.52 29.34 -36.11
N ASP F 228 -16.18 30.59 -36.44
CA ASP F 228 -15.95 30.95 -37.84
C ASP F 228 -14.70 30.29 -38.37
N LEU F 229 -13.74 30.01 -37.49
CA LEU F 229 -12.49 29.37 -37.89
C LEU F 229 -12.70 27.94 -38.34
N LEU F 230 -13.81 27.33 -37.95
CA LEU F 230 -14.20 26.02 -38.46
C LEU F 230 -14.78 26.10 -39.85
N PHE F 231 -15.09 27.30 -40.33
CA PHE F 231 -15.85 27.53 -41.54
C PHE F 231 -15.00 28.07 -42.68
N ASN F 232 -13.97 28.85 -42.35
CA ASN F 232 -12.97 29.29 -43.32
C ASN F 232 -11.64 29.39 -42.57
N ASP F 233 -10.65 30.04 -43.20
CA ASP F 233 -9.29 30.10 -42.64
C ASP F 233 -8.80 31.56 -42.62
N ASP F 234 -9.13 32.27 -41.53
CA ASP F 234 -8.63 33.63 -41.27
C ASP F 234 -8.16 33.71 -39.83
N THR F 235 -6.91 33.32 -39.58
CA THR F 235 -6.29 33.45 -38.26
C THR F 235 -4.80 33.69 -38.46
N ASP F 236 -4.42 34.97 -38.53
CA ASP F 236 -3.05 35.52 -38.62
C ASP F 236 -2.36 35.17 -39.95
N THR F 237 -2.98 34.37 -40.80
CA THR F 237 -2.45 34.14 -42.14
C THR F 237 -2.91 35.23 -43.08
N VAL F 238 -4.17 35.64 -42.95
CA VAL F 238 -4.63 36.88 -43.58
C VAL F 238 -3.93 38.05 -42.87
N VAL F 239 -3.01 38.68 -43.58
CA VAL F 239 -2.14 39.68 -42.97
C VAL F 239 -2.72 41.07 -43.15
N SER F 240 -4.00 41.14 -43.52
CA SER F 240 -4.66 42.43 -43.76
C SER F 240 -4.98 43.14 -42.44
N SER F 244 -1.77 41.86 -38.87
CA SER F 244 -2.72 40.99 -39.55
C SER F 244 -4.12 41.58 -39.58
N THR F 245 -5.06 40.79 -40.09
CA THR F 245 -6.47 41.13 -39.95
C THR F 245 -6.91 41.08 -38.49
N ILE F 246 -6.17 40.36 -37.65
CA ILE F 246 -6.43 40.32 -36.23
C ILE F 246 -6.15 41.66 -35.58
N GLU F 247 -5.39 42.55 -36.22
CA GLU F 247 -5.24 43.90 -35.69
C GLU F 247 -6.52 44.68 -35.91
N GLY F 248 -7.14 44.48 -37.08
CA GLY F 248 -8.50 44.95 -37.27
C GLY F 248 -9.47 44.33 -36.30
N GLN F 249 -9.22 43.08 -35.90
CA GLN F 249 -10.07 42.48 -34.88
C GLN F 249 -9.75 43.02 -33.49
N GLN F 250 -8.52 43.47 -33.26
CA GLN F 250 -8.17 44.16 -32.03
C GLN F 250 -8.94 45.46 -31.92
N GLN F 251 -8.94 46.25 -32.99
CA GLN F 251 -9.69 47.49 -32.99
C GLN F 251 -11.19 47.24 -32.94
N LEU F 252 -11.64 46.15 -33.56
CA LEU F 252 -13.04 45.76 -33.48
C LEU F 252 -13.42 45.41 -32.05
N ASP F 253 -12.56 44.67 -31.36
CA ASP F 253 -12.82 44.30 -29.98
C ASP F 253 -12.65 45.48 -29.04
N TYR F 254 -11.83 46.46 -29.42
CA TYR F 254 -11.85 47.75 -28.74
C TYR F 254 -13.21 48.40 -28.86
N LYS F 255 -13.81 48.34 -30.06
CA LYS F 255 -15.13 48.92 -30.25
C LYS F 255 -16.20 48.14 -29.49
N TYR F 256 -16.12 46.81 -29.52
CA TYR F 256 -17.05 45.97 -28.76
C TYR F 256 -16.87 46.22 -27.28
N LEU F 257 -15.63 46.41 -26.86
CA LEU F 257 -15.30 46.70 -25.49
C LEU F 257 -15.89 48.03 -25.06
N GLY F 258 -15.80 49.02 -25.94
CA GLY F 258 -16.32 50.33 -25.63
C GLY F 258 -17.83 50.35 -25.54
N GLU F 259 -18.51 49.68 -26.47
CA GLU F 259 -19.97 49.63 -26.39
C GLU F 259 -20.42 48.77 -25.22
N LEU F 260 -19.63 47.76 -24.85
CA LEU F 260 -19.94 46.93 -23.70
C LEU F 260 -19.89 47.76 -22.43
N LEU F 261 -18.79 48.49 -22.24
CA LEU F 261 -18.66 49.34 -21.06
C LEU F 261 -19.63 50.51 -21.12
N PHE F 262 -19.98 50.97 -22.31
CA PHE F 262 -20.87 52.11 -22.44
C PHE F 262 -22.29 51.72 -22.11
N ASN F 263 -22.73 50.56 -22.61
CA ASN F 263 -24.04 50.04 -22.24
C ASN F 263 -24.07 49.71 -20.76
N LEU F 264 -22.96 49.20 -20.22
CA LEU F 264 -22.86 48.98 -18.78
C LEU F 264 -23.02 50.26 -17.99
N SER F 265 -22.37 51.34 -18.44
CA SER F 265 -22.41 52.61 -17.74
C SER F 265 -23.79 53.24 -17.82
N ILE F 266 -24.30 53.40 -19.05
CA ILE F 266 -25.56 54.09 -19.26
C ILE F 266 -26.72 53.25 -18.77
N ASN F 267 -26.56 51.93 -18.71
CA ASN F 267 -27.61 51.08 -18.19
C ASN F 267 -27.56 51.03 -16.66
N ILE F 268 -26.36 51.15 -16.08
CA ILE F 268 -26.24 51.23 -14.63
C ILE F 268 -26.81 52.54 -14.12
N GLU F 269 -26.55 53.64 -14.84
CA GLU F 269 -27.22 54.89 -14.53
C GLU F 269 -28.70 54.81 -14.86
N ASN F 270 -29.07 54.03 -15.87
CA ASN F 270 -30.46 53.92 -16.28
C ASN F 270 -31.24 52.98 -15.36
N SER F 271 -30.81 51.73 -15.28
CA SER F 271 -31.45 50.76 -14.40
C SER F 271 -30.86 50.84 -13.00
N ASN F 272 -31.03 52.00 -12.38
CA ASN F 272 -30.88 52.10 -10.94
C ASN F 272 -31.88 51.20 -10.26
N ASN F 273 -33.09 51.12 -10.81
CA ASN F 273 -34.07 50.11 -10.43
C ASN F 273 -34.33 49.13 -11.57
N ASN F 274 -34.83 49.60 -12.71
CA ASN F 274 -35.35 48.68 -13.71
C ASN F 274 -35.07 49.03 -15.17
N THR F 275 -34.65 50.25 -15.50
CA THR F 275 -34.62 50.73 -16.87
C THR F 275 -33.48 50.07 -17.66
N ALA F 276 -33.73 48.81 -18.03
CA ALA F 276 -32.74 47.98 -18.69
C ALA F 276 -33.36 47.29 -19.90
N PRO F 277 -32.65 47.20 -21.03
CA PRO F 277 -31.32 47.77 -21.27
C PRO F 277 -31.37 49.07 -22.04
N LYS F 278 -30.21 49.56 -22.48
CA LYS F 278 -30.10 50.62 -23.48
C LYS F 278 -29.12 50.10 -24.52
N GLU F 279 -29.61 49.28 -25.45
CA GLU F 279 -28.75 48.52 -26.34
C GLU F 279 -28.23 49.40 -27.46
N TYR F 280 -26.94 49.70 -27.41
CA TYR F 280 -26.30 50.60 -28.35
C TYR F 280 -25.22 49.83 -29.10
N ARG F 281 -24.93 50.26 -30.31
CA ARG F 281 -24.09 49.51 -31.21
C ARG F 281 -22.86 50.32 -31.61
N LEU F 282 -22.11 49.78 -32.58
CA LEU F 282 -21.09 50.57 -33.26
C LEU F 282 -21.70 51.74 -34.00
N GLU F 283 -22.90 51.56 -34.55
CA GLU F 283 -23.64 52.67 -35.13
C GLU F 283 -24.07 53.65 -34.05
N GLU F 284 -24.46 53.16 -32.89
CA GLU F 284 -24.89 53.98 -31.76
C GLU F 284 -23.75 54.22 -30.79
N ILE F 285 -22.52 54.34 -31.32
CA ILE F 285 -21.33 54.47 -30.48
C ILE F 285 -21.30 55.80 -29.75
N THR F 286 -21.75 56.88 -30.42
CA THR F 286 -21.84 58.29 -30.01
C THR F 286 -20.67 58.79 -29.16
N PRO F 287 -19.50 59.03 -29.77
CA PRO F 287 -18.37 59.60 -29.00
C PRO F 287 -18.64 60.97 -28.42
N GLN F 288 -19.65 61.68 -28.91
CA GLN F 288 -20.22 62.81 -28.16
C GLN F 288 -20.72 62.35 -26.79
N SER F 289 -21.73 61.49 -26.78
CA SER F 289 -22.33 61.11 -25.51
C SER F 289 -21.59 59.98 -24.83
N ILE F 290 -20.60 59.37 -25.51
CA ILE F 290 -19.60 58.62 -24.77
C ILE F 290 -18.79 59.57 -23.90
N ASP F 291 -18.43 60.73 -24.45
CA ASP F 291 -17.79 61.76 -23.65
C ASP F 291 -18.80 62.52 -22.81
N ASP F 292 -20.03 62.70 -23.31
CA ASP F 292 -21.10 63.25 -22.50
C ASP F 292 -21.91 62.15 -21.83
N MET F 293 -21.21 61.24 -21.16
CA MET F 293 -21.84 60.17 -20.40
C MET F 293 -22.32 60.70 -19.06
N ARG F 294 -22.97 59.83 -18.29
CA ARG F 294 -23.59 60.31 -17.05
C ARG F 294 -22.58 60.43 -15.92
N GLN F 295 -22.04 59.31 -15.44
CA GLN F 295 -21.05 59.32 -14.36
C GLN F 295 -19.88 58.43 -14.79
N ILE F 296 -18.99 59.01 -15.60
CA ILE F 296 -17.69 58.46 -15.91
C ILE F 296 -16.70 59.61 -15.84
N ASP F 297 -15.62 59.44 -15.11
CA ASP F 297 -14.68 60.55 -15.00
C ASP F 297 -13.83 60.64 -16.26
N ASP F 298 -12.96 61.66 -16.27
CA ASP F 298 -12.08 61.89 -17.42
C ASP F 298 -11.14 60.73 -17.67
N LYS F 299 -10.72 60.05 -16.61
CA LYS F 299 -9.87 58.87 -16.75
C LYS F 299 -10.65 57.73 -17.41
N PHE F 300 -11.90 57.53 -16.98
CA PHE F 300 -12.82 56.70 -17.76
C PHE F 300 -13.08 57.29 -19.14
N LYS F 301 -13.18 58.62 -19.23
CA LYS F 301 -13.40 59.23 -20.53
C LYS F 301 -12.17 59.09 -21.41
N ASP F 302 -10.97 59.13 -20.82
CA ASP F 302 -9.76 58.81 -21.57
C ASP F 302 -9.77 57.36 -22.01
N VAL F 303 -10.29 56.47 -21.17
CA VAL F 303 -10.36 55.05 -21.51
C VAL F 303 -11.30 54.82 -22.70
N LEU F 304 -12.51 55.36 -22.62
CA LEU F 304 -13.48 55.15 -23.69
C LEU F 304 -13.12 55.95 -24.92
N LYS F 305 -12.41 57.06 -24.79
CA LYS F 305 -11.95 57.79 -25.96
C LYS F 305 -10.79 57.07 -26.61
N TYR F 306 -9.97 56.38 -25.82
CA TYR F 306 -8.95 55.50 -26.37
C TYR F 306 -9.58 54.33 -27.10
N LEU F 307 -10.72 53.87 -26.60
CA LEU F 307 -11.43 52.79 -27.29
C LEU F 307 -12.09 53.29 -28.57
N ILE F 308 -12.79 54.42 -28.49
CA ILE F 308 -13.75 54.79 -29.52
C ILE F 308 -13.08 55.45 -30.71
N SER F 309 -11.88 56.00 -30.55
CA SER F 309 -11.20 56.71 -31.63
C SER F 309 -10.36 55.72 -32.44
N ASP F 310 -11.08 54.80 -33.11
CA ASP F 310 -10.43 53.79 -33.92
C ASP F 310 -9.91 54.42 -35.20
N ASN F 311 -8.72 54.99 -35.15
CA ASN F 311 -8.14 55.70 -36.27
C ASN F 311 -7.15 54.80 -37.01
N GLY F 312 -6.55 55.35 -38.06
CA GLY F 312 -5.69 54.56 -38.92
C GLY F 312 -4.29 54.41 -38.34
N ASP F 313 -3.74 53.21 -38.52
CA ASP F 313 -2.34 52.86 -38.24
C ASP F 313 -1.97 53.01 -36.76
N SER F 314 -2.95 52.99 -35.86
CA SER F 314 -2.62 53.12 -34.45
C SER F 314 -2.13 51.80 -33.87
N LYS F 315 -2.96 50.75 -33.98
CA LYS F 315 -2.72 49.42 -33.39
C LYS F 315 -2.44 49.56 -31.90
N LYS F 316 -3.49 50.01 -31.20
CA LYS F 316 -3.37 50.79 -29.97
C LYS F 316 -2.65 50.06 -28.86
N SER F 317 -1.77 50.77 -28.18
CA SER F 317 -0.91 50.17 -27.16
C SER F 317 -1.69 49.93 -25.88
N ILE F 318 -1.71 48.67 -25.46
CA ILE F 318 -2.30 48.34 -24.17
C ILE F 318 -1.40 48.82 -23.03
N HIS F 319 -0.10 49.03 -23.31
CA HIS F 319 0.76 49.68 -22.33
C HIS F 319 0.31 51.12 -22.10
N ASP F 320 -0.08 51.81 -23.16
CA ASP F 320 -0.57 53.17 -23.01
C ASP F 320 -1.90 53.20 -22.30
N LEU F 321 -2.79 52.26 -22.62
CA LEU F 321 -4.10 52.26 -21.98
C LEU F 321 -4.01 51.80 -20.53
N THR F 322 -3.04 50.96 -20.22
CA THR F 322 -2.84 50.57 -18.83
C THR F 322 -2.14 51.69 -18.06
N SER F 323 -1.33 52.48 -18.76
CA SER F 323 -0.80 53.71 -18.17
C SER F 323 -1.90 54.73 -17.94
N HIS F 324 -2.95 54.68 -18.75
CA HIS F 324 -4.15 55.44 -18.45
C HIS F 324 -4.87 54.84 -17.26
N PHE F 325 -4.74 53.53 -17.05
CA PHE F 325 -5.45 52.88 -15.94
C PHE F 325 -4.68 53.02 -14.64
N TYR F 326 -3.52 52.38 -14.57
CA TYR F 326 -2.40 52.78 -13.71
C TYR F 326 -2.62 52.63 -12.20
N ASP F 327 -3.84 52.34 -11.75
CA ASP F 327 -4.06 52.25 -10.31
C ASP F 327 -4.85 51.02 -9.90
N LYS F 328 -5.75 50.57 -10.78
CA LYS F 328 -6.76 49.59 -10.40
C LYS F 328 -6.19 48.20 -10.22
N MET F 329 -5.00 47.93 -10.79
CA MET F 329 -4.29 46.67 -10.57
C MET F 329 -4.01 46.48 -9.09
N PHE F 330 -3.66 47.57 -8.40
CA PHE F 330 -3.42 47.50 -6.98
C PHE F 330 -4.71 47.32 -6.19
N MET F 331 -5.82 47.90 -6.67
CA MET F 331 -7.10 47.76 -5.98
C MET F 331 -7.66 46.35 -6.10
N VAL F 332 -7.46 45.70 -7.25
CA VAL F 332 -7.95 44.34 -7.36
C VAL F 332 -7.00 43.38 -6.64
N LEU F 333 -5.71 43.72 -6.52
CA LEU F 333 -4.86 42.96 -5.61
C LEU F 333 -5.28 43.14 -4.15
N GLU F 334 -5.73 44.35 -3.78
CA GLU F 334 -6.27 44.62 -2.45
C GLU F 334 -7.46 43.71 -2.17
N SER F 335 -8.46 43.75 -3.05
CA SER F 335 -9.65 42.91 -2.89
C SER F 335 -9.29 41.44 -2.91
N SER F 336 -8.32 41.04 -3.73
CA SER F 336 -7.93 39.65 -3.87
C SER F 336 -7.31 39.11 -2.59
N GLN F 337 -6.32 39.80 -2.06
CA GLN F 337 -5.68 39.29 -0.85
C GLN F 337 -6.53 39.51 0.38
N THR F 338 -7.41 40.51 0.40
CA THR F 338 -8.31 40.69 1.54
C THR F 338 -9.34 39.57 1.59
N TYR F 339 -9.94 39.25 0.44
CA TYR F 339 -10.85 38.13 0.33
C TYR F 339 -10.15 36.82 0.63
N THR F 340 -8.87 36.72 0.24
CA THR F 340 -8.08 35.53 0.51
C THR F 340 -7.88 35.32 2.01
N GLU F 341 -7.43 36.38 2.71
CA GLU F 341 -7.24 36.31 4.16
C GLU F 341 -8.55 36.06 4.88
N TYR F 342 -9.66 36.57 4.35
CA TYR F 342 -10.96 36.25 4.91
C TYR F 342 -11.30 34.77 4.72
N MET F 343 -10.90 34.20 3.57
CA MET F 343 -11.13 32.78 3.33
C MET F 343 -10.36 31.91 4.29
N GLU F 344 -9.09 32.22 4.55
CA GLU F 344 -8.41 31.36 5.51
C GLU F 344 -8.82 31.67 6.95
N SER F 345 -9.26 32.90 7.24
CA SER F 345 -9.75 33.22 8.57
C SER F 345 -11.03 32.46 8.89
N VAL F 346 -11.86 32.21 7.89
CA VAL F 346 -13.02 31.34 8.12
C VAL F 346 -12.68 29.86 7.94
N LEU F 347 -11.66 29.54 7.15
CA LEU F 347 -11.23 28.16 6.94
C LEU F 347 -10.54 27.59 8.16
N SER F 348 -10.10 28.46 9.09
CA SER F 348 -9.53 28.05 10.36
C SER F 348 -10.41 27.07 11.14
N ARG F 349 -11.72 27.27 11.13
CA ARG F 349 -12.60 26.46 11.96
C ARG F 349 -13.37 25.42 11.17
N GLU F 350 -12.75 24.89 10.12
CA GLU F 350 -13.35 23.88 9.26
C GLU F 350 -12.46 22.65 9.14
N LEU F 351 -11.16 22.79 9.46
CA LEU F 351 -10.14 21.79 9.15
C LEU F 351 -10.34 20.47 9.88
N GLU F 352 -11.02 20.47 11.03
CA GLU F 352 -11.18 19.25 11.80
C GLU F 352 -12.27 18.36 11.21
N ASN F 353 -12.00 17.87 10.02
CA ASN F 353 -12.86 16.93 9.30
C ASN F 353 -12.12 15.72 8.76
N GLY F 354 -10.92 15.92 8.23
CA GLY F 354 -10.30 14.91 7.37
C GLY F 354 -9.78 13.74 8.17
N ARG F 355 -9.06 14.02 9.25
CA ARG F 355 -8.75 13.02 10.27
C ARG F 355 -10.02 12.36 10.79
N LEU F 356 -11.05 13.17 11.07
CA LEU F 356 -12.30 12.66 11.60
C LEU F 356 -13.03 11.80 10.57
N PHE F 357 -12.97 12.20 9.30
CA PHE F 357 -13.65 11.41 8.28
C PHE F 357 -12.91 10.10 8.02
N ARG F 358 -11.57 10.12 8.09
CA ARG F 358 -10.84 8.86 7.99
C ARG F 358 -11.08 7.97 9.19
N LEU F 359 -11.30 8.57 10.36
CA LEU F 359 -11.72 7.82 11.53
C LEU F 359 -13.03 7.11 11.30
N VAL F 360 -14.01 7.81 10.70
CA VAL F 360 -15.28 7.17 10.38
C VAL F 360 -15.11 6.14 9.26
N ASN F 361 -14.16 6.36 8.35
CA ASN F 361 -13.85 5.40 7.30
C ASN F 361 -13.37 4.08 7.90
N LYS F 362 -12.42 4.18 8.83
CA LYS F 362 -11.93 3.02 9.56
C LYS F 362 -13.04 2.40 10.40
N LEU F 363 -13.93 3.25 10.92
CA LEU F 363 -14.97 2.84 11.85
C LEU F 363 -16.06 2.01 11.17
N ASN F 364 -16.76 2.62 10.22
CA ASN F 364 -17.81 1.94 9.46
C ASN F 364 -17.30 1.22 8.23
N CYS F 365 -15.97 1.09 8.06
CA CYS F 365 -15.49 0.23 6.99
C CYS F 365 -15.81 -1.23 7.29
N ILE F 366 -15.57 -1.66 8.52
CA ILE F 366 -15.91 -3.01 8.96
C ILE F 366 -16.62 -2.91 10.31
N PHE F 367 -17.93 -2.85 10.28
CA PHE F 367 -18.68 -2.93 11.53
C PHE F 367 -19.72 -4.04 11.51
N GLY F 368 -20.45 -4.19 10.42
CA GLY F 368 -21.53 -5.15 10.37
C GLY F 368 -21.51 -6.00 9.12
N ARG F 369 -20.32 -6.44 8.71
CA ARG F 369 -20.19 -7.27 7.51
C ARG F 369 -20.99 -8.55 7.68
N ILE F 370 -21.67 -8.97 6.61
CA ILE F 370 -22.71 -9.97 6.74
C ILE F 370 -22.15 -11.35 7.05
N GLU F 371 -20.88 -11.60 6.69
CA GLU F 371 -20.22 -12.81 7.16
C GLU F 371 -19.92 -12.70 8.65
N SER F 372 -19.63 -11.50 9.13
CA SER F 372 -19.26 -11.27 10.51
C SER F 372 -20.43 -10.74 11.34
N ARG F 373 -21.64 -10.72 10.79
CA ARG F 373 -22.80 -10.37 11.59
C ARG F 373 -23.10 -11.43 12.64
N ILE F 374 -22.99 -12.69 12.26
CA ILE F 374 -23.23 -13.81 13.16
C ILE F 374 -22.10 -14.82 12.98
N ASP F 375 -21.12 -14.80 13.89
CA ASP F 375 -19.99 -15.71 13.83
C ASP F 375 -19.41 -15.86 15.23
N ILE F 376 -18.32 -16.62 15.31
CA ILE F 376 -17.79 -17.04 16.60
C ILE F 376 -17.01 -15.92 17.30
N ASN F 377 -16.20 -15.18 16.54
CA ASN F 377 -15.26 -14.23 17.13
C ASN F 377 -15.85 -12.85 17.29
N TRP F 378 -17.17 -12.74 17.38
CA TRP F 378 -17.82 -11.46 17.58
C TRP F 378 -18.97 -11.52 18.56
N SER F 379 -19.21 -12.67 19.18
CA SER F 379 -20.21 -12.78 20.22
C SER F 379 -19.66 -12.20 21.52
N GLU F 380 -20.45 -12.33 22.59
CA GLU F 380 -19.99 -11.98 23.92
C GLU F 380 -18.84 -12.88 24.36
N SER F 381 -18.83 -14.12 23.87
CA SER F 381 -17.66 -14.98 23.94
C SER F 381 -16.67 -14.75 22.82
N GLY F 382 -16.94 -13.80 21.91
CA GLY F 382 -16.10 -13.59 20.75
C GLY F 382 -14.94 -12.65 20.98
N THR F 383 -14.09 -12.53 19.96
CA THR F 383 -12.82 -11.84 20.08
C THR F 383 -13.00 -10.32 20.11
N LYS F 384 -13.51 -9.75 19.03
CA LYS F 384 -13.64 -8.30 18.91
C LYS F 384 -15.00 -7.85 19.44
N PHE F 385 -15.25 -8.20 20.70
CA PHE F 385 -16.57 -7.92 21.25
C PHE F 385 -16.73 -6.45 21.69
N PRO F 386 -15.89 -5.86 22.56
CA PRO F 386 -16.22 -4.51 23.04
C PRO F 386 -15.97 -3.40 22.03
N ILE F 387 -15.35 -3.68 20.88
CA ILE F 387 -15.24 -2.68 19.83
C ILE F 387 -16.62 -2.37 19.27
N ILE F 388 -17.54 -3.32 19.36
CA ILE F 388 -18.95 -3.02 19.16
C ILE F 388 -19.46 -2.14 20.30
N LEU F 389 -19.17 -2.55 21.54
CA LEU F 389 -19.89 -2.06 22.72
C LEU F 389 -19.72 -0.57 22.94
N PHE F 390 -18.48 -0.09 22.87
CA PHE F 390 -18.26 1.34 23.05
C PHE F 390 -18.82 2.13 21.90
N TYR F 391 -18.81 1.51 20.71
CA TYR F 391 -19.28 2.05 19.44
C TYR F 391 -20.61 2.77 19.55
N ASP F 392 -21.63 2.03 19.93
CA ASP F 392 -22.96 2.59 20.13
C ASP F 392 -23.19 3.06 21.55
N TYR F 393 -22.23 2.82 22.46
CA TYR F 393 -22.28 3.45 23.78
C TYR F 393 -22.30 4.96 23.66
N VAL F 394 -21.38 5.49 22.87
CA VAL F 394 -21.45 6.89 22.47
C VAL F 394 -22.74 7.16 21.73
N PHE F 395 -23.15 6.24 20.86
CA PHE F 395 -24.20 6.56 19.91
C PHE F 395 -25.58 6.38 20.50
N HIS F 396 -25.70 5.67 21.63
CA HIS F 396 -26.99 5.45 22.26
C HIS F 396 -26.87 5.62 23.77
N GLN F 397 -26.13 6.62 24.20
CA GLN F 397 -26.00 6.91 25.63
C GLN F 397 -27.34 7.43 26.17
N VAL F 398 -27.97 6.61 27.01
CA VAL F 398 -29.30 6.92 27.52
C VAL F 398 -29.24 8.09 28.49
N ASP F 399 -30.37 8.76 28.66
CA ASP F 399 -30.48 9.87 29.58
C ASP F 399 -30.93 9.36 30.94
N SER F 400 -31.29 10.28 31.84
CA SER F 400 -31.88 9.89 33.12
C SER F 400 -33.26 9.27 32.94
N ASN F 401 -33.97 9.65 31.87
CA ASN F 401 -35.21 9.00 31.49
C ASN F 401 -34.97 7.79 30.58
N GLY F 402 -33.72 7.40 30.38
CA GLY F 402 -33.39 6.30 29.51
C GLY F 402 -33.40 6.61 28.04
N LYS F 403 -33.59 7.86 27.66
CA LYS F 403 -33.64 8.21 26.26
C LYS F 403 -32.22 8.35 25.71
N PRO F 404 -31.88 7.64 24.63
CA PRO F 404 -30.55 7.82 24.05
C PRO F 404 -30.39 9.18 23.38
N ILE F 405 -29.67 10.07 24.05
CA ILE F 405 -29.53 11.46 23.64
C ILE F 405 -28.04 11.75 23.44
N MET F 406 -27.71 12.39 22.32
CA MET F 406 -26.33 12.52 21.84
C MET F 406 -25.42 13.35 22.74
N ASP F 407 -25.70 14.66 22.87
CA ASP F 407 -24.83 15.63 23.52
C ASP F 407 -23.41 15.58 22.93
N LEU F 408 -23.34 16.03 21.68
CA LEU F 408 -22.21 15.80 20.77
C LEU F 408 -20.87 16.31 21.30
N THR F 409 -20.88 17.23 22.28
CA THR F 409 -19.71 17.55 23.09
C THR F 409 -19.03 16.30 23.62
N HIS F 410 -19.78 15.49 24.36
CA HIS F 410 -19.29 14.23 24.90
C HIS F 410 -18.83 13.29 23.80
N VAL F 411 -19.55 13.30 22.67
CA VAL F 411 -19.23 12.43 21.54
C VAL F 411 -17.86 12.74 20.98
N LEU F 412 -17.62 14.01 20.63
CA LEU F 412 -16.35 14.37 20.01
C LEU F 412 -15.21 14.36 21.01
N ARG F 413 -15.52 14.65 22.29
CA ARG F 413 -14.58 14.43 23.39
C ARG F 413 -14.04 13.00 23.35
N CYS F 414 -14.96 12.04 23.37
CA CYS F 414 -14.57 10.63 23.30
C CYS F 414 -13.89 10.30 21.99
N LEU F 415 -14.31 10.93 20.89
CA LEU F 415 -13.75 10.63 19.58
C LEU F 415 -12.29 11.04 19.48
N ASN F 416 -11.96 12.24 19.95
CA ASN F 416 -10.57 12.65 19.96
C ASN F 416 -9.76 11.84 20.95
N LYS F 417 -10.36 11.45 22.09
CA LYS F 417 -9.64 10.64 23.06
C LYS F 417 -9.28 9.27 22.49
N LEU F 418 -10.25 8.60 21.87
CA LEU F 418 -9.98 7.31 21.24
C LEU F 418 -9.05 7.45 20.06
N ASP F 419 -9.11 8.59 19.35
CA ASP F 419 -8.23 8.84 18.23
C ASP F 419 -6.78 8.95 18.71
N ALA F 420 -6.58 9.53 19.89
CA ALA F 420 -5.27 9.74 20.48
C ALA F 420 -4.52 8.43 20.75
N GLY F 421 -5.03 7.62 21.65
CA GLY F 421 -4.35 6.43 22.11
C GLY F 421 -3.81 6.48 23.53
N ILE F 422 -4.32 7.39 24.37
CA ILE F 422 -3.84 7.58 25.73
C ILE F 422 -4.44 6.50 26.62
N GLN F 423 -4.00 6.44 27.87
CA GLN F 423 -4.38 5.34 28.75
C GLN F 423 -5.40 5.83 29.77
N GLU F 424 -6.66 5.40 29.61
CA GLU F 424 -7.73 5.79 30.50
C GLU F 424 -8.41 4.57 31.10
N LYS F 425 -9.42 4.82 31.94
CA LYS F 425 -10.23 3.78 32.56
C LYS F 425 -11.70 4.06 32.27
N LEU F 426 -12.42 3.04 31.77
CA LEU F 426 -13.72 3.24 31.12
C LEU F 426 -14.75 2.27 31.69
N MET F 427 -15.72 2.81 32.44
CA MET F 427 -16.88 2.03 32.84
C MET F 427 -17.79 1.77 31.64
N LEU F 428 -18.38 0.58 31.59
CA LEU F 428 -19.26 0.18 30.50
C LEU F 428 -20.24 -0.85 31.02
N VAL F 429 -21.51 -0.74 30.64
CA VAL F 429 -22.57 -1.64 31.08
C VAL F 429 -23.41 -2.06 29.87
N THR F 430 -24.38 -2.97 30.12
CA THR F 430 -25.24 -3.48 29.04
C THR F 430 -26.43 -2.59 28.70
N PRO F 431 -27.22 -2.05 29.67
CA PRO F 431 -27.20 -1.63 31.09
C PRO F 431 -27.02 -2.62 32.26
N ASP F 432 -27.59 -3.83 32.23
CA ASP F 432 -27.59 -4.64 33.45
C ASP F 432 -26.22 -5.29 33.69
N GLU F 433 -26.14 -6.14 34.71
CA GLU F 433 -24.88 -6.65 35.24
C GLU F 433 -24.24 -7.72 34.34
N LEU F 434 -23.61 -7.26 33.26
CA LEU F 434 -22.89 -8.18 32.38
C LEU F 434 -21.84 -7.39 31.61
N ASN F 435 -20.91 -8.15 30.99
CA ASN F 435 -19.83 -7.80 30.05
C ASN F 435 -19.21 -6.42 30.30
N CYS F 436 -18.87 -6.15 31.57
CA CYS F 436 -18.25 -4.87 31.92
C CYS F 436 -16.73 -5.02 31.90
N ILE F 437 -16.09 -4.12 31.16
CA ILE F 437 -14.65 -4.17 30.93
C ILE F 437 -14.12 -2.74 31.04
N ILE F 438 -13.10 -2.57 31.87
CA ILE F 438 -12.52 -1.26 32.14
C ILE F 438 -11.19 -1.23 31.40
N ILE F 439 -11.04 -0.30 30.46
CA ILE F 439 -10.03 -0.45 29.42
C ILE F 439 -9.48 0.92 29.04
N SER F 440 -8.37 0.93 28.32
CA SER F 440 -7.73 2.09 27.74
C SER F 440 -7.74 1.96 26.21
N TYR F 441 -7.01 2.82 25.54
CA TYR F 441 -7.26 3.11 24.13
C TYR F 441 -6.30 2.44 23.16
N LYS F 442 -5.02 2.33 23.51
CA LYS F 442 -4.01 1.96 22.51
C LYS F 442 -4.17 0.52 22.03
N GLN F 443 -4.68 -0.34 22.90
CA GLN F 443 -5.05 -1.69 22.49
C GLN F 443 -6.26 -1.69 21.57
N LEU F 444 -7.18 -0.75 21.76
CA LEU F 444 -8.30 -0.62 20.84
C LEU F 444 -7.82 -0.17 19.48
N LYS F 445 -6.90 0.80 19.47
CA LYS F 445 -6.17 1.18 18.27
C LYS F 445 -5.53 -0.01 17.57
N ASP F 446 -4.87 -0.87 18.34
CA ASP F 446 -4.16 -2.00 17.76
C ASP F 446 -5.11 -3.01 17.15
N LEU F 447 -6.22 -3.30 17.85
CA LEU F 447 -7.17 -4.27 17.29
C LEU F 447 -7.90 -3.69 16.09
N ILE F 448 -8.15 -2.38 16.08
CA ILE F 448 -8.79 -1.74 14.94
C ILE F 448 -7.90 -1.86 13.70
N GLU F 449 -6.62 -1.49 13.84
CA GLU F 449 -5.75 -1.56 12.67
C GLU F 449 -5.47 -3.00 12.26
N SER F 450 -5.46 -3.92 13.22
CA SER F 450 -5.25 -5.33 12.93
C SER F 450 -6.42 -5.89 12.13
N THR F 451 -7.64 -5.63 12.59
CA THR F 451 -8.84 -6.04 11.87
C THR F 451 -8.92 -5.41 10.49
N PHE F 452 -8.56 -4.13 10.39
CA PHE F 452 -8.63 -3.44 9.11
C PHE F 452 -7.63 -4.04 8.12
N ARG F 453 -6.42 -4.32 8.59
CA ARG F 453 -5.39 -4.91 7.75
C ARG F 453 -5.74 -6.33 7.34
N SER F 454 -6.35 -7.09 8.26
CA SER F 454 -6.79 -8.44 7.93
C SER F 454 -7.91 -8.43 6.91
N ILE F 455 -8.79 -7.43 6.99
CA ILE F 455 -9.81 -7.24 5.97
C ILE F 455 -9.17 -6.83 4.64
N THR F 456 -8.06 -6.09 4.69
CA THR F 456 -7.57 -5.39 3.51
C THR F 456 -6.97 -6.38 2.50
N GLN F 457 -6.12 -7.29 2.96
CA GLN F 457 -5.82 -8.52 2.24
C GLN F 457 -5.32 -9.54 3.25
N ALA F 458 -5.10 -10.76 2.78
CA ALA F 458 -4.40 -11.77 3.55
C ALA F 458 -2.96 -11.92 3.04
N PRO G 224 1.87 24.06 28.66
CA PRO G 224 2.90 24.57 29.56
C PRO G 224 4.19 23.81 29.36
N PRO G 225 4.10 22.66 28.71
CA PRO G 225 5.25 21.85 28.36
C PRO G 225 5.55 22.03 26.87
N HIS G 226 6.81 21.87 26.52
CA HIS G 226 7.28 22.07 25.15
C HIS G 226 7.29 20.74 24.43
N SER G 227 6.42 20.61 23.43
CA SER G 227 6.41 19.44 22.56
C SER G 227 5.84 19.85 21.21
N LEU G 228 5.94 18.94 20.24
CA LEU G 228 5.65 19.27 18.84
C LEU G 228 4.24 18.85 18.41
N LEU G 229 3.94 17.55 18.52
CA LEU G 229 2.70 16.93 18.03
C LEU G 229 2.45 17.19 16.54
N GLN G 230 3.52 17.38 15.77
CA GLN G 230 3.43 17.61 14.35
C GLN G 230 4.46 16.78 13.60
N TYR G 231 5.08 15.80 14.26
CA TYR G 231 6.10 14.92 13.67
C TYR G 231 5.43 13.85 12.81
N HIS G 232 4.75 14.32 11.75
CA HIS G 232 3.79 13.54 10.96
C HIS G 232 2.73 12.90 11.86
N LEU G 233 2.33 13.64 12.90
CA LEU G 233 1.48 13.11 13.96
C LEU G 233 0.06 13.62 13.91
N TYR G 234 -0.12 14.88 13.51
CA TYR G 234 -1.45 15.44 13.34
C TYR G 234 -2.18 14.75 12.19
N ALA G 235 -1.44 14.41 11.13
CA ALA G 235 -1.80 13.51 10.05
C ALA G 235 -0.50 13.20 9.33
N PRO G 236 -0.25 11.94 8.99
CA PRO G 236 1.09 11.55 8.53
C PRO G 236 1.34 11.95 7.09
N GLU G 237 2.56 11.72 6.67
CA GLU G 237 2.95 11.93 5.28
C GLU G 237 2.71 10.65 4.49
N GLN G 238 2.50 10.82 3.19
CA GLN G 238 2.15 9.72 2.34
C GLN G 238 3.13 9.60 1.18
N PRO G 239 3.48 8.39 0.76
CA PRO G 239 4.47 8.24 -0.32
C PRO G 239 3.91 8.68 -1.66
N SER G 240 4.54 9.68 -2.25
CA SER G 240 4.14 10.20 -3.54
C SER G 240 4.77 9.44 -4.70
N SER G 241 5.52 8.36 -4.43
CA SER G 241 6.03 7.54 -5.52
C SER G 241 4.91 6.77 -6.20
N LEU G 242 3.86 6.43 -5.47
CA LEU G 242 2.65 5.93 -6.10
C LEU G 242 1.94 7.02 -6.89
N LYS G 243 2.02 8.26 -6.40
CA LYS G 243 1.42 9.38 -7.11
C LYS G 243 2.22 9.77 -8.35
N SER G 244 3.49 9.34 -8.43
CA SER G 244 4.28 9.57 -9.62
C SER G 244 3.75 8.80 -10.82
N LEU G 245 3.13 7.65 -10.58
CA LEU G 245 2.51 6.84 -11.62
C LEU G 245 1.06 6.64 -11.19
N LEU G 246 0.21 7.61 -11.54
CA LEU G 246 -1.15 7.64 -11.05
C LEU G 246 -2.05 8.21 -12.14
N LYS G 247 -3.30 7.74 -12.16
CA LYS G 247 -4.29 8.01 -13.19
C LYS G 247 -5.26 9.08 -12.75
N PRO G 248 -5.90 9.80 -13.70
CA PRO G 248 -6.88 10.82 -13.30
C PRO G 248 -8.11 10.26 -12.62
N ASN G 249 -8.47 9.01 -12.90
CA ASN G 249 -9.48 8.33 -12.09
C ASN G 249 -8.97 8.14 -10.67
N GLU G 250 -7.69 7.82 -10.53
CA GLU G 250 -7.10 7.53 -9.23
C GLU G 250 -7.00 8.82 -8.42
N ARG G 251 -7.81 8.91 -7.38
CA ARG G 251 -7.76 10.05 -6.47
C ARG G 251 -7.05 9.63 -5.19
N SER G 252 -6.86 10.59 -4.30
CA SER G 252 -6.15 10.30 -3.07
C SER G 252 -6.74 11.11 -1.92
N ALA G 253 -6.29 10.78 -0.71
CA ALA G 253 -6.88 11.36 0.49
C ALA G 253 -6.51 12.83 0.64
N ASP G 254 -5.31 13.22 0.22
CA ASP G 254 -4.99 14.64 0.14
C ASP G 254 -5.80 15.30 -0.97
N GLN G 255 -5.98 14.61 -2.09
CA GLN G 255 -6.88 15.09 -3.13
C GLN G 255 -8.32 15.04 -2.67
N LEU G 256 -8.64 14.16 -1.73
CA LEU G 256 -9.93 14.21 -1.08
C LEU G 256 -10.04 15.43 -0.16
N PHE G 257 -9.03 15.67 0.68
CA PHE G 257 -9.19 16.58 1.80
C PHE G 257 -8.36 17.86 1.66
N ILE G 258 -7.04 17.75 1.71
CA ILE G 258 -6.14 18.91 1.87
C ILE G 258 -4.71 18.42 1.73
N PRO G 259 -3.80 19.21 1.16
CA PRO G 259 -2.37 18.94 1.35
C PRO G 259 -1.89 19.41 2.72
N ASN G 260 -0.77 18.83 3.13
CA ASN G 260 -0.34 18.90 4.53
C ASN G 260 0.10 20.31 4.92
N ASN G 261 0.65 21.05 3.96
CA ASN G 261 1.36 22.30 4.22
C ASN G 261 0.42 23.38 4.74
N ILE G 262 -0.73 23.53 4.10
CA ILE G 262 -1.70 24.54 4.51
C ILE G 262 -2.23 24.23 5.90
N ARG G 263 -2.46 22.94 6.15
CA ARG G 263 -2.93 22.48 7.45
C ARG G 263 -1.96 22.82 8.56
N GLU G 264 -0.69 22.45 8.38
CA GLU G 264 0.29 22.71 9.44
C GLU G 264 0.57 24.19 9.58
N ASP G 265 0.49 24.94 8.48
CA ASP G 265 0.67 26.39 8.55
C ASP G 265 -0.45 27.04 9.35
N LEU G 266 -1.68 26.59 9.13
CA LEU G 266 -2.80 27.19 9.86
C LEU G 266 -2.80 26.78 11.32
N THR G 267 -2.39 25.54 11.63
CA THR G 267 -2.33 25.15 13.03
C THR G 267 -1.19 25.85 13.74
N LYS G 268 -0.06 26.07 13.05
CA LYS G 268 1.01 26.87 13.60
C LYS G 268 0.57 28.30 13.82
N LYS G 269 -0.27 28.81 12.91
CA LYS G 269 -0.85 30.14 13.10
C LYS G 269 -1.80 30.18 14.28
N ASN G 270 -2.55 29.11 14.50
CA ASN G 270 -3.50 29.07 15.61
C ASN G 270 -2.77 29.05 16.94
N LEU G 271 -1.73 28.22 17.03
CA LEU G 271 -0.93 28.20 18.25
C LEU G 271 -0.14 29.48 18.41
N SER G 272 0.23 30.12 17.30
CA SER G 272 0.84 31.44 17.35
C SER G 272 -0.11 32.47 17.92
N ILE G 273 -1.40 32.33 17.60
CA ILE G 273 -2.41 33.19 18.19
C ILE G 273 -2.53 32.90 19.68
N LEU G 274 -2.49 31.62 20.04
CA LEU G 274 -2.71 31.30 21.45
C LEU G 274 -1.45 30.72 22.10
N GLN G 275 -0.31 31.36 21.89
CA GLN G 275 0.93 30.91 22.53
C GLN G 275 0.96 31.29 24.01
N VAL G 276 0.08 30.66 24.77
CA VAL G 276 -0.05 30.87 26.20
C VAL G 276 -0.78 29.67 26.77
N PHE G 277 -0.27 29.17 27.89
CA PHE G 277 -0.99 28.18 28.63
C PHE G 277 -1.17 28.69 30.06
N PRO G 278 -2.36 28.48 30.68
CA PRO G 278 -2.88 29.43 31.68
C PRO G 278 -2.03 29.64 32.91
N SER G 279 -1.47 30.84 32.93
CA SER G 279 -0.50 31.29 33.92
C SER G 279 -0.82 32.76 34.18
N SER G 280 0.12 33.50 34.75
CA SER G 280 -0.07 34.92 34.97
C SER G 280 0.85 35.77 34.11
N GLY G 281 2.16 35.60 34.25
CA GLY G 281 3.11 36.52 33.64
C GLY G 281 3.01 37.90 34.24
N LYS G 282 3.03 37.97 35.57
CA LYS G 282 2.87 39.22 36.30
C LYS G 282 4.20 39.95 36.49
N VAL G 283 5.31 39.35 36.08
CA VAL G 283 6.61 40.01 36.22
C VAL G 283 6.76 41.16 35.23
N ILE G 284 6.05 41.09 34.10
CA ILE G 284 5.91 42.21 33.19
C ILE G 284 4.60 42.86 33.65
N PRO G 285 4.35 44.15 33.39
CA PRO G 285 2.99 44.66 33.57
C PRO G 285 2.00 43.93 32.67
N SER G 286 0.85 43.59 33.23
CA SER G 286 -0.04 42.60 32.64
C SER G 286 -1.36 43.13 32.13
N ILE G 287 -1.81 44.29 32.60
CA ILE G 287 -3.05 44.91 32.14
C ILE G 287 -2.74 46.36 31.80
N VAL G 288 -2.87 46.72 30.53
CA VAL G 288 -2.64 48.10 30.09
C VAL G 288 -3.93 48.56 29.43
N GLN G 289 -4.84 49.13 30.25
CA GLN G 289 -6.03 49.85 29.82
C GLN G 289 -6.94 48.98 28.94
N ASP G 290 -7.40 47.87 29.52
CA ASP G 290 -8.17 46.81 28.86
C ASP G 290 -7.41 46.21 27.68
N TYR G 291 -6.11 45.97 27.88
CA TYR G 291 -5.30 45.15 26.99
C TYR G 291 -4.50 44.23 27.89
N PHE G 292 -5.02 43.03 28.12
CA PHE G 292 -4.39 42.10 29.03
C PHE G 292 -3.73 40.96 28.26
N ASN G 293 -3.00 40.13 29.01
CA ASN G 293 -2.13 39.06 28.51
C ASN G 293 -1.06 39.62 27.56
N LEU G 294 -0.21 40.47 28.12
CA LEU G 294 0.95 40.97 27.40
C LEU G 294 1.97 39.84 27.25
N VAL G 295 2.08 39.30 26.05
CA VAL G 295 3.00 38.19 25.81
C VAL G 295 3.91 38.52 24.61
N PRO G 296 5.22 38.40 24.77
CA PRO G 296 6.13 38.95 23.75
C PRO G 296 6.25 38.11 22.50
N LEU G 297 6.33 38.81 21.37
CA LEU G 297 6.70 38.22 20.08
C LEU G 297 8.20 37.95 20.08
N ASN G 298 8.59 36.78 20.57
CA ASN G 298 10.00 36.40 20.60
C ASN G 298 10.36 35.53 19.41
N PHE G 299 10.08 35.96 18.18
CA PHE G 299 10.39 35.10 17.03
C PHE G 299 11.88 35.14 16.72
N ASN G 300 12.37 36.28 16.27
CA ASN G 300 13.79 36.65 16.34
C ASN G 300 13.75 38.13 16.68
N ASN G 301 13.69 38.42 17.97
CA ASN G 301 13.34 39.75 18.44
C ASN G 301 14.61 40.57 18.61
N ASN G 302 14.72 41.67 17.87
CA ASN G 302 15.95 42.47 17.86
C ASN G 302 16.00 43.46 19.01
N ASP G 303 15.78 42.97 20.23
CA ASP G 303 15.95 43.75 21.45
C ASP G 303 16.60 42.86 22.50
N PHE G 304 17.65 42.15 22.07
CA PHE G 304 18.28 41.15 22.92
C PHE G 304 19.03 41.80 24.07
N LEU G 305 19.07 41.07 25.20
CA LEU G 305 19.64 41.53 26.48
C LEU G 305 18.96 42.82 26.93
N ASN G 306 17.63 42.84 26.80
CA ASN G 306 16.80 44.01 27.05
C ASN G 306 15.36 43.53 27.17
N LYS G 307 14.61 44.15 28.08
CA LYS G 307 13.17 43.89 28.15
C LYS G 307 12.50 44.47 26.91
N THR G 308 12.08 43.59 26.01
CA THR G 308 11.64 43.99 24.68
C THR G 308 10.30 44.73 24.74
N THR G 309 9.98 45.40 23.63
CA THR G 309 8.85 46.30 23.58
C THR G 309 7.67 45.80 22.77
N LEU G 310 7.84 44.79 21.92
CA LEU G 310 6.79 44.35 21.01
C LEU G 310 6.15 43.07 21.56
N PHE G 311 4.90 43.19 22.01
CA PHE G 311 4.19 42.12 22.69
C PHE G 311 2.95 41.76 21.89
N LYS G 312 2.43 40.56 22.15
CA LYS G 312 1.05 40.22 21.78
C LYS G 312 0.16 40.51 22.97
N VAL G 313 -1.00 41.11 22.72
CA VAL G 313 -1.92 41.50 23.77
C VAL G 313 -3.34 41.28 23.28
N PHE G 314 -4.25 41.13 24.24
CA PHE G 314 -5.65 40.82 23.97
C PHE G 314 -6.51 41.98 24.45
N SER G 315 -7.30 42.54 23.56
CA SER G 315 -8.14 43.67 23.88
C SER G 315 -9.35 43.22 24.69
N ASN G 316 -10.15 44.19 25.14
CA ASN G 316 -11.46 43.87 25.68
C ASN G 316 -12.42 43.46 24.57
N TYR G 317 -12.42 44.20 23.47
CA TYR G 317 -13.28 43.90 22.33
C TYR G 317 -12.49 43.07 21.34
N ASP G 318 -13.13 42.01 20.82
CA ASP G 318 -12.61 40.94 19.96
C ASP G 318 -11.62 40.04 20.70
N GLY G 319 -11.31 40.33 21.97
CA GLY G 319 -10.11 39.80 22.60
C GLY G 319 -8.87 40.07 21.77
N LYS G 320 -8.80 41.25 21.17
CA LYS G 320 -8.20 41.41 19.85
C LYS G 320 -6.70 41.21 19.88
N ALA G 321 -6.23 40.27 19.06
CA ALA G 321 -4.83 39.90 18.98
C ALA G 321 -4.03 41.07 18.39
N TYR G 322 -3.22 41.70 19.23
CA TYR G 322 -2.57 42.95 18.87
C TYR G 322 -1.07 42.86 19.12
N VAL G 323 -0.29 43.39 18.20
CA VAL G 323 1.09 43.78 18.49
C VAL G 323 1.05 45.15 19.18
N LEU G 324 1.51 45.19 20.43
CA LEU G 324 1.64 46.43 21.17
C LEU G 324 3.12 46.76 21.30
N LYS G 325 3.49 47.96 20.87
CA LYS G 325 4.87 48.43 20.93
C LYS G 325 4.92 49.67 21.79
N ARG G 326 5.66 49.60 22.89
CA ARG G 326 5.66 50.64 23.92
C ARG G 326 7.06 51.23 24.00
N LEU G 327 7.17 52.53 23.79
CA LEU G 327 8.46 53.18 23.76
C LEU G 327 8.65 53.99 25.03
N PRO G 328 9.47 53.53 25.98
CA PRO G 328 9.56 54.21 27.27
C PRO G 328 10.51 55.40 27.20
N ASN G 329 10.51 56.16 28.31
CA ASN G 329 11.51 57.17 28.64
C ASN G 329 11.56 58.29 27.61
N ILE G 330 10.46 59.03 27.52
CA ILE G 330 10.33 60.17 26.63
C ILE G 330 10.05 61.42 27.45
N ASP G 331 10.59 62.54 27.02
CA ASP G 331 10.33 63.78 27.73
C ASP G 331 9.86 64.91 26.83
N LYS G 332 10.45 65.04 25.64
CA LYS G 332 10.08 66.13 24.72
C LYS G 332 9.04 65.69 23.70
N SER G 333 8.00 64.99 24.15
CA SER G 333 6.88 64.64 23.29
C SER G 333 5.57 64.73 24.06
N MET G 334 5.47 65.71 24.96
CA MET G 334 4.35 65.78 25.89
C MET G 334 3.06 66.23 25.22
N ASN G 335 3.12 66.74 23.99
CA ASN G 335 1.92 67.16 23.28
C ASN G 335 1.23 65.94 22.71
N PRO G 336 -0.03 65.67 23.07
CA PRO G 336 -0.79 64.62 22.37
C PRO G 336 -1.23 65.02 20.98
N ASN G 337 -1.07 66.28 20.60
CA ASN G 337 -1.49 66.71 19.27
C ASN G 337 -0.57 66.18 18.17
N LYS G 338 0.74 66.07 18.44
CA LYS G 338 1.67 65.56 17.44
C LYS G 338 1.42 64.09 17.14
N ILE G 339 1.27 63.29 18.20
CA ILE G 339 0.94 61.88 17.99
C ILE G 339 -0.50 61.72 17.54
N SER G 340 -1.36 62.71 17.81
CA SER G 340 -2.74 62.63 17.34
C SER G 340 -2.82 62.89 15.84
N LYS G 341 -2.05 63.85 15.33
CA LYS G 341 -2.06 64.08 13.89
C LYS G 341 -1.30 63.00 13.15
N ILE G 342 -0.24 62.43 13.76
CA ILE G 342 0.39 61.28 13.15
C ILE G 342 -0.55 60.07 13.21
N TYR G 343 -1.43 60.04 14.21
CA TYR G 343 -2.43 58.98 14.33
C TYR G 343 -3.46 59.07 13.22
N GLN G 344 -4.23 60.17 13.21
CA GLN G 344 -5.30 60.32 12.22
C GLN G 344 -4.77 60.44 10.81
N ILE G 345 -3.56 60.99 10.65
CA ILE G 345 -2.95 61.08 9.33
C ILE G 345 -2.57 59.70 8.83
N TRP G 346 -2.31 58.76 9.74
CA TRP G 346 -1.98 57.40 9.37
C TRP G 346 -3.04 56.41 9.82
N SER G 347 -4.16 56.89 10.36
CA SER G 347 -5.35 56.07 10.46
C SER G 347 -6.24 56.24 9.25
N LYS G 348 -6.12 57.37 8.55
CA LYS G 348 -6.84 57.57 7.31
C LYS G 348 -6.25 56.77 6.16
N ILE G 349 -5.01 56.28 6.30
CA ILE G 349 -4.44 55.47 5.24
C ILE G 349 -5.08 54.09 5.26
N ASN G 350 -5.04 53.43 4.11
CA ASN G 350 -5.66 52.11 3.98
C ASN G 350 -4.99 51.41 2.81
N CYS G 351 -4.19 50.39 3.10
CA CYS G 351 -3.61 49.55 2.06
C CYS G 351 -3.41 48.15 2.62
N THR G 352 -2.93 47.26 1.76
CA THR G 352 -2.62 45.89 2.16
C THR G 352 -1.51 45.87 3.18
N ASN G 353 -0.38 46.45 2.84
CA ASN G 353 0.84 46.39 3.63
C ASN G 353 0.96 47.54 4.61
N LEU G 354 -0.19 48.07 5.05
CA LEU G 354 -0.29 49.32 5.80
C LEU G 354 -1.00 49.06 7.11
N ILE G 355 -0.47 48.08 7.85
CA ILE G 355 -0.99 47.49 9.09
C ILE G 355 -1.53 48.53 10.05
N LYS G 356 -2.69 48.24 10.66
CA LYS G 356 -3.56 49.22 11.30
C LYS G 356 -2.86 49.99 12.42
N PHE G 357 -2.73 51.29 12.21
CA PHE G 357 -1.96 52.18 13.06
C PHE G 357 -2.90 52.72 14.14
N ARG G 358 -2.75 52.24 15.37
CA ARG G 358 -3.78 52.40 16.38
C ARG G 358 -3.19 52.61 17.77
N ASP G 359 -4.01 53.22 18.64
CA ASP G 359 -3.94 53.09 20.10
C ASP G 359 -2.59 53.56 20.65
N ILE G 360 -2.38 54.86 20.52
CA ILE G 360 -1.10 55.47 20.84
C ILE G 360 -1.29 56.42 22.00
N PHE G 361 -0.65 56.11 23.12
CA PHE G 361 -0.59 57.05 24.25
C PHE G 361 0.55 56.66 25.17
N GLN G 362 1.16 57.66 25.79
CA GLN G 362 2.21 57.38 26.76
C GLN G 362 1.58 56.94 28.08
N THR G 363 2.17 55.92 28.67
CA THR G 363 1.68 55.36 29.92
C THR G 363 2.78 55.35 30.97
N THR G 364 2.36 55.09 32.20
CA THR G 364 3.25 55.00 33.35
C THR G 364 3.76 53.58 33.58
N LYS G 365 3.37 52.63 32.74
CA LYS G 365 3.83 51.25 32.82
C LYS G 365 4.75 50.97 31.63
N PHE G 366 5.18 49.71 31.54
CA PHE G 366 6.37 49.29 30.80
C PHE G 366 7.53 50.22 31.16
N GLY G 367 7.90 50.17 32.43
CA GLY G 367 8.82 51.15 32.98
C GLY G 367 8.10 52.45 33.24
N ASP G 368 8.35 53.45 32.40
CA ASP G 368 7.71 54.74 32.54
C ASP G 368 7.67 55.44 31.18
N LEU G 369 6.58 56.20 30.97
CA LEU G 369 6.38 57.05 29.78
C LEU G 369 6.42 56.24 28.50
N SER G 370 5.84 55.05 28.52
CA SER G 370 5.85 54.18 27.35
C SER G 370 4.77 54.64 26.40
N ILE G 371 5.16 55.29 25.31
CA ILE G 371 4.24 55.59 24.22
C ILE G 371 3.86 54.27 23.57
N CYS G 372 2.64 53.81 23.82
CA CYS G 372 2.17 52.59 23.19
C CYS G 372 1.53 52.92 21.85
N LEU G 373 1.87 52.10 20.87
CA LEU G 373 1.16 52.00 19.60
C LEU G 373 0.71 50.56 19.42
N VAL G 374 -0.31 50.37 18.58
CA VAL G 374 -0.90 49.05 18.37
C VAL G 374 -1.02 48.81 16.88
N PHE G 375 -0.44 47.71 16.42
CA PHE G 375 -0.70 47.08 15.14
C PHE G 375 -1.44 45.77 15.40
N ASP G 376 -1.90 45.13 14.33
CA ASP G 376 -2.49 43.82 14.50
C ASP G 376 -1.40 42.80 14.76
N TYR G 377 -1.82 41.63 15.27
CA TYR G 377 -0.85 40.62 15.69
C TYR G 377 -0.08 40.05 14.50
N TYR G 378 -0.80 39.43 13.56
CA TYR G 378 -0.28 38.99 12.26
C TYR G 378 0.93 38.06 12.37
N PRO G 379 0.71 36.77 12.66
CA PRO G 379 1.84 35.86 12.94
C PRO G 379 2.77 35.59 11.76
N ASN G 380 3.73 34.69 12.01
CA ASN G 380 4.80 34.33 11.09
C ASN G 380 5.63 35.58 10.75
N SER G 381 6.33 36.05 11.77
CA SER G 381 7.18 37.22 11.64
C SER G 381 8.37 36.85 10.76
N LEU G 382 8.27 37.19 9.49
CA LEU G 382 9.13 36.68 8.44
C LEU G 382 9.72 37.80 7.62
N SER G 383 10.35 38.76 8.31
CA SER G 383 11.18 39.76 7.66
C SER G 383 12.22 39.07 6.78
N LEU G 384 12.11 39.32 5.46
CA LEU G 384 12.45 38.39 4.38
C LEU G 384 13.79 37.66 4.52
N TYR G 385 14.73 38.24 5.28
CA TYR G 385 15.92 37.53 5.70
C TYR G 385 15.55 36.30 6.51
N ASP G 386 14.47 36.39 7.30
CA ASP G 386 13.87 35.20 7.90
C ASP G 386 13.36 34.26 6.83
N TYR G 387 12.66 34.81 5.83
CA TYR G 387 11.92 34.01 4.88
C TYR G 387 12.82 33.35 3.85
N HIS G 388 14.07 33.76 3.75
CA HIS G 388 15.00 33.15 2.80
C HIS G 388 16.35 32.80 3.37
N PHE G 389 16.74 33.30 4.52
CA PHE G 389 18.12 33.03 4.91
C PHE G 389 18.22 32.46 6.32
N VAL G 390 17.35 32.90 7.22
CA VAL G 390 17.10 32.15 8.46
C VAL G 390 16.22 30.94 8.13
N ASN G 391 15.64 30.93 6.93
CA ASN G 391 14.69 29.92 6.50
C ASN G 391 15.37 28.56 6.43
N PHE G 392 14.66 27.55 6.89
CA PHE G 392 15.24 26.24 7.12
C PHE G 392 15.37 25.40 5.85
N PRO G 393 14.38 25.29 4.94
CA PRO G 393 14.67 24.61 3.68
C PRO G 393 15.49 25.42 2.68
N LYS G 394 15.72 26.71 2.95
CA LYS G 394 16.49 27.64 2.10
C LYS G 394 15.89 27.71 0.69
N PHE G 395 14.68 28.30 0.63
CA PHE G 395 14.32 28.57 -0.76
C PHE G 395 14.46 30.06 -1.05
N PRO G 396 15.00 30.39 -2.23
CA PRO G 396 15.09 31.80 -2.62
C PRO G 396 13.77 32.34 -3.14
N ILE G 397 13.80 33.56 -3.64
CA ILE G 397 12.67 34.14 -4.36
C ILE G 397 13.12 34.43 -5.79
N THR G 398 12.55 33.71 -6.75
CA THR G 398 12.83 33.98 -8.16
C THR G 398 11.92 35.10 -8.66
N ASN G 399 11.83 35.23 -9.99
CA ASN G 399 11.24 36.41 -10.63
C ASN G 399 9.78 36.62 -10.26
N ASN G 400 9.08 35.53 -9.88
CA ASN G 400 7.70 35.62 -9.41
C ASN G 400 7.57 36.54 -8.19
N TYR G 401 8.23 36.20 -7.08
CA TYR G 401 8.13 37.00 -5.88
C TYR G 401 8.87 38.31 -6.02
N LEU G 402 9.84 38.37 -6.92
CA LEU G 402 10.41 39.63 -7.38
C LEU G 402 9.33 40.60 -7.84
N TRP G 403 8.54 40.22 -8.84
CA TRP G 403 7.52 41.16 -9.32
C TRP G 403 6.39 41.33 -8.31
N ILE G 404 6.14 40.32 -7.48
CA ILE G 404 5.09 40.42 -6.47
C ILE G 404 5.47 41.47 -5.43
N TYR G 405 6.70 41.39 -4.92
CA TYR G 405 7.16 42.38 -3.97
C TYR G 405 7.34 43.72 -4.64
N LEU G 406 7.66 43.73 -5.94
CA LEU G 406 7.72 44.95 -6.72
C LEU G 406 6.38 45.67 -6.76
N VAL G 407 5.31 44.93 -7.00
CA VAL G 407 4.03 45.63 -7.09
C VAL G 407 3.48 45.93 -5.71
N GLN G 408 3.91 45.21 -4.67
CA GLN G 408 3.53 45.60 -3.31
C GLN G 408 4.22 46.88 -2.89
N LEU G 409 5.51 47.01 -3.18
CA LEU G 409 6.20 48.26 -2.88
C LEU G 409 5.69 49.39 -3.76
N THR G 410 5.33 49.09 -5.01
CA THR G 410 4.80 50.11 -5.89
C THR G 410 3.43 50.57 -5.41
N ASN G 411 2.64 49.61 -4.90
CA ASN G 411 1.38 49.90 -4.21
C ASN G 411 1.60 50.84 -3.04
N VAL G 412 2.54 50.52 -2.16
CA VAL G 412 2.64 51.30 -0.95
C VAL G 412 3.31 52.65 -1.19
N ILE G 413 4.16 52.76 -2.23
CA ILE G 413 4.69 54.09 -2.53
C ILE G 413 3.64 54.92 -3.25
N ASN G 414 2.74 54.28 -4.01
CA ASN G 414 1.59 55.00 -4.54
C ASN G 414 0.68 55.43 -3.40
N SER G 415 0.59 54.62 -2.35
CA SER G 415 -0.20 54.97 -1.18
C SER G 415 0.38 56.16 -0.44
N ILE G 416 1.71 56.25 -0.35
CA ILE G 416 2.27 57.39 0.38
C ILE G 416 2.29 58.64 -0.51
N HIS G 417 2.36 58.47 -1.83
CA HIS G 417 2.15 59.63 -2.69
C HIS G 417 0.69 60.07 -2.67
N SER G 418 -0.23 59.15 -2.40
CA SER G 418 -1.64 59.51 -2.30
C SER G 418 -1.92 60.23 -1.00
N GLN G 419 -1.58 59.60 0.12
CA GLN G 419 -1.85 60.13 1.44
C GLN G 419 -0.88 61.24 1.85
N ASN G 420 0.09 61.57 0.99
CA ASN G 420 1.01 62.69 1.14
C ASN G 420 1.86 62.55 2.43
N LEU G 421 2.60 61.44 2.50
CA LEU G 421 3.57 61.25 3.56
C LEU G 421 4.85 60.69 2.95
N SER G 422 5.83 60.47 3.83
CA SER G 422 7.16 60.03 3.43
C SER G 422 7.19 58.54 3.10
N ILE G 423 8.39 58.02 2.91
CA ILE G 423 8.66 56.58 2.96
C ILE G 423 8.55 56.04 4.38
N GLY G 424 8.53 56.91 5.38
CA GLY G 424 8.55 56.49 6.76
C GLY G 424 9.96 56.23 7.21
N ASN G 425 10.18 55.14 7.93
CA ASN G 425 11.51 54.84 8.44
C ASN G 425 12.06 53.53 7.89
N THR G 426 11.34 52.43 8.07
CA THR G 426 11.96 51.11 7.98
C THR G 426 11.86 50.53 6.59
N LEU G 427 12.92 49.84 6.18
CA LEU G 427 12.94 48.93 5.06
C LEU G 427 14.08 47.95 5.36
N ASN G 428 14.44 47.13 4.36
CA ASN G 428 15.64 46.28 4.38
C ASN G 428 15.61 45.27 5.53
N TRP G 429 14.66 44.33 5.39
CA TRP G 429 14.51 43.17 6.27
C TRP G 429 14.13 43.58 7.67
N ARG G 430 13.48 44.73 7.78
CA ARG G 430 13.01 45.30 9.03
C ARG G 430 11.56 45.69 8.84
N LYS G 431 10.69 45.21 9.74
CA LYS G 431 9.25 45.47 9.78
C LYS G 431 8.52 44.98 8.53
N VAL G 432 9.13 44.11 7.72
CA VAL G 432 8.57 43.61 6.48
C VAL G 432 8.14 42.16 6.66
N LEU G 433 7.72 41.82 7.88
CA LEU G 433 7.36 40.45 8.24
C LEU G 433 6.21 39.91 7.40
N ILE G 434 6.41 38.73 6.82
CA ILE G 434 5.49 38.17 5.84
C ILE G 434 4.47 37.34 6.61
N THR G 435 3.31 37.93 6.88
CA THR G 435 2.27 37.20 7.59
C THR G 435 1.48 36.31 6.64
N GLY G 436 1.01 36.85 5.54
CA GLY G 436 0.25 36.07 4.59
C GLY G 436 1.12 35.14 3.77
N ASP G 437 0.44 34.28 3.03
CA ASP G 437 1.08 33.23 2.23
C ASP G 437 1.75 33.73 0.94
N PRO G 438 1.03 34.38 -0.05
CA PRO G 438 1.54 34.31 -1.42
C PRO G 438 2.70 35.25 -1.74
N GLY G 439 3.36 35.78 -0.71
CA GLY G 439 4.34 36.81 -0.92
C GLY G 439 3.78 38.14 -0.45
N ARG G 440 4.23 38.60 0.72
CA ARG G 440 3.72 39.81 1.33
C ARG G 440 4.86 40.75 1.65
N ILE G 441 4.56 42.04 1.66
CA ILE G 441 5.48 43.01 2.25
C ILE G 441 5.08 43.19 3.71
N LYS G 442 3.86 43.69 3.92
CA LYS G 442 3.27 43.99 5.23
C LYS G 442 4.21 44.86 6.08
N LEU G 443 4.52 46.03 5.54
CA LEU G 443 5.51 46.90 6.17
C LEU G 443 4.83 47.65 7.31
N SER G 444 5.18 47.29 8.54
CA SER G 444 4.47 47.79 9.70
C SER G 444 4.91 49.20 10.06
N HIS G 445 6.21 49.46 10.13
CA HIS G 445 6.71 50.74 10.59
C HIS G 445 7.08 51.63 9.40
N CYS G 446 6.21 52.58 9.11
CA CYS G 446 6.55 53.79 8.34
C CYS G 446 6.03 54.93 9.20
N ASN G 447 6.84 55.32 10.17
CA ASN G 447 6.35 56.14 11.27
C ASN G 447 7.41 57.19 11.58
N PHE G 448 7.30 57.78 12.77
CA PHE G 448 8.17 58.86 13.20
C PHE G 448 9.59 58.33 13.37
N MET G 449 10.41 58.55 12.34
CA MET G 449 11.83 58.22 12.41
C MET G 449 12.53 59.03 13.49
N ASP G 450 12.51 60.35 13.35
CA ASP G 450 13.07 61.27 14.33
C ASP G 450 12.03 62.08 15.06
N LEU G 451 10.90 62.37 14.43
CA LEU G 451 9.88 63.23 15.05
C LEU G 451 8.88 62.42 15.86
N LEU G 452 9.40 61.53 16.70
CA LEU G 452 8.60 60.97 17.78
C LEU G 452 8.55 61.93 18.94
N PHE G 453 9.58 62.76 19.09
CA PHE G 453 9.62 63.78 20.12
C PHE G 453 9.66 65.17 19.49
N THR G 467 12.57 68.34 2.09
CA THR G 467 11.14 68.45 2.36
C THR G 467 10.47 67.09 2.33
N ILE G 468 9.14 67.11 2.22
CA ILE G 468 8.40 65.88 1.94
C ILE G 468 8.74 65.38 0.54
N GLU G 469 9.06 66.29 -0.40
CA GLU G 469 9.51 65.85 -1.71
C GLU G 469 10.90 65.22 -1.65
N GLY G 470 11.75 65.70 -0.75
CA GLY G 470 13.01 65.02 -0.53
C GLY G 470 12.85 63.64 0.09
N GLN G 471 11.86 63.49 0.96
CA GLN G 471 11.56 62.17 1.53
C GLN G 471 11.00 61.24 0.48
N GLN G 472 10.11 61.73 -0.38
CA GLN G 472 9.59 60.97 -1.49
C GLN G 472 10.51 60.99 -2.70
N GLN G 473 11.72 61.50 -2.53
CA GLN G 473 12.86 61.21 -3.40
C GLN G 473 13.74 60.11 -2.83
N LEU G 474 14.03 60.16 -1.52
CA LEU G 474 14.86 59.15 -0.87
C LEU G 474 14.12 57.84 -0.65
N ASP G 475 12.80 57.82 -0.91
CA ASP G 475 12.10 56.55 -1.05
C ASP G 475 12.74 55.69 -2.14
N TYR G 476 13.15 56.30 -3.25
CA TYR G 476 13.87 55.58 -4.29
C TYR G 476 15.23 55.11 -3.80
N LYS G 477 15.85 55.85 -2.89
CA LYS G 477 17.14 55.43 -2.33
C LYS G 477 16.98 54.15 -1.50
N TYR G 478 16.06 54.18 -0.53
CA TYR G 478 15.69 52.97 0.24
C TYR G 478 15.29 51.81 -0.66
N LEU G 479 14.52 52.12 -1.70
CA LEU G 479 13.90 51.09 -2.51
C LEU G 479 14.92 50.43 -3.44
N GLY G 480 15.64 51.24 -4.23
CA GLY G 480 16.74 50.71 -5.02
C GLY G 480 17.84 50.08 -4.20
N GLU G 481 18.00 50.50 -2.95
CA GLU G 481 18.88 49.81 -2.02
C GLU G 481 18.42 48.39 -1.79
N LEU G 482 17.16 48.19 -1.40
CA LEU G 482 16.63 46.85 -1.20
C LEU G 482 16.62 46.03 -2.49
N LEU G 483 16.41 46.69 -3.64
CA LEU G 483 16.32 45.94 -4.89
C LEU G 483 17.69 45.48 -5.38
N PHE G 484 18.70 46.35 -5.30
CA PHE G 484 20.08 45.93 -5.54
C PHE G 484 20.49 44.85 -4.55
N ASN G 485 20.02 44.98 -3.31
CA ASN G 485 20.37 44.06 -2.23
C ASN G 485 19.87 42.65 -2.54
N LEU G 486 18.57 42.49 -2.76
CA LEU G 486 18.06 41.16 -3.05
C LEU G 486 18.37 40.69 -4.47
N SER G 487 18.59 41.63 -5.40
CA SER G 487 18.99 41.28 -6.76
C SER G 487 20.42 40.77 -6.82
N ILE G 488 21.24 41.04 -5.82
CA ILE G 488 22.50 40.33 -5.70
C ILE G 488 22.42 39.21 -4.66
N ASN G 489 21.45 39.26 -3.74
CA ASN G 489 21.29 38.17 -2.77
C ASN G 489 20.72 36.91 -3.39
N ILE G 490 20.16 36.99 -4.60
CA ILE G 490 19.83 35.76 -5.33
C ILE G 490 21.10 34.93 -5.59
N GLU G 491 22.21 35.61 -5.91
CA GLU G 491 23.47 34.92 -6.14
C GLU G 491 24.05 34.33 -4.86
N ASN G 492 23.70 34.87 -3.71
CA ASN G 492 24.17 34.30 -2.45
C ASN G 492 23.23 33.21 -1.93
N SER G 493 21.94 33.33 -2.23
CA SER G 493 20.97 32.28 -1.93
C SER G 493 21.02 31.13 -2.93
N ASN G 494 21.87 31.24 -3.94
CA ASN G 494 22.28 30.06 -4.71
C ASN G 494 22.79 28.95 -3.79
N ASN G 495 23.67 29.30 -2.86
CA ASN G 495 24.09 28.40 -1.79
C ASN G 495 23.33 28.72 -0.50
N ASN G 496 23.66 27.99 0.56
CA ASN G 496 23.10 28.22 1.89
C ASN G 496 24.06 29.05 2.74
N THR G 497 24.18 30.32 2.36
CA THR G 497 25.10 31.25 3.00
C THR G 497 24.35 32.50 3.40
N ALA G 498 24.45 32.86 4.67
CA ALA G 498 23.74 34.03 5.19
C ALA G 498 24.39 35.31 4.66
N PRO G 499 23.62 36.19 4.02
CA PRO G 499 24.20 37.40 3.42
C PRO G 499 24.29 38.55 4.41
N LYS G 500 25.03 39.57 3.99
CA LYS G 500 25.09 40.85 4.67
C LYS G 500 24.40 41.90 3.80
N GLU G 501 23.92 42.95 4.45
CA GLU G 501 23.23 44.00 3.72
C GLU G 501 24.22 45.00 3.14
N TYR G 502 23.83 45.58 2.01
CA TYR G 502 24.75 46.14 1.03
C TYR G 502 24.41 47.60 0.76
N ARG G 503 24.37 48.40 1.83
CA ARG G 503 23.84 49.76 1.88
C ARG G 503 24.42 50.71 0.84
N LEU G 504 23.75 51.86 0.68
CA LEU G 504 23.74 52.79 -0.45
C LEU G 504 25.06 53.00 -1.17
N GLU G 505 26.17 53.05 -0.43
CA GLU G 505 27.48 53.13 -1.05
C GLU G 505 28.04 51.75 -1.39
N GLU G 506 27.20 50.93 -2.01
CA GLU G 506 27.61 49.73 -2.70
C GLU G 506 26.81 49.60 -3.98
N ILE G 507 25.86 50.50 -4.22
CA ILE G 507 25.05 50.52 -5.42
C ILE G 507 25.92 50.98 -6.58
N THR G 508 26.41 50.03 -7.37
CA THR G 508 27.31 50.34 -8.46
C THR G 508 26.75 49.79 -9.77
N PRO G 509 26.79 50.59 -10.84
CA PRO G 509 26.18 50.17 -12.10
C PRO G 509 26.91 49.04 -12.81
N GLN G 510 28.19 48.83 -12.50
CA GLN G 510 28.87 47.63 -13.01
C GLN G 510 28.27 46.38 -12.38
N SER G 511 27.97 46.43 -11.08
CA SER G 511 27.29 45.30 -10.43
C SER G 511 25.87 45.14 -10.94
N ILE G 512 25.23 46.24 -11.35
CA ILE G 512 23.95 46.16 -12.04
C ILE G 512 24.10 45.39 -13.36
N ASP G 513 25.08 45.78 -14.16
CA ASP G 513 25.29 45.15 -15.47
C ASP G 513 25.90 43.77 -15.38
N ASP G 514 26.33 43.33 -14.20
CA ASP G 514 27.06 42.07 -14.10
C ASP G 514 26.45 41.03 -13.17
N MET G 515 25.40 41.36 -12.41
CA MET G 515 24.75 40.34 -11.60
C MET G 515 23.94 39.40 -12.48
N ARG G 516 23.70 38.20 -11.96
CA ARG G 516 23.17 37.09 -12.74
C ARG G 516 21.77 36.70 -12.29
N GLN G 517 21.09 35.98 -13.19
CA GLN G 517 19.69 35.54 -13.04
C GLN G 517 18.74 36.71 -12.82
N ILE G 518 19.03 37.85 -13.47
CA ILE G 518 18.24 39.06 -13.35
C ILE G 518 17.74 39.43 -14.74
N ASP G 519 16.49 39.87 -14.83
CA ASP G 519 15.98 40.45 -16.07
C ASP G 519 16.72 41.75 -16.36
N ASP G 520 17.17 41.90 -17.61
CA ASP G 520 17.90 43.12 -17.95
C ASP G 520 16.95 44.30 -18.04
N LYS G 521 15.67 44.03 -18.37
CA LYS G 521 14.63 45.04 -18.19
C LYS G 521 14.52 45.43 -16.72
N PHE G 522 14.61 44.47 -15.82
CA PHE G 522 14.61 44.77 -14.39
C PHE G 522 15.90 45.46 -13.98
N LYS G 523 17.00 45.18 -14.68
CA LYS G 523 18.24 45.93 -14.47
C LYS G 523 18.06 47.39 -14.88
N ASP G 524 17.29 47.65 -15.94
CA ASP G 524 17.02 49.02 -16.33
C ASP G 524 16.03 49.69 -15.40
N VAL G 525 15.15 48.90 -14.78
CA VAL G 525 14.29 49.40 -13.71
C VAL G 525 15.14 49.88 -12.54
N LEU G 526 16.15 49.10 -12.17
CA LEU G 526 17.07 49.55 -11.13
C LEU G 526 17.96 50.70 -11.60
N LYS G 527 18.22 50.79 -12.91
CA LYS G 527 18.91 51.95 -13.44
C LYS G 527 18.08 53.22 -13.27
N TYR G 528 16.76 53.10 -13.40
CA TYR G 528 15.90 54.19 -12.95
C TYR G 528 15.87 54.29 -11.43
N LEU G 529 16.09 53.19 -10.73
CA LEU G 529 15.99 53.21 -9.28
C LEU G 529 17.35 53.41 -8.63
N ILE G 530 18.38 53.66 -9.44
CA ILE G 530 19.42 54.60 -9.06
C ILE G 530 18.68 55.87 -8.64
N SER G 531 18.91 56.30 -7.41
CA SER G 531 17.95 57.09 -6.63
C SER G 531 17.65 58.45 -7.27
N ASP G 532 16.64 59.10 -6.70
CA ASP G 532 15.92 60.22 -7.31
C ASP G 532 16.82 61.46 -7.38
N ASN G 533 17.36 61.73 -8.56
CA ASN G 533 18.31 62.83 -8.72
C ASN G 533 17.57 64.16 -8.78
N GLY G 534 16.65 64.31 -9.74
CA GLY G 534 15.76 65.45 -9.77
C GLY G 534 14.75 65.38 -8.64
N ASP G 535 14.89 66.24 -7.63
CA ASP G 535 14.13 66.12 -6.38
C ASP G 535 12.72 66.70 -6.55
N SER G 536 11.96 66.05 -7.41
CA SER G 536 10.50 66.09 -7.35
C SER G 536 10.02 64.80 -6.69
N LYS G 537 8.89 64.90 -5.98
CA LYS G 537 8.31 63.73 -5.32
C LYS G 537 7.67 62.83 -6.38
N LYS G 538 8.52 62.00 -7.01
CA LYS G 538 8.13 61.30 -8.22
C LYS G 538 7.18 60.16 -7.91
N SER G 539 6.07 60.10 -8.64
CA SER G 539 5.10 59.03 -8.47
C SER G 539 5.59 57.75 -9.16
N ILE G 540 4.74 56.74 -9.14
CA ILE G 540 5.12 55.39 -9.57
C ILE G 540 5.09 55.21 -11.07
N HIS G 541 4.76 56.26 -11.84
CA HIS G 541 4.58 56.10 -13.27
C HIS G 541 5.90 55.88 -13.99
N ASP G 542 6.92 56.67 -13.67
CA ASP G 542 8.20 56.54 -14.32
C ASP G 542 8.89 55.23 -13.95
N LEU G 543 8.58 54.71 -12.76
CA LEU G 543 8.90 53.33 -12.44
C LEU G 543 8.18 52.39 -13.39
N THR G 544 6.85 52.49 -13.45
CA THR G 544 6.04 51.61 -14.29
C THR G 544 6.06 51.99 -15.75
N SER G 545 6.87 52.95 -16.17
CA SER G 545 7.03 53.25 -17.59
C SER G 545 8.09 52.36 -18.22
N HIS G 546 7.99 51.06 -17.94
CA HIS G 546 8.80 50.05 -18.59
C HIS G 546 8.01 48.79 -18.88
N PHE G 547 6.82 48.64 -18.31
CA PHE G 547 6.16 47.35 -18.14
C PHE G 547 4.76 47.58 -17.61
N TYR G 548 3.83 46.72 -18.03
CA TYR G 548 2.62 46.42 -17.26
C TYR G 548 2.23 44.96 -17.27
N ASP G 549 2.88 44.12 -18.08
CA ASP G 549 2.46 42.73 -18.25
C ASP G 549 2.70 41.90 -17.01
N LYS G 550 3.81 42.15 -16.32
CA LYS G 550 4.14 41.31 -15.18
C LYS G 550 3.31 41.66 -13.96
N MET G 551 2.77 42.88 -13.90
CA MET G 551 1.78 43.22 -12.90
C MET G 551 0.52 42.39 -13.10
N PHE G 552 0.16 42.18 -14.36
CA PHE G 552 -0.97 41.30 -14.67
C PHE G 552 -0.64 39.85 -14.37
N MET G 553 0.61 39.44 -14.53
CA MET G 553 0.97 38.07 -14.16
C MET G 553 0.98 37.87 -12.65
N VAL G 554 1.27 38.93 -11.89
CA VAL G 554 1.14 38.86 -10.43
C VAL G 554 -0.33 38.75 -10.04
N LEU G 555 -1.18 39.55 -10.68
CA LEU G 555 -2.62 39.49 -10.48
C LEU G 555 -3.17 38.11 -10.85
N GLU G 556 -2.66 37.54 -11.94
CA GLU G 556 -2.90 36.16 -12.35
C GLU G 556 -2.58 35.18 -11.24
N SER G 557 -1.40 35.33 -10.63
CA SER G 557 -1.00 34.43 -9.55
C SER G 557 -1.93 34.55 -8.35
N SER G 558 -2.34 35.78 -8.04
CA SER G 558 -3.23 36.00 -6.91
C SER G 558 -4.60 35.37 -7.17
N GLN G 559 -5.09 35.50 -8.40
CA GLN G 559 -6.35 34.85 -8.77
C GLN G 559 -6.23 33.33 -8.77
N THR G 560 -5.05 32.82 -9.13
CA THR G 560 -4.86 31.37 -9.11
C THR G 560 -4.88 30.84 -7.69
N TYR G 561 -4.23 31.56 -6.77
CA TYR G 561 -4.20 31.16 -5.38
C TYR G 561 -5.59 31.21 -4.75
N THR G 562 -6.33 32.30 -4.97
CA THR G 562 -7.72 32.37 -4.49
C THR G 562 -8.60 31.26 -5.09
N GLU G 563 -8.47 30.94 -6.40
CA GLU G 563 -9.32 29.89 -6.98
C GLU G 563 -9.07 28.52 -6.36
N TYR G 564 -7.81 28.03 -6.34
CA TYR G 564 -7.72 26.69 -5.75
C TYR G 564 -7.82 26.71 -4.23
N MET G 565 -7.70 27.88 -3.59
CA MET G 565 -8.11 28.00 -2.20
C MET G 565 -9.60 27.75 -2.06
N GLU G 566 -10.41 28.32 -2.97
CA GLU G 566 -11.85 28.05 -2.94
C GLU G 566 -12.17 26.62 -3.31
N SER G 567 -11.32 25.98 -4.11
CA SER G 567 -11.50 24.56 -4.43
C SER G 567 -11.33 23.68 -3.21
N VAL G 568 -10.22 23.86 -2.50
CA VAL G 568 -9.99 23.04 -1.32
C VAL G 568 -10.91 23.45 -0.18
N LEU G 569 -11.38 24.69 -0.16
CA LEU G 569 -12.39 25.09 0.81
C LEU G 569 -13.73 24.44 0.53
N SER G 570 -14.06 24.25 -0.75
CA SER G 570 -15.26 23.50 -1.10
C SER G 570 -15.14 22.05 -0.66
N ARG G 571 -13.94 21.47 -0.82
CA ARG G 571 -13.70 20.12 -0.32
C ARG G 571 -13.87 20.05 1.19
N GLU G 572 -13.37 21.05 1.92
CA GLU G 572 -13.48 21.03 3.37
C GLU G 572 -14.93 21.22 3.82
N LEU G 573 -15.69 22.08 3.13
CA LEU G 573 -17.08 22.28 3.48
C LEU G 573 -17.93 21.04 3.23
N GLU G 574 -17.70 20.37 2.10
CA GLU G 574 -18.48 19.16 1.83
C GLU G 574 -18.09 18.03 2.76
N ASN G 575 -16.83 18.02 3.24
CA ASN G 575 -16.46 17.07 4.29
C ASN G 575 -17.18 17.36 5.60
N GLY G 576 -17.31 18.64 5.96
CA GLY G 576 -18.02 18.98 7.19
C GLY G 576 -19.50 18.63 7.13
N ARG G 577 -20.12 18.87 5.98
CA ARG G 577 -21.52 18.48 5.78
C ARG G 577 -21.71 16.98 5.86
N LEU G 578 -20.82 16.22 5.20
CA LEU G 578 -20.97 14.77 5.23
C LEU G 578 -20.60 14.17 6.59
N PHE G 579 -19.79 14.87 7.37
CA PHE G 579 -19.50 14.37 8.71
C PHE G 579 -20.71 14.56 9.63
N ARG G 580 -21.38 15.71 9.53
CA ARG G 580 -22.66 15.89 10.22
C ARG G 580 -23.69 14.87 9.74
N LEU G 581 -23.63 14.54 8.45
CA LEU G 581 -24.54 13.56 7.86
C LEU G 581 -24.33 12.16 8.45
N VAL G 582 -23.08 11.73 8.58
CA VAL G 582 -22.85 10.39 9.13
C VAL G 582 -23.06 10.39 10.66
N ASN G 583 -22.89 11.55 11.31
CA ASN G 583 -23.35 11.71 12.69
C ASN G 583 -24.84 11.43 12.81
N LYS G 584 -25.63 11.93 11.85
CA LYS G 584 -27.05 11.60 11.83
C LYS G 584 -27.29 10.15 11.46
N LEU G 585 -26.43 9.57 10.62
CA LEU G 585 -26.55 8.18 10.19
C LEU G 585 -26.44 7.22 11.36
N ASN G 586 -25.29 7.20 12.03
CA ASN G 586 -25.07 6.24 13.10
C ASN G 586 -25.68 6.67 14.43
N CYS G 587 -26.49 7.74 14.43
CA CYS G 587 -27.17 8.19 15.64
C CYS G 587 -28.16 7.15 16.14
N ILE G 588 -28.94 6.56 15.23
CA ILE G 588 -29.94 5.58 15.61
C ILE G 588 -29.55 4.16 15.19
N PHE G 589 -28.59 4.01 14.25
CA PHE G 589 -28.11 2.70 13.85
C PHE G 589 -27.46 1.94 15.00
N GLY G 590 -27.74 0.65 15.05
CA GLY G 590 -27.17 -0.24 16.03
C GLY G 590 -27.79 -0.12 17.41
N ARG G 591 -29.05 -0.50 17.53
CA ARG G 591 -29.62 -0.72 18.85
C ARG G 591 -29.25 -2.11 19.32
N ILE G 592 -29.15 -2.27 20.64
CA ILE G 592 -28.78 -3.57 21.20
C ILE G 592 -29.91 -4.58 21.01
N GLU G 593 -31.15 -4.17 21.22
CA GLU G 593 -32.28 -5.07 21.02
C GLU G 593 -32.58 -5.29 19.54
N SER G 594 -32.12 -4.40 18.67
CA SER G 594 -32.33 -4.60 17.23
C SER G 594 -31.45 -5.71 16.68
N ARG G 595 -30.25 -5.89 17.24
CA ARG G 595 -29.32 -6.90 16.76
C ARG G 595 -29.78 -8.26 17.28
N ILE G 596 -30.74 -8.84 16.56
CA ILE G 596 -31.29 -10.14 16.92
C ILE G 596 -31.17 -11.07 15.73
N ASP G 597 -31.73 -10.67 14.60
CA ASP G 597 -31.74 -11.49 13.40
C ASP G 597 -30.41 -11.33 12.66
N ILE G 598 -30.34 -11.83 11.43
CA ILE G 598 -29.16 -11.64 10.59
C ILE G 598 -28.99 -10.16 10.28
N ASN G 599 -29.93 -9.59 9.55
CA ASN G 599 -30.05 -8.15 9.54
C ASN G 599 -30.60 -7.69 10.89
N TRP G 600 -30.09 -6.57 11.36
CA TRP G 600 -30.29 -6.18 12.76
C TRP G 600 -31.47 -5.20 12.86
N SER G 601 -32.62 -5.65 12.37
CA SER G 601 -33.79 -4.80 12.28
C SER G 601 -34.77 -5.16 13.38
N GLU G 602 -35.22 -4.14 14.11
CA GLU G 602 -36.22 -4.30 15.17
C GLU G 602 -37.63 -4.01 14.69
N SER G 603 -37.87 -2.80 14.23
CA SER G 603 -39.21 -2.28 13.95
C SER G 603 -39.41 -2.10 12.45
N GLY G 604 -40.54 -1.48 12.10
CA GLY G 604 -40.95 -1.37 10.71
C GLY G 604 -39.96 -0.60 9.84
N THR G 605 -39.59 0.59 10.30
CA THR G 605 -38.81 1.50 9.47
C THR G 605 -37.33 1.16 9.40
N LYS G 606 -36.83 0.34 10.33
CA LYS G 606 -35.39 0.23 10.51
C LYS G 606 -34.72 -0.59 9.43
N PHE G 607 -35.38 -1.63 8.92
CA PHE G 607 -34.82 -2.35 7.79
C PHE G 607 -34.78 -1.50 6.51
N PRO G 608 -35.83 -0.73 6.13
CA PRO G 608 -35.62 0.20 5.02
C PRO G 608 -34.64 1.31 5.31
N ILE G 609 -34.33 1.62 6.57
CA ILE G 609 -33.15 2.45 6.83
C ILE G 609 -31.90 1.69 6.43
N ILE G 610 -31.62 0.58 7.12
CA ILE G 610 -30.29 -0.02 7.03
C ILE G 610 -30.14 -0.89 5.79
N LEU G 611 -31.16 -0.94 4.95
CA LEU G 611 -31.09 -1.32 3.55
C LEU G 611 -29.87 -0.77 2.83
N PHE G 612 -29.60 0.51 3.04
CA PHE G 612 -28.52 1.21 2.33
C PHE G 612 -27.14 0.71 2.72
N TYR G 613 -26.98 0.26 3.96
CA TYR G 613 -25.71 0.35 4.68
C TYR G 613 -24.64 -0.55 4.11
N ASP G 614 -25.05 -1.53 3.30
CA ASP G 614 -24.16 -2.54 2.78
C ASP G 614 -23.43 -2.00 1.55
N TYR G 615 -24.19 -1.53 0.55
CA TYR G 615 -23.57 -0.89 -0.60
C TYR G 615 -23.09 0.52 -0.30
N VAL G 616 -23.37 1.09 0.87
CA VAL G 616 -22.70 2.36 1.15
C VAL G 616 -21.37 2.14 1.89
N PHE G 617 -21.32 1.23 2.85
CA PHE G 617 -20.12 1.08 3.68
C PHE G 617 -19.39 -0.23 3.48
N HIS G 618 -20.07 -1.30 3.14
CA HIS G 618 -19.52 -2.64 3.28
C HIS G 618 -19.22 -3.22 1.91
N GLN G 619 -18.69 -2.37 1.04
CA GLN G 619 -18.57 -2.61 -0.38
C GLN G 619 -17.43 -3.57 -0.69
N VAL G 620 -17.75 -4.86 -0.77
CA VAL G 620 -16.80 -5.81 -1.34
C VAL G 620 -16.65 -5.52 -2.83
N ASP G 621 -15.50 -5.86 -3.39
CA ASP G 621 -15.19 -5.46 -4.75
C ASP G 621 -15.85 -6.40 -5.77
N SER G 622 -15.45 -6.25 -7.03
CA SER G 622 -15.90 -7.17 -8.06
C SER G 622 -15.20 -8.51 -8.00
N ASN G 623 -13.93 -8.53 -7.55
CA ASN G 623 -13.20 -9.79 -7.47
C ASN G 623 -13.67 -10.63 -6.29
N GLY G 624 -14.26 -10.00 -5.28
CA GLY G 624 -14.80 -10.73 -4.13
C GLY G 624 -14.14 -10.41 -2.82
N LYS G 625 -13.16 -9.51 -2.77
CA LYS G 625 -12.58 -9.27 -1.47
C LYS G 625 -13.16 -8.01 -0.83
N PRO G 626 -13.48 -8.06 0.46
CA PRO G 626 -14.07 -6.90 1.12
C PRO G 626 -13.08 -5.77 1.33
N ILE G 627 -13.25 -4.67 0.59
CA ILE G 627 -12.32 -3.56 0.66
C ILE G 627 -13.08 -2.25 0.81
N MET G 628 -12.35 -1.14 0.76
CA MET G 628 -12.94 0.20 0.85
C MET G 628 -12.41 1.07 -0.27
N ASP G 629 -13.34 1.71 -1.00
CA ASP G 629 -13.00 2.70 -2.01
C ASP G 629 -13.63 4.02 -1.59
N LEU G 630 -12.79 5.00 -1.27
CA LEU G 630 -13.26 6.28 -0.77
C LEU G 630 -13.94 7.12 -1.86
N THR G 631 -13.83 6.75 -3.13
CA THR G 631 -14.40 7.60 -4.17
C THR G 631 -15.73 7.08 -4.70
N HIS G 632 -15.98 5.78 -4.63
CA HIS G 632 -17.35 5.32 -4.78
C HIS G 632 -18.22 5.82 -3.64
N VAL G 633 -17.66 5.80 -2.42
CA VAL G 633 -18.37 6.27 -1.23
C VAL G 633 -18.70 7.74 -1.36
N LEU G 634 -17.74 8.55 -1.82
CA LEU G 634 -17.98 9.99 -1.87
C LEU G 634 -18.92 10.38 -2.99
N ARG G 635 -18.89 9.68 -4.12
CA ARG G 635 -19.91 9.92 -5.15
C ARG G 635 -21.30 9.53 -4.66
N CYS G 636 -21.39 8.45 -3.89
CA CYS G 636 -22.66 8.11 -3.24
C CYS G 636 -23.08 9.20 -2.25
N LEU G 637 -22.14 9.70 -1.45
CA LEU G 637 -22.43 10.74 -0.47
C LEU G 637 -22.88 12.03 -1.13
N ASN G 638 -22.30 12.33 -2.29
CA ASN G 638 -22.76 13.45 -3.10
C ASN G 638 -24.21 13.24 -3.54
N LYS G 639 -24.49 12.08 -4.13
CA LYS G 639 -25.83 11.83 -4.65
C LYS G 639 -26.88 11.70 -3.56
N LEU G 640 -26.49 11.36 -2.33
CA LEU G 640 -27.49 11.26 -1.27
C LEU G 640 -27.63 12.53 -0.46
N ASP G 641 -26.60 13.37 -0.43
CA ASP G 641 -26.58 14.52 0.47
C ASP G 641 -27.66 15.53 0.09
N ALA G 642 -27.95 15.66 -1.19
CA ALA G 642 -29.05 16.51 -1.61
C ALA G 642 -30.39 15.87 -1.29
N GLY G 643 -30.52 14.57 -1.55
CA GLY G 643 -31.81 13.92 -1.46
C GLY G 643 -32.62 14.20 -2.70
N ILE G 644 -32.13 13.73 -3.84
CA ILE G 644 -32.80 13.94 -5.12
C ILE G 644 -33.81 12.82 -5.35
N GLN G 645 -34.68 13.00 -6.35
CA GLN G 645 -35.73 12.03 -6.63
C GLN G 645 -35.24 10.81 -7.39
N GLU G 646 -33.95 10.71 -7.71
CA GLU G 646 -33.45 9.55 -8.44
C GLU G 646 -33.36 8.35 -7.53
N LYS G 647 -33.77 7.19 -8.05
CA LYS G 647 -33.79 5.96 -7.29
C LYS G 647 -32.49 5.19 -7.46
N LEU G 648 -32.42 4.03 -6.80
CA LEU G 648 -31.29 3.13 -6.90
C LEU G 648 -31.75 1.74 -6.48
N MET G 649 -31.20 0.73 -7.15
CA MET G 649 -31.46 -0.68 -6.87
C MET G 649 -30.46 -1.25 -5.87
N LEU G 650 -30.97 -2.01 -4.90
CA LEU G 650 -30.16 -2.68 -3.91
C LEU G 650 -30.66 -4.11 -3.71
N VAL G 651 -29.76 -4.96 -3.21
CA VAL G 651 -30.07 -6.32 -2.77
C VAL G 651 -29.63 -6.45 -1.32
N THR G 652 -30.58 -6.70 -0.42
CA THR G 652 -30.32 -6.72 1.00
C THR G 652 -31.36 -7.55 1.74
N PRO G 653 -30.96 -8.55 2.54
CA PRO G 653 -29.63 -9.15 2.61
C PRO G 653 -29.58 -10.54 1.98
N ASP G 654 -30.75 -11.08 1.65
CA ASP G 654 -30.87 -12.45 1.17
C ASP G 654 -30.63 -12.58 -0.33
N GLU G 655 -30.38 -11.47 -1.02
CA GLU G 655 -30.27 -11.37 -2.47
C GLU G 655 -31.52 -11.92 -3.19
N LEU G 656 -32.68 -11.79 -2.54
CA LEU G 656 -33.96 -12.04 -3.18
C LEU G 656 -34.86 -10.82 -3.11
N ASN G 657 -34.99 -10.23 -1.93
CA ASN G 657 -35.82 -9.04 -1.73
C ASN G 657 -35.10 -7.84 -2.31
N CYS G 658 -35.25 -7.62 -3.61
CA CYS G 658 -34.65 -6.47 -4.24
C CYS G 658 -35.39 -5.19 -3.84
N ILE G 659 -34.76 -4.05 -4.12
CA ILE G 659 -35.38 -2.76 -3.81
C ILE G 659 -34.87 -1.71 -4.78
N ILE G 660 -35.69 -0.68 -4.98
CA ILE G 660 -35.27 0.60 -5.55
C ILE G 660 -35.84 1.69 -4.66
N ILE G 661 -35.10 2.80 -4.53
CA ILE G 661 -35.52 3.86 -3.63
C ILE G 661 -34.93 5.20 -4.08
N SER G 662 -35.70 6.26 -3.86
CA SER G 662 -35.26 7.63 -4.15
C SER G 662 -34.84 8.32 -2.87
N TYR G 663 -34.08 9.39 -3.03
CA TYR G 663 -33.17 9.81 -1.96
C TYR G 663 -33.76 10.89 -1.09
N LYS G 664 -34.68 11.70 -1.63
CA LYS G 664 -35.48 12.60 -0.80
C LYS G 664 -36.29 11.82 0.22
N GLU G 665 -36.80 10.66 -0.20
CA GLU G 665 -37.50 9.76 0.71
C GLU G 665 -36.58 9.27 1.81
N LEU G 666 -35.33 8.98 1.47
CA LEU G 666 -34.35 8.57 2.47
C LEU G 666 -34.07 9.70 3.45
N LYS G 667 -33.91 10.90 2.93
CA LYS G 667 -33.67 12.08 3.74
C LYS G 667 -34.79 12.31 4.74
N ASP G 668 -36.04 12.31 4.24
CA ASP G 668 -37.20 12.52 5.08
C ASP G 668 -37.40 11.36 6.03
N LEU G 669 -36.98 10.16 5.63
CA LEU G 669 -37.09 8.98 6.48
C LEU G 669 -36.16 9.08 7.67
N ILE G 670 -34.91 9.51 7.41
CA ILE G 670 -33.94 9.70 8.49
C ILE G 670 -34.39 10.83 9.41
N GLU G 671 -34.99 11.88 8.84
CA GLU G 671 -35.51 12.97 9.65
C GLU G 671 -36.66 12.52 10.55
N SER G 672 -37.59 11.77 9.98
CA SER G 672 -38.72 11.26 10.75
C SER G 672 -38.28 10.24 11.78
N THR G 673 -37.24 9.46 11.47
CA THR G 673 -36.70 8.53 12.45
C THR G 673 -35.99 9.27 13.57
N PHE G 674 -35.33 10.37 13.23
CA PHE G 674 -34.61 11.17 14.21
C PHE G 674 -35.59 11.84 15.16
N ARG G 675 -36.71 12.31 14.64
CA ARG G 675 -37.76 12.81 15.53
C ARG G 675 -38.47 11.69 16.24
N SER G 676 -38.49 10.49 15.66
CA SER G 676 -39.12 9.36 16.31
C SER G 676 -38.32 8.83 17.49
N ILE G 677 -37.00 9.04 17.48
CA ILE G 677 -36.13 8.58 18.55
C ILE G 677 -35.66 9.74 19.40
N THR G 678 -34.98 10.70 18.79
CA THR G 678 -34.51 11.89 19.48
C THR G 678 -35.51 13.02 19.22
N GLN G 679 -36.71 12.82 19.77
CA GLN G 679 -37.77 13.81 19.66
C GLN G 679 -37.39 15.15 20.29
N HIS G 680 -36.47 15.12 21.26
CA HIS G 680 -35.78 16.28 21.84
C HIS G 680 -36.72 17.19 22.63
N HIS G 681 -37.92 16.72 22.96
CA HIS G 681 -38.78 17.39 23.92
C HIS G 681 -39.19 16.36 24.96
N HIS G 682 -39.38 15.12 24.51
CA HIS G 682 -39.69 14.02 25.42
C HIS G 682 -38.82 12.80 25.14
N HIS G 683 -38.39 12.63 23.90
CA HIS G 683 -37.59 11.47 23.55
C HIS G 683 -36.29 11.87 22.85
#